data_5DA5
#
_entry.id   5DA5
#
_cell.length_a   98.184
_cell.length_b   120.533
_cell.length_c   140.250
_cell.angle_alpha   90.00
_cell.angle_beta   95.36
_cell.angle_gamma   90.00
#
_symmetry.space_group_name_H-M   'P 1 21 1'
#
loop_
_entity.id
_entity.type
_entity.pdbx_description
1 polymer Rru_A0973
2 non-polymer 'FE (III) ION'
3 non-polymer 'GLYCOLIC ACID'
4 non-polymer 'CALCIUM ION'
5 water water
#
_entity_poly.entity_id   1
_entity_poly.type   'polypeptide(L)'
_entity_poly.pdbx_seq_one_letter_code
;MAQSSNSTHEPLEVLKEETVNRHRAIVSVMEELEAVDWYDQRVDASTDPELTAILAHNRDEEKEHAAMTLEWLRRNDAKW
AEHLRTYLFTEGPITAANSSSVDKLAAALEHHHHHH
;
_entity_poly.pdbx_strand_id   A,B,C,D,E,F,G,H,I,J,K,L,M,N,O,P,Q,R,S,T,U,V,W,X,Y,Z,a,b,c,d
#
# COMPACT_ATOMS: atom_id res chain seq x y z
N SER A 7 24.48 -6.48 26.62
CA SER A 7 24.77 -5.12 27.05
C SER A 7 25.37 -4.24 25.95
N THR A 8 25.46 -4.78 24.72
CA THR A 8 26.01 -4.03 23.58
C THR A 8 24.87 -3.30 22.83
N HIS A 9 25.20 -2.23 22.11
CA HIS A 9 24.24 -1.42 21.38
C HIS A 9 23.97 -1.96 20.00
N GLU A 10 24.94 -2.71 19.48
CA GLU A 10 24.81 -3.30 18.18
C GLU A 10 24.69 -4.78 18.37
N PRO A 11 24.02 -5.47 17.43
CA PRO A 11 23.90 -6.94 17.51
C PRO A 11 25.27 -7.63 17.53
N LEU A 12 25.41 -8.66 18.37
CA LEU A 12 26.69 -9.34 18.55
C LEU A 12 27.22 -9.93 17.24
N GLU A 13 26.34 -10.26 16.30
CA GLU A 13 26.80 -10.90 15.07
C GLU A 13 27.54 -9.97 14.10
N VAL A 14 27.45 -8.65 14.27
CA VAL A 14 28.24 -7.73 13.44
C VAL A 14 29.48 -7.20 14.16
N LEU A 15 29.65 -7.55 15.43
CA LEU A 15 30.81 -7.10 16.19
C LEU A 15 31.95 -8.13 16.14
N LYS A 16 33.16 -7.64 15.94
CA LYS A 16 34.35 -8.46 16.07
C LYS A 16 34.53 -8.88 17.52
N GLU A 17 35.07 -10.07 17.71
CA GLU A 17 35.32 -10.58 19.05
C GLU A 17 36.17 -9.61 19.85
N GLU A 18 37.17 -9.02 19.21
CA GLU A 18 38.03 -8.12 19.94
C GLU A 18 37.25 -6.90 20.39
N THR A 19 36.33 -6.41 19.57
CA THR A 19 35.55 -5.26 19.97
C THR A 19 34.72 -5.59 21.21
N VAL A 20 34.15 -6.79 21.26
CA VAL A 20 33.33 -7.17 22.40
C VAL A 20 34.23 -7.37 23.64
N ASN A 21 35.44 -7.89 23.46
CA ASN A 21 36.31 -8.01 24.66
C ASN A 21 36.70 -6.65 25.17
N ARG A 22 36.95 -5.71 24.27
CA ARG A 22 37.27 -4.35 24.69
C ARG A 22 36.06 -3.72 25.41
N HIS A 23 34.86 -4.00 24.90
CA HIS A 23 33.63 -3.55 25.59
C HIS A 23 33.55 -4.10 27.04
N ARG A 24 33.85 -5.37 27.23
CA ARG A 24 33.86 -5.94 28.58
C ARG A 24 34.83 -5.23 29.50
N ALA A 25 36.02 -4.93 28.99
CA ALA A 25 37.04 -4.20 29.76
C ALA A 25 36.62 -2.74 30.02
N ILE A 26 36.11 -2.06 29.00
CA ILE A 26 35.73 -0.65 29.15
C ILE A 26 34.61 -0.45 30.17
N VAL A 27 33.58 -1.28 30.10
CA VAL A 27 32.47 -1.17 31.04
C VAL A 27 32.94 -1.55 32.47
N SER A 28 33.91 -2.45 32.59
CA SER A 28 34.55 -2.72 33.89
C SER A 28 35.26 -1.47 34.46
N VAL A 29 36.07 -0.79 33.65
CA VAL A 29 36.71 0.42 34.12
C VAL A 29 35.68 1.46 34.54
N MET A 30 34.62 1.63 33.74
CA MET A 30 33.57 2.60 34.04
C MET A 30 32.96 2.33 35.39
N GLU A 31 32.65 1.06 35.65
CA GLU A 31 32.05 0.66 36.92
C GLU A 31 33.02 0.86 38.08
N GLU A 32 34.32 0.65 37.84
CA GLU A 32 35.31 0.88 38.89
C GLU A 32 35.41 2.36 39.27
N LEU A 33 35.44 3.22 38.26
CA LEU A 33 35.50 4.66 38.44
C LEU A 33 34.28 5.14 39.21
N GLU A 34 33.13 4.64 38.85
CA GLU A 34 31.93 4.99 39.55
C GLU A 34 32.04 4.58 41.03
N ALA A 35 32.55 3.39 41.31
CA ALA A 35 32.73 2.95 42.71
C ALA A 35 33.74 3.83 43.44
N VAL A 36 34.82 4.24 42.77
CA VAL A 36 35.81 5.10 43.39
C VAL A 36 35.13 6.38 43.86
N ASP A 37 34.37 6.99 42.96
CA ASP A 37 33.70 8.25 43.24
C ASP A 37 32.68 8.14 44.37
N TRP A 38 31.84 7.13 44.28
CA TRP A 38 30.74 6.92 45.24
C TRP A 38 31.31 6.65 46.65
N TYR A 39 32.34 5.83 46.69
CA TYR A 39 32.98 5.52 47.97
C TYR A 39 33.63 6.77 48.55
N ASP A 40 34.27 7.58 47.71
CA ASP A 40 34.96 8.77 48.21
C ASP A 40 33.95 9.76 48.79
N GLN A 41 32.77 9.87 48.18
CA GLN A 41 31.70 10.69 48.71
C GLN A 41 31.16 10.17 50.03
N ARG A 42 30.99 8.85 50.14
CA ARG A 42 30.50 8.25 51.38
C ARG A 42 31.58 8.40 52.48
N VAL A 43 32.85 8.38 52.11
CA VAL A 43 33.91 8.61 53.10
C VAL A 43 33.82 10.01 53.73
N ASP A 44 33.63 11.04 52.92
CA ASP A 44 33.51 12.42 53.42
C ASP A 44 32.27 12.58 54.29
N ALA A 45 31.21 11.88 53.94
CA ALA A 45 29.93 12.10 54.58
C ALA A 45 29.64 11.22 55.82
N SER A 46 30.33 10.09 55.93
CA SER A 46 30.08 9.13 56.98
C SER A 46 30.36 9.75 58.34
N THR A 47 29.51 9.47 59.31
CA THR A 47 29.69 9.93 60.68
C THR A 47 30.02 8.74 61.62
N ASP A 48 30.46 7.64 61.02
CA ASP A 48 30.92 6.46 61.77
C ASP A 48 32.35 6.07 61.30
N PRO A 49 33.37 6.21 62.17
CA PRO A 49 34.76 5.98 61.75
C PRO A 49 35.05 4.55 61.31
N GLU A 50 34.38 3.58 61.92
CA GLU A 50 34.62 2.19 61.53
C GLU A 50 34.12 1.94 60.09
N LEU A 51 32.97 2.49 59.75
CA LEU A 51 32.45 2.38 58.39
C LEU A 51 33.37 3.12 57.43
N THR A 52 33.74 4.32 57.82
CA THR A 52 34.64 5.15 57.01
C THR A 52 35.93 4.43 56.61
N ALA A 53 36.55 3.73 57.58
CA ALA A 53 37.79 2.98 57.26
C ALA A 53 37.52 1.89 56.24
N ILE A 54 36.37 1.23 56.32
CA ILE A 54 35.99 0.22 55.33
C ILE A 54 35.79 0.83 53.95
N LEU A 55 35.04 1.94 53.90
CA LEU A 55 34.73 2.64 52.65
C LEU A 55 36.02 3.11 51.96
N ALA A 56 36.96 3.62 52.74
CA ALA A 56 38.23 4.14 52.22
C ALA A 56 39.13 3.00 51.67
N HIS A 57 39.15 1.91 52.41
CA HIS A 57 39.81 0.71 51.97
C HIS A 57 39.27 0.21 50.63
N ASN A 58 37.94 0.11 50.53
CA ASN A 58 37.32 -0.42 49.29
C ASN A 58 37.64 0.50 48.11
N ARG A 59 37.48 1.80 48.33
CA ARG A 59 37.77 2.83 47.34
C ARG A 59 39.12 2.66 46.68
N ASP A 60 40.15 2.47 47.49
CA ASP A 60 41.50 2.43 46.97
C ASP A 60 41.79 1.12 46.25
N GLU A 61 41.09 0.06 46.64
CA GLU A 61 41.21 -1.17 45.88
C GLU A 61 40.46 -1.05 44.56
N GLU A 62 39.39 -0.26 44.50
CA GLU A 62 38.74 -0.11 43.20
C GLU A 62 39.70 0.56 42.19
N LYS A 63 40.55 1.47 42.69
CA LYS A 63 41.50 2.16 41.82
C LYS A 63 42.48 1.16 41.21
N GLU A 64 42.82 0.16 41.99
CA GLU A 64 43.71 -0.89 41.53
C GLU A 64 43.05 -1.76 40.46
N HIS A 65 41.79 -2.12 40.69
CA HIS A 65 41.00 -2.86 39.69
C HIS A 65 40.93 -2.10 38.38
N ALA A 66 40.71 -0.78 38.46
CA ALA A 66 40.65 0.05 37.27
C ALA A 66 41.99 0.08 36.56
N ALA A 67 43.07 0.22 37.32
CA ALA A 67 44.41 0.33 36.69
C ALA A 67 44.79 -0.96 35.94
N MET A 68 44.46 -2.10 36.53
CA MET A 68 44.72 -3.39 35.92
C MET A 68 44.00 -3.54 34.59
N THR A 69 42.73 -3.18 34.60
CA THR A 69 41.90 -3.32 33.44
C THR A 69 42.32 -2.30 32.38
N LEU A 70 42.70 -1.11 32.84
CA LEU A 70 43.18 -0.09 31.93
C LEU A 70 44.48 -0.53 31.25
N GLU A 71 45.37 -1.22 31.98
CA GLU A 71 46.58 -1.76 31.37
C GLU A 71 46.25 -2.82 30.29
N TRP A 72 45.24 -3.65 30.53
CA TRP A 72 44.82 -4.61 29.50
C TRP A 72 44.38 -3.87 28.23
N LEU A 73 43.64 -2.78 28.40
CA LEU A 73 43.19 -2.02 27.23
C LEU A 73 44.36 -1.46 26.45
N ARG A 74 45.35 -0.96 27.20
CA ARG A 74 46.51 -0.36 26.58
C ARG A 74 47.23 -1.41 25.70
N ARG A 75 47.34 -2.65 26.18
CA ARG A 75 47.98 -3.73 25.44
C ARG A 75 47.14 -4.25 24.26
N ASN A 76 45.87 -3.87 24.21
CA ASN A 76 44.96 -4.39 23.19
C ASN A 76 44.31 -3.34 22.29
N ASP A 77 44.88 -2.14 22.29
CA ASP A 77 44.34 -1.07 21.51
C ASP A 77 45.39 -0.03 21.23
N ALA A 78 45.73 0.12 19.95
CA ALA A 78 46.89 0.96 19.62
C ALA A 78 46.71 2.42 20.07
N LYS A 79 45.50 2.96 19.98
CA LYS A 79 45.33 4.36 20.33
C LYS A 79 45.32 4.61 21.80
N TRP A 80 44.85 3.65 22.60
CA TRP A 80 45.00 3.76 24.04
C TRP A 80 46.50 3.80 24.37
N ALA A 81 47.27 2.93 23.74
CA ALA A 81 48.71 2.87 24.01
C ALA A 81 49.33 4.21 23.65
N GLU A 82 48.92 4.75 22.51
CA GLU A 82 49.49 6.01 22.07
C GLU A 82 49.16 7.16 23.06
N HIS A 83 47.89 7.31 23.35
CA HIS A 83 47.44 8.46 24.11
C HIS A 83 47.80 8.35 25.59
N LEU A 84 47.75 7.15 26.15
CA LEU A 84 48.18 6.97 27.54
C LEU A 84 49.67 7.26 27.69
N ARG A 85 50.46 6.87 26.69
CA ARG A 85 51.89 7.14 26.69
C ARG A 85 52.21 8.64 26.64
N THR A 86 51.44 9.38 25.87
CA THR A 86 51.62 10.81 25.75
C THR A 86 51.41 11.57 27.07
N TYR A 87 50.37 11.23 27.83
CA TYR A 87 49.98 12.05 28.99
C TYR A 87 50.31 11.52 30.37
N LEU A 88 50.36 10.22 30.57
CA LEU A 88 50.55 9.68 31.91
CA LEU A 88 50.55 9.65 31.91
C LEU A 88 52.00 9.85 32.39
N PHE A 89 52.17 10.18 33.66
CA PHE A 89 53.52 10.34 34.25
C PHE A 89 54.34 11.41 33.57
N THR A 90 53.71 12.55 33.32
CA THR A 90 54.37 13.69 32.69
C THR A 90 54.43 14.80 33.69
N GLU A 91 55.11 15.88 33.32
CA GLU A 91 55.08 17.09 34.13
C GLU A 91 54.74 18.29 33.24
N GLY A 92 54.50 19.43 33.85
CA GLY A 92 53.94 20.59 33.15
C GLY A 92 52.54 20.43 32.59
N PRO A 93 52.02 21.50 31.98
CA PRO A 93 50.61 21.60 31.62
C PRO A 93 50.14 20.41 30.78
N ILE A 94 49.06 19.80 31.23
CA ILE A 94 48.59 18.57 30.63
C ILE A 94 48.15 18.77 29.23
N THR A 95 47.52 19.90 28.95
CA THR A 95 47.03 20.11 27.60
C THR A 95 48.17 20.25 26.57
N ALA A 96 49.41 20.35 27.06
CA ALA A 96 50.57 20.57 26.18
C ALA A 96 51.65 19.47 26.16
N ALA A 97 51.27 18.19 26.31
CA ALA A 97 52.24 17.08 26.22
C ALA A 97 52.02 16.41 24.87
N SER B 7 24.97 16.28 40.58
CA SER B 7 25.26 14.92 40.17
C SER B 7 25.95 14.03 41.25
N THR B 8 26.07 14.55 42.47
CA THR B 8 26.71 13.82 43.55
C THR B 8 25.67 13.03 44.35
N HIS B 9 26.14 12.00 45.03
CA HIS B 9 25.27 11.12 45.80
C HIS B 9 25.07 11.65 47.23
N GLU B 10 26.00 12.48 47.69
CA GLU B 10 25.93 13.11 49.00
C GLU B 10 25.75 14.62 48.84
N PRO B 11 25.13 15.28 49.83
CA PRO B 11 24.96 16.74 49.75
C PRO B 11 26.30 17.45 49.61
N LEU B 12 26.39 18.46 48.76
CA LEU B 12 27.69 19.10 48.51
C LEU B 12 28.36 19.71 49.77
N GLU B 13 27.59 20.12 50.78
CA GLU B 13 28.23 20.78 51.91
C GLU B 13 28.96 19.84 52.86
N VAL B 14 28.74 18.53 52.75
CA VAL B 14 29.54 17.58 53.54
C VAL B 14 30.75 17.08 52.72
N LEU B 15 30.81 17.43 51.43
CA LEU B 15 31.92 17.00 50.59
C LEU B 15 33.06 18.02 50.60
N LYS B 16 34.28 17.52 50.75
CA LYS B 16 35.46 18.37 50.63
C LYS B 16 35.56 18.89 49.18
N GLU B 17 36.10 20.08 49.02
CA GLU B 17 36.25 20.71 47.71
C GLU B 17 37.00 19.80 46.72
N GLU B 18 38.06 19.19 47.20
CA GLU B 18 38.91 18.34 46.37
C GLU B 18 38.18 17.08 45.94
N THR B 19 37.29 16.59 46.78
CA THR B 19 36.48 15.43 46.45
C THR B 19 35.58 15.73 45.26
N VAL B 20 35.04 16.93 45.27
CA VAL B 20 34.07 17.32 44.25
C VAL B 20 34.78 17.54 42.94
N ASN B 21 35.99 18.08 42.98
CA ASN B 21 36.78 18.20 41.74
C ASN B 21 37.18 16.84 41.17
N ARG B 22 37.57 15.88 42.01
CA ARG B 22 37.87 14.53 41.53
C ARG B 22 36.61 13.86 40.95
N HIS B 23 35.44 14.12 41.54
CA HIS B 23 34.17 13.66 40.98
C HIS B 23 33.99 14.20 39.55
N ARG B 24 34.25 15.48 39.33
CA ARG B 24 34.15 16.04 37.97
C ARG B 24 35.09 15.34 37.00
N ALA B 25 36.31 15.05 37.42
CA ALA B 25 37.26 14.36 36.57
C ALA B 25 36.83 12.89 36.32
N ILE B 26 36.44 12.19 37.37
CA ILE B 26 36.09 10.78 37.25
C ILE B 26 34.89 10.58 36.32
N VAL B 27 33.84 11.37 36.49
CA VAL B 27 32.65 11.25 35.63
C VAL B 27 32.98 11.62 34.19
N SER B 28 33.90 12.58 34.00
CA SER B 28 34.38 12.88 32.65
C SER B 28 35.06 11.66 32.03
N VAL B 29 35.96 11.01 32.74
CA VAL B 29 36.59 9.81 32.22
C VAL B 29 35.53 8.73 31.93
N MET B 30 34.57 8.52 32.83
CA MET B 30 33.52 7.52 32.63
C MET B 30 32.75 7.77 31.34
N GLU B 31 32.40 9.02 31.10
CA GLU B 31 31.70 9.39 29.86
C GLU B 31 32.61 9.24 28.62
N GLU B 32 33.90 9.48 28.74
CA GLU B 32 34.80 9.27 27.60
C GLU B 32 34.88 7.78 27.24
N LEU B 33 35.03 6.93 28.24
CA LEU B 33 35.09 5.48 28.05
C LEU B 33 33.82 4.97 27.36
N GLU B 34 32.67 5.43 27.82
CA GLU B 34 31.41 5.10 27.21
C GLU B 34 31.34 5.49 25.72
N ALA B 35 31.83 6.68 25.40
CA ALA B 35 31.84 7.11 24.01
C ALA B 35 32.77 6.24 23.18
N VAL B 36 33.92 5.87 23.73
CA VAL B 36 34.89 5.02 23.04
C VAL B 36 34.22 3.72 22.66
N ASP B 37 33.57 3.11 23.64
CA ASP B 37 32.90 1.85 23.43
C ASP B 37 31.77 1.93 22.40
N TRP B 38 30.91 2.92 22.53
CA TRP B 38 29.76 3.04 21.61
C TRP B 38 30.26 3.34 20.18
N TYR B 39 31.22 4.24 20.04
CA TYR B 39 31.74 4.57 18.72
C TYR B 39 32.39 3.31 18.11
N ASP B 40 33.13 2.55 18.92
CA ASP B 40 33.77 1.38 18.36
C ASP B 40 32.75 0.36 17.87
N GLN B 41 31.68 0.17 18.61
CA GLN B 41 30.63 -0.69 18.17
C GLN B 41 29.97 -0.16 16.89
N ARG B 42 29.75 1.15 16.80
CA ARG B 42 29.12 1.72 15.60
C ARG B 42 30.04 1.58 14.37
N VAL B 43 31.34 1.67 14.62
CA VAL B 43 32.35 1.50 13.58
C VAL B 43 32.26 0.08 13.01
N ASP B 44 32.12 -0.94 13.86
CA ASP B 44 32.00 -2.31 13.37
C ASP B 44 30.68 -2.51 12.60
N ALA B 45 29.60 -1.88 13.03
CA ALA B 45 28.28 -2.17 12.45
C ALA B 45 27.94 -1.30 11.26
N SER B 46 28.59 -0.14 11.13
CA SER B 46 28.23 0.82 10.09
C SER B 46 28.41 0.26 8.68
N THR B 47 27.47 0.54 7.79
CA THR B 47 27.61 0.12 6.40
C THR B 47 27.82 1.29 5.46
N ASP B 48 28.22 2.46 5.99
CA ASP B 48 28.58 3.65 5.19
C ASP B 48 30.02 4.02 5.50
N PRO B 49 30.93 3.87 4.50
CA PRO B 49 32.36 4.07 4.76
C PRO B 49 32.71 5.47 5.21
N GLU B 50 32.02 6.45 4.69
CA GLU B 50 32.27 7.84 5.08
C GLU B 50 31.87 8.13 6.53
N LEU B 51 30.76 7.54 6.97
CA LEU B 51 30.35 7.67 8.36
C LEU B 51 31.35 6.99 9.26
N THR B 52 31.75 5.78 8.88
CA THR B 52 32.72 4.97 9.63
C THR B 52 34.01 5.72 9.87
N ALA B 53 34.51 6.41 8.87
CA ALA B 53 35.71 7.21 9.07
C ALA B 53 35.49 8.34 10.11
N ILE B 54 34.33 8.99 10.11
CA ILE B 54 34.05 10.00 11.11
C ILE B 54 34.00 9.35 12.50
N LEU B 55 33.28 8.23 12.63
CA LEU B 55 33.16 7.53 13.91
C LEU B 55 34.50 7.10 14.48
N ALA B 56 35.39 6.59 13.63
CA ALA B 56 36.70 6.13 14.11
C ALA B 56 37.56 7.29 14.56
N HIS B 57 37.54 8.37 13.78
CA HIS B 57 38.24 9.58 14.13
C HIS B 57 37.77 10.09 15.51
N ASN B 58 36.47 10.18 15.71
CA ASN B 58 35.95 10.69 16.99
C ASN B 58 36.34 9.73 18.12
N ARG B 59 36.13 8.43 17.90
CA ARG B 59 36.51 7.41 18.86
C ARG B 59 37.91 7.61 19.44
N ASP B 60 38.89 7.80 18.57
CA ASP B 60 40.26 7.80 19.03
C ASP B 60 40.59 9.12 19.75
N GLU B 61 39.89 10.19 19.41
CA GLU B 61 40.05 11.43 20.18
C GLU B 61 39.38 11.32 21.56
N GLU B 62 38.34 10.52 21.73
CA GLU B 62 37.80 10.36 23.07
C GLU B 62 38.87 9.74 23.99
N LYS B 63 39.71 8.85 23.45
CA LYS B 63 40.77 8.19 24.22
C LYS B 63 41.78 9.18 24.72
N GLU B 64 42.05 10.20 23.91
CA GLU B 64 42.93 11.27 24.33
C GLU B 64 42.28 12.14 25.44
N HIS B 65 41.00 12.47 25.29
CA HIS B 65 40.28 13.23 26.34
C HIS B 65 40.37 12.45 27.64
N ALA B 66 40.19 11.13 27.55
CA ALA B 66 40.28 10.30 28.74
C ALA B 66 41.70 10.30 29.34
N ALA B 67 42.71 10.15 28.50
CA ALA B 67 44.08 10.04 29.00
C ALA B 67 44.48 11.32 29.71
N MET B 68 44.09 12.47 29.14
CA MET B 68 44.41 13.77 29.73
C MET B 68 43.80 13.93 31.13
N THR B 69 42.53 13.56 31.27
CA THR B 69 41.82 13.72 32.52
C THR B 69 42.36 12.73 33.53
N LEU B 70 42.74 11.54 33.05
CA LEU B 70 43.33 10.55 33.91
C LEU B 70 44.69 10.98 34.47
N GLU B 71 45.49 11.68 33.68
CA GLU B 71 46.73 12.22 34.19
C GLU B 71 46.46 13.24 35.31
N TRP B 72 45.43 14.07 35.19
CA TRP B 72 45.07 15.01 36.25
C TRP B 72 44.73 14.22 37.49
N LEU B 73 43.98 13.14 37.33
CA LEU B 73 43.63 12.33 38.49
C LEU B 73 44.87 11.78 39.15
N ARG B 74 45.79 11.30 38.34
CA ARG B 74 47.04 10.77 38.84
C ARG B 74 47.82 11.81 39.61
N ARG B 75 47.87 13.03 39.12
CA ARG B 75 48.59 14.11 39.82
C ARG B 75 47.90 14.59 41.08
N ASN B 76 46.64 14.26 41.27
CA ASN B 76 45.87 14.82 42.38
C ASN B 76 45.30 13.79 43.36
N ASP B 77 45.80 12.56 43.30
CA ASP B 77 45.32 11.47 44.16
C ASP B 77 46.45 10.43 44.29
N ALA B 78 46.99 10.29 45.49
CA ALA B 78 48.19 9.47 45.70
C ALA B 78 47.98 8.00 45.36
N LYS B 79 46.79 7.50 45.62
CA LYS B 79 46.51 6.11 45.34
C LYS B 79 46.28 5.86 43.87
N TRP B 80 45.70 6.82 43.14
CA TRP B 80 45.66 6.69 41.69
C TRP B 80 47.10 6.63 41.20
N ALA B 81 47.95 7.51 41.73
CA ALA B 81 49.35 7.58 41.29
C ALA B 81 50.03 6.22 41.57
N GLU B 82 49.83 5.68 42.76
CA GLU B 82 50.43 4.40 43.13
C GLU B 82 49.98 3.25 42.23
N HIS B 83 48.69 3.07 42.05
CA HIS B 83 48.22 1.92 41.31
C HIS B 83 48.46 2.08 39.81
N LEU B 84 48.33 3.28 39.27
CA LEU B 84 48.60 3.46 37.84
C LEU B 84 50.07 3.14 37.56
N ARG B 85 50.95 3.55 38.47
CA ARG B 85 52.40 3.28 38.35
C ARG B 85 52.70 1.79 38.38
N THR B 86 52.01 1.06 39.26
CA THR B 86 52.23 -0.35 39.38
C THR B 86 51.89 -1.08 38.08
N TYR B 87 50.79 -0.75 37.42
CA TYR B 87 50.29 -1.59 36.32
C TYR B 87 50.51 -1.06 34.93
N LEU B 88 50.54 0.25 34.73
CA LEU B 88 50.61 0.80 33.37
C LEU B 88 52.00 0.64 32.76
N PHE B 89 52.04 0.35 31.45
CA PHE B 89 53.30 0.20 30.70
C PHE B 89 54.16 -0.94 31.25
N THR B 90 53.54 -2.07 31.55
CA THR B 90 54.25 -3.24 32.02
C THR B 90 54.17 -4.36 30.99
N GLU B 91 54.89 -5.45 31.26
CA GLU B 91 54.77 -6.67 30.46
C GLU B 91 54.62 -7.85 31.41
N GLY B 92 54.38 -9.03 30.87
CA GLY B 92 53.96 -10.15 31.69
C GLY B 92 52.61 -10.00 32.40
N PRO B 93 52.19 -11.06 33.12
CA PRO B 93 50.82 -11.16 33.66
C PRO B 93 50.41 -9.98 34.51
N ILE B 94 49.28 -9.38 34.18
CA ILE B 94 48.85 -8.15 34.84
C ILE B 94 48.53 -8.43 36.29
N THR B 95 47.95 -9.58 36.57
CA THR B 95 47.62 -9.92 37.96
C THR B 95 48.84 -10.18 38.83
N ALA B 96 50.03 -10.23 38.21
CA ALA B 96 51.26 -10.48 38.95
C ALA B 96 52.24 -9.29 38.83
N ALA B 97 51.69 -8.08 38.76
CA ALA B 97 52.50 -6.87 38.64
C ALA B 97 52.58 -6.11 39.97
N SER C 7 19.70 -1.02 20.09
CA SER C 7 19.34 0.31 20.58
C SER C 7 18.27 1.00 19.70
N THR C 8 17.70 0.26 18.76
CA THR C 8 16.64 0.80 17.93
C THR C 8 15.30 0.48 18.59
N HIS C 9 14.26 1.25 18.29
CA HIS C 9 12.93 1.01 18.86
C HIS C 9 12.12 0.04 18.04
N GLU C 10 12.50 -0.13 16.78
CA GLU C 10 11.87 -1.10 15.90
C GLU C 10 12.87 -2.20 15.62
N PRO C 11 12.37 -3.41 15.36
CA PRO C 11 13.24 -4.52 14.98
C PRO C 11 14.05 -4.21 13.72
N LEU C 12 15.32 -4.63 13.71
CA LEU C 12 16.26 -4.33 12.62
C LEU C 12 15.79 -4.86 11.26
N GLU C 13 14.99 -5.92 11.24
CA GLU C 13 14.62 -6.51 9.95
C GLU C 13 13.65 -5.67 9.15
N VAL C 14 12.93 -4.74 9.79
CA VAL C 14 12.06 -3.83 9.02
C VAL C 14 12.66 -2.43 8.77
N LEU C 15 13.84 -2.16 9.31
CA LEU C 15 14.46 -0.85 9.09
C LEU C 15 15.34 -0.95 7.88
N LYS C 16 15.23 0.05 7.01
CA LYS C 16 16.14 0.17 5.89
C LYS C 16 17.57 0.45 6.41
N GLU C 17 18.52 -0.07 5.68
CA GLU C 17 19.92 0.07 6.01
C GLU C 17 20.33 1.51 6.24
N GLU C 18 19.85 2.39 5.40
CA GLU C 18 20.20 3.80 5.47
C GLU C 18 19.59 4.43 6.70
N THR C 19 18.42 3.95 7.12
CA THR C 19 17.81 4.42 8.34
C THR C 19 18.69 4.06 9.54
N VAL C 20 19.29 2.87 9.52
CA VAL C 20 20.07 2.45 10.69
C VAL C 20 21.39 3.22 10.73
N ASN C 21 21.97 3.51 9.57
CA ASN C 21 23.15 4.37 9.56
C ASN C 21 22.82 5.80 10.06
N ARG C 22 21.69 6.35 9.66
CA ARG C 22 21.33 7.70 10.16
C ARG C 22 21.15 7.64 11.67
N HIS C 23 20.60 6.55 12.17
CA HIS C 23 20.46 6.33 13.60
C HIS C 23 21.82 6.38 14.29
N ARG C 24 22.83 5.74 13.69
CA ARG C 24 24.20 5.75 14.24
C ARG C 24 24.75 7.15 14.31
N ALA C 25 24.45 7.94 13.28
CA ALA C 25 24.90 9.31 13.20
C ALA C 25 24.13 10.17 14.19
N ILE C 26 22.82 10.02 14.22
CA ILE C 26 22.01 10.87 15.10
C ILE C 26 22.40 10.65 16.58
N VAL C 27 22.52 9.40 17.01
CA VAL C 27 22.84 9.10 18.41
C VAL C 27 24.25 9.61 18.76
N SER C 28 25.17 9.57 17.80
CA SER C 28 26.49 10.12 17.99
C SER C 28 26.40 11.64 18.28
N VAL C 29 25.64 12.36 17.47
CA VAL C 29 25.49 13.79 17.66
C VAL C 29 24.84 14.07 19.03
N MET C 30 23.80 13.32 19.40
CA MET C 30 23.15 13.51 20.68
C MET C 30 24.14 13.39 21.81
N GLU C 31 25.00 12.38 21.71
CA GLU C 31 25.98 12.12 22.77
C GLU C 31 27.04 13.21 22.80
N GLU C 32 27.42 13.74 21.64
CA GLU C 32 28.38 14.84 21.60
C GLU C 32 27.80 16.11 22.28
N LEU C 33 26.55 16.42 21.97
CA LEU C 33 25.85 17.55 22.55
C LEU C 33 25.75 17.41 24.07
N GLU C 34 25.37 16.23 24.51
CA GLU C 34 25.35 15.95 25.93
C GLU C 34 26.73 16.22 26.55
N ALA C 35 27.81 15.79 25.89
CA ALA C 35 29.17 16.00 26.44
C ALA C 35 29.56 17.48 26.47
N VAL C 36 29.17 18.22 25.43
CA VAL C 36 29.42 19.64 25.41
C VAL C 36 28.77 20.31 26.62
N ASP C 37 27.50 20.02 26.85
CA ASP C 37 26.76 20.61 27.92
C ASP C 37 27.36 20.28 29.31
N TRP C 38 27.65 19.01 29.50
CA TRP C 38 28.17 18.43 30.77
C TRP C 38 29.54 19.08 31.07
N TYR C 39 30.40 19.15 30.06
CA TYR C 39 31.73 19.73 30.22
C TYR C 39 31.63 21.23 30.57
N ASP C 40 30.71 21.92 29.92
CA ASP C 40 30.57 23.36 30.16
C ASP C 40 30.09 23.64 31.58
N GLN C 41 29.19 22.81 32.11
CA GLN C 41 28.76 22.95 33.49
C GLN C 41 29.91 22.66 34.43
N ARG C 42 30.70 21.64 34.13
CA ARG C 42 31.83 21.30 34.97
C ARG C 42 32.90 22.39 34.95
N VAL C 43 33.13 23.01 33.79
CA VAL C 43 34.05 24.12 33.64
C VAL C 43 33.63 25.28 34.53
N ASP C 44 32.34 25.57 34.56
CA ASP C 44 31.83 26.63 35.43
C ASP C 44 32.00 26.31 36.91
N ALA C 45 31.81 25.05 37.30
CA ALA C 45 31.76 24.70 38.72
C ALA C 45 33.13 24.36 39.28
N SER C 46 34.07 24.00 38.40
CA SER C 46 35.37 23.53 38.82
C SER C 46 36.15 24.61 39.59
N THR C 47 36.85 24.18 40.65
CA THR C 47 37.67 25.10 41.43
C THR C 47 39.14 24.77 41.30
N ASP C 48 39.49 24.00 40.27
CA ASP C 48 40.87 23.63 39.99
C ASP C 48 41.23 24.04 38.55
N PRO C 49 42.10 25.05 38.39
CA PRO C 49 42.38 25.57 37.06
C PRO C 49 43.01 24.57 36.08
N GLU C 50 43.81 23.66 36.56
CA GLU C 50 44.40 22.65 35.66
C GLU C 50 43.29 21.74 35.15
N LEU C 51 42.34 21.34 36.00
CA LEU C 51 41.26 20.49 35.54
C LEU C 51 40.39 21.24 34.51
N THR C 52 40.04 22.48 34.82
CA THR C 52 39.20 23.34 33.99
C THR C 52 39.74 23.46 32.59
N ALA C 53 41.05 23.59 32.50
CA ALA C 53 41.68 23.71 31.23
C ALA C 53 41.49 22.43 30.43
N ILE C 54 41.59 21.27 31.07
CA ILE C 54 41.38 20.02 30.38
C ILE C 54 39.91 19.92 29.95
N LEU C 55 39.00 20.23 30.86
CA LEU C 55 37.57 20.16 30.60
C LEU C 55 37.14 21.02 29.44
N ALA C 56 37.72 22.23 29.37
CA ALA C 56 37.37 23.16 28.32
C ALA C 56 37.92 22.71 26.95
N HIS C 57 39.14 22.20 26.96
CA HIS C 57 39.74 21.61 25.75
C HIS C 57 38.89 20.44 25.20
N ASN C 58 38.47 19.54 26.07
CA ASN C 58 37.70 18.40 25.62
C ASN C 58 36.35 18.89 25.08
N ARG C 59 35.73 19.81 25.82
CA ARG C 59 34.44 20.38 25.43
C ARG C 59 34.40 20.83 23.97
N ASP C 60 35.40 21.60 23.58
CA ASP C 60 35.37 22.24 22.27
C ASP C 60 35.69 21.25 21.19
N GLU C 61 36.42 20.19 21.52
CA GLU C 61 36.62 19.14 20.54
C GLU C 61 35.34 18.32 20.32
N GLU C 62 34.50 18.18 21.34
CA GLU C 62 33.22 17.49 21.12
C GLU C 62 32.40 18.26 20.08
N LYS C 63 32.54 19.60 20.07
CA LYS C 63 31.80 20.41 19.09
C LYS C 63 32.24 20.07 17.68
N GLU C 64 33.52 19.87 17.51
CA GLU C 64 34.02 19.45 16.21
C GLU C 64 33.47 18.06 15.87
N HIS C 65 33.46 17.13 16.83
CA HIS C 65 32.92 15.79 16.57
C HIS C 65 31.48 15.83 16.07
N ALA C 66 30.70 16.69 16.72
CA ALA C 66 29.32 16.89 16.36
C ALA C 66 29.16 17.52 15.00
N ALA C 67 29.99 18.54 14.70
CA ALA C 67 29.85 19.25 13.44
C ALA C 67 30.16 18.31 12.26
N MET C 68 31.16 17.46 12.42
CA MET C 68 31.52 16.46 11.36
C MET C 68 30.39 15.48 11.07
N THR C 69 29.78 14.97 12.15
CA THR C 69 28.74 13.98 12.01
C THR C 69 27.46 14.64 11.47
N LEU C 70 27.21 15.88 11.89
CA LEU C 70 26.11 16.64 11.35
C LEU C 70 26.25 16.89 9.85
N GLU C 71 27.46 17.17 9.36
CA GLU C 71 27.64 17.30 7.90
C GLU C 71 27.31 15.98 7.18
N TRP C 72 27.70 14.85 7.75
CA TRP C 72 27.38 13.57 7.14
C TRP C 72 25.86 13.45 7.02
N LEU C 73 25.13 13.82 8.05
CA LEU C 73 23.66 13.79 7.99
C LEU C 73 23.15 14.73 6.95
N ARG C 74 23.75 15.90 6.87
CA ARG C 74 23.29 16.85 5.88
C ARG C 74 23.45 16.25 4.48
N ARG C 75 24.56 15.57 4.21
CA ARG C 75 24.83 14.99 2.89
C ARG C 75 24.00 13.78 2.57
N ASN C 76 23.37 13.17 3.58
CA ASN C 76 22.66 11.92 3.42
C ASN C 76 21.18 11.97 3.77
N ASP C 77 20.65 13.17 3.88
CA ASP C 77 19.25 13.36 4.23
C ASP C 77 18.80 14.72 3.71
N ALA C 78 17.90 14.69 2.74
CA ALA C 78 17.53 15.89 2.00
C ALA C 78 16.88 16.93 2.89
N LYS C 79 16.10 16.48 3.87
CA LYS C 79 15.40 17.42 4.73
C LYS C 79 16.35 18.04 5.76
N TRP C 80 17.36 17.30 6.22
CA TRP C 80 18.42 17.92 7.02
C TRP C 80 19.13 18.98 6.15
N ALA C 81 19.43 18.65 4.90
CA ALA C 81 20.10 19.64 4.04
C ALA C 81 19.20 20.88 3.90
N GLU C 82 17.91 20.66 3.66
CA GLU C 82 16.98 21.78 3.45
C GLU C 82 16.89 22.69 4.65
N HIS C 83 16.61 22.13 5.83
CA HIS C 83 16.41 22.96 7.00
C HIS C 83 17.72 23.53 7.54
N LEU C 84 18.82 22.79 7.46
CA LEU C 84 20.07 23.36 7.93
C LEU C 84 20.42 24.57 7.06
N ARG C 85 20.16 24.47 5.75
CA ARG C 85 20.46 25.56 4.85
C ARG C 85 19.59 26.78 5.12
N THR C 86 18.34 26.59 5.50
CA THR C 86 17.51 27.73 5.81
C THR C 86 18.07 28.58 6.96
N TYR C 87 18.60 27.95 8.00
CA TYR C 87 18.93 28.72 9.23
C TYR C 87 20.41 28.99 9.53
N LEU C 88 21.28 28.06 9.17
CA LEU C 88 22.69 28.15 9.52
C LEU C 88 23.38 29.26 8.74
N PHE C 89 24.23 30.00 9.45
CA PHE C 89 25.03 31.10 8.88
C PHE C 89 24.12 32.16 8.30
N THR C 90 23.04 32.47 8.97
CA THR C 90 22.15 33.53 8.53
C THR C 90 22.26 34.71 9.47
N GLU C 91 21.58 35.80 9.12
CA GLU C 91 21.42 36.90 10.07
C GLU C 91 19.96 37.35 10.15
N GLY C 92 19.69 38.27 11.07
CA GLY C 92 18.34 38.63 11.45
C GLY C 92 17.65 37.55 12.23
N PRO C 93 16.43 37.84 12.72
CA PRO C 93 15.69 36.95 13.62
C PRO C 93 15.51 35.54 13.08
N ILE C 94 15.88 34.55 13.88
CA ILE C 94 15.90 33.16 13.45
C ILE C 94 14.52 32.62 13.15
N THR C 95 13.52 32.99 13.93
CA THR C 95 12.16 32.53 13.68
C THR C 95 11.55 33.22 12.45
N ALA C 96 12.29 33.29 11.34
CA ALA C 96 11.83 34.00 10.14
C ALA C 96 12.66 33.63 8.91
N SER D 7 17.35 20.05 35.92
CA SER D 7 17.92 19.14 34.93
C SER D 7 19.40 19.42 34.64
N THR D 8 20.07 20.21 35.48
CA THR D 8 21.51 20.45 35.30
C THR D 8 22.34 19.45 36.14
N HIS D 9 23.59 19.20 35.73
CA HIS D 9 24.43 18.23 36.42
C HIS D 9 25.16 18.94 37.58
N GLU D 10 25.27 20.26 37.49
CA GLU D 10 25.83 21.07 38.56
C GLU D 10 24.75 21.97 39.13
N PRO D 11 24.88 22.36 40.41
CA PRO D 11 23.93 23.29 41.04
C PRO D 11 23.82 24.63 40.29
N LEU D 12 22.59 25.12 40.14
CA LEU D 12 22.33 26.35 39.40
C LEU D 12 23.07 27.54 39.99
N GLU D 13 23.34 27.48 41.27
CA GLU D 13 23.96 28.61 41.95
C GLU D 13 25.45 28.80 41.57
N VAL D 14 26.08 27.79 40.98
CA VAL D 14 27.46 27.97 40.47
C VAL D 14 27.52 28.11 38.95
N LEU D 15 26.38 27.99 38.28
CA LEU D 15 26.37 28.10 36.84
C LEU D 15 26.07 29.53 36.41
N LYS D 16 26.84 29.98 35.43
CA LYS D 16 26.55 31.26 34.81
C LYS D 16 25.27 31.19 34.02
N GLU D 17 24.53 32.28 34.02
CA GLU D 17 23.29 32.37 33.27
C GLU D 17 23.43 31.92 31.81
N GLU D 18 24.47 32.33 31.12
CA GLU D 18 24.58 32.00 29.72
C GLU D 18 24.86 30.51 29.53
N THR D 19 25.56 29.89 30.48
CA THR D 19 25.77 28.44 30.47
C THR D 19 24.42 27.71 30.56
N VAL D 20 23.52 28.21 31.40
CA VAL D 20 22.23 27.60 31.58
C VAL D 20 21.35 27.82 30.34
N ASN D 21 21.45 28.97 29.71
CA ASN D 21 20.71 29.14 28.47
C ASN D 21 21.24 28.22 27.36
N ARG D 22 22.56 28.04 27.27
CA ARG D 22 23.09 27.12 26.25
C ARG D 22 22.64 25.70 26.56
N HIS D 23 22.58 25.37 27.86
CA HIS D 23 22.03 24.09 28.28
C HIS D 23 20.58 23.92 27.78
N ARG D 24 19.74 24.95 27.87
CA ARG D 24 18.37 24.81 27.39
C ARG D 24 18.32 24.52 25.90
N ALA D 25 19.18 25.22 25.17
CA ALA D 25 19.26 25.02 23.73
C ALA D 25 19.81 23.64 23.40
N ILE D 26 20.88 23.19 24.07
CA ILE D 26 21.50 21.91 23.74
C ILE D 26 20.53 20.74 24.00
N VAL D 27 19.85 20.75 25.14
CA VAL D 27 18.94 19.67 25.45
C VAL D 27 17.74 19.71 24.50
N SER D 28 17.39 20.89 24.05
CA SER D 28 16.36 21.00 23.01
C SER D 28 16.80 20.31 21.72
N VAL D 29 18.02 20.57 21.26
CA VAL D 29 18.50 19.96 20.04
C VAL D 29 18.55 18.44 20.26
N MET D 30 19.06 18.02 21.42
CA MET D 30 19.16 16.59 21.71
C MET D 30 17.82 15.91 21.60
N GLU D 31 16.80 16.54 22.17
CA GLU D 31 15.46 16.00 22.10
C GLU D 31 14.90 15.97 20.68
N GLU D 32 15.26 16.95 19.88
CA GLU D 32 14.79 16.97 18.52
C GLU D 32 15.39 15.83 17.76
N LEU D 33 16.68 15.60 17.95
CA LEU D 33 17.42 14.54 17.27
C LEU D 33 16.83 13.19 17.59
N GLU D 34 16.51 13.00 18.87
CA GLU D 34 15.85 11.79 19.31
C GLU D 34 14.50 11.59 18.63
N ALA D 35 13.72 12.66 18.53
CA ALA D 35 12.43 12.55 17.84
C ALA D 35 12.61 12.23 16.34
N VAL D 36 13.61 12.82 15.68
CA VAL D 36 13.85 12.55 14.26
C VAL D 36 14.11 11.06 14.08
N ASP D 37 15.00 10.53 14.88
CA ASP D 37 15.37 9.14 14.80
C ASP D 37 14.20 8.17 15.08
N TRP D 38 13.46 8.43 16.16
CA TRP D 38 12.36 7.54 16.53
C TRP D 38 11.29 7.59 15.44
N TYR D 39 11.00 8.78 14.96
CA TYR D 39 10.01 8.91 13.91
C TYR D 39 10.42 8.17 12.65
N ASP D 40 11.70 8.22 12.30
CA ASP D 40 12.13 7.59 11.07
C ASP D 40 12.02 6.08 11.18
N GLN D 41 12.38 5.55 12.34
CA GLN D 41 12.22 4.12 12.58
C GLN D 41 10.74 3.70 12.51
N ARG D 42 9.85 4.51 13.07
CA ARG D 42 8.41 4.25 13.01
C ARG D 42 7.90 4.36 11.58
N VAL D 43 8.44 5.29 10.80
CA VAL D 43 8.09 5.44 9.40
C VAL D 43 8.42 4.18 8.59
N ASP D 44 9.57 3.57 8.83
CA ASP D 44 9.95 2.31 8.12
C ASP D 44 9.07 1.13 8.53
N ALA D 45 8.71 1.07 9.81
CA ALA D 45 8.03 -0.09 10.37
C ALA D 45 6.49 -0.03 10.28
N SER D 46 5.94 1.16 10.10
CA SER D 46 4.49 1.37 10.09
C SER D 46 3.87 0.59 8.93
N THR D 47 2.72 -0.04 9.20
CA THR D 47 1.98 -0.77 8.16
C THR D 47 0.65 -0.10 7.85
N ASP D 48 0.52 1.17 8.24
CA ASP D 48 -0.66 1.97 7.92
C ASP D 48 -0.19 3.24 7.18
N PRO D 49 -0.51 3.36 5.88
CA PRO D 49 0.09 4.48 5.15
C PRO D 49 -0.36 5.86 5.63
N GLU D 50 -1.59 5.99 6.15
CA GLU D 50 -2.06 7.29 6.64
C GLU D 50 -1.23 7.72 7.87
N LEU D 51 -0.89 6.77 8.74
CA LEU D 51 -0.03 7.04 9.90
C LEU D 51 1.37 7.41 9.42
N THR D 52 1.88 6.64 8.47
CA THR D 52 3.21 6.87 7.94
C THR D 52 3.39 8.28 7.43
N ALA D 53 2.38 8.82 6.74
CA ALA D 53 2.47 10.19 6.23
C ALA D 53 2.58 11.22 7.34
N ILE D 54 1.87 11.00 8.43
CA ILE D 54 1.92 11.90 9.56
C ILE D 54 3.29 11.81 10.23
N LEU D 55 3.77 10.60 10.42
CA LEU D 55 5.05 10.38 11.08
C LEU D 55 6.17 11.10 10.33
N ALA D 56 6.13 11.01 9.01
CA ALA D 56 7.13 11.57 8.15
C ALA D 56 7.08 13.08 8.17
N HIS D 57 5.87 13.61 8.16
CA HIS D 57 5.65 15.03 8.31
C HIS D 57 6.24 15.56 9.63
N ASN D 58 5.93 14.89 10.73
CA ASN D 58 6.40 15.32 12.03
C ASN D 58 7.93 15.23 12.05
N ARG D 59 8.46 14.12 11.54
CA ARG D 59 9.88 13.87 11.48
C ARG D 59 10.66 15.04 10.91
N ASP D 60 10.18 15.53 9.79
CA ASP D 60 10.94 16.51 9.04
C ASP D 60 10.84 17.89 9.68
N GLU D 61 9.74 18.17 10.37
CA GLU D 61 9.64 19.41 11.12
C GLU D 61 10.53 19.38 12.35
N GLU D 62 10.80 18.21 12.93
CA GLU D 62 11.75 18.18 14.06
C GLU D 62 13.13 18.64 13.56
N LYS D 63 13.48 18.33 12.31
CA LYS D 63 14.79 18.75 11.75
C LYS D 63 14.88 20.25 11.70
N GLU D 64 13.76 20.89 11.37
CA GLU D 64 13.71 22.36 11.37
C GLU D 64 13.83 22.94 12.81
N HIS D 65 13.16 22.35 13.79
CA HIS D 65 13.30 22.79 15.17
C HIS D 65 14.76 22.73 15.63
N ALA D 66 15.44 21.64 15.26
CA ALA D 66 16.84 21.45 15.58
C ALA D 66 17.71 22.50 14.90
N ALA D 67 17.44 22.74 13.62
CA ALA D 67 18.26 23.66 12.83
C ALA D 67 18.17 25.10 13.39
N MET D 68 16.96 25.51 13.77
CA MET D 68 16.78 26.83 14.36
C MET D 68 17.58 26.97 15.65
N THR D 69 17.52 25.94 16.48
CA THR D 69 18.19 26.00 17.77
C THR D 69 19.69 25.91 17.57
N LEU D 70 20.14 25.12 16.60
CA LEU D 70 21.58 25.06 16.32
C LEU D 70 22.13 26.42 15.87
N GLU D 71 21.38 27.17 15.06
CA GLU D 71 21.82 28.48 14.63
C GLU D 71 21.93 29.42 15.85
N TRP D 72 21.01 29.32 16.80
CA TRP D 72 21.12 30.11 18.04
C TRP D 72 22.44 29.74 18.72
N LEU D 73 22.80 28.46 18.80
CA LEU D 73 24.04 28.06 19.45
C LEU D 73 25.28 28.62 18.71
N ARG D 74 25.22 28.59 17.39
CA ARG D 74 26.30 29.11 16.58
C ARG D 74 26.51 30.60 16.86
N ARG D 75 25.41 31.34 16.94
CA ARG D 75 25.51 32.74 17.25
C ARG D 75 25.93 33.04 18.67
N ASN D 76 25.88 32.06 19.57
CA ASN D 76 26.16 32.35 20.98
C ASN D 76 27.31 31.56 21.57
N ASP D 77 28.12 30.97 20.69
CA ASP D 77 29.25 30.18 21.11
C ASP D 77 30.30 30.14 20.00
N ALA D 78 31.45 30.73 20.25
CA ALA D 78 32.46 30.91 19.21
C ALA D 78 33.04 29.60 18.66
N LYS D 79 33.14 28.57 19.49
CA LYS D 79 33.68 27.29 18.99
C LYS D 79 32.60 26.51 18.21
N TRP D 80 31.32 26.62 18.59
CA TRP D 80 30.27 26.07 17.73
C TRP D 80 30.39 26.76 16.38
N ALA D 81 30.60 28.07 16.41
CA ALA D 81 30.69 28.85 15.15
C ALA D 81 31.88 28.39 14.30
N GLU D 82 33.04 28.22 14.94
CA GLU D 82 34.23 27.81 14.21
C GLU D 82 34.02 26.43 13.58
N HIS D 83 33.60 25.46 14.39
CA HIS D 83 33.58 24.09 13.89
C HIS D 83 32.43 23.86 12.89
N LEU D 84 31.28 24.50 13.08
CA LEU D 84 30.22 24.39 12.09
C LEU D 84 30.65 25.01 10.76
N ARG D 85 31.35 26.14 10.77
CA ARG D 85 31.80 26.76 9.54
C ARG D 85 32.82 25.86 8.82
N THR D 86 33.70 25.18 9.56
CA THR D 86 34.67 24.28 8.92
C THR D 86 34.01 23.12 8.16
N TYR D 87 32.97 22.50 8.71
CA TYR D 87 32.46 21.26 8.12
C TYR D 87 31.15 21.33 7.36
N LEU D 88 30.23 22.20 7.76
CA LEU D 88 28.92 22.22 7.13
C LEU D 88 28.94 22.79 5.72
N PHE D 89 28.17 22.16 4.83
CA PHE D 89 28.09 22.58 3.42
C PHE D 89 29.46 22.52 2.72
N THR D 90 30.20 21.43 2.90
CA THR D 90 31.49 21.28 2.24
C THR D 90 31.42 20.13 1.25
N GLU D 91 32.51 19.93 0.50
CA GLU D 91 32.67 18.77 -0.37
C GLU D 91 33.97 18.07 -0.06
N GLY D 92 34.21 16.94 -0.71
CA GLY D 92 35.31 16.04 -0.35
C GLY D 92 35.19 15.46 1.05
N PRO D 93 36.15 14.62 1.44
CA PRO D 93 36.12 13.85 2.69
C PRO D 93 35.94 14.73 3.92
N ILE D 94 35.00 14.36 4.77
CA ILE D 94 34.63 15.18 5.91
C ILE D 94 35.77 15.28 6.89
N THR D 95 36.47 14.18 7.10
CA THR D 95 37.62 14.20 8.01
C THR D 95 38.80 15.02 7.49
N ALA D 96 38.74 15.50 6.24
CA ALA D 96 39.82 16.29 5.65
C ALA D 96 39.38 17.72 5.29
N ALA D 97 38.46 18.31 6.07
CA ALA D 97 37.97 19.66 5.78
C ALA D 97 38.56 20.76 6.69
N SER E 7 10.33 -1.78 21.32
CA SER E 7 9.81 -0.90 22.36
C SER E 7 8.45 -1.36 22.90
N THR E 8 8.01 -2.57 22.53
CA THR E 8 6.77 -3.14 23.05
C THR E 8 7.08 -4.03 24.25
N HIS E 9 6.10 -4.21 25.13
CA HIS E 9 6.23 -4.97 26.37
C HIS E 9 5.92 -6.43 26.21
N GLU E 10 5.15 -6.75 25.18
CA GLU E 10 4.83 -8.11 24.84
C GLU E 10 5.52 -8.41 23.53
N PRO E 11 5.86 -9.68 23.29
CA PRO E 11 6.51 -10.04 22.02
C PRO E 11 5.65 -9.72 20.80
N LEU E 12 6.32 -9.23 19.77
CA LEU E 12 5.62 -8.81 18.57
C LEU E 12 4.81 -9.95 17.95
N GLU E 13 5.22 -11.20 18.13
CA GLU E 13 4.48 -12.28 17.47
C GLU E 13 3.08 -12.54 18.09
N VAL E 14 2.80 -12.01 19.30
CA VAL E 14 1.45 -12.15 19.88
C VAL E 14 0.58 -10.89 19.75
N LEU E 15 1.14 -9.81 19.22
CA LEU E 15 0.41 -8.56 19.04
C LEU E 15 -0.18 -8.47 17.64
N LYS E 16 -1.44 -8.08 17.53
CA LYS E 16 -2.03 -7.81 16.23
C LYS E 16 -1.36 -6.57 15.60
N GLU E 17 -1.29 -6.56 14.27
CA GLU E 17 -0.70 -5.45 13.54
C GLU E 17 -1.31 -4.13 13.96
N GLU E 18 -2.62 -4.11 14.12
CA GLU E 18 -3.30 -2.87 14.47
C GLU E 18 -2.86 -2.39 15.86
N THR E 19 -2.59 -3.33 16.76
CA THR E 19 -2.17 -2.96 18.11
C THR E 19 -0.82 -2.25 18.04
N VAL E 20 0.06 -2.75 17.16
CA VAL E 20 1.38 -2.21 17.05
C VAL E 20 1.37 -0.85 16.38
N ASN E 21 0.50 -0.64 15.41
CA ASN E 21 0.40 0.67 14.77
C ASN E 21 -0.16 1.71 15.75
N ARG E 22 -1.10 1.32 16.59
CA ARG E 22 -1.63 2.23 17.62
C ARG E 22 -0.55 2.58 18.64
N HIS E 23 0.31 1.62 18.96
CA HIS E 23 1.45 1.81 19.83
C HIS E 23 2.36 2.90 19.28
N ARG E 24 2.65 2.84 17.98
CA ARG E 24 3.49 3.84 17.29
C ARG E 24 2.89 5.23 17.38
N ALA E 25 1.57 5.31 17.22
CA ALA E 25 0.87 6.59 17.31
C ALA E 25 0.85 7.08 18.76
N ILE E 26 0.53 6.18 19.68
CA ILE E 26 0.39 6.54 21.08
C ILE E 26 1.73 7.04 21.61
N VAL E 27 2.83 6.33 21.37
CA VAL E 27 4.12 6.81 21.89
C VAL E 27 4.54 8.11 21.19
N SER E 28 4.13 8.31 19.94
CA SER E 28 4.37 9.60 19.28
C SER E 28 3.66 10.72 20.00
N VAL E 29 2.40 10.51 20.37
CA VAL E 29 1.68 11.53 21.09
C VAL E 29 2.35 11.80 22.45
N MET E 30 2.79 10.75 23.13
CA MET E 30 3.42 10.91 24.44
C MET E 30 4.64 11.77 24.30
N GLU E 31 5.46 11.46 23.30
CA GLU E 31 6.67 12.20 23.07
C GLU E 31 6.42 13.67 22.68
N GLU E 32 5.36 13.94 21.93
CA GLU E 32 4.96 15.32 21.64
C GLU E 32 4.50 16.08 22.90
N LEU E 33 3.73 15.41 23.75
CA LEU E 33 3.25 16.02 24.97
C LEU E 33 4.42 16.42 25.86
N GLU E 34 5.39 15.53 25.98
CA GLU E 34 6.57 15.75 26.77
C GLU E 34 7.34 16.99 26.26
N ALA E 35 7.46 17.10 24.94
CA ALA E 35 8.14 18.21 24.33
C ALA E 35 7.41 19.54 24.58
N VAL E 36 6.09 19.52 24.51
CA VAL E 36 5.30 20.71 24.79
C VAL E 36 5.58 21.18 26.22
N ASP E 37 5.52 20.26 27.16
CA ASP E 37 5.72 20.59 28.56
C ASP E 37 7.15 21.13 28.77
N TRP E 38 8.15 20.43 28.22
CA TRP E 38 9.57 20.80 28.39
C TRP E 38 9.82 22.15 27.80
N TYR E 39 9.32 22.35 26.59
CA TYR E 39 9.53 23.63 25.93
C TYR E 39 8.87 24.76 26.70
N ASP E 40 7.67 24.50 27.23
CA ASP E 40 6.97 25.55 27.92
C ASP E 40 7.71 25.98 29.15
N GLN E 41 8.25 25.01 29.85
CA GLN E 41 9.07 25.32 31.02
C GLN E 41 10.32 26.10 30.66
N ARG E 42 10.96 25.76 29.55
CA ARG E 42 12.17 26.44 29.13
C ARG E 42 11.85 27.87 28.68
N VAL E 43 10.70 28.07 28.06
CA VAL E 43 10.23 29.40 27.66
C VAL E 43 10.10 30.31 28.91
N ASP E 44 9.55 29.76 29.99
CA ASP E 44 9.38 30.50 31.26
C ASP E 44 10.72 30.84 31.91
N ALA E 45 11.69 29.95 31.79
CA ALA E 45 12.96 30.07 32.49
C ALA E 45 14.04 30.80 31.71
N SER E 46 13.91 30.80 30.38
CA SER E 46 14.95 31.33 29.53
C SER E 46 15.19 32.81 29.80
N THR E 47 16.46 33.21 29.84
CA THR E 47 16.78 34.63 30.03
C THR E 47 17.39 35.24 28.78
N ASP E 48 17.21 34.59 27.63
CA ASP E 48 17.65 35.11 26.32
C ASP E 48 16.45 35.19 25.37
N PRO E 49 16.01 36.42 24.99
CA PRO E 49 14.77 36.58 24.21
C PRO E 49 14.78 35.88 22.85
N GLU E 50 15.91 35.86 22.19
CA GLU E 50 16.01 35.19 20.90
C GLU E 50 15.82 33.67 21.06
N LEU E 51 16.40 33.09 22.11
CA LEU E 51 16.19 31.67 22.36
C LEU E 51 14.73 31.44 22.71
N THR E 52 14.18 32.29 23.56
CA THR E 52 12.77 32.15 23.95
C THR E 52 11.81 32.08 22.75
N ALA E 53 12.04 32.92 21.75
CA ALA E 53 11.18 32.96 20.58
C ALA E 53 11.22 31.61 19.84
N ILE E 54 12.41 31.00 19.74
CA ILE E 54 12.60 29.70 19.11
C ILE E 54 11.92 28.62 19.92
N LEU E 55 12.16 28.63 21.23
CA LEU E 55 11.56 27.66 22.11
C LEU E 55 10.01 27.70 22.01
N ALA E 56 9.42 28.88 22.00
CA ALA E 56 7.97 29.02 21.96
C ALA E 56 7.39 28.61 20.60
N HIS E 57 8.11 28.94 19.53
CA HIS E 57 7.75 28.51 18.20
C HIS E 57 7.70 26.99 18.10
N ASN E 58 8.76 26.37 18.55
CA ASN E 58 8.83 24.93 18.49
C ASN E 58 7.73 24.30 19.31
N ARG E 59 7.51 24.85 20.51
CA ARG E 59 6.49 24.36 21.45
C ARG E 59 5.13 24.19 20.79
N ASP E 60 4.70 25.23 20.11
CA ASP E 60 3.36 25.26 19.58
C ASP E 60 3.25 24.38 18.34
N GLU E 61 4.36 24.16 17.63
CA GLU E 61 4.33 23.20 16.54
C GLU E 61 4.23 21.76 17.06
N GLU E 62 4.77 21.46 18.23
CA GLU E 62 4.59 20.14 18.78
C GLU E 62 3.10 19.85 19.07
N LYS E 63 2.33 20.88 19.46
CA LYS E 63 0.89 20.71 19.71
C LYS E 63 0.20 20.25 18.44
N GLU E 64 0.63 20.81 17.33
CA GLU E 64 0.10 20.42 16.06
C GLU E 64 0.46 18.98 15.73
N HIS E 65 1.71 18.60 15.99
CA HIS E 65 2.14 17.21 15.79
C HIS E 65 1.28 16.24 16.59
N ALA E 66 1.04 16.62 17.85
CA ALA E 66 0.21 15.84 18.75
C ALA E 66 -1.23 15.77 18.23
N ALA E 67 -1.78 16.90 17.79
CA ALA E 67 -3.18 16.93 17.34
C ALA E 67 -3.40 16.04 16.10
N MET E 68 -2.48 16.09 15.15
CA MET E 68 -2.56 15.27 13.94
C MET E 68 -2.51 13.80 14.26
N THR E 69 -1.62 13.43 15.16
CA THR E 69 -1.43 12.03 15.48
C THR E 69 -2.61 11.52 16.25
N LEU E 70 -3.13 12.36 17.13
CA LEU E 70 -4.32 12.02 17.89
C LEU E 70 -5.55 11.80 17.01
N GLU E 71 -5.67 12.61 15.96
CA GLU E 71 -6.76 12.44 15.04
C GLU E 71 -6.67 11.09 14.35
N TRP E 72 -5.48 10.65 13.97
CA TRP E 72 -5.33 9.31 13.39
C TRP E 72 -5.76 8.23 14.37
N LEU E 73 -5.36 8.39 15.62
CA LEU E 73 -5.66 7.43 16.66
C LEU E 73 -7.15 7.35 16.81
N ARG E 74 -7.77 8.52 16.82
CA ARG E 74 -9.20 8.63 16.96
C ARG E 74 -9.94 7.89 15.82
N ARG E 75 -9.44 8.03 14.59
CA ARG E 75 -10.04 7.39 13.44
C ARG E 75 -9.85 5.90 13.44
N ASN E 76 -8.91 5.41 14.24
CA ASN E 76 -8.54 4.00 14.20
C ASN E 76 -8.77 3.24 15.49
N ASP E 77 -9.59 3.79 16.37
CA ASP E 77 -9.88 3.17 17.66
C ASP E 77 -11.24 3.67 18.09
N ALA E 78 -12.21 2.76 18.18
CA ALA E 78 -13.59 3.17 18.39
C ALA E 78 -13.80 3.91 19.70
N LYS E 79 -13.17 3.45 20.77
CA LYS E 79 -13.43 4.09 22.07
C LYS E 79 -12.62 5.39 22.24
N TRP E 80 -11.47 5.55 21.57
CA TRP E 80 -10.86 6.89 21.52
C TRP E 80 -11.87 7.84 20.87
N ALA E 81 -12.48 7.42 19.77
CA ALA E 81 -13.43 8.29 19.09
C ALA E 81 -14.62 8.60 20.02
N GLU E 82 -15.13 7.58 20.70
CA GLU E 82 -16.28 7.80 21.56
C GLU E 82 -16.02 8.77 22.72
N HIS E 83 -14.92 8.53 23.44
CA HIS E 83 -14.61 9.33 24.61
C HIS E 83 -14.14 10.74 24.22
N LEU E 84 -13.42 10.89 23.12
CA LEU E 84 -13.05 12.23 22.69
C LEU E 84 -14.31 13.01 22.28
N ARG E 85 -15.25 12.33 21.65
CA ARG E 85 -16.50 12.99 21.23
C ARG E 85 -17.27 13.49 22.47
N THR E 86 -17.28 12.74 23.56
CA THR E 86 -17.97 13.16 24.76
C THR E 86 -17.44 14.45 25.34
N TYR E 87 -16.12 14.63 25.38
CA TYR E 87 -15.55 15.74 26.15
C TYR E 87 -14.99 16.92 25.37
N LEU E 88 -14.46 16.69 24.18
CA LEU E 88 -13.77 17.78 23.47
C LEU E 88 -14.78 18.79 22.91
N PHE E 89 -14.44 20.07 23.05
CA PHE E 89 -15.27 21.18 22.56
C PHE E 89 -16.63 21.25 23.26
N THR E 90 -16.60 21.13 24.58
CA THR E 90 -17.78 21.20 25.38
C THR E 90 -17.74 22.44 26.24
N GLU E 91 -18.84 22.68 26.94
CA GLU E 91 -18.90 23.69 28.00
C GLU E 91 -19.40 23.07 29.28
N GLY E 92 -19.37 23.85 30.33
CA GLY E 92 -19.68 23.36 31.65
C GLY E 92 -18.75 22.30 32.21
N PRO E 93 -19.01 21.89 33.45
CA PRO E 93 -18.09 21.02 34.18
C PRO E 93 -17.73 19.77 33.38
N ILE E 94 -16.43 19.53 33.24
CA ILE E 94 -15.92 18.43 32.43
C ILE E 94 -16.33 17.09 33.04
N THR E 95 -16.27 16.97 34.35
CA THR E 95 -16.73 15.77 35.03
C THR E 95 -18.28 15.68 35.01
N ALA E 96 -18.86 15.72 33.82
CA ALA E 96 -20.32 15.65 33.64
C ALA E 96 -20.70 15.71 32.16
N SER F 7 8.69 17.68 39.99
CA SER F 7 8.73 16.87 38.76
C SER F 7 8.99 17.71 37.49
N THR F 8 9.36 18.97 37.68
CA THR F 8 9.62 19.90 36.58
C THR F 8 11.10 19.94 36.20
N HIS F 9 11.41 20.36 34.98
CA HIS F 9 12.81 20.41 34.53
C HIS F 9 13.45 21.74 34.94
N GLU F 10 12.61 22.75 35.19
CA GLU F 10 13.06 24.08 35.62
C GLU F 10 12.64 24.36 37.06
N PRO F 11 13.36 25.26 37.76
CA PRO F 11 12.94 25.57 39.12
C PRO F 11 11.51 26.11 39.19
N LEU F 12 10.74 25.63 40.17
CA LEU F 12 9.33 26.00 40.28
C LEU F 12 9.13 27.48 40.43
N GLU F 13 10.09 28.17 41.02
CA GLU F 13 9.93 29.61 41.26
C GLU F 13 10.08 30.45 40.00
N VAL F 14 10.60 29.92 38.90
CA VAL F 14 10.60 30.71 37.65
C VAL F 14 9.44 30.30 36.75
N LEU F 15 8.70 29.27 37.13
CA LEU F 15 7.58 28.84 36.31
C LEU F 15 6.29 29.55 36.72
N LYS F 16 5.54 30.04 35.72
CA LYS F 16 4.23 30.63 35.94
C LYS F 16 3.22 29.60 36.45
N GLU F 17 2.30 30.06 37.27
CA GLU F 17 1.26 29.18 37.81
C GLU F 17 0.55 28.33 36.73
N GLU F 18 0.20 28.94 35.60
CA GLU F 18 -0.51 28.22 34.56
C GLU F 18 0.38 27.17 33.91
N THR F 19 1.69 27.45 33.79
CA THR F 19 2.62 26.48 33.21
C THR F 19 2.67 25.24 34.08
N VAL F 20 2.63 25.43 35.39
CA VAL F 20 2.72 24.30 36.29
C VAL F 20 1.44 23.49 36.27
N ASN F 21 0.27 24.14 36.14
CA ASN F 21 -0.96 23.38 36.01
C ASN F 21 -1.01 22.61 34.69
N ARG F 22 -0.57 23.23 33.60
CA ARG F 22 -0.57 22.53 32.32
C ARG F 22 0.38 21.35 32.37
N HIS F 23 1.48 21.51 33.08
CA HIS F 23 2.39 20.40 33.31
C HIS F 23 1.68 19.22 34.01
N ARG F 24 0.90 19.52 35.03
CA ARG F 24 0.13 18.47 35.73
C ARG F 24 -0.84 17.76 34.80
N ALA F 25 -1.49 18.51 33.92
CA ALA F 25 -2.45 17.95 32.97
C ALA F 25 -1.70 17.13 31.90
N ILE F 26 -0.63 17.70 31.38
CA ILE F 26 0.12 17.05 30.31
C ILE F 26 0.69 15.70 30.82
N VAL F 27 1.30 15.72 31.98
CA VAL F 27 1.88 14.50 32.48
C VAL F 27 0.81 13.45 32.77
N SER F 28 -0.37 13.89 33.19
CA SER F 28 -1.51 12.97 33.38
C SER F 28 -1.94 12.34 32.05
N VAL F 29 -2.10 13.15 31.00
CA VAL F 29 -2.46 12.59 29.68
C VAL F 29 -1.35 11.60 29.24
N MET F 30 -0.09 11.94 29.46
CA MET F 30 0.99 11.02 29.04
C MET F 30 0.89 9.65 29.67
N GLU F 31 0.63 9.65 30.96
CA GLU F 31 0.48 8.45 31.75
C GLU F 31 -0.77 7.66 31.34
N GLU F 32 -1.84 8.36 30.96
CA GLU F 32 -3.04 7.67 30.50
C GLU F 32 -2.80 6.95 29.17
N LEU F 33 -2.13 7.64 28.24
CA LEU F 33 -1.77 7.09 26.94
C LEU F 33 -0.91 5.85 27.10
N GLU F 34 0.06 5.95 27.99
CA GLU F 34 0.92 4.83 28.30
C GLU F 34 0.10 3.64 28.83
N ALA F 35 -0.85 3.89 29.72
CA ALA F 35 -1.68 2.79 30.27
C ALA F 35 -2.54 2.16 29.16
N VAL F 36 -3.08 2.97 28.25
CA VAL F 36 -3.84 2.43 27.14
C VAL F 36 -2.99 1.48 26.29
N ASP F 37 -1.81 1.94 25.94
CA ASP F 37 -0.94 1.15 25.11
C ASP F 37 -0.55 -0.16 25.81
N TRP F 38 -0.13 -0.07 27.07
CA TRP F 38 0.30 -1.24 27.78
C TRP F 38 -0.89 -2.19 27.99
N TYR F 39 -2.04 -1.66 28.40
CA TYR F 39 -3.19 -2.52 28.57
C TYR F 39 -3.52 -3.23 27.27
N ASP F 40 -3.43 -2.54 26.13
CA ASP F 40 -3.85 -3.13 24.85
C ASP F 40 -2.91 -4.26 24.45
N GLN F 41 -1.63 -4.09 24.72
CA GLN F 41 -0.68 -5.16 24.49
C GLN F 41 -0.95 -6.36 25.40
N ARG F 42 -1.24 -6.11 26.67
CA ARG F 42 -1.55 -7.23 27.55
C ARG F 42 -2.86 -7.94 27.15
N VAL F 43 -3.83 -7.20 26.62
CA VAL F 43 -5.10 -7.78 26.12
C VAL F 43 -4.79 -8.74 24.98
N ASP F 44 -3.92 -8.33 24.05
CA ASP F 44 -3.55 -9.21 22.94
C ASP F 44 -2.83 -10.47 23.42
N ALA F 45 -2.00 -10.36 24.43
CA ALA F 45 -1.14 -11.46 24.84
C ALA F 45 -1.74 -12.35 25.93
N SER F 46 -2.70 -11.84 26.68
CA SER F 46 -3.28 -12.59 27.78
C SER F 46 -3.93 -13.87 27.28
N THR F 47 -3.73 -14.95 28.04
CA THR F 47 -4.35 -16.22 27.73
C THR F 47 -5.38 -16.63 28.78
N ASP F 48 -5.84 -15.66 29.57
CA ASP F 48 -6.89 -15.90 30.55
C ASP F 48 -8.07 -14.98 30.30
N PRO F 49 -9.22 -15.55 29.95
CA PRO F 49 -10.37 -14.71 29.54
C PRO F 49 -10.90 -13.74 30.59
N GLU F 50 -10.89 -14.10 31.87
CA GLU F 50 -11.35 -13.19 32.91
C GLU F 50 -10.38 -12.02 33.04
N LEU F 51 -9.09 -12.30 32.95
CA LEU F 51 -8.11 -11.22 33.02
C LEU F 51 -8.25 -10.28 31.82
N THR F 52 -8.38 -10.86 30.64
CA THR F 52 -8.57 -10.09 29.43
C THR F 52 -9.76 -9.17 29.51
N ALA F 53 -10.86 -9.63 30.09
CA ALA F 53 -12.02 -8.77 30.23
C ALA F 53 -11.68 -7.59 31.13
N ILE F 54 -11.00 -7.85 32.23
CA ILE F 54 -10.59 -6.77 33.12
C ILE F 54 -9.61 -5.81 32.44
N LEU F 55 -8.59 -6.31 31.76
CA LEU F 55 -7.60 -5.44 31.14
C LEU F 55 -8.24 -4.52 30.11
N ALA F 56 -9.18 -5.06 29.33
CA ALA F 56 -9.86 -4.28 28.29
C ALA F 56 -10.80 -3.23 28.91
N HIS F 57 -11.50 -3.58 29.99
CA HIS F 57 -12.34 -2.64 30.73
C HIS F 57 -11.50 -1.45 31.25
N ASN F 58 -10.38 -1.74 31.90
CA ASN F 58 -9.54 -0.65 32.41
C ASN F 58 -9.01 0.20 31.25
N ARG F 59 -8.55 -0.45 30.19
CA ARG F 59 -8.03 0.24 29.01
C ARG F 59 -8.96 1.33 28.51
N ASP F 60 -10.25 0.99 28.35
CA ASP F 60 -11.12 1.96 27.71
C ASP F 60 -11.46 3.09 28.67
N GLU F 61 -11.43 2.82 29.97
CA GLU F 61 -11.62 3.91 30.91
C GLU F 61 -10.41 4.84 30.96
N GLU F 62 -9.19 4.35 30.71
CA GLU F 62 -8.04 5.27 30.63
C GLU F 62 -8.25 6.26 29.47
N LYS F 63 -8.86 5.81 28.37
CA LYS F 63 -9.10 6.68 27.24
C LYS F 63 -10.02 7.82 27.65
N GLU F 64 -10.98 7.52 28.52
CA GLU F 64 -11.84 8.58 29.07
C GLU F 64 -11.11 9.55 30.01
N HIS F 65 -10.25 9.05 30.89
CA HIS F 65 -9.41 9.89 31.72
C HIS F 65 -8.58 10.84 30.88
N ALA F 66 -8.01 10.33 29.80
CA ALA F 66 -7.23 11.17 28.88
C ALA F 66 -8.06 12.27 28.19
N ALA F 67 -9.23 11.90 27.69
CA ALA F 67 -10.05 12.82 26.93
C ALA F 67 -10.52 13.94 27.85
N MET F 68 -10.87 13.62 29.09
CA MET F 68 -11.28 14.66 30.06
C MET F 68 -10.12 15.65 30.27
N THR F 69 -8.91 15.16 30.46
CA THR F 69 -7.77 16.04 30.71
C THR F 69 -7.36 16.83 29.47
N LEU F 70 -7.47 16.23 28.28
CA LEU F 70 -7.17 16.94 27.06
C LEU F 70 -8.14 18.10 26.87
N GLU F 71 -9.41 17.89 27.20
CA GLU F 71 -10.39 18.96 27.12
C GLU F 71 -10.04 20.09 28.09
N TRP F 72 -9.51 19.76 29.27
CA TRP F 72 -9.04 20.82 30.15
C TRP F 72 -7.89 21.61 29.46
N LEU F 73 -6.96 20.90 28.81
CA LEU F 73 -5.87 21.55 28.14
C LEU F 73 -6.37 22.46 27.06
N ARG F 74 -7.34 21.99 26.31
CA ARG F 74 -7.93 22.77 25.23
C ARG F 74 -8.57 24.08 25.74
N ARG F 75 -9.26 24.03 26.86
CA ARG F 75 -9.87 25.23 27.45
C ARG F 75 -8.89 26.19 28.07
N ASN F 76 -7.68 25.72 28.32
CA ASN F 76 -6.72 26.52 29.05
C ASN F 76 -5.45 26.86 28.29
N ASP F 77 -5.50 26.69 26.97
CA ASP F 77 -4.32 26.92 26.15
C ASP F 77 -4.79 27.20 24.74
N ALA F 78 -4.59 28.43 24.29
CA ALA F 78 -5.15 28.90 23.02
C ALA F 78 -4.61 28.10 21.86
N LYS F 79 -3.34 27.71 21.92
CA LYS F 79 -2.78 26.96 20.80
C LYS F 79 -3.21 25.49 20.76
N TRP F 80 -3.43 24.86 21.90
CA TRP F 80 -4.04 23.54 21.91
C TRP F 80 -5.40 23.65 21.27
N ALA F 81 -6.14 24.69 21.65
CA ALA F 81 -7.50 24.88 21.15
C ALA F 81 -7.48 25.03 19.62
N GLU F 82 -6.61 25.89 19.13
CA GLU F 82 -6.50 26.09 17.71
C GLU F 82 -6.13 24.78 17.00
N HIS F 83 -5.11 24.08 17.45
CA HIS F 83 -4.63 22.93 16.68
C HIS F 83 -5.59 21.73 16.81
N LEU F 84 -6.18 21.55 18.00
CA LEU F 84 -7.16 20.48 18.18
C LEU F 84 -8.38 20.76 17.30
N ARG F 85 -8.78 22.01 17.21
CA ARG F 85 -9.90 22.39 16.36
C ARG F 85 -9.62 22.08 14.88
N THR F 86 -8.39 22.27 14.44
CA THR F 86 -8.04 22.02 13.05
C THR F 86 -8.17 20.56 12.65
N TYR F 87 -7.71 19.63 13.49
CA TYR F 87 -7.56 18.24 13.07
C TYR F 87 -8.57 17.25 13.60
N LEU F 88 -9.08 17.49 14.80
CA LEU F 88 -9.95 16.49 15.41
C LEU F 88 -11.35 16.47 14.73
N PHE F 89 -11.91 15.28 14.54
CA PHE F 89 -13.24 15.04 13.98
C PHE F 89 -13.33 15.53 12.54
N THR F 90 -12.33 15.22 11.75
CA THR F 90 -12.28 15.59 10.35
C THR F 90 -12.32 14.34 9.46
N GLU F 91 -12.42 14.54 8.15
CA GLU F 91 -12.28 13.45 7.19
C GLU F 91 -11.24 13.86 6.14
N GLY F 92 -10.86 12.91 5.29
CA GLY F 92 -9.76 13.10 4.37
C GLY F 92 -8.38 13.27 4.99
N PRO F 93 -7.35 13.42 4.13
CA PRO F 93 -5.94 13.34 4.55
C PRO F 93 -5.62 14.29 5.70
N ILE F 94 -5.05 13.72 6.75
CA ILE F 94 -4.84 14.48 7.95
C ILE F 94 -3.76 15.52 7.70
N THR F 95 -2.75 15.15 6.92
CA THR F 95 -1.65 16.06 6.61
C THR F 95 -2.05 17.25 5.75
N ALA F 96 -3.29 17.27 5.28
CA ALA F 96 -3.77 18.37 4.43
C ALA F 96 -4.94 19.17 5.04
N ALA F 97 -4.97 19.28 6.37
CA ALA F 97 -6.02 20.03 7.07
C ALA F 97 -5.48 21.34 7.62
N SER G 7 11.06 11.61 46.88
CA SER G 7 10.40 10.65 45.99
C SER G 7 8.97 11.08 45.60
N THR G 8 8.56 12.27 46.02
CA THR G 8 7.26 12.78 45.68
C THR G 8 7.36 13.61 44.39
N HIS G 9 6.25 13.72 43.65
CA HIS G 9 6.24 14.52 42.43
C HIS G 9 5.89 15.99 42.67
N GLU G 10 5.26 16.25 43.81
CA GLU G 10 4.95 17.61 44.21
C GLU G 10 5.76 17.93 45.47
N PRO G 11 6.01 19.22 45.73
CA PRO G 11 6.75 19.66 46.92
C PRO G 11 6.08 19.22 48.20
N LEU G 12 6.84 18.78 49.18
CA LEU G 12 6.24 18.24 50.40
C LEU G 12 5.38 19.26 51.12
N GLU G 13 5.70 20.54 50.97
CA GLU G 13 4.98 21.54 51.73
C GLU G 13 3.56 21.77 51.23
N VAL G 14 3.20 21.32 50.02
CA VAL G 14 1.82 21.50 49.59
C VAL G 14 1.01 20.20 49.77
N LEU G 15 1.65 19.10 50.14
CA LEU G 15 0.95 17.83 50.29
C LEU G 15 0.39 17.65 51.69
N LYS G 16 -0.85 17.19 51.81
CA LYS G 16 -1.40 16.81 53.15
C LYS G 16 -0.65 15.62 53.74
N GLU G 17 -0.56 15.61 55.06
CA GLU G 17 0.15 14.54 55.74
C GLU G 17 -0.38 13.18 55.34
N GLU G 18 -1.69 13.00 55.25
CA GLU G 18 -2.16 11.69 54.94
C GLU G 18 -1.76 11.33 53.49
N THR G 19 -1.64 12.32 52.59
CA THR G 19 -1.22 12.06 51.24
C THR G 19 0.19 11.51 51.22
N VAL G 20 1.06 12.03 52.07
CA VAL G 20 2.42 11.55 52.09
C VAL G 20 2.52 10.14 52.74
N ASN G 21 1.74 9.88 53.77
CA ASN G 21 1.76 8.55 54.39
C ASN G 21 1.17 7.50 53.44
N ARG G 22 0.11 7.84 52.70
CA ARG G 22 -0.45 6.96 51.70
C ARG G 22 0.57 6.73 50.58
N HIS G 23 1.36 7.74 50.25
CA HIS G 23 2.44 7.57 49.27
C HIS G 23 3.44 6.51 49.74
N ARG G 24 3.80 6.60 51.01
CA ARG G 24 4.74 5.63 51.61
C ARG G 24 4.21 4.22 51.54
N ALA G 25 2.92 4.05 51.84
CA ALA G 25 2.26 2.76 51.81
C ALA G 25 2.11 2.25 50.42
N ILE G 26 1.69 3.12 49.51
CA ILE G 26 1.47 2.73 48.11
C ILE G 26 2.78 2.28 47.43
N VAL G 27 3.87 3.02 47.59
CA VAL G 27 5.15 2.63 46.96
C VAL G 27 5.64 1.33 47.61
N SER G 28 5.35 1.14 48.88
CA SER G 28 5.66 -0.13 49.53
C SER G 28 4.92 -1.30 48.88
N VAL G 29 3.62 -1.16 48.65
CA VAL G 29 2.84 -2.21 48.00
C VAL G 29 3.40 -2.48 46.58
N MET G 30 3.80 -1.43 45.86
CA MET G 30 4.31 -1.55 44.50
C MET G 30 5.55 -2.41 44.50
N GLU G 31 6.41 -2.11 45.47
CA GLU G 31 7.67 -2.80 45.61
C GLU G 31 7.47 -4.26 46.03
N GLU G 32 6.47 -4.53 46.85
CA GLU G 32 6.16 -5.90 47.23
C GLU G 32 5.68 -6.70 45.99
N LEU G 33 4.79 -6.08 45.22
CA LEU G 33 4.27 -6.69 44.01
C LEU G 33 5.36 -7.00 43.02
N GLU G 34 6.29 -6.08 42.87
CA GLU G 34 7.40 -6.29 41.97
C GLU G 34 8.19 -7.52 42.42
N ALA G 35 8.40 -7.61 43.73
CA ALA G 35 9.16 -8.70 44.31
C ALA G 35 8.42 -10.01 44.10
N VAL G 36 7.11 -10.00 44.22
CA VAL G 36 6.36 -11.22 43.98
C VAL G 36 6.58 -11.74 42.57
N ASP G 37 6.44 -10.84 41.60
CA ASP G 37 6.53 -11.19 40.21
C ASP G 37 7.94 -11.67 39.87
N TRP G 38 8.94 -10.94 40.35
CA TRP G 38 10.34 -11.21 40.08
C TRP G 38 10.67 -12.61 40.65
N TYR G 39 10.26 -12.81 41.91
CA TYR G 39 10.56 -14.07 42.57
C TYR G 39 9.87 -15.22 41.84
N ASP G 40 8.63 -15.00 41.41
CA ASP G 40 7.91 -16.10 40.79
C ASP G 40 8.58 -16.49 39.45
N GLN G 41 9.03 -15.50 38.69
CA GLN G 41 9.77 -15.76 37.47
C GLN G 41 11.08 -16.51 37.75
N ARG G 42 11.81 -16.11 38.80
CA ARG G 42 13.05 -16.80 39.12
C ARG G 42 12.75 -18.23 39.60
N VAL G 43 11.62 -18.43 40.29
CA VAL G 43 11.19 -19.76 40.70
C VAL G 43 11.01 -20.67 39.50
N ASP G 44 10.41 -20.19 38.42
CA ASP G 44 10.22 -20.98 37.21
C ASP G 44 11.52 -21.27 36.49
N ALA G 45 12.43 -20.29 36.45
CA ALA G 45 13.65 -20.40 35.66
C ALA G 45 14.79 -21.08 36.42
N SER G 46 14.71 -21.12 37.74
CA SER G 46 15.81 -21.66 38.52
C SER G 46 16.07 -23.14 38.20
N THR G 47 17.34 -23.49 38.08
CA THR G 47 17.68 -24.90 37.84
C THR G 47 18.37 -25.50 39.10
N ASP G 48 18.18 -24.86 40.25
CA ASP G 48 18.71 -25.36 41.52
C ASP G 48 17.58 -25.42 42.53
N PRO G 49 17.12 -26.65 42.89
CA PRO G 49 15.97 -26.73 43.80
C PRO G 49 16.22 -26.12 45.18
N GLU G 50 17.43 -26.09 45.71
CA GLU G 50 17.61 -25.45 47.02
C GLU G 50 17.40 -23.93 46.90
N LEU G 51 17.84 -23.34 45.81
CA LEU G 51 17.58 -21.92 45.62
C LEU G 51 16.06 -21.69 45.45
N THR G 52 15.44 -22.54 44.64
CA THR G 52 14.01 -22.43 44.33
C THR G 52 13.18 -22.43 45.58
N ALA G 53 13.55 -23.26 46.55
CA ALA G 53 12.84 -23.29 47.82
C ALA G 53 12.94 -21.94 48.55
N ILE G 54 14.09 -21.30 48.53
CA ILE G 54 14.25 -19.99 49.16
C ILE G 54 13.44 -18.92 48.40
N LEU G 55 13.55 -18.90 47.07
CA LEU G 55 12.82 -17.93 46.28
C LEU G 55 11.28 -18.01 46.48
N ALA G 56 10.74 -19.23 46.53
CA ALA G 56 9.31 -19.45 46.75
C ALA G 56 8.87 -19.06 48.16
N HIS G 57 9.70 -19.38 49.14
CA HIS G 57 9.46 -18.95 50.52
C HIS G 57 9.38 -17.42 50.58
N ASN G 58 10.37 -16.74 49.99
CA ASN G 58 10.43 -15.29 50.03
C ASN G 58 9.24 -14.69 49.30
N ARG G 59 8.95 -15.22 48.11
CA ARG G 59 7.84 -14.81 47.26
C ARG G 59 6.52 -14.71 48.03
N ASP G 60 6.20 -15.75 48.77
CA ASP G 60 4.93 -15.77 49.43
C ASP G 60 4.87 -14.87 50.67
N GLU G 61 6.02 -14.57 51.28
CA GLU G 61 6.01 -13.61 52.36
C GLU G 61 5.82 -12.21 51.81
N GLU G 62 6.27 -11.93 50.60
CA GLU G 62 6.02 -10.60 50.03
C GLU G 62 4.50 -10.37 49.85
N LYS G 63 3.77 -11.40 49.49
CA LYS G 63 2.32 -11.27 49.34
C LYS G 63 1.70 -10.90 50.68
N GLU G 64 2.24 -11.44 51.76
CA GLU G 64 1.76 -11.06 53.08
C GLU G 64 2.09 -9.60 53.44
N HIS G 65 3.32 -9.16 53.16
CA HIS G 65 3.71 -7.76 53.32
C HIS G 65 2.79 -6.86 52.51
N ALA G 66 2.46 -7.26 51.28
CA ALA G 66 1.52 -6.46 50.46
C ALA G 66 0.13 -6.41 51.09
N ALA G 67 -0.37 -7.55 51.54
CA ALA G 67 -1.72 -7.63 52.10
C ALA G 67 -1.86 -6.78 53.37
N MET G 68 -0.84 -6.79 54.21
CA MET G 68 -0.87 -5.99 55.43
C MET G 68 -0.98 -4.49 55.14
N THR G 69 -0.21 -4.05 54.16
CA THR G 69 -0.13 -2.65 53.79
C THR G 69 -1.41 -2.20 53.06
N LEU G 70 -1.96 -3.09 52.26
CA LEU G 70 -3.20 -2.82 51.59
C LEU G 70 -4.34 -2.66 52.59
N GLU G 71 -4.36 -3.45 53.65
CA GLU G 71 -5.39 -3.28 54.68
C GLU G 71 -5.24 -1.93 55.37
N TRP G 72 -4.01 -1.47 55.59
CA TRP G 72 -3.78 -0.12 56.15
C TRP G 72 -4.37 0.94 55.22
N LEU G 73 -4.14 0.78 53.92
CA LEU G 73 -4.69 1.70 52.94
C LEU G 73 -6.19 1.68 52.97
N ARG G 74 -6.75 0.49 53.08
CA ARG G 74 -8.18 0.29 53.13
C ARG G 74 -8.76 0.99 54.34
N ARG G 75 -8.07 0.91 55.46
CA ARG G 75 -8.55 1.59 56.63
C ARG G 75 -8.40 3.10 56.58
N ASN G 76 -7.57 3.63 55.70
CA ASN G 76 -7.25 5.04 55.77
C ASN G 76 -7.65 5.81 54.53
N ASP G 77 -8.49 5.21 53.70
CA ASP G 77 -8.87 5.84 52.43
C ASP G 77 -10.22 5.30 52.07
N ALA G 78 -11.20 6.19 51.99
CA ALA G 78 -12.60 5.79 51.84
C ALA G 78 -12.86 5.09 50.53
N LYS G 79 -12.20 5.57 49.47
CA LYS G 79 -12.47 5.00 48.18
C LYS G 79 -11.74 3.66 48.02
N TRP G 80 -10.55 3.52 48.61
CA TRP G 80 -9.97 2.17 48.65
C TRP G 80 -10.94 1.22 49.36
N ALA G 81 -11.48 1.65 50.51
CA ALA G 81 -12.39 0.79 51.27
C ALA G 81 -13.60 0.43 50.41
N GLU G 82 -14.16 1.41 49.71
CA GLU G 82 -15.34 1.14 48.92
C GLU G 82 -15.07 0.15 47.79
N HIS G 83 -14.02 0.41 47.01
CA HIS G 83 -13.79 -0.40 45.82
C HIS G 83 -13.28 -1.78 46.20
N LEU G 84 -12.48 -1.91 47.26
CA LEU G 84 -12.05 -3.23 47.68
C LEU G 84 -13.24 -4.09 48.17
N ARG G 85 -14.17 -3.46 48.85
CA ARG G 85 -15.37 -4.13 49.33
C ARG G 85 -16.21 -4.64 48.17
N THR G 86 -16.27 -3.85 47.11
CA THR G 86 -17.02 -4.23 45.93
C THR G 86 -16.50 -5.48 45.23
N TYR G 87 -15.19 -5.62 45.08
CA TYR G 87 -14.63 -6.66 44.23
C TYR G 87 -13.98 -7.85 44.95
N LEU G 88 -13.39 -7.63 46.12
CA LEU G 88 -12.65 -8.71 46.77
C LEU G 88 -13.61 -9.73 47.40
N PHE G 89 -13.24 -11.01 47.26
CA PHE G 89 -14.01 -12.15 47.79
C PHE G 89 -15.42 -12.21 47.17
N THR G 90 -15.46 -12.06 45.86
CA THR G 90 -16.72 -12.16 45.14
C THR G 90 -16.70 -13.39 44.27
N GLU G 91 -17.83 -13.64 43.64
CA GLU G 91 -17.96 -14.63 42.59
C GLU G 91 -18.56 -13.98 41.34
N GLY G 92 -18.62 -14.75 40.27
CA GLY G 92 -19.04 -14.22 38.98
C GLY G 92 -18.12 -13.18 38.38
N PRO G 93 -18.50 -12.68 37.21
CA PRO G 93 -17.66 -11.80 36.39
C PRO G 93 -17.10 -10.61 37.21
N ILE G 94 -15.80 -10.44 37.20
CA ILE G 94 -15.18 -9.43 38.06
C ILE G 94 -15.58 -8.02 37.65
N THR G 95 -15.71 -7.77 36.35
CA THR G 95 -16.09 -6.43 35.91
C THR G 95 -17.52 -5.99 36.25
N ALA G 96 -18.38 -6.92 36.66
CA ALA G 96 -19.77 -6.56 36.97
C ALA G 96 -20.15 -6.82 38.42
N ALA G 97 -19.21 -6.65 39.34
CA ALA G 97 -19.47 -6.86 40.76
C ALA G 97 -19.61 -5.52 41.47
N SER H 7 9.06 -7.62 28.83
CA SER H 7 9.17 -6.97 30.14
C SER H 7 9.34 -7.97 31.31
N THR H 8 9.57 -9.24 30.99
CA THR H 8 9.78 -10.25 32.01
C THR H 8 11.29 -10.32 32.18
N HIS H 9 11.75 -10.75 33.35
CA HIS H 9 13.19 -10.85 33.64
C HIS H 9 13.81 -12.17 33.22
N GLU H 10 12.96 -13.19 33.07
CA GLU H 10 13.43 -14.49 32.60
C GLU H 10 12.86 -14.67 31.19
N PRO H 11 13.53 -15.48 30.36
CA PRO H 11 13.03 -15.77 29.00
C PRO H 11 11.65 -16.41 29.03
N LEU H 12 10.76 -16.01 28.14
CA LEU H 12 9.41 -16.54 28.18
C LEU H 12 9.34 -18.04 28.01
N GLU H 13 10.33 -18.67 27.35
CA GLU H 13 10.19 -20.10 27.10
C GLU H 13 10.36 -20.95 28.36
N VAL H 14 10.92 -20.39 29.44
CA VAL H 14 10.98 -21.14 30.70
C VAL H 14 9.89 -20.75 31.68
N LEU H 15 9.06 -19.76 31.34
CA LEU H 15 7.97 -19.36 32.22
C LEU H 15 6.71 -20.14 31.89
N LYS H 16 6.04 -20.62 32.93
CA LYS H 16 4.74 -21.22 32.76
C LYS H 16 3.71 -20.16 32.35
N GLU H 17 2.72 -20.54 31.56
CA GLU H 17 1.71 -19.59 31.11
C GLU H 17 1.02 -18.86 32.24
N GLU H 18 0.67 -19.56 33.32
CA GLU H 18 -0.01 -18.96 34.43
C GLU H 18 0.90 -17.90 35.11
N THR H 19 2.20 -18.15 35.13
CA THR H 19 3.16 -17.22 35.70
C THR H 19 3.16 -15.93 34.91
N VAL H 20 3.12 -16.07 33.59
CA VAL H 20 3.14 -14.89 32.74
C VAL H 20 1.81 -14.13 32.84
N ASN H 21 0.68 -14.85 32.96
CA ASN H 21 -0.59 -14.15 33.15
C ASN H 21 -0.64 -13.40 34.48
N ARG H 22 -0.10 -14.02 35.52
CA ARG H 22 0.00 -13.33 36.79
C ARG H 22 0.92 -12.11 36.69
N HIS H 23 1.99 -12.22 35.88
CA HIS H 23 2.86 -11.07 35.64
C HIS H 23 2.07 -9.90 35.07
N ARG H 24 1.24 -10.19 34.09
CA ARG H 24 0.41 -9.19 33.45
C ARG H 24 -0.50 -8.51 34.44
N ALA H 25 -1.05 -9.31 35.34
CA ALA H 25 -1.94 -8.77 36.36
C ALA H 25 -1.20 -7.93 37.39
N ILE H 26 -0.06 -8.42 37.84
CA ILE H 26 0.71 -7.74 38.86
C ILE H 26 1.22 -6.40 38.37
N VAL H 27 1.81 -6.35 37.17
CA VAL H 27 2.33 -5.06 36.73
C VAL H 27 1.17 -4.10 36.48
N SER H 28 0.00 -4.60 36.11
CA SER H 28 -1.16 -3.72 36.00
C SER H 28 -1.50 -3.10 37.34
N VAL H 29 -1.54 -3.90 38.39
CA VAL H 29 -1.84 -3.35 39.71
C VAL H 29 -0.79 -2.32 40.08
N MET H 30 0.49 -2.62 39.81
CA MET H 30 1.59 -1.70 40.10
C MET H 30 1.37 -0.34 39.43
N GLU H 31 0.98 -0.34 38.17
CA GLU H 31 0.74 0.86 37.42
C GLU H 31 -0.51 1.62 37.94
N GLU H 32 -1.53 0.89 38.39
CA GLU H 32 -2.70 1.55 38.93
C GLU H 32 -2.33 2.25 40.23
N LEU H 33 -1.57 1.58 41.10
CA LEU H 33 -1.17 2.18 42.36
C LEU H 33 -0.36 3.44 42.17
N GLU H 34 0.60 3.39 41.26
CA GLU H 34 1.39 4.54 40.93
C GLU H 34 0.52 5.69 40.48
N ALA H 35 -0.45 5.40 39.62
CA ALA H 35 -1.38 6.44 39.15
C ALA H 35 -2.20 7.00 40.33
N VAL H 36 -2.64 6.12 41.23
CA VAL H 36 -3.37 6.60 42.39
C VAL H 36 -2.51 7.60 43.13
N ASP H 37 -1.27 7.22 43.38
CA ASP H 37 -0.36 8.05 44.15
C ASP H 37 -0.08 9.42 43.48
N TRP H 38 0.25 9.40 42.19
CA TRP H 38 0.58 10.63 41.47
C TRP H 38 -0.63 11.55 41.38
N TYR H 39 -1.80 10.99 41.08
CA TYR H 39 -3.00 11.80 40.99
C TYR H 39 -3.31 12.43 42.35
N ASP H 40 -3.13 11.69 43.43
CA ASP H 40 -3.46 12.27 44.74
C ASP H 40 -2.54 13.46 45.05
N GLN H 41 -1.27 13.33 44.70
CA GLN H 41 -0.32 14.43 44.87
C GLN H 41 -0.71 15.62 43.99
N ARG H 42 -1.11 15.39 42.74
CA ARG H 42 -1.50 16.48 41.86
C ARG H 42 -2.79 17.17 42.33
N VAL H 43 -3.71 16.41 42.93
CA VAL H 43 -4.92 16.95 43.51
C VAL H 43 -4.57 17.95 44.60
N ASP H 44 -3.60 17.62 45.45
CA ASP H 44 -3.23 18.52 46.55
C ASP H 44 -2.57 19.79 46.03
N ALA H 45 -1.79 19.67 44.98
CA ALA H 45 -0.95 20.75 44.51
C ALA H 45 -1.67 21.62 43.48
N SER H 46 -2.69 21.10 42.82
CA SER H 46 -3.35 21.82 41.74
C SER H 46 -3.94 23.12 42.21
N THR H 47 -3.77 24.18 41.41
CA THR H 47 -4.32 25.47 41.80
C THR H 47 -5.49 25.87 40.86
N ASP H 48 -6.01 24.90 40.09
CA ASP H 48 -7.17 25.08 39.21
C ASP H 48 -8.31 24.13 39.56
N PRO H 49 -9.47 24.68 39.90
CA PRO H 49 -10.59 23.85 40.41
C PRO H 49 -11.13 22.82 39.44
N GLU H 50 -11.17 23.17 38.16
CA GLU H 50 -11.62 22.22 37.15
C GLU H 50 -10.65 21.09 36.95
N LEU H 51 -9.34 21.38 36.99
CA LEU H 51 -8.35 20.33 36.88
C LEU H 51 -8.41 19.43 38.12
N THR H 52 -8.51 20.01 39.29
CA THR H 52 -8.58 19.25 40.53
C THR H 52 -9.73 18.23 40.52
N ALA H 53 -10.90 18.63 40.05
CA ALA H 53 -12.05 17.71 39.96
C ALA H 53 -11.75 16.55 39.01
N ILE H 54 -11.09 16.82 37.89
CA ILE H 54 -10.68 15.77 36.96
C ILE H 54 -9.65 14.82 37.56
N LEU H 55 -8.62 15.38 38.20
CA LEU H 55 -7.58 14.57 38.79
C LEU H 55 -8.18 13.65 39.84
N ALA H 56 -9.12 14.16 40.65
CA ALA H 56 -9.71 13.37 41.75
C ALA H 56 -10.61 12.29 41.24
N HIS H 57 -11.39 12.58 40.21
CA HIS H 57 -12.19 11.56 39.56
C HIS H 57 -11.35 10.38 39.00
N ASN H 58 -10.30 10.70 38.25
CA ASN H 58 -9.44 9.71 37.64
C ASN H 58 -8.78 8.92 38.76
N ARG H 59 -8.31 9.63 39.77
CA ARG H 59 -7.67 8.96 40.93
C ARG H 59 -8.47 7.80 41.48
N ASP H 60 -9.74 8.05 41.77
CA ASP H 60 -10.58 7.06 42.44
C ASP H 60 -11.03 5.95 41.49
N GLU H 61 -11.08 6.22 40.19
CA GLU H 61 -11.35 5.12 39.25
C GLU H 61 -10.12 4.21 39.15
N GLU H 62 -8.91 4.74 39.32
CA GLU H 62 -7.76 3.86 39.29
C GLU H 62 -7.82 2.84 40.43
N LYS H 63 -8.37 3.23 41.59
CA LYS H 63 -8.47 2.32 42.71
C LYS H 63 -9.39 1.18 42.40
N GLU H 64 -10.46 1.47 41.67
CA GLU H 64 -11.36 0.44 41.19
C GLU H 64 -10.64 -0.50 40.21
N HIS H 65 -9.84 0.04 39.29
CA HIS H 65 -9.02 -0.80 38.39
C HIS H 65 -8.08 -1.73 39.15
N ALA H 66 -7.44 -1.21 40.17
CA ALA H 66 -6.56 -1.99 40.97
C ALA H 66 -7.32 -3.09 41.70
N ALA H 67 -8.48 -2.76 42.28
CA ALA H 67 -9.23 -3.73 43.07
C ALA H 67 -9.69 -4.90 42.21
N MET H 68 -10.13 -4.62 40.99
CA MET H 68 -10.58 -5.67 40.10
C MET H 68 -9.47 -6.63 39.79
N THR H 69 -8.29 -6.09 39.49
CA THR H 69 -7.16 -6.91 39.09
C THR H 69 -6.65 -7.67 40.31
N LEU H 70 -6.74 -7.06 41.48
CA LEU H 70 -6.31 -7.74 42.69
CA LEU H 70 -6.37 -7.71 42.75
C LEU H 70 -7.28 -8.92 43.00
N GLU H 71 -8.56 -8.76 42.69
CA GLU H 71 -9.51 -9.85 42.87
C GLU H 71 -9.17 -10.99 41.93
N TRP H 72 -8.76 -10.66 40.70
CA TRP H 72 -8.30 -11.71 39.80
C TRP H 72 -7.09 -12.46 40.38
N LEU H 73 -6.13 -11.74 40.96
CA LEU H 73 -4.95 -12.41 41.53
C LEU H 73 -5.39 -13.35 42.64
N ARG H 74 -6.32 -12.88 43.45
CA ARG H 74 -6.84 -13.65 44.55
C ARG H 74 -7.54 -14.96 44.08
N ARG H 75 -8.33 -14.91 43.02
CA ARG H 75 -8.96 -16.11 42.50
C ARG H 75 -7.98 -17.05 41.84
N ASN H 76 -6.78 -16.57 41.49
CA ASN H 76 -5.83 -17.38 40.71
C ASN H 76 -4.50 -17.68 41.38
N ASP H 77 -4.43 -17.46 42.69
CA ASP H 77 -3.19 -17.71 43.44
C ASP H 77 -3.53 -18.01 44.92
N ALA H 78 -3.25 -19.24 45.35
CA ALA H 78 -3.68 -19.72 46.68
C ALA H 78 -3.10 -18.85 47.79
N LYS H 79 -1.87 -18.43 47.61
CA LYS H 79 -1.23 -17.61 48.62
C LYS H 79 -1.70 -16.16 48.64
N TRP H 80 -2.02 -15.56 47.49
CA TRP H 80 -2.73 -14.27 47.49
C TRP H 80 -4.05 -14.45 48.22
N ALA H 81 -4.77 -15.55 47.93
CA ALA H 81 -6.06 -15.80 48.58
C ALA H 81 -5.87 -15.91 50.08
N GLU H 82 -4.89 -16.68 50.51
CA GLU H 82 -4.72 -16.88 51.94
C GLU H 82 -4.42 -15.58 52.65
N HIS H 83 -3.43 -14.83 52.16
CA HIS H 83 -2.98 -13.65 52.89
C HIS H 83 -3.95 -12.47 52.81
N LEU H 84 -4.63 -12.33 51.69
CA LEU H 84 -5.65 -11.29 51.59
C LEU H 84 -6.80 -11.57 52.56
N ARG H 85 -7.17 -12.84 52.70
CA ARG H 85 -8.21 -13.27 53.63
C ARG H 85 -7.78 -13.03 55.07
N THR H 86 -6.53 -13.25 55.39
CA THR H 86 -6.06 -12.98 56.74
C THR H 86 -6.17 -11.52 57.14
N TYR H 87 -5.79 -10.60 56.25
CA TYR H 87 -5.68 -9.21 56.66
C TYR H 87 -6.81 -8.26 56.22
N LEU H 88 -7.43 -8.45 55.06
CA LEU H 88 -8.41 -7.48 54.57
CA LEU H 88 -8.39 -7.47 54.58
C LEU H 88 -9.68 -7.48 55.40
N PHE H 89 -10.22 -6.29 55.64
CA PHE H 89 -11.50 -6.13 56.36
C PHE H 89 -11.42 -6.67 57.79
N THR H 90 -10.36 -6.34 58.50
CA THR H 90 -10.20 -6.78 59.87
C THR H 90 -10.24 -5.60 60.81
N GLU H 91 -10.20 -5.90 62.10
CA GLU H 91 -10.00 -4.87 63.11
C GLU H 91 -8.86 -5.27 64.01
N GLY H 92 -8.53 -4.36 64.91
CA GLY H 92 -7.33 -4.49 65.72
C GLY H 92 -6.04 -4.40 64.93
N PRO H 93 -4.91 -4.45 65.64
CA PRO H 93 -3.59 -4.17 65.08
C PRO H 93 -3.27 -5.07 63.88
N ILE H 94 -2.89 -4.46 62.77
CA ILE H 94 -2.70 -5.23 61.56
C ILE H 94 -1.56 -6.25 61.71
N THR H 95 -0.50 -5.89 62.41
CA THR H 95 0.63 -6.80 62.62
C THR H 95 0.36 -7.97 63.57
N ALA H 96 -0.81 -8.00 64.20
CA ALA H 96 -1.16 -9.10 65.12
C ALA H 96 -2.40 -9.91 64.63
N ALA H 97 -2.53 -10.13 63.33
CA ALA H 97 -3.66 -10.91 62.78
C ALA H 97 -3.25 -12.32 62.36
N SER I 7 17.56 -10.59 31.90
CA SER I 7 18.17 -9.66 32.86
C SER I 7 19.70 -9.84 33.03
N THR I 8 20.32 -10.65 32.17
CA THR I 8 21.76 -10.85 32.19
C THR I 8 22.43 -9.88 31.21
N HIS I 9 23.71 -9.56 31.45
CA HIS I 9 24.46 -8.65 30.60
C HIS I 9 25.13 -9.35 29.43
N GLU I 10 25.33 -10.65 29.59
CA GLU I 10 25.87 -11.48 28.52
C GLU I 10 24.77 -12.41 28.07
N PRO I 11 24.83 -12.85 26.80
CA PRO I 11 23.83 -13.80 26.29
C PRO I 11 23.79 -15.14 27.06
N LEU I 12 22.60 -15.65 27.31
CA LEU I 12 22.46 -16.87 28.12
C LEU I 12 23.24 -18.05 27.58
N GLU I 13 23.43 -18.15 26.26
CA GLU I 13 24.08 -19.35 25.74
C GLU I 13 25.57 -19.40 25.99
N VAL I 14 26.18 -18.27 26.38
CA VAL I 14 27.60 -18.32 26.76
C VAL I 14 27.77 -18.39 28.29
N LEU I 15 26.70 -18.30 29.08
CA LEU I 15 26.82 -18.39 30.54
C LEU I 15 26.61 -19.82 31.05
N LYS I 16 27.43 -20.24 32.02
CA LYS I 16 27.17 -21.48 32.71
C LYS I 16 25.88 -21.42 33.51
N GLU I 17 25.25 -22.57 33.64
CA GLU I 17 24.08 -22.71 34.47
C GLU I 17 24.30 -22.17 35.89
N GLU I 18 25.46 -22.46 36.46
CA GLU I 18 25.74 -22.06 37.83
C GLU I 18 25.87 -20.53 37.89
N THR I 19 26.44 -19.92 36.85
CA THR I 19 26.56 -18.47 36.82
C THR I 19 25.17 -17.80 36.83
N VAL I 20 24.25 -18.37 36.07
CA VAL I 20 22.93 -17.77 35.98
C VAL I 20 22.16 -17.98 37.29
N ASN I 21 22.32 -19.11 37.95
CA ASN I 21 21.64 -19.28 39.25
C ASN I 21 22.24 -18.35 40.31
N ARG I 22 23.55 -18.18 40.31
CA ARG I 22 24.16 -17.21 41.22
C ARG I 22 23.66 -15.80 40.89
N HIS I 23 23.44 -15.52 39.61
CA HIS I 23 22.85 -14.25 39.23
C HIS I 23 21.45 -14.08 39.85
N ARG I 24 20.63 -15.12 39.83
CA ARG I 24 19.31 -15.04 40.42
C ARG I 24 19.36 -14.77 41.93
N ALA I 25 20.29 -15.39 42.63
CA ALA I 25 20.40 -15.17 44.08
C ALA I 25 20.92 -13.77 44.37
N ILE I 26 21.94 -13.34 43.63
CA ILE I 26 22.56 -12.06 43.88
C ILE I 26 21.56 -10.91 43.67
N VAL I 27 20.83 -10.91 42.55
CA VAL I 27 19.88 -9.82 42.32
C VAL I 27 18.76 -9.88 43.35
N SER I 28 18.40 -11.08 43.79
CA SER I 28 17.48 -11.23 44.92
C SER I 28 18.02 -10.57 46.18
N VAL I 29 19.29 -10.83 46.53
CA VAL I 29 19.86 -10.20 47.72
C VAL I 29 19.86 -8.67 47.55
N MET I 30 20.22 -8.19 46.36
CA MET I 30 20.27 -6.76 46.07
C MET I 30 18.94 -6.10 46.31
N GLU I 31 17.89 -6.75 45.83
CA GLU I 31 16.54 -6.24 45.99
C GLU I 31 16.09 -6.29 47.44
N GLU I 32 16.51 -7.32 48.17
CA GLU I 32 16.19 -7.37 49.58
C GLU I 32 16.87 -6.21 50.30
N LEU I 33 18.15 -5.99 49.99
CA LEU I 33 18.89 -4.89 50.61
C LEU I 33 18.23 -3.55 50.32
N GLU I 34 17.85 -3.32 49.07
CA GLU I 34 17.16 -2.10 48.73
C GLU I 34 15.87 -1.94 49.53
N ALA I 35 15.10 -3.03 49.70
CA ALA I 35 13.86 -2.95 50.46
C ALA I 35 14.13 -2.60 51.93
N VAL I 36 15.18 -3.19 52.52
CA VAL I 36 15.53 -2.91 53.92
C VAL I 36 15.80 -1.44 54.04
N ASP I 37 16.61 -0.91 53.14
CA ASP I 37 16.96 0.51 53.23
C ASP I 37 15.73 1.43 53.08
N TRP I 38 14.91 1.18 52.07
CA TRP I 38 13.75 2.04 51.80
C TRP I 38 12.76 1.96 52.94
N TYR I 39 12.45 0.76 53.42
CA TYR I 39 11.55 0.63 54.55
C TYR I 39 12.12 1.33 55.77
N ASP I 40 13.43 1.24 55.99
CA ASP I 40 13.98 1.88 57.17
C ASP I 40 13.86 3.40 57.12
N GLN I 41 14.11 3.95 55.94
CA GLN I 41 13.88 5.37 55.74
C GLN I 41 12.41 5.75 55.95
N ARG I 42 11.48 4.93 55.47
CA ARG I 42 10.05 5.23 55.63
C ARG I 42 9.64 5.13 57.08
N VAL I 43 10.24 4.23 57.85
CA VAL I 43 9.94 4.12 59.28
C VAL I 43 10.30 5.42 60.00
N ASP I 44 11.43 5.99 59.67
CA ASP I 44 11.86 7.25 60.25
C ASP I 44 10.94 8.42 59.91
N ALA I 45 10.40 8.45 58.69
CA ALA I 45 9.66 9.60 58.18
C ALA I 45 8.16 9.50 58.43
N SER I 46 7.69 8.29 58.63
CA SER I 46 6.27 8.06 58.74
C SER I 46 5.72 8.85 59.95
N THR I 47 4.54 9.43 59.78
CA THR I 47 3.87 10.10 60.87
C THR I 47 2.60 9.41 61.22
N ASP I 48 2.48 8.15 60.79
CA ASP I 48 1.33 7.35 61.16
C ASP I 48 1.82 6.09 61.85
N PRO I 49 1.61 6.01 63.18
CA PRO I 49 2.22 4.88 63.90
C PRO I 49 1.75 3.51 63.49
N GLU I 50 0.50 3.40 63.08
CA GLU I 50 0.00 2.11 62.64
C GLU I 50 0.71 1.73 61.33
N LEU I 51 0.96 2.67 60.42
CA LEU I 51 1.72 2.37 59.23
C LEU I 51 3.16 2.02 59.60
N THR I 52 3.75 2.77 60.51
CA THR I 52 5.12 2.52 60.93
C THR I 52 5.37 1.10 61.39
N ALA I 53 4.44 0.54 62.16
CA ALA I 53 4.59 -0.82 62.66
C ALA I 53 4.60 -1.85 61.52
N ILE I 54 3.80 -1.63 60.47
CA ILE I 54 3.83 -2.52 59.32
C ILE I 54 5.18 -2.39 58.58
N LEU I 55 5.62 -1.15 58.34
CA LEU I 55 6.87 -0.91 57.62
C LEU I 55 8.03 -1.56 58.35
N ALA I 56 8.04 -1.46 59.68
CA ALA I 56 9.13 -2.02 60.46
C ALA I 56 9.09 -3.54 60.46
N HIS I 57 7.89 -4.09 60.55
CA HIS I 57 7.74 -5.54 60.46
C HIS I 57 8.28 -6.08 59.12
N ASN I 58 7.87 -5.44 58.04
CA ASN I 58 8.30 -5.88 56.73
C ASN I 58 9.80 -5.72 56.58
N ARG I 59 10.32 -4.57 57.01
CA ARG I 59 11.76 -4.29 56.96
C ARG I 59 12.59 -5.44 57.50
N ASP I 60 12.22 -5.90 58.69
CA ASP I 60 13.05 -6.86 59.37
C ASP I 60 12.89 -8.23 58.75
N GLU I 61 11.73 -8.52 58.17
CA GLU I 61 11.59 -9.80 57.46
C GLU I 61 12.42 -9.82 56.18
N GLU I 62 12.62 -8.68 55.53
CA GLU I 62 13.50 -8.63 54.35
C GLU I 62 14.94 -9.03 54.73
N LYS I 63 15.39 -8.68 55.94
CA LYS I 63 16.74 -9.06 56.37
C LYS I 63 16.86 -10.57 56.43
N GLU I 64 15.79 -11.23 56.86
CA GLU I 64 15.76 -12.68 56.88
C GLU I 64 15.79 -13.25 55.45
N HIS I 65 15.02 -12.67 54.53
CA HIS I 65 15.09 -13.09 53.12
C HIS I 65 16.48 -12.99 52.51
N ALA I 66 17.16 -11.87 52.82
CA ALA I 66 18.51 -11.63 52.39
C ALA I 66 19.48 -12.67 52.96
N ALA I 67 19.34 -12.93 54.26
CA ALA I 67 20.25 -13.80 54.95
C ALA I 67 20.15 -15.24 54.42
N MET I 68 18.94 -15.71 54.13
CA MET I 68 18.76 -17.05 53.57
C MET I 68 19.43 -17.17 52.23
N THR I 69 19.23 -16.15 51.41
CA THR I 69 19.75 -16.16 50.06
C THR I 69 21.24 -16.01 50.10
N LEU I 70 21.73 -15.20 51.02
CA LEU I 70 23.14 -15.05 51.15
C LEU I 70 23.79 -16.39 51.56
N GLU I 71 23.14 -17.11 52.48
CA GLU I 71 23.69 -18.39 52.88
C GLU I 71 23.72 -19.34 51.67
N TRP I 72 22.71 -19.28 50.80
CA TRP I 72 22.76 -20.10 49.61
C TRP I 72 23.98 -19.77 48.77
N LEU I 73 24.28 -18.47 48.60
CA LEU I 73 25.44 -18.05 47.82
C LEU I 73 26.71 -18.59 48.44
N ARG I 74 26.79 -18.50 49.77
CA ARG I 74 27.99 -18.97 50.49
C ARG I 74 28.22 -20.44 50.21
N ARG I 75 27.16 -21.22 50.19
CA ARG I 75 27.28 -22.66 49.93
C ARG I 75 27.60 -23.01 48.49
N ASN I 76 27.47 -22.05 47.57
CA ASN I 76 27.64 -22.31 46.15
C ASN I 76 28.73 -21.51 45.48
N ASP I 77 29.64 -20.96 46.27
CA ASP I 77 30.70 -20.14 45.72
C ASP I 77 31.85 -20.11 46.69
N ALA I 78 32.99 -20.64 46.28
CA ALA I 78 34.13 -20.83 47.18
C ALA I 78 34.67 -19.52 47.76
N LYS I 79 34.66 -18.44 46.98
CA LYS I 79 35.19 -17.17 47.48
C LYS I 79 34.18 -16.44 48.38
N TRP I 80 32.90 -16.58 48.13
CA TRP I 80 31.94 -16.09 49.08
C TRP I 80 32.17 -16.78 50.43
N ALA I 81 32.31 -18.10 50.45
CA ALA I 81 32.51 -18.81 51.71
C ALA I 81 33.79 -18.34 52.41
N GLU I 82 34.89 -18.25 51.68
CA GLU I 82 36.15 -17.83 52.25
C GLU I 82 36.08 -16.40 52.83
N HIS I 83 35.61 -15.44 52.03
CA HIS I 83 35.60 -14.05 52.50
C HIS I 83 34.53 -13.81 53.59
N LEU I 84 33.35 -14.44 53.50
CA LEU I 84 32.38 -14.28 54.57
C LEU I 84 32.91 -14.85 55.90
N ARG I 85 33.60 -15.96 55.83
CA ARG I 85 34.18 -16.59 57.01
C ARG I 85 35.23 -15.65 57.60
N THR I 86 36.02 -14.99 56.76
CA THR I 86 37.01 -14.07 57.29
C THR I 86 36.42 -12.91 58.12
N TYR I 87 35.30 -12.33 57.69
CA TYR I 87 34.84 -11.11 58.29
C TYR I 87 33.61 -11.19 59.21
N LEU I 88 32.67 -12.11 58.93
CA LEU I 88 31.43 -12.11 59.71
C LEU I 88 31.64 -12.71 61.12
N PHE I 89 31.04 -12.06 62.11
CA PHE I 89 31.09 -12.50 63.51
C PHE I 89 32.52 -12.53 64.02
N THR I 90 33.27 -11.47 63.73
CA THR I 90 34.65 -11.29 64.16
C THR I 90 34.73 -10.19 65.22
N GLU I 91 35.92 -9.98 65.79
CA GLU I 91 36.13 -8.82 66.68
C GLU I 91 37.29 -8.01 66.16
N GLY I 92 37.52 -6.88 66.82
CA GLY I 92 38.53 -5.95 66.37
C GLY I 92 38.26 -5.37 64.99
N PRO I 93 39.14 -4.48 64.53
CA PRO I 93 38.93 -3.68 63.32
C PRO I 93 38.57 -4.55 62.12
N ILE I 94 37.50 -4.18 61.43
CA ILE I 94 37.02 -5.02 60.36
C ILE I 94 38.04 -5.10 59.26
N THR I 95 38.75 -4.01 59.01
CA THR I 95 39.75 -4.02 57.95
C THR I 95 40.92 -5.00 58.19
N ALA I 96 41.46 -5.00 59.41
CA ALA I 96 42.61 -5.86 59.76
C ALA I 96 42.31 -7.32 60.23
N ALA I 97 41.30 -7.98 59.65
CA ALA I 97 40.90 -9.33 60.11
C ALA I 97 41.37 -10.49 59.19
N SER J 7 20.71 10.65 47.16
CA SER J 7 20.47 9.21 47.00
C SER J 7 19.36 8.65 47.91
N THR J 8 18.93 9.40 48.93
CA THR J 8 17.90 8.89 49.85
C THR J 8 16.48 9.19 49.37
N HIS J 9 15.50 8.41 49.80
CA HIS J 9 14.11 8.58 49.40
C HIS J 9 13.29 9.53 50.23
N GLU J 10 13.72 9.74 51.47
CA GLU J 10 13.08 10.67 52.36
C GLU J 10 14.05 11.82 52.56
N PRO J 11 13.54 13.01 52.91
CA PRO J 11 14.42 14.15 53.20
C PRO J 11 15.38 13.84 54.35
N LEU J 12 16.64 14.27 54.21
CA LEU J 12 17.67 13.95 55.21
C LEU J 12 17.33 14.47 56.58
N GLU J 13 16.63 15.60 56.67
CA GLU J 13 16.41 16.19 57.97
C GLU J 13 15.42 15.38 58.81
N VAL J 14 14.70 14.43 58.21
CA VAL J 14 13.82 13.57 59.01
C VAL J 14 14.49 12.20 59.27
N LEU J 15 15.65 11.96 58.66
CA LEU J 15 16.34 10.68 58.89
C LEU J 15 17.33 10.78 60.06
N LYS J 16 17.28 9.79 60.94
CA LYS J 16 18.25 9.65 62.02
C LYS J 16 19.62 9.38 61.40
N GLU J 17 20.66 9.88 62.04
CA GLU J 17 22.03 9.73 61.60
C GLU J 17 22.40 8.25 61.36
N GLU J 18 21.95 7.36 62.24
CA GLU J 18 22.28 5.96 62.10
C GLU J 18 21.59 5.34 60.88
N THR J 19 20.39 5.81 60.57
CA THR J 19 19.69 5.30 59.39
C THR J 19 20.50 5.65 58.17
N VAL J 20 21.07 6.86 58.17
CA VAL J 20 21.78 7.33 56.99
C VAL J 20 23.10 6.61 56.85
N ASN J 21 23.77 6.32 57.95
CA ASN J 21 24.99 5.54 57.86
C ASN J 21 24.71 4.10 57.39
N ARG J 22 23.65 3.49 57.88
CA ARG J 22 23.29 2.18 57.42
C ARG J 22 22.95 2.24 55.94
N HIS J 23 22.33 3.34 55.48
CA HIS J 23 22.03 3.50 54.05
C HIS J 23 23.33 3.44 53.24
N ARG J 24 24.38 4.14 53.70
CA ARG J 24 25.66 4.13 53.01
C ARG J 24 26.27 2.72 52.86
N ALA J 25 26.18 1.93 53.92
CA ALA J 25 26.68 0.56 53.96
C ALA J 25 25.82 -0.34 53.06
N ILE J 26 24.50 -0.20 53.15
CA ILE J 26 23.60 -1.05 52.38
C ILE J 26 23.81 -0.85 50.89
N VAL J 27 23.92 0.40 50.48
CA VAL J 27 24.11 0.72 49.07
C VAL J 27 25.49 0.26 48.59
N SER J 28 26.49 0.30 49.47
CA SER J 28 27.82 -0.23 49.15
C SER J 28 27.75 -1.73 48.88
N VAL J 29 27.05 -2.47 49.73
CA VAL J 29 26.93 -3.90 49.53
C VAL J 29 26.20 -4.18 48.20
N MET J 30 25.13 -3.44 47.93
CA MET J 30 24.37 -3.64 46.70
C MET J 30 25.26 -3.50 45.48
N GLU J 31 26.09 -2.48 45.50
CA GLU J 31 26.96 -2.18 44.38
C GLU J 31 28.05 -3.21 44.25
N GLU J 32 28.56 -3.68 45.39
CA GLU J 32 29.52 -4.79 45.38
C GLU J 32 28.89 -6.08 44.80
N LEU J 33 27.67 -6.41 45.21
CA LEU J 33 26.98 -7.59 44.70
C LEU J 33 26.80 -7.50 43.19
N GLU J 34 26.41 -6.31 42.74
CA GLU J 34 26.19 -6.05 41.32
C GLU J 34 27.50 -6.31 40.55
N ALA J 35 28.61 -5.84 41.11
CA ALA J 35 29.90 -6.00 40.46
C ALA J 35 30.33 -7.46 40.38
N VAL J 36 30.04 -8.23 41.43
CA VAL J 36 30.32 -9.65 41.46
C VAL J 36 29.58 -10.33 40.33
N ASP J 37 28.29 -10.06 40.22
CA ASP J 37 27.49 -10.69 39.19
C ASP J 37 27.98 -10.31 37.79
N TRP J 38 28.16 -9.03 37.53
CA TRP J 38 28.57 -8.61 36.18
C TRP J 38 29.95 -9.17 35.83
N TYR J 39 30.90 -9.12 36.77
CA TYR J 39 32.22 -9.68 36.47
C TYR J 39 32.15 -11.16 36.17
N ASP J 40 31.32 -11.87 36.91
CA ASP J 40 31.22 -13.30 36.73
C ASP J 40 30.63 -13.62 35.35
N GLN J 41 29.68 -12.83 34.90
CA GLN J 41 29.15 -12.99 33.57
C GLN J 41 30.22 -12.73 32.51
N ARG J 42 31.03 -11.68 32.70
CA ARG J 42 32.08 -11.34 31.76
C ARG J 42 33.17 -12.42 31.74
N VAL J 43 33.45 -13.02 32.88
CA VAL J 43 34.42 -14.11 32.97
C VAL J 43 34.01 -15.28 32.08
N ASP J 44 32.72 -15.61 32.12
CA ASP J 44 32.15 -16.68 31.30
C ASP J 44 32.16 -16.40 29.81
N ALA J 45 31.91 -15.15 29.44
CA ALA J 45 31.73 -14.77 28.04
C ALA J 45 33.05 -14.33 27.39
N SER J 46 34.02 -13.91 28.20
CA SER J 46 35.26 -13.40 27.67
C SER J 46 35.98 -14.42 26.82
N THR J 47 36.56 -13.99 25.72
CA THR J 47 37.35 -14.88 24.86
C THR J 47 38.84 -14.47 24.85
N ASP J 48 39.26 -13.71 25.85
CA ASP J 48 40.67 -13.36 25.99
C ASP J 48 41.13 -13.77 27.38
N PRO J 49 42.02 -14.77 27.50
CA PRO J 49 42.42 -15.28 28.82
C PRO J 49 43.11 -14.26 29.73
N GLU J 50 43.86 -13.31 29.18
CA GLU J 50 44.47 -12.28 30.02
C GLU J 50 43.37 -11.41 30.65
N LEU J 51 42.35 -11.08 29.88
CA LEU J 51 41.27 -10.28 30.42
C LEU J 51 40.50 -11.09 31.45
N THR J 52 40.21 -12.34 31.14
CA THR J 52 39.48 -13.21 32.04
C THR J 52 40.12 -13.30 33.41
N ALA J 53 41.44 -13.39 33.45
CA ALA J 53 42.14 -13.47 34.73
C ALA J 53 42.00 -12.17 35.54
N ILE J 54 41.99 -11.02 34.87
CA ILE J 54 41.81 -9.77 35.57
C ILE J 54 40.39 -9.68 36.14
N LEU J 55 39.39 -9.99 35.29
CA LEU J 55 37.98 -9.94 35.69
C LEU J 55 37.68 -10.84 36.90
N ALA J 56 38.29 -12.03 36.91
CA ALA J 56 38.09 -13.01 37.97
C ALA J 56 38.72 -12.55 39.28
N HIS J 57 39.92 -12.00 39.18
CA HIS J 57 40.59 -11.40 40.31
C HIS J 57 39.76 -10.28 40.94
N ASN J 58 39.26 -9.37 40.11
CA ASN J 58 38.50 -8.21 40.62
C ASN J 58 37.22 -8.73 41.27
N ARG J 59 36.56 -9.66 40.58
CA ARG J 59 35.33 -10.29 41.05
C ARG J 59 35.43 -10.77 42.50
N ASP J 60 36.51 -11.48 42.76
CA ASP J 60 36.66 -12.13 44.05
C ASP J 60 37.03 -11.08 45.11
N GLU J 61 37.69 -10.00 44.71
CA GLU J 61 37.93 -8.94 45.67
C GLU J 61 36.64 -8.19 46.02
N GLU J 62 35.69 -8.10 45.08
CA GLU J 62 34.42 -7.44 45.40
C GLU J 62 33.72 -8.20 46.53
N LYS J 63 33.86 -9.53 46.54
CA LYS J 63 33.24 -10.36 47.58
C LYS J 63 33.79 -10.01 48.96
N GLU J 64 35.09 -9.73 49.02
CA GLU J 64 35.70 -9.31 50.26
C GLU J 64 35.16 -7.92 50.67
N HIS J 65 35.06 -7.01 49.71
CA HIS J 65 34.49 -5.68 50.02
C HIS J 65 33.09 -5.81 50.58
N ALA J 66 32.29 -6.71 50.01
CA ALA J 66 30.93 -6.93 50.49
C ALA J 66 30.90 -7.54 51.90
N ALA J 67 31.73 -8.54 52.13
CA ALA J 67 31.77 -9.23 53.44
C ALA J 67 32.17 -8.26 54.57
N MET J 68 33.16 -7.40 54.32
CA MET J 68 33.57 -6.37 55.29
C MET J 68 32.42 -5.42 55.61
N THR J 69 31.69 -4.98 54.60
CA THR J 69 30.61 -4.05 54.84
C THR J 69 29.41 -4.71 55.49
N LEU J 70 29.13 -5.94 55.07
CA LEU J 70 28.11 -6.73 55.71
CA LEU J 70 28.12 -6.77 55.70
C LEU J 70 28.45 -6.96 57.18
N GLU J 71 29.73 -7.15 57.51
CA GLU J 71 30.08 -7.27 58.94
C GLU J 71 29.80 -5.95 59.69
N TRP J 72 30.05 -4.80 59.07
CA TRP J 72 29.73 -3.54 59.74
C TRP J 72 28.23 -3.49 60.04
N LEU J 73 27.39 -3.89 59.08
CA LEU J 73 25.96 -3.91 59.29
C LEU J 73 25.57 -4.87 60.41
N ARG J 74 26.20 -6.03 60.45
CA ARG J 74 25.92 -7.03 61.49
C ARG J 74 26.13 -6.37 62.87
N ARG J 75 27.25 -5.69 63.02
CA ARG J 75 27.59 -5.03 64.28
C ARG J 75 26.76 -3.79 64.63
N ASN J 76 26.03 -3.23 63.66
CA ASN J 76 25.31 -1.97 63.88
C ASN J 76 23.82 -2.07 63.65
N ASP J 77 23.30 -3.29 63.62
CA ASP J 77 21.88 -3.48 63.41
C ASP J 77 21.45 -4.82 64.00
N ALA J 78 20.58 -4.76 65.02
CA ALA J 78 20.25 -5.93 65.82
C ALA J 78 19.60 -7.01 64.97
N LYS J 79 18.75 -6.62 64.02
CA LYS J 79 18.04 -7.62 63.25
C LYS J 79 18.91 -8.25 62.18
N TRP J 80 19.82 -7.49 61.59
CA TRP J 80 20.78 -8.13 60.70
C TRP J 80 21.56 -9.18 61.49
N ALA J 81 21.99 -8.82 62.70
CA ALA J 81 22.79 -9.73 63.51
C ALA J 81 21.99 -10.97 63.82
N GLU J 82 20.74 -10.81 64.21
CA GLU J 82 19.92 -11.97 64.53
C GLU J 82 19.74 -12.89 63.29
N HIS J 83 19.36 -12.31 62.16
CA HIS J 83 19.02 -13.13 61.01
C HIS J 83 20.26 -13.70 60.33
N LEU J 84 21.36 -12.97 60.30
CA LEU J 84 22.60 -13.54 59.76
C LEU J 84 23.07 -14.69 60.66
N ARG J 85 22.87 -14.54 61.95
CA ARG J 85 23.32 -15.60 62.85
C ARG J 85 22.52 -16.88 62.64
N THR J 86 21.23 -16.75 62.38
CA THR J 86 20.37 -17.90 62.15
C THR J 86 20.81 -18.72 60.93
N TYR J 87 21.22 -18.08 59.85
CA TYR J 87 21.42 -18.81 58.58
C TYR J 87 22.87 -18.95 58.09
N LEU J 88 23.75 -17.97 58.32
CA LEU J 88 25.11 -18.07 57.84
CA LEU J 88 25.11 -18.07 57.85
C LEU J 88 25.88 -19.16 58.57
N PHE J 89 26.71 -19.87 57.81
CA PHE J 89 27.56 -20.93 58.35
C PHE J 89 26.78 -22.09 58.98
N THR J 90 25.72 -22.52 58.30
CA THR J 90 24.92 -23.67 58.71
C THR J 90 25.09 -24.76 57.66
N GLU J 91 24.53 -25.94 57.92
CA GLU J 91 24.65 -27.04 56.97
C GLU J 91 23.33 -27.64 56.55
N GLY J 92 22.29 -27.54 57.38
CA GLY J 92 21.05 -28.20 57.03
C GLY J 92 20.28 -27.38 56.01
N PRO J 93 19.13 -27.88 55.56
CA PRO J 93 18.26 -27.21 54.57
C PRO J 93 17.95 -25.76 55.04
N ILE J 94 18.16 -24.79 54.17
CA ILE J 94 18.09 -23.39 54.57
C ILE J 94 16.72 -22.93 55.01
N THR J 95 15.69 -23.36 54.33
CA THR J 95 14.35 -22.94 54.68
C THR J 95 13.85 -23.49 56.03
N ALA J 96 14.62 -24.40 56.66
CA ALA J 96 14.22 -24.98 57.94
C ALA J 96 15.20 -24.68 59.11
N ALA J 97 15.89 -23.52 59.07
CA ALA J 97 16.79 -23.12 60.17
C ALA J 97 16.17 -22.00 61.00
N SER K 7 -46.46 -12.29 2.59
CA SER K 7 -45.25 -11.94 3.33
C SER K 7 -45.43 -11.96 4.86
N THR K 8 -46.53 -12.49 5.37
CA THR K 8 -46.74 -12.56 6.82
C THR K 8 -46.24 -13.90 7.34
N HIS K 9 -45.89 -13.96 8.62
CA HIS K 9 -45.42 -15.18 9.27
C HIS K 9 -46.53 -16.03 9.83
N GLU K 10 -47.67 -15.40 10.08
CA GLU K 10 -48.83 -16.12 10.53
C GLU K 10 -49.82 -16.14 9.38
N PRO K 11 -50.68 -17.16 9.31
CA PRO K 11 -51.70 -17.20 8.24
C PRO K 11 -52.65 -16.02 8.32
N LEU K 12 -53.01 -15.47 7.18
CA LEU K 12 -53.83 -14.28 7.13
C LEU K 12 -55.18 -14.48 7.82
N GLU K 13 -55.67 -15.72 7.89
CA GLU K 13 -57.01 -15.93 8.45
C GLU K 13 -57.06 -15.74 9.98
N VAL K 14 -55.92 -15.75 10.67
CA VAL K 14 -55.91 -15.46 12.11
C VAL K 14 -55.43 -14.06 12.47
N LEU K 15 -55.04 -13.28 11.45
CA LEU K 15 -54.59 -11.92 11.66
C LEU K 15 -55.73 -10.96 11.52
N LYS K 16 -55.82 -10.05 12.48
CA LYS K 16 -56.77 -8.94 12.40
C LYS K 16 -56.37 -8.00 11.27
N GLU K 17 -57.39 -7.41 10.67
CA GLU K 17 -57.22 -6.47 9.57
C GLU K 17 -56.26 -5.35 9.90
N GLU K 18 -56.38 -4.80 11.09
CA GLU K 18 -55.55 -3.71 11.50
C GLU K 18 -54.07 -4.16 11.66
N THR K 19 -53.89 -5.39 12.10
CA THR K 19 -52.56 -5.96 12.24
C THR K 19 -51.91 -6.04 10.87
N VAL K 20 -52.69 -6.43 9.86
CA VAL K 20 -52.12 -6.55 8.52
C VAL K 20 -51.81 -5.19 7.89
N ASN K 21 -52.63 -4.17 8.10
CA ASN K 21 -52.28 -2.84 7.57
C ASN K 21 -51.05 -2.27 8.26
N ARG K 22 -50.94 -2.48 9.57
CA ARG K 22 -49.73 -2.02 10.27
C ARG K 22 -48.48 -2.76 9.72
N HIS K 23 -48.61 -4.06 9.39
CA HIS K 23 -47.52 -4.81 8.77
C HIS K 23 -47.08 -4.17 7.47
N ARG K 24 -48.05 -3.75 6.66
CA ARG K 24 -47.73 -3.10 5.38
C ARG K 24 -46.94 -1.82 5.57
N ALA K 25 -47.32 -1.05 6.57
CA ALA K 25 -46.67 0.19 6.90
C ALA K 25 -45.27 -0.08 7.50
N ILE K 26 -45.20 -1.07 8.39
CA ILE K 26 -43.94 -1.37 9.02
C ILE K 26 -42.90 -1.85 8.00
N VAL K 27 -43.27 -2.75 7.10
CA VAL K 27 -42.31 -3.26 6.13
CA VAL K 27 -42.30 -3.26 6.15
C VAL K 27 -41.92 -2.13 5.17
N SER K 28 -42.84 -1.20 4.91
CA SER K 28 -42.49 -0.03 4.09
C SER K 28 -41.43 0.83 4.75
N VAL K 29 -41.59 1.16 6.03
CA VAL K 29 -40.58 1.93 6.73
C VAL K 29 -39.22 1.19 6.73
N MET K 30 -39.24 -0.12 6.93
CA MET K 30 -38.02 -0.96 6.92
C MET K 30 -37.29 -0.85 5.58
N GLU K 31 -38.06 -0.91 4.52
CA GLU K 31 -37.52 -0.81 3.18
C GLU K 31 -36.99 0.60 2.89
N GLU K 32 -37.66 1.61 3.44
CA GLU K 32 -37.17 2.97 3.26
C GLU K 32 -35.85 3.18 3.99
N LEU K 33 -35.77 2.67 5.21
CA LEU K 33 -34.56 2.79 6.00
C LEU K 33 -33.40 2.11 5.31
N GLU K 34 -33.67 0.92 4.79
CA GLU K 34 -32.66 0.19 4.08
C GLU K 34 -32.16 1.02 2.88
N ALA K 35 -33.08 1.67 2.16
CA ALA K 35 -32.65 2.48 1.02
C ALA K 35 -31.83 3.70 1.46
N VAL K 36 -32.20 4.32 2.57
CA VAL K 36 -31.45 5.46 3.08
C VAL K 36 -30.00 5.05 3.35
N ASP K 37 -29.82 3.96 4.07
CA ASP K 37 -28.48 3.46 4.39
C ASP K 37 -27.66 3.09 3.14
N TRP K 38 -28.28 2.35 2.24
CA TRP K 38 -27.68 1.88 1.01
C TRP K 38 -27.25 3.10 0.17
N TYR K 39 -28.15 4.05 0.00
CA TYR K 39 -27.83 5.23 -0.82
C TYR K 39 -26.70 6.05 -0.19
N ASP K 40 -26.69 6.16 1.14
CA ASP K 40 -25.67 6.97 1.79
C ASP K 40 -24.30 6.35 1.61
N GLN K 41 -24.23 5.04 1.70
CA GLN K 41 -22.98 4.34 1.44
C GLN K 41 -22.51 4.51 -0.01
N ARG K 42 -23.42 4.45 -0.96
CA ARG K 42 -23.05 4.61 -2.36
C ARG K 42 -22.60 6.07 -2.61
N VAL K 43 -23.18 7.01 -1.88
CA VAL K 43 -22.78 8.42 -1.96
C VAL K 43 -21.33 8.59 -1.51
N ASP K 44 -20.96 7.97 -0.40
CA ASP K 44 -19.59 8.06 0.09
C ASP K 44 -18.63 7.41 -0.90
N ALA K 45 -19.05 6.31 -1.55
CA ALA K 45 -18.14 5.53 -2.37
C ALA K 45 -18.05 5.97 -3.81
N SER K 46 -19.07 6.65 -4.30
CA SER K 46 -19.12 7.00 -5.73
C SER K 46 -17.97 7.93 -6.13
N THR K 47 -17.40 7.68 -7.31
CA THR K 47 -16.32 8.54 -7.84
C THR K 47 -16.77 9.29 -9.09
N ASP K 48 -18.09 9.39 -9.26
CA ASP K 48 -18.72 10.16 -10.34
C ASP K 48 -19.66 11.22 -9.72
N PRO K 49 -19.30 12.51 -9.82
CA PRO K 49 -20.15 13.45 -9.06
C PRO K 49 -21.59 13.59 -9.56
N GLU K 50 -21.86 13.39 -10.85
CA GLU K 50 -23.25 13.47 -11.29
C GLU K 50 -24.06 12.29 -10.74
N LEU K 51 -23.49 11.10 -10.66
CA LEU K 51 -24.20 9.99 -10.04
C LEU K 51 -24.42 10.31 -8.56
N THR K 52 -23.39 10.79 -7.88
CA THR K 52 -23.48 11.14 -6.47
C THR K 52 -24.61 12.09 -6.14
N ALA K 53 -24.83 13.12 -6.98
CA ALA K 53 -25.96 14.05 -6.82
C ALA K 53 -27.32 13.33 -6.94
N ILE K 54 -27.44 12.38 -7.87
CA ILE K 54 -28.68 11.64 -8.01
C ILE K 54 -28.92 10.78 -6.76
N LEU K 55 -27.89 10.07 -6.35
CA LEU K 55 -27.96 9.19 -5.19
C LEU K 55 -28.30 9.97 -3.92
N ALA K 56 -27.68 11.14 -3.72
CA ALA K 56 -27.96 11.95 -2.55
C ALA K 56 -29.39 12.48 -2.58
N HIS K 57 -29.83 12.92 -3.76
CA HIS K 57 -31.22 13.34 -3.92
C HIS K 57 -32.22 12.21 -3.57
N ASN K 58 -32.01 11.01 -4.10
CA ASN K 58 -32.92 9.93 -3.84
C ASN K 58 -32.89 9.58 -2.33
N ARG K 59 -31.69 9.52 -1.75
CA ARG K 59 -31.51 9.21 -0.31
C ARG K 59 -32.44 10.02 0.57
N ASP K 60 -32.43 11.32 0.35
CA ASP K 60 -33.14 12.24 1.22
C ASP K 60 -34.66 12.21 1.01
N GLU K 61 -35.09 11.84 -0.19
CA GLU K 61 -36.52 11.62 -0.40
C GLU K 61 -36.98 10.33 0.28
N GLU K 62 -36.11 9.32 0.44
CA GLU K 62 -36.56 8.12 1.16
C GLU K 62 -36.88 8.47 2.62
N LYS K 63 -36.16 9.43 3.17
CA LYS K 63 -36.38 9.87 4.54
C LYS K 63 -37.78 10.48 4.72
N GLU K 64 -38.21 11.24 3.73
CA GLU K 64 -39.54 11.75 3.72
C GLU K 64 -40.59 10.64 3.61
N HIS K 65 -40.37 9.67 2.72
CA HIS K 65 -41.24 8.48 2.62
C HIS K 65 -41.37 7.73 3.94
N ALA K 66 -40.24 7.55 4.62
CA ALA K 66 -40.23 6.91 5.93
C ALA K 66 -41.00 7.74 6.95
N ALA K 67 -40.78 9.05 6.98
CA ALA K 67 -41.42 9.95 7.97
C ALA K 67 -42.94 9.96 7.83
N MET K 68 -43.43 9.97 6.60
CA MET K 68 -44.86 9.90 6.35
C MET K 68 -45.49 8.61 6.87
N THR K 69 -44.85 7.50 6.59
CA THR K 69 -45.41 6.20 6.93
C THR K 69 -45.30 6.03 8.42
N LEU K 70 -44.25 6.60 9.02
CA LEU K 70 -44.09 6.54 10.47
C LEU K 70 -45.21 7.33 11.17
N GLU K 71 -45.62 8.46 10.60
CA GLU K 71 -46.73 9.23 11.17
C GLU K 71 -48.06 8.46 11.10
N TRP K 72 -48.28 7.71 10.03
CA TRP K 72 -49.45 6.86 9.95
C TRP K 72 -49.42 5.81 11.11
N LEU K 73 -48.27 5.20 11.38
CA LEU K 73 -48.15 4.22 12.45
C LEU K 73 -48.47 4.90 13.76
N ARG K 74 -47.89 6.08 13.95
CA ARG K 74 -48.14 6.85 15.17
C ARG K 74 -49.62 7.12 15.39
N ARG K 75 -50.36 7.47 14.34
CA ARG K 75 -51.79 7.72 14.45
C ARG K 75 -52.62 6.48 14.62
N ASN K 76 -52.06 5.31 14.33
CA ASN K 76 -52.85 4.08 14.35
C ASN K 76 -52.35 3.03 15.34
N ASP K 77 -51.55 3.44 16.31
CA ASP K 77 -51.00 2.48 17.26
C ASP K 77 -50.65 3.21 18.55
N ALA K 78 -51.31 2.83 19.64
CA ALA K 78 -51.23 3.61 20.86
C ALA K 78 -49.81 3.65 21.44
N LYS K 79 -49.09 2.55 21.31
CA LYS K 79 -47.76 2.50 21.88
C LYS K 79 -46.74 3.20 20.98
N TRP K 80 -46.93 3.16 19.64
CA TRP K 80 -46.11 3.97 18.77
C TRP K 80 -46.34 5.42 19.17
N ALA K 81 -47.59 5.81 19.40
CA ALA K 81 -47.91 7.19 19.74
C ALA K 81 -47.19 7.57 21.00
N GLU K 82 -47.28 6.73 22.03
CA GLU K 82 -46.62 7.07 23.30
C GLU K 82 -45.09 7.17 23.17
N HIS K 83 -44.44 6.15 22.61
CA HIS K 83 -42.99 6.11 22.63
C HIS K 83 -42.37 7.14 21.69
N LEU K 84 -42.99 7.38 20.54
CA LEU K 84 -42.47 8.42 19.65
C LEU K 84 -42.56 9.79 20.36
N ARG K 85 -43.66 10.04 21.07
CA ARG K 85 -43.85 11.32 21.76
C ARG K 85 -42.83 11.51 22.88
N THR K 86 -42.50 10.43 23.58
CA THR K 86 -41.51 10.49 24.65
C THR K 86 -40.08 10.90 24.18
N TYR K 87 -39.61 10.37 23.06
CA TYR K 87 -38.21 10.56 22.69
C TYR K 87 -37.97 11.56 21.58
N LEU K 88 -38.87 11.69 20.62
CA LEU K 88 -38.59 12.54 19.46
C LEU K 88 -38.62 14.02 19.84
N PHE K 89 -37.66 14.80 19.31
CA PHE K 89 -37.57 16.25 19.56
C PHE K 89 -37.37 16.62 21.03
N THR K 90 -36.49 15.88 21.70
CA THR K 90 -36.13 16.14 23.10
C THR K 90 -34.67 16.61 23.15
N GLU K 91 -34.19 17.04 24.33
CA GLU K 91 -32.75 17.22 24.47
C GLU K 91 -32.27 16.54 25.71
N GLY K 92 -30.95 16.57 25.90
CA GLY K 92 -30.28 15.78 26.92
C GLY K 92 -30.33 14.28 26.66
N PRO K 93 -29.73 13.51 27.57
CA PRO K 93 -29.49 12.09 27.31
C PRO K 93 -30.75 11.35 26.87
N ILE K 94 -30.67 10.63 25.75
CA ILE K 94 -31.85 9.99 25.19
C ILE K 94 -32.37 8.90 26.11
N THR K 95 -31.49 8.16 26.76
CA THR K 95 -31.96 7.08 27.64
C THR K 95 -32.66 7.58 28.89
N ALA K 96 -32.68 8.89 29.11
CA ALA K 96 -33.29 9.47 30.32
C ALA K 96 -34.49 10.42 30.05
N ALA K 97 -35.25 10.16 28.98
CA ALA K 97 -36.43 10.97 28.66
C ALA K 97 -37.70 10.16 29.03
N SER L 7 -20.71 -6.19 7.05
CA SER L 7 -22.14 -6.18 6.73
C SER L 7 -22.63 -4.86 6.06
N THR L 8 -21.69 -4.05 5.58
CA THR L 8 -22.01 -2.83 4.84
C THR L 8 -21.94 -3.17 3.35
N HIS L 9 -22.57 -2.37 2.48
CA HIS L 9 -22.60 -2.64 1.04
C HIS L 9 -21.35 -2.09 0.34
N GLU L 10 -20.71 -1.10 0.93
CA GLU L 10 -19.47 -0.56 0.37
C GLU L 10 -18.35 -0.89 1.34
N PRO L 11 -17.11 -0.95 0.84
CA PRO L 11 -15.98 -1.20 1.75
C PRO L 11 -15.86 -0.11 2.85
N LEU L 12 -15.61 -0.56 4.07
CA LEU L 12 -15.58 0.35 5.23
C LEU L 12 -14.62 1.50 5.08
N GLU L 13 -13.53 1.30 4.35
CA GLU L 13 -12.49 2.32 4.25
C GLU L 13 -12.87 3.52 3.34
N VAL L 14 -13.91 3.39 2.52
CA VAL L 14 -14.33 4.57 1.76
C VAL L 14 -15.53 5.25 2.43
N LEU L 15 -16.05 4.65 3.50
CA LEU L 15 -17.19 5.24 4.19
C LEU L 15 -16.77 6.25 5.26
N LYS L 16 -17.42 7.41 5.30
CA LYS L 16 -17.22 8.36 6.40
C LYS L 16 -17.71 7.74 7.71
N GLU L 17 -17.05 8.09 8.81
CA GLU L 17 -17.37 7.58 10.13
C GLU L 17 -18.85 7.77 10.50
N GLU L 18 -19.39 8.94 10.22
CA GLU L 18 -20.77 9.21 10.56
C GLU L 18 -21.73 8.32 9.73
N THR L 19 -21.34 8.02 8.50
CA THR L 19 -22.14 7.12 7.66
C THR L 19 -22.23 5.75 8.30
N VAL L 20 -21.12 5.30 8.86
CA VAL L 20 -21.09 4.00 9.50
C VAL L 20 -21.87 4.05 10.81
N ASN L 21 -21.83 5.15 11.58
CA ASN L 21 -22.69 5.17 12.79
C ASN L 21 -24.16 5.21 12.46
N ARG L 22 -24.57 5.94 11.42
CA ARG L 22 -25.95 6.00 11.01
C ARG L 22 -26.40 4.62 10.55
N HIS L 23 -25.49 3.91 9.91
CA HIS L 23 -25.76 2.56 9.50
C HIS L 23 -26.06 1.66 10.73
N ARG L 24 -25.28 1.79 11.80
CA ARG L 24 -25.56 1.02 12.99
C ARG L 24 -26.95 1.33 13.54
N ALA L 25 -27.31 2.61 13.53
CA ALA L 25 -28.60 3.04 14.05
C ALA L 25 -29.74 2.56 13.15
N ILE L 26 -29.55 2.73 11.85
CA ILE L 26 -30.59 2.41 10.89
C ILE L 26 -30.88 0.93 10.95
N VAL L 27 -29.84 0.09 10.95
CA VAL L 27 -30.09 -1.36 11.00
C VAL L 27 -30.74 -1.78 12.32
N SER L 28 -30.42 -1.08 13.39
CA SER L 28 -31.08 -1.34 14.66
C SER L 28 -32.59 -1.04 14.57
N VAL L 29 -32.94 0.11 14.00
CA VAL L 29 -34.34 0.48 13.87
C VAL L 29 -35.06 -0.55 12.99
N MET L 30 -34.41 -0.99 11.89
CA MET L 30 -35.03 -2.01 11.00
C MET L 30 -35.34 -3.28 11.75
N GLU L 31 -34.39 -3.72 12.55
CA GLU L 31 -34.55 -4.92 13.35
C GLU L 31 -35.64 -4.79 14.44
N GLU L 32 -35.79 -3.62 15.02
CA GLU L 32 -36.83 -3.36 16.00
C GLU L 32 -38.20 -3.41 15.30
N LEU L 33 -38.28 -2.77 14.13
CA LEU L 33 -39.53 -2.77 13.37
C LEU L 33 -39.96 -4.18 13.01
N GLU L 34 -39.01 -4.99 12.54
CA GLU L 34 -39.27 -6.37 12.20
C GLU L 34 -39.78 -7.14 13.44
N ALA L 35 -39.16 -6.90 14.58
CA ALA L 35 -39.59 -7.53 15.82
C ALA L 35 -41.04 -7.08 16.21
N VAL L 36 -41.33 -5.79 16.03
CA VAL L 36 -42.66 -5.30 16.35
C VAL L 36 -43.66 -6.04 15.49
N ASP L 37 -43.37 -6.10 14.20
CA ASP L 37 -44.29 -6.72 13.26
C ASP L 37 -44.50 -8.19 13.61
N TRP L 38 -43.40 -8.92 13.85
CA TRP L 38 -43.50 -10.36 14.12
C TRP L 38 -44.24 -10.66 15.42
N TYR L 39 -43.91 -9.91 16.46
CA TYR L 39 -44.57 -10.11 17.74
C TYR L 39 -46.07 -9.85 17.62
N ASP L 40 -46.47 -8.83 16.86
CA ASP L 40 -47.89 -8.50 16.77
C ASP L 40 -48.68 -9.59 16.05
N GLN L 41 -48.07 -10.16 15.02
CA GLN L 41 -48.65 -11.28 14.33
C GLN L 41 -48.74 -12.49 15.27
N ARG L 42 -47.71 -12.75 16.06
CA ARG L 42 -47.77 -13.89 16.98
C ARG L 42 -48.83 -13.65 18.07
N VAL L 43 -48.99 -12.40 18.51
CA VAL L 43 -50.01 -12.03 19.48
C VAL L 43 -51.43 -12.35 18.93
N ASP L 44 -51.71 -12.01 17.69
CA ASP L 44 -53.02 -12.34 17.10
C ASP L 44 -53.26 -13.83 16.94
N ALA L 45 -52.19 -14.57 16.64
CA ALA L 45 -52.33 -15.97 16.29
C ALA L 45 -52.21 -16.89 17.50
N SER L 46 -51.58 -16.41 18.56
CA SER L 46 -51.30 -17.24 19.72
C SER L 46 -52.59 -17.76 20.32
N THR L 47 -52.58 -19.03 20.76
CA THR L 47 -53.74 -19.63 21.40
C THR L 47 -53.46 -19.95 22.88
N ASP L 48 -52.43 -19.32 23.45
CA ASP L 48 -52.08 -19.45 24.87
C ASP L 48 -51.98 -18.06 25.50
N PRO L 49 -52.91 -17.69 26.39
CA PRO L 49 -52.97 -16.30 26.87
C PRO L 49 -51.74 -15.83 27.64
N GLU L 50 -51.11 -16.75 28.35
CA GLU L 50 -49.93 -16.40 29.11
C GLU L 50 -48.81 -16.06 28.13
N LEU L 51 -48.71 -16.79 27.02
CA LEU L 51 -47.68 -16.47 26.02
C LEU L 51 -48.01 -15.12 25.38
N THR L 52 -49.28 -14.93 25.05
CA THR L 52 -49.74 -13.72 24.40
C THR L 52 -49.37 -12.45 25.18
N ALA L 53 -49.52 -12.51 26.49
CA ALA L 53 -49.18 -11.38 27.34
C ALA L 53 -47.68 -11.08 27.27
N ILE L 54 -46.84 -12.12 27.22
CA ILE L 54 -45.40 -11.92 27.10
C ILE L 54 -45.07 -11.30 25.73
N LEU L 55 -45.64 -11.86 24.66
CA LEU L 55 -45.39 -11.34 23.34
C LEU L 55 -45.78 -9.86 23.20
N ALA L 56 -46.91 -9.46 23.79
CA ALA L 56 -47.40 -8.07 23.67
C ALA L 56 -46.53 -7.10 24.49
N HIS L 57 -46.12 -7.57 25.65
CA HIS L 57 -45.17 -6.82 26.48
C HIS L 57 -43.87 -6.54 25.71
N ASN L 58 -43.28 -7.58 25.14
CA ASN L 58 -42.05 -7.45 24.39
C ASN L 58 -42.28 -6.56 23.19
N ARG L 59 -43.37 -6.79 22.49
CA ARG L 59 -43.73 -6.00 21.32
C ARG L 59 -43.61 -4.49 21.58
N ASP L 60 -44.21 -4.08 22.69
CA ASP L 60 -44.33 -2.66 22.95
C ASP L 60 -43.02 -2.04 23.39
N GLU L 61 -42.15 -2.82 24.04
CA GLU L 61 -40.82 -2.35 24.38
C GLU L 61 -39.93 -2.19 23.14
N GLU L 62 -40.14 -2.99 22.08
CA GLU L 62 -39.39 -2.79 20.84
C GLU L 62 -39.72 -1.43 20.21
N LYS L 63 -40.96 -0.96 20.35
CA LYS L 63 -41.34 0.37 19.81
C LYS L 63 -40.51 1.43 20.50
N GLU L 64 -40.28 1.26 21.78
CA GLU L 64 -39.47 2.20 22.52
C GLU L 64 -37.99 2.17 22.11
N HIS L 65 -37.44 0.96 21.93
CA HIS L 65 -36.08 0.83 21.41
C HIS L 65 -35.94 1.54 20.07
N ALA L 66 -36.93 1.37 19.19
CA ALA L 66 -36.94 2.04 17.89
C ALA L 66 -37.03 3.54 18.02
N ALA L 67 -37.94 4.01 18.88
CA ALA L 67 -38.15 5.45 19.05
C ALA L 67 -36.90 6.16 19.58
N MET L 68 -36.21 5.54 20.52
CA MET L 68 -34.95 6.09 21.06
C MET L 68 -33.89 6.24 19.97
N THR L 69 -33.72 5.21 19.16
CA THR L 69 -32.72 5.21 18.12
C THR L 69 -33.14 6.17 17.01
N LEU L 70 -34.44 6.28 16.75
CA LEU L 70 -34.89 7.22 15.74
CA LEU L 70 -34.93 7.23 15.76
C LEU L 70 -34.58 8.64 16.20
N GLU L 71 -34.73 8.91 17.50
CA GLU L 71 -34.35 10.23 18.00
C GLU L 71 -32.84 10.49 17.83
N TRP L 72 -32.01 9.47 18.00
CA TRP L 72 -30.61 9.65 17.72
C TRP L 72 -30.38 10.04 16.27
N LEU L 73 -31.05 9.36 15.34
CA LEU L 73 -30.91 9.69 13.93
C LEU L 73 -31.33 11.13 13.65
N ARG L 74 -32.43 11.54 14.26
CA ARG L 74 -32.91 12.88 14.10
C ARG L 74 -31.88 13.92 14.55
N ARG L 75 -31.24 13.68 15.68
CA ARG L 75 -30.21 14.59 16.17
C ARG L 75 -28.94 14.59 15.37
N ASN L 76 -28.70 13.56 14.56
CA ASN L 76 -27.44 13.42 13.87
C ASN L 76 -27.53 13.45 12.36
N ASP L 77 -28.66 13.92 11.85
CA ASP L 77 -28.85 13.96 10.42
C ASP L 77 -29.86 15.04 10.09
N ALA L 78 -29.40 16.05 9.38
CA ALA L 78 -30.19 17.25 9.12
C ALA L 78 -31.50 16.96 8.39
N LYS L 79 -31.43 16.04 7.44
CA LYS L 79 -32.57 15.72 6.64
C LYS L 79 -33.56 14.82 7.36
N TRP L 80 -33.07 13.90 8.20
CA TRP L 80 -33.98 13.19 9.10
C TRP L 80 -34.73 14.22 9.97
N ALA L 81 -34.00 15.19 10.51
CA ALA L 81 -34.59 16.21 11.39
C ALA L 81 -35.66 16.99 10.64
N GLU L 82 -35.33 17.43 9.43
CA GLU L 82 -36.26 18.21 8.61
C GLU L 82 -37.50 17.42 8.30
N HIS L 83 -37.35 16.19 7.79
CA HIS L 83 -38.53 15.45 7.39
C HIS L 83 -39.37 14.90 8.58
N LEU L 84 -38.74 14.50 9.67
CA LEU L 84 -39.52 14.04 10.84
C LEU L 84 -40.33 15.25 11.40
N ARG L 85 -39.72 16.43 11.40
CA ARG L 85 -40.39 17.64 11.88
C ARG L 85 -41.62 17.97 11.01
N THR L 86 -41.52 17.77 9.71
CA THR L 86 -42.67 18.05 8.84
C THR L 86 -43.90 17.18 9.11
N TYR L 87 -43.71 15.89 9.37
CA TYR L 87 -44.83 14.93 9.40
C TYR L 87 -45.25 14.43 10.76
N LEU L 88 -44.31 14.28 11.67
CA LEU L 88 -44.62 13.68 12.95
C LEU L 88 -45.47 14.64 13.79
N PHE L 89 -46.47 14.10 14.47
CA PHE L 89 -47.34 14.82 15.39
C PHE L 89 -48.12 15.94 14.69
N THR L 90 -48.65 15.62 13.52
CA THR L 90 -49.45 16.56 12.76
C THR L 90 -50.90 16.09 12.78
N GLU L 91 -51.79 16.89 12.21
CA GLU L 91 -53.16 16.47 11.98
C GLU L 91 -53.50 16.71 10.51
N GLY L 92 -54.66 16.27 10.09
CA GLY L 92 -54.99 16.26 8.67
C GLY L 92 -54.13 15.38 7.79
N PRO L 93 -54.44 15.34 6.49
CA PRO L 93 -53.87 14.36 5.56
C PRO L 93 -52.36 14.40 5.56
N ILE L 94 -51.73 13.24 5.75
CA ILE L 94 -50.28 13.16 5.91
C ILE L 94 -49.53 13.57 4.62
N THR L 95 -50.05 13.20 3.46
CA THR L 95 -49.37 13.51 2.21
C THR L 95 -49.38 15.02 1.93
N ALA L 96 -50.10 15.79 2.73
CA ALA L 96 -50.20 17.23 2.55
C ALA L 96 -49.66 18.10 3.72
N ALA L 97 -48.63 17.65 4.44
CA ALA L 97 -48.13 18.39 5.62
C ALA L 97 -46.87 19.23 5.33
N SER M 7 -44.80 -19.58 8.85
CA SER M 7 -43.35 -19.65 9.08
C SER M 7 -42.89 -21.04 9.58
N THR M 8 -43.79 -22.02 9.52
CA THR M 8 -43.50 -23.38 9.94
C THR M 8 -42.96 -24.25 8.76
N HIS M 9 -42.19 -25.30 9.07
CA HIS M 9 -41.67 -26.21 8.05
C HIS M 9 -42.61 -27.32 7.66
N GLU M 10 -43.55 -27.65 8.54
CA GLU M 10 -44.59 -28.62 8.26
C GLU M 10 -45.87 -27.86 8.15
N PRO M 11 -46.85 -28.39 7.40
CA PRO M 11 -48.16 -27.76 7.29
C PRO M 11 -48.87 -27.67 8.63
N LEU M 12 -49.52 -26.54 8.89
CA LEU M 12 -50.17 -26.29 10.18
C LEU M 12 -51.20 -27.34 10.51
N GLU M 13 -51.76 -27.95 9.47
CA GLU M 13 -52.86 -28.90 9.64
C GLU M 13 -52.43 -30.21 10.30
N VAL M 14 -51.12 -30.53 10.24
CA VAL M 14 -50.58 -31.70 10.92
C VAL M 14 -49.85 -31.41 12.22
N LEU M 15 -49.73 -30.14 12.60
CA LEU M 15 -49.07 -29.78 13.86
C LEU M 15 -50.07 -29.62 14.99
N LYS M 16 -49.74 -30.13 16.15
CA LYS M 16 -50.57 -29.88 17.32
C LYS M 16 -50.48 -28.39 17.71
N GLU M 17 -51.58 -27.89 18.27
CA GLU M 17 -51.71 -26.54 18.74
C GLU M 17 -50.59 -26.16 19.71
N GLU M 18 -50.22 -27.08 20.60
CA GLU M 18 -49.16 -26.80 21.56
C GLU M 18 -47.80 -26.63 20.87
N THR M 19 -47.55 -27.44 19.83
CA THR M 19 -46.30 -27.39 19.06
C THR M 19 -46.19 -26.04 18.39
N VAL M 20 -47.31 -25.51 17.89
CA VAL M 20 -47.25 -24.23 17.21
C VAL M 20 -47.04 -23.08 18.20
N ASN M 21 -47.62 -23.16 19.40
CA ASN M 21 -47.37 -22.13 20.39
C ASN M 21 -45.90 -22.17 20.84
N ARG M 22 -45.33 -23.35 21.01
CA ARG M 22 -43.93 -23.46 21.37
C ARG M 22 -43.05 -22.91 20.24
N HIS M 23 -43.45 -23.13 18.99
CA HIS M 23 -42.77 -22.54 17.84
C HIS M 23 -42.75 -21.01 17.95
N ARG M 24 -43.88 -20.41 18.29
CA ARG M 24 -43.97 -18.96 18.47
C ARG M 24 -43.03 -18.48 19.57
N ALA M 25 -42.93 -19.24 20.65
CA ALA M 25 -42.01 -18.90 21.72
C ALA M 25 -40.56 -19.07 21.31
N ILE M 26 -40.28 -20.18 20.65
CA ILE M 26 -38.93 -20.52 20.33
C ILE M 26 -38.31 -19.49 19.38
N VAL M 27 -39.03 -19.15 18.32
CA VAL M 27 -38.49 -18.20 17.37
C VAL M 27 -38.36 -16.84 18.03
N SER M 28 -39.22 -16.53 18.98
CA SER M 28 -39.09 -15.29 19.74
C SER M 28 -37.80 -15.26 20.52
N VAL M 29 -37.46 -16.33 21.24
CA VAL M 29 -36.22 -16.38 21.99
C VAL M 29 -35.04 -16.26 21.00
N MET M 30 -35.12 -16.96 19.85
CA MET M 30 -34.06 -16.92 18.85
C MET M 30 -33.79 -15.50 18.38
N GLU M 31 -34.87 -14.77 18.12
CA GLU M 31 -34.76 -13.39 17.67
C GLU M 31 -34.24 -12.47 18.76
N GLU M 32 -34.62 -12.74 20.00
CA GLU M 32 -34.09 -11.97 21.13
C GLU M 32 -32.57 -12.20 21.29
N LEU M 33 -32.12 -13.45 21.18
CA LEU M 33 -30.73 -13.79 21.26
C LEU M 33 -29.92 -13.10 20.19
N GLU M 34 -30.43 -13.15 18.97
CA GLU M 34 -29.78 -12.50 17.85
C GLU M 34 -29.59 -10.98 18.09
N ALA M 35 -30.62 -10.35 18.64
CA ALA M 35 -30.58 -8.95 18.97
C ALA M 35 -29.54 -8.64 20.07
N VAL M 36 -29.43 -9.53 21.05
CA VAL M 36 -28.47 -9.36 22.13
C VAL M 36 -27.07 -9.33 21.54
N ASP M 37 -26.78 -10.31 20.71
CA ASP M 37 -25.48 -10.44 20.07
C ASP M 37 -25.16 -9.25 19.16
N TRP M 38 -26.07 -8.87 18.29
CA TRP M 38 -25.86 -7.76 17.34
C TRP M 38 -25.69 -6.45 18.07
N TYR M 39 -26.52 -6.22 19.08
CA TYR M 39 -26.40 -5.01 19.85
C TYR M 39 -25.03 -4.99 20.60
N ASP M 40 -24.60 -6.14 21.12
CA ASP M 40 -23.34 -6.12 21.87
C ASP M 40 -22.15 -5.79 20.95
N GLN M 41 -22.15 -6.32 19.74
CA GLN M 41 -21.14 -5.97 18.76
C GLN M 41 -21.17 -4.49 18.40
N ARG M 42 -22.37 -3.92 18.24
CA ARG M 42 -22.51 -2.53 17.87
C ARG M 42 -22.04 -1.63 19.04
N VAL M 43 -22.23 -2.09 20.27
CA VAL M 43 -21.73 -1.39 21.41
C VAL M 43 -20.22 -1.28 21.37
N ASP M 44 -19.54 -2.36 21.01
CA ASP M 44 -18.08 -2.33 20.94
C ASP M 44 -17.59 -1.42 19.79
N ALA M 45 -18.33 -1.40 18.68
CA ALA M 45 -17.89 -0.72 17.46
C ALA M 45 -18.33 0.74 17.36
N SER M 46 -19.37 1.12 18.08
CA SER M 46 -19.89 2.49 17.99
C SER M 46 -18.83 3.51 18.40
N THR M 47 -18.82 4.62 17.66
CA THR M 47 -17.89 5.74 17.90
C THR M 47 -18.62 6.99 18.37
N ASP M 48 -19.87 6.83 18.79
CA ASP M 48 -20.68 7.91 19.31
C ASP M 48 -21.24 7.57 20.69
N PRO M 49 -20.91 8.38 21.71
CA PRO M 49 -21.33 8.00 23.07
C PRO M 49 -22.87 7.94 23.26
N GLU M 50 -23.65 8.81 22.63
CA GLU M 50 -25.09 8.73 22.81
C GLU M 50 -25.69 7.49 22.16
N LEU M 51 -25.21 7.11 20.99
CA LEU M 51 -25.68 5.89 20.37
C LEU M 51 -25.31 4.65 21.23
N THR M 52 -24.08 4.61 21.71
CA THR M 52 -23.61 3.49 22.51
C THR M 52 -24.47 3.25 23.72
N ALA M 53 -24.88 4.31 24.40
CA ALA M 53 -25.76 4.16 25.56
C ALA M 53 -27.13 3.60 25.17
N ILE M 54 -27.67 4.03 24.04
CA ILE M 54 -28.93 3.46 23.55
C ILE M 54 -28.76 1.98 23.18
N LEU M 55 -27.70 1.65 22.45
CA LEU M 55 -27.44 0.27 22.06
C LEU M 55 -27.30 -0.65 23.29
N ALA M 56 -26.58 -0.20 24.33
CA ALA M 56 -26.36 -1.02 25.52
C ALA M 56 -27.67 -1.17 26.31
N HIS M 57 -28.44 -0.10 26.39
CA HIS M 57 -29.75 -0.19 27.02
C HIS M 57 -30.64 -1.19 26.34
N ASN M 58 -30.76 -1.09 25.02
CA ASN M 58 -31.67 -1.98 24.31
C ASN M 58 -31.18 -3.41 24.48
N ARG M 59 -29.88 -3.60 24.33
CA ARG M 59 -29.25 -4.89 24.47
C ARG M 59 -29.73 -5.62 25.73
N ASP M 60 -29.69 -4.93 26.86
CA ASP M 60 -29.92 -5.62 28.11
C ASP M 60 -31.39 -5.88 28.31
N GLU M 61 -32.25 -5.09 27.68
CA GLU M 61 -33.68 -5.37 27.73
C GLU M 61 -34.03 -6.56 26.87
N GLU M 62 -33.31 -6.80 25.78
CA GLU M 62 -33.58 -7.99 24.99
C GLU M 62 -33.33 -9.25 25.85
N LYS M 63 -32.36 -9.19 26.76
CA LYS M 63 -32.07 -10.34 27.61
C LYS M 63 -33.28 -10.63 28.49
N GLU M 64 -33.91 -9.58 28.95
CA GLU M 64 -35.12 -9.75 29.74
C GLU M 64 -36.25 -10.32 28.89
N HIS M 65 -36.43 -9.83 27.68
CA HIS M 65 -37.45 -10.43 26.79
C HIS M 65 -37.21 -11.92 26.59
N ALA M 66 -35.92 -12.26 26.43
CA ALA M 66 -35.55 -13.64 26.20
C ALA M 66 -35.85 -14.48 27.45
N ALA M 67 -35.50 -13.99 28.62
CA ALA M 67 -35.71 -14.75 29.85
C ALA M 67 -37.18 -15.00 30.13
N MET M 68 -38.03 -14.00 29.85
CA MET M 68 -39.47 -14.14 30.04
C MET M 68 -40.06 -15.24 29.17
N THR M 69 -39.66 -15.28 27.91
CA THR M 69 -40.22 -16.21 26.97
C THR M 69 -39.72 -17.59 27.28
N LEU M 70 -38.45 -17.66 27.70
CA LEU M 70 -37.84 -18.90 28.07
C LEU M 70 -38.54 -19.52 29.27
N GLU M 71 -38.95 -18.71 30.22
CA GLU M 71 -39.69 -19.21 31.37
C GLU M 71 -41.05 -19.77 30.92
N TRP M 72 -41.71 -19.11 29.96
CA TRP M 72 -42.92 -19.68 29.40
C TRP M 72 -42.65 -21.08 28.78
N LEU M 73 -41.56 -21.23 28.04
CA LEU M 73 -41.23 -22.52 27.46
C LEU M 73 -40.96 -23.56 28.54
N ARG M 74 -40.23 -23.16 29.58
CA ARG M 74 -39.92 -24.07 30.67
C ARG M 74 -41.21 -24.61 31.30
N ARG M 75 -42.18 -23.73 31.50
CA ARG M 75 -43.45 -24.11 32.11
C ARG M 75 -44.31 -24.97 31.20
N ASN M 76 -44.01 -24.99 29.92
CA ASN M 76 -44.88 -25.65 28.97
C ASN M 76 -44.21 -26.76 28.20
N ASP M 77 -43.09 -27.23 28.70
CA ASP M 77 -42.35 -28.31 28.06
C ASP M 77 -41.52 -29.03 29.11
N ALA M 78 -41.84 -30.29 29.31
CA ALA M 78 -41.28 -31.01 30.44
C ALA M 78 -39.77 -31.17 30.34
N LYS M 79 -39.27 -31.41 29.14
CA LYS M 79 -37.85 -31.63 28.98
C LYS M 79 -37.10 -30.25 28.92
N TRP M 80 -37.74 -29.17 28.50
CA TRP M 80 -37.11 -27.84 28.74
C TRP M 80 -36.95 -27.66 30.27
N ALA M 81 -37.99 -27.96 31.03
CA ALA M 81 -37.95 -27.82 32.48
C ALA M 81 -36.89 -28.72 33.09
N GLU M 82 -36.85 -29.97 32.65
CA GLU M 82 -35.88 -30.88 33.23
C GLU M 82 -34.42 -30.43 32.96
N HIS M 83 -34.11 -30.11 31.72
CA HIS M 83 -32.73 -29.79 31.39
C HIS M 83 -32.31 -28.42 31.91
N LEU M 84 -33.20 -27.41 31.92
CA LEU M 84 -32.85 -26.13 32.48
C LEU M 84 -32.58 -26.32 33.99
N ARG M 85 -33.34 -27.20 34.64
CA ARG M 85 -33.13 -27.50 36.07
C ARG M 85 -31.76 -28.13 36.38
N THR M 86 -31.27 -28.97 35.50
CA THR M 86 -29.96 -29.57 35.65
C THR M 86 -28.81 -28.55 35.62
N TYR M 87 -28.90 -27.58 34.71
CA TYR M 87 -27.75 -26.71 34.46
C TYR M 87 -27.83 -25.27 34.98
N LEU M 88 -28.98 -24.64 35.04
CA LEU M 88 -29.01 -23.24 35.37
C LEU M 88 -28.74 -23.06 36.88
N PHE M 89 -27.98 -22.03 37.22
CA PHE M 89 -27.65 -21.63 38.60
C PHE M 89 -26.92 -22.74 39.34
N THR M 90 -25.95 -23.32 38.68
CA THR M 90 -25.18 -24.39 39.26
C THR M 90 -23.76 -23.96 39.48
N GLU M 91 -23.01 -24.83 40.16
CA GLU M 91 -21.58 -24.62 40.33
C GLU M 91 -20.82 -25.82 39.77
N GLY M 92 -19.50 -25.69 39.71
CA GLY M 92 -18.65 -26.66 39.04
C GLY M 92 -18.83 -26.82 37.54
N PRO M 93 -18.00 -27.68 36.91
CA PRO M 93 -17.86 -27.84 35.46
C PRO M 93 -19.18 -28.12 34.78
N ILE M 94 -19.55 -27.35 33.77
CA ILE M 94 -20.86 -27.52 33.16
C ILE M 94 -20.96 -28.87 32.44
N THR M 95 -19.88 -29.30 31.81
CA THR M 95 -19.88 -30.62 31.18
C THR M 95 -19.79 -31.74 32.23
N ALA M 96 -20.78 -31.79 33.13
CA ALA M 96 -20.88 -32.78 34.19
C ALA M 96 -22.15 -32.57 35.03
N SER N 7 -18.74 -14.47 10.61
CA SER N 7 -20.16 -14.43 10.97
C SER N 7 -20.51 -13.29 11.97
N THR N 8 -19.56 -12.39 12.23
CA THR N 8 -19.82 -11.24 13.10
C THR N 8 -20.26 -10.05 12.23
N HIS N 9 -21.01 -9.12 12.81
CA HIS N 9 -21.47 -7.96 12.05
C HIS N 9 -20.54 -6.75 12.06
N GLU N 10 -19.68 -6.70 13.05
CA GLU N 10 -18.65 -5.68 13.12
C GLU N 10 -17.29 -6.36 12.88
N PRO N 11 -16.29 -5.60 12.40
CA PRO N 11 -14.98 -6.22 12.18
C PRO N 11 -14.42 -6.81 13.45
N LEU N 12 -13.81 -7.98 13.36
CA LEU N 12 -13.32 -8.69 14.55
C LEU N 12 -12.32 -7.88 15.33
N GLU N 13 -11.58 -7.01 14.66
CA GLU N 13 -10.52 -6.28 15.36
C GLU N 13 -11.04 -5.19 16.29
N VAL N 14 -12.32 -4.79 16.18
CA VAL N 14 -12.84 -3.82 17.13
C VAL N 14 -13.63 -4.47 18.27
N LEU N 15 -13.84 -5.78 18.16
CA LEU N 15 -14.62 -6.50 19.18
C LEU N 15 -13.74 -7.01 20.31
N LYS N 16 -14.21 -6.82 21.54
CA LYS N 16 -13.57 -7.46 22.66
C LYS N 16 -13.70 -9.00 22.57
N GLU N 17 -12.67 -9.67 23.08
CA GLU N 17 -12.60 -11.11 23.05
C GLU N 17 -13.86 -11.73 23.69
N GLU N 18 -14.30 -11.20 24.82
CA GLU N 18 -15.46 -11.80 25.48
C GLU N 18 -16.76 -11.59 24.68
N THR N 19 -16.85 -10.49 23.94
CA THR N 19 -17.97 -10.24 23.06
C THR N 19 -18.04 -11.32 21.98
N VAL N 20 -16.89 -11.70 21.43
CA VAL N 20 -16.86 -12.71 20.37
C VAL N 20 -17.14 -14.11 20.95
N ASN N 21 -16.65 -14.39 22.16
CA ASN N 21 -16.96 -15.68 22.78
C ASN N 21 -18.45 -15.78 23.14
N ARG N 22 -19.02 -14.69 23.65
CA ARG N 22 -20.45 -14.66 23.88
C ARG N 22 -21.18 -14.81 22.55
N HIS N 23 -20.64 -14.21 21.49
CA HIS N 23 -21.24 -14.41 20.18
C HIS N 23 -21.28 -15.93 19.83
N ARG N 24 -20.19 -16.65 20.11
CA ARG N 24 -20.10 -18.08 19.85
C ARG N 24 -21.15 -18.86 20.60
N ALA N 25 -21.36 -18.51 21.87
CA ALA N 25 -22.34 -19.17 22.69
C ALA N 25 -23.76 -18.85 22.22
N ILE N 26 -23.99 -17.58 21.91
CA ILE N 26 -25.32 -17.12 21.60
C ILE N 26 -25.81 -17.77 20.35
N VAL N 27 -24.96 -17.78 19.35
CA VAL N 27 -25.33 -18.37 18.05
C VAL N 27 -25.51 -19.89 18.22
N SER N 28 -24.76 -20.50 19.13
CA SER N 28 -24.97 -21.91 19.44
C SER N 28 -26.36 -22.15 20.02
N VAL N 29 -26.76 -21.34 21.00
CA VAL N 29 -28.11 -21.48 21.59
C VAL N 29 -29.17 -21.26 20.52
N MET N 30 -29.00 -20.25 19.66
CA MET N 30 -29.97 -19.99 18.59
C MET N 30 -30.14 -21.21 17.72
N GLU N 31 -29.03 -21.82 17.35
CA GLU N 31 -29.04 -23.00 16.52
C GLU N 31 -29.66 -24.20 17.22
N GLU N 32 -29.44 -24.35 18.52
CA GLU N 32 -30.08 -25.44 19.26
C GLU N 32 -31.57 -25.24 19.29
N LEU N 33 -32.02 -24.02 19.57
CA LEU N 33 -33.45 -23.67 19.62
C LEU N 33 -34.15 -23.94 18.27
N GLU N 34 -33.49 -23.58 17.19
CA GLU N 34 -33.99 -23.86 15.86
C GLU N 34 -34.16 -25.37 15.65
N ALA N 35 -33.16 -26.14 16.08
CA ALA N 35 -33.23 -27.58 15.93
C ALA N 35 -34.38 -28.18 16.78
N VAL N 36 -34.60 -27.65 17.99
CA VAL N 36 -35.69 -28.14 18.85
C VAL N 36 -37.00 -27.93 18.14
N ASP N 37 -37.20 -26.73 17.63
CA ASP N 37 -38.43 -26.39 16.93
C ASP N 37 -38.64 -27.27 15.71
N TRP N 38 -37.61 -27.41 14.88
CA TRP N 38 -37.73 -28.18 13.63
C TRP N 38 -37.96 -29.66 13.94
N TYR N 39 -37.22 -30.21 14.89
CA TYR N 39 -37.42 -31.59 15.25
C TYR N 39 -38.84 -31.82 15.78
N ASP N 40 -39.36 -30.88 16.58
CA ASP N 40 -40.69 -31.06 17.14
C ASP N 40 -41.76 -31.07 16.04
N GLN N 41 -41.61 -30.20 15.06
CA GLN N 41 -42.54 -30.19 13.92
C GLN N 41 -42.45 -31.51 13.11
N ARG N 42 -41.26 -32.03 12.90
CA ARG N 42 -41.10 -33.27 12.15
C ARG N 42 -41.66 -34.44 12.92
N VAL N 43 -41.51 -34.41 14.24
CA VAL N 43 -42.07 -35.43 15.12
C VAL N 43 -43.57 -35.48 14.96
N ASP N 44 -44.19 -34.31 14.91
CA ASP N 44 -45.63 -34.25 14.73
C ASP N 44 -46.07 -34.77 13.37
N ALA N 45 -45.27 -34.50 12.33
CA ALA N 45 -45.70 -34.81 10.95
C ALA N 45 -45.27 -36.18 10.50
N SER N 46 -44.25 -36.74 11.14
CA SER N 46 -43.70 -38.03 10.72
C SER N 46 -44.75 -39.14 10.81
N THR N 47 -44.78 -40.00 9.79
CA THR N 47 -45.69 -41.12 9.78
C THR N 47 -44.90 -42.44 9.84
N ASP N 48 -43.66 -42.36 10.29
CA ASP N 48 -42.84 -43.55 10.46
C ASP N 48 -42.41 -43.67 11.92
N PRO N 49 -42.91 -44.70 12.60
CA PRO N 49 -42.63 -44.76 14.03
C PRO N 49 -41.16 -44.83 14.41
N GLU N 50 -40.33 -45.53 13.64
CA GLU N 50 -38.93 -45.61 14.00
C GLU N 50 -38.27 -44.22 13.81
N LEU N 51 -38.65 -43.48 12.77
CA LEU N 51 -38.10 -42.14 12.58
C LEU N 51 -38.53 -41.17 13.71
N THR N 52 -39.82 -41.18 14.02
CA THR N 52 -40.39 -40.34 15.07
C THR N 52 -39.66 -40.50 16.38
N ALA N 53 -39.29 -41.73 16.73
CA ALA N 53 -38.54 -41.96 17.97
C ALA N 53 -37.15 -41.32 17.92
N ILE N 54 -36.51 -41.39 16.75
CA ILE N 54 -35.20 -40.76 16.59
C ILE N 54 -35.30 -39.24 16.66
N LEU N 55 -36.25 -38.69 15.93
CA LEU N 55 -36.43 -37.27 15.95
C LEU N 55 -36.69 -36.74 17.36
N ALA N 56 -37.50 -37.43 18.14
CA ALA N 56 -37.85 -36.97 19.48
C ALA N 56 -36.68 -37.06 20.42
N HIS N 57 -35.92 -38.14 20.27
CA HIS N 57 -34.71 -38.35 21.03
C HIS N 57 -33.67 -37.24 20.81
N ASN N 58 -33.44 -36.89 19.55
CA ASN N 58 -32.47 -35.85 19.19
C ASN N 58 -32.96 -34.49 19.73
N ARG N 59 -34.24 -34.23 19.55
CA ARG N 59 -34.89 -33.02 20.00
C ARG N 59 -34.56 -32.70 21.46
N ASP N 60 -34.71 -33.69 22.32
CA ASP N 60 -34.62 -33.45 23.74
C ASP N 60 -33.18 -33.32 24.14
N GLU N 61 -32.29 -33.94 23.38
CA GLU N 61 -30.88 -33.70 23.62
C GLU N 61 -30.45 -32.29 23.17
N GLU N 62 -31.07 -31.69 22.14
CA GLU N 62 -30.74 -30.30 21.79
C GLU N 62 -31.12 -29.36 22.96
N LYS N 63 -32.20 -29.70 23.67
CA LYS N 63 -32.64 -28.89 24.82
C LYS N 63 -31.55 -28.90 25.85
N GLU N 64 -30.89 -30.04 26.00
CA GLU N 64 -29.77 -30.10 26.91
C GLU N 64 -28.55 -29.27 26.43
N HIS N 65 -28.23 -29.33 25.15
CA HIS N 65 -27.15 -28.53 24.57
C HIS N 65 -27.40 -27.02 24.84
N ALA N 66 -28.64 -26.60 24.65
CA ALA N 66 -29.04 -25.22 24.84
C ALA N 66 -28.89 -24.85 26.30
N ALA N 67 -29.38 -25.70 27.20
CA ALA N 67 -29.31 -25.37 28.63
C ALA N 67 -27.85 -25.25 29.12
N MET N 68 -26.97 -26.10 28.63
CA MET N 68 -25.55 -26.04 29.00
C MET N 68 -24.93 -24.71 28.57
N THR N 69 -25.24 -24.32 27.35
CA THR N 69 -24.65 -23.12 26.80
C THR N 69 -25.30 -21.91 27.46
N LEU N 70 -26.61 -21.95 27.73
CA LEU N 70 -27.23 -20.87 28.47
C LEU N 70 -26.60 -20.70 29.86
N GLU N 71 -26.27 -21.78 30.55
CA GLU N 71 -25.60 -21.64 31.85
C GLU N 71 -24.24 -21.01 31.69
N TRP N 72 -23.53 -21.33 30.61
CA TRP N 72 -22.26 -20.63 30.38
C TRP N 72 -22.48 -19.08 30.25
N LEU N 73 -23.47 -18.67 29.48
CA LEU N 73 -23.77 -17.26 29.31
C LEU N 73 -24.13 -16.65 30.63
N ARG N 74 -24.93 -17.37 31.42
CA ARG N 74 -25.34 -16.85 32.72
C ARG N 74 -24.14 -16.60 33.63
N ARG N 75 -23.18 -17.52 33.65
CA ARG N 75 -22.01 -17.37 34.48
C ARG N 75 -21.07 -16.31 33.96
N ASN N 76 -21.22 -15.91 32.70
CA ASN N 76 -20.27 -15.01 32.10
C ASN N 76 -20.84 -13.67 31.70
N ASP N 77 -22.03 -13.34 32.18
CA ASP N 77 -22.68 -12.08 31.83
C ASP N 77 -23.67 -11.70 32.93
N ALA N 78 -23.38 -10.61 33.62
CA ALA N 78 -24.12 -10.23 34.83
C ALA N 78 -25.58 -9.93 34.53
N LYS N 79 -25.85 -9.34 33.39
CA LYS N 79 -27.22 -9.06 33.06
C LYS N 79 -28.01 -10.30 32.62
N TRP N 80 -27.36 -11.25 31.94
CA TRP N 80 -28.02 -12.54 31.71
C TRP N 80 -28.36 -13.16 33.08
N ALA N 81 -27.39 -13.14 34.00
CA ALA N 81 -27.57 -13.71 35.34
C ALA N 81 -28.72 -13.01 36.06
N GLU N 82 -28.77 -11.68 35.99
CA GLU N 82 -29.81 -10.95 36.66
C GLU N 82 -31.20 -11.30 36.09
N HIS N 83 -31.37 -11.23 34.78
CA HIS N 83 -32.69 -11.41 34.18
C HIS N 83 -33.17 -12.86 34.23
N LEU N 84 -32.26 -13.81 34.07
CA LEU N 84 -32.65 -15.20 34.19
C LEU N 84 -33.08 -15.53 35.65
N ARG N 85 -32.38 -14.98 36.62
CA ARG N 85 -32.73 -15.16 38.02
C ARG N 85 -34.14 -14.56 38.32
N THR N 86 -34.48 -13.44 37.70
CA THR N 86 -35.81 -12.87 37.91
C THR N 86 -36.97 -13.78 37.42
N TYR N 87 -36.85 -14.39 36.24
CA TYR N 87 -37.97 -15.08 35.62
C TYR N 87 -37.91 -16.62 35.68
N LEU N 88 -36.74 -17.23 35.71
CA LEU N 88 -36.70 -18.70 35.61
C LEU N 88 -37.14 -19.40 36.94
N PHE N 89 -37.89 -20.49 36.81
CA PHE N 89 -38.36 -21.31 37.93
C PHE N 89 -39.27 -20.53 38.88
N THR N 90 -40.20 -19.77 38.33
CA THR N 90 -41.13 -18.99 39.14
C THR N 90 -42.53 -19.49 38.96
N GLU N 91 -43.44 -18.90 39.72
CA GLU N 91 -44.86 -19.10 39.50
C GLU N 91 -45.62 -17.79 39.42
N GLY N 92 -46.90 -17.90 39.12
CA GLY N 92 -47.69 -16.73 38.77
C GLY N 92 -47.26 -16.00 37.51
N PRO N 93 -48.02 -14.96 37.15
CA PRO N 93 -47.85 -14.28 35.86
C PRO N 93 -46.43 -13.84 35.61
N ILE N 94 -45.91 -14.26 34.47
CA ILE N 94 -44.51 -14.10 34.18
C ILE N 94 -44.15 -12.63 34.03
N THR N 95 -45.01 -11.84 33.43
CA THR N 95 -44.70 -10.42 33.25
C THR N 95 -44.62 -9.67 34.59
N ALA N 96 -45.01 -10.32 35.70
CA ALA N 96 -45.01 -9.63 36.99
C ALA N 96 -44.07 -10.21 38.04
N ALA N 97 -43.03 -10.93 37.61
CA ALA N 97 -42.08 -11.53 38.53
C ALA N 97 -40.86 -10.63 38.66
N SER O 7 -39.69 -28.18 4.91
CA SER O 7 -40.51 -27.72 3.79
C SER O 7 -40.00 -28.23 2.42
N THR O 8 -40.93 -28.80 1.64
CA THR O 8 -40.65 -29.46 0.36
C THR O 8 -40.75 -28.60 -0.92
N HIS O 9 -40.09 -29.06 -1.98
CA HIS O 9 -40.10 -28.36 -3.28
C HIS O 9 -41.26 -28.73 -4.18
N GLU O 10 -41.87 -29.87 -3.93
CA GLU O 10 -43.05 -30.27 -4.66
C GLU O 10 -44.27 -30.28 -3.71
N PRO O 11 -45.47 -30.07 -4.28
CA PRO O 11 -46.67 -30.12 -3.46
C PRO O 11 -46.79 -31.47 -2.76
N LEU O 12 -47.20 -31.46 -1.49
CA LEU O 12 -47.25 -32.68 -0.70
C LEU O 12 -48.15 -33.75 -1.30
N GLU O 13 -49.17 -33.34 -2.03
CA GLU O 13 -50.16 -34.31 -2.51
C GLU O 13 -49.66 -35.19 -3.66
N VAL O 14 -48.56 -34.80 -4.30
CA VAL O 14 -47.98 -35.67 -5.34
C VAL O 14 -46.80 -36.46 -4.79
N LEU O 15 -46.41 -36.19 -3.55
CA LEU O 15 -45.29 -36.90 -2.95
C LEU O 15 -45.82 -38.10 -2.20
N LYS O 16 -45.16 -39.23 -2.39
CA LYS O 16 -45.44 -40.41 -1.60
C LYS O 16 -45.03 -40.21 -0.14
N GLU O 17 -45.81 -40.82 0.75
CA GLU O 17 -45.54 -40.78 2.16
C GLU O 17 -44.13 -41.17 2.55
N GLU O 18 -43.60 -42.23 1.95
CA GLU O 18 -42.26 -42.68 2.31
C GLU O 18 -41.23 -41.64 1.84
N THR O 19 -41.53 -40.94 0.74
CA THR O 19 -40.64 -39.89 0.24
C THR O 19 -40.56 -38.70 1.20
N VAL O 20 -41.69 -38.30 1.77
CA VAL O 20 -41.70 -37.17 2.68
C VAL O 20 -41.03 -37.57 3.98
N ASN O 21 -41.17 -38.82 4.39
CA ASN O 21 -40.49 -39.25 5.58
C ASN O 21 -38.97 -39.27 5.39
N ARG O 22 -38.52 -39.71 4.23
CA ARG O 22 -37.10 -39.68 3.93
C ARG O 22 -36.59 -38.25 3.90
N HIS O 23 -37.43 -37.34 3.42
CA HIS O 23 -37.12 -35.91 3.41
C HIS O 23 -36.86 -35.43 4.83
N ARG O 24 -37.70 -35.85 5.76
CA ARG O 24 -37.54 -35.42 7.14
C ARG O 24 -36.23 -35.91 7.70
N ALA O 25 -35.85 -37.15 7.36
CA ALA O 25 -34.60 -37.72 7.84
C ALA O 25 -33.36 -37.02 7.21
N ILE O 26 -33.41 -36.80 5.92
CA ILE O 26 -32.29 -36.20 5.18
C ILE O 26 -32.03 -34.77 5.63
N VAL O 27 -33.07 -33.95 5.75
CA VAL O 27 -32.89 -32.59 6.23
CA VAL O 27 -32.88 -32.59 6.22
C VAL O 27 -32.39 -32.60 7.67
N SER O 28 -32.81 -33.60 8.46
CA SER O 28 -32.26 -33.73 9.81
C SER O 28 -30.77 -33.99 9.76
N VAL O 29 -30.34 -34.94 8.94
CA VAL O 29 -28.91 -35.24 8.83
C VAL O 29 -28.13 -34.01 8.34
N MET O 30 -28.69 -33.29 7.38
CA MET O 30 -28.05 -32.10 6.87
C MET O 30 -27.80 -31.08 7.97
N GLU O 31 -28.81 -30.89 8.81
CA GLU O 31 -28.70 -29.93 9.90
C GLU O 31 -27.71 -30.34 10.97
N GLU O 32 -27.61 -31.67 11.21
CA GLU O 32 -26.65 -32.22 12.17
C GLU O 32 -25.25 -31.99 11.66
N LEU O 33 -25.03 -32.25 10.37
CA LEU O 33 -23.72 -32.04 9.76
C LEU O 33 -23.30 -30.57 9.85
N GLU O 34 -24.23 -29.69 9.54
CA GLU O 34 -23.99 -28.27 9.64
C GLU O 34 -23.58 -27.95 11.07
N ALA O 35 -24.26 -28.53 12.04
CA ALA O 35 -23.93 -28.26 13.44
C ALA O 35 -22.55 -28.80 13.79
N VAL O 36 -22.20 -29.98 13.29
CA VAL O 36 -20.85 -30.51 13.57
C VAL O 36 -19.77 -29.53 13.10
N ASP O 37 -19.90 -29.08 11.87
CA ASP O 37 -18.93 -28.18 11.28
C ASP O 37 -18.81 -26.84 12.03
N TRP O 38 -19.94 -26.20 12.28
CA TRP O 38 -19.92 -24.89 12.95
C TRP O 38 -19.35 -25.02 14.36
N TYR O 39 -19.79 -26.04 15.10
CA TYR O 39 -19.25 -26.24 16.44
C TYR O 39 -17.75 -26.51 16.34
N ASP O 40 -17.32 -27.29 15.35
CA ASP O 40 -15.90 -27.61 15.29
C ASP O 40 -15.07 -26.32 14.99
N GLN O 41 -15.58 -25.46 14.12
CA GLN O 41 -14.93 -24.16 13.89
C GLN O 41 -14.90 -23.29 15.15
N ARG O 42 -16.02 -23.26 15.90
CA ARG O 42 -16.09 -22.47 17.14
C ARG O 42 -15.11 -23.06 18.17
N VAL O 43 -14.93 -24.36 18.19
CA VAL O 43 -13.97 -25.02 19.11
C VAL O 43 -12.54 -24.57 18.83
N ASP O 44 -12.19 -24.50 17.55
CA ASP O 44 -10.86 -24.02 17.14
C ASP O 44 -10.67 -22.54 17.50
N ALA O 45 -11.71 -21.73 17.36
CA ALA O 45 -11.60 -20.28 17.48
C ALA O 45 -11.79 -19.78 18.92
N SER O 46 -12.47 -20.57 19.75
CA SER O 46 -12.79 -20.11 21.11
C SER O 46 -11.55 -19.83 21.94
N THR O 47 -11.58 -18.74 22.70
CA THR O 47 -10.48 -18.40 23.59
C THR O 47 -10.93 -18.56 25.05
N ASP O 48 -12.03 -19.29 25.24
CA ASP O 48 -12.51 -19.60 26.58
C ASP O 48 -12.67 -21.14 26.75
N PRO O 49 -11.83 -21.76 27.60
CA PRO O 49 -11.82 -23.23 27.70
C PRO O 49 -13.08 -23.88 28.23
N GLU O 50 -13.76 -23.18 29.13
CA GLU O 50 -15.01 -23.66 29.68
C GLU O 50 -16.02 -23.67 28.53
N LEU O 51 -16.01 -22.64 27.67
CA LEU O 51 -16.92 -22.64 26.50
C LEU O 51 -16.54 -23.73 25.51
N THR O 52 -15.25 -23.84 25.24
CA THR O 52 -14.74 -24.85 24.30
C THR O 52 -15.16 -26.26 24.68
N ALA O 53 -15.10 -26.59 25.97
CA ALA O 53 -15.52 -27.92 26.43
C ALA O 53 -17.01 -28.17 26.15
N ILE O 54 -17.86 -27.17 26.35
CA ILE O 54 -19.27 -27.30 26.03
C ILE O 54 -19.50 -27.49 24.53
N LEU O 55 -18.81 -26.69 23.72
CA LEU O 55 -18.91 -26.79 22.26
C LEU O 55 -18.47 -28.13 21.72
N ALA O 56 -17.38 -28.65 22.26
CA ALA O 56 -16.84 -29.93 21.79
C ALA O 56 -17.76 -31.08 22.18
N HIS O 57 -18.30 -31.03 23.38
CA HIS O 57 -19.29 -32.00 23.82
C HIS O 57 -20.52 -31.99 22.91
N ASN O 58 -21.07 -30.82 22.66
CA ASN O 58 -22.26 -30.75 21.82
C ASN O 58 -21.92 -31.25 20.42
N ARG O 59 -20.77 -30.82 19.88
CA ARG O 59 -20.33 -31.27 18.55
C ARG O 59 -20.42 -32.78 18.41
N ASP O 60 -19.86 -33.48 19.37
CA ASP O 60 -19.72 -34.90 19.21
C ASP O 60 -21.05 -35.63 19.38
N GLU O 61 -21.99 -35.03 20.12
CA GLU O 61 -23.34 -35.60 20.19
C GLU O 61 -24.11 -35.37 18.92
N GLU O 62 -23.81 -34.29 18.19
CA GLU O 62 -24.46 -34.08 16.90
C GLU O 62 -24.09 -35.20 15.93
N LYS O 63 -22.86 -35.71 16.00
CA LYS O 63 -22.40 -36.80 15.14
C LYS O 63 -23.22 -38.06 15.41
N GLU O 64 -23.52 -38.26 16.66
CA GLU O 64 -24.35 -39.37 17.08
C GLU O 64 -25.77 -39.20 16.55
N HIS O 65 -26.33 -38.00 16.63
CA HIS O 65 -27.62 -37.73 16.02
C HIS O 65 -27.64 -38.01 14.52
N ALA O 66 -26.60 -37.59 13.82
CA ALA O 66 -26.50 -37.81 12.39
C ALA O 66 -26.42 -39.31 12.10
N ALA O 67 -25.60 -40.05 12.86
CA ALA O 67 -25.37 -41.47 12.61
C ALA O 67 -26.64 -42.27 12.82
N MET O 68 -27.39 -41.90 13.84
CA MET O 68 -28.68 -42.54 14.09
C MET O 68 -29.63 -42.29 12.92
N THR O 69 -29.69 -41.06 12.42
CA THR O 69 -30.61 -40.77 11.36
C THR O 69 -30.16 -41.42 10.04
N LEU O 70 -28.84 -41.52 9.83
CA LEU O 70 -28.29 -42.21 8.67
C LEU O 70 -28.60 -43.71 8.69
N GLU O 71 -28.55 -44.33 9.86
CA GLU O 71 -28.94 -45.74 9.98
C GLU O 71 -30.42 -45.90 9.58
N TRP O 72 -31.29 -44.98 9.96
CA TRP O 72 -32.69 -45.05 9.52
C TRP O 72 -32.81 -45.02 8.00
N LEU O 73 -32.05 -44.12 7.37
CA LEU O 73 -32.09 -44.01 5.91
C LEU O 73 -31.62 -45.31 5.29
N ARG O 74 -30.58 -45.89 5.87
CA ARG O 74 -30.03 -47.16 5.41
C ARG O 74 -31.05 -48.28 5.46
N ARG O 75 -31.82 -48.36 6.55
CA ARG O 75 -32.84 -49.40 6.69
C ARG O 75 -34.04 -49.14 5.81
N ASN O 76 -34.22 -47.90 5.34
CA ASN O 76 -35.46 -47.55 4.63
C ASN O 76 -35.26 -47.12 3.19
N ASP O 77 -34.09 -47.42 2.63
CA ASP O 77 -33.77 -47.05 1.25
C ASP O 77 -32.69 -47.99 0.71
N ALA O 78 -33.04 -48.77 -0.29
CA ALA O 78 -32.18 -49.86 -0.79
C ALA O 78 -30.85 -49.34 -1.33
N LYS O 79 -30.89 -48.20 -1.98
CA LYS O 79 -29.66 -47.64 -2.53
C LYS O 79 -28.75 -46.96 -1.47
N TRP O 80 -29.34 -46.37 -0.43
CA TRP O 80 -28.53 -45.93 0.71
C TRP O 80 -27.83 -47.17 1.28
N ALA O 81 -28.60 -48.24 1.42
CA ALA O 81 -28.06 -49.49 1.98
C ALA O 81 -26.91 -50.02 1.12
N GLU O 82 -27.14 -50.02 -0.18
CA GLU O 82 -26.12 -50.50 -1.09
C GLU O 82 -24.85 -49.65 -1.02
N HIS O 83 -24.97 -48.33 -1.15
CA HIS O 83 -23.75 -47.51 -1.21
C HIS O 83 -23.07 -47.40 0.14
N LEU O 84 -23.83 -47.38 1.24
CA LEU O 84 -23.17 -47.31 2.56
C LEU O 84 -22.41 -48.61 2.82
N ARG O 85 -22.96 -49.74 2.40
CA ARG O 85 -22.29 -51.04 2.55
C ARG O 85 -20.99 -51.11 1.74
N THR O 86 -21.02 -50.55 0.53
CA THR O 86 -19.84 -50.54 -0.32
C THR O 86 -18.64 -49.78 0.26
N TYR O 87 -18.88 -48.59 0.83
CA TYR O 87 -17.77 -47.71 1.20
C TYR O 87 -17.43 -47.61 2.68
N LEU O 88 -18.40 -47.78 3.57
CA LEU O 88 -18.12 -47.58 4.99
C LEU O 88 -17.31 -48.73 5.59
N PHE O 89 -16.36 -48.39 6.46
CA PHE O 89 -15.52 -49.35 7.17
C PHE O 89 -14.61 -50.20 6.24
N THR O 90 -13.98 -49.54 5.28
CA THR O 90 -13.08 -50.17 4.30
C THR O 90 -11.66 -49.73 4.52
N GLU O 91 -10.74 -50.32 3.76
CA GLU O 91 -9.35 -49.85 3.75
C GLU O 91 -8.92 -49.54 2.34
N GLY O 92 -7.72 -48.99 2.21
CA GLY O 92 -7.23 -48.51 0.92
C GLY O 92 -8.10 -47.45 0.25
N PRO O 93 -7.67 -46.99 -0.93
CA PRO O 93 -8.30 -45.85 -1.63
C PRO O 93 -9.81 -46.00 -1.83
N ILE O 94 -10.53 -44.97 -1.43
CA ILE O 94 -11.99 -44.97 -1.44
C ILE O 94 -12.62 -44.95 -2.83
N THR O 95 -12.07 -44.20 -3.77
CA THR O 95 -12.68 -44.15 -5.10
C THR O 95 -12.58 -45.54 -5.73
N ALA O 96 -11.36 -46.06 -5.80
CA ALA O 96 -11.13 -47.38 -6.36
C ALA O 96 -11.42 -48.43 -5.29
N THR P 8 -16.51 -20.55 5.53
CA THR P 8 -16.33 -20.80 6.97
C THR P 8 -16.86 -19.66 7.80
N HIS P 9 -17.26 -19.98 9.03
CA HIS P 9 -17.83 -19.00 9.98
C HIS P 9 -16.81 -18.33 10.88
N GLU P 10 -15.67 -18.98 11.04
CA GLU P 10 -14.57 -18.41 11.77
C GLU P 10 -13.49 -18.07 10.73
N PRO P 11 -12.63 -17.09 11.04
CA PRO P 11 -11.50 -16.75 10.16
C PRO P 11 -10.59 -17.95 9.90
N LEU P 12 -10.11 -18.11 8.67
CA LEU P 12 -9.23 -19.24 8.32
C LEU P 12 -7.94 -19.28 9.13
N GLU P 13 -7.45 -18.13 9.58
CA GLU P 13 -6.16 -18.14 10.23
C GLU P 13 -6.24 -18.71 11.66
N VAL P 14 -7.44 -18.87 12.22
CA VAL P 14 -7.58 -19.52 13.53
C VAL P 14 -8.00 -21.00 13.46
N LEU P 15 -8.33 -21.49 12.28
CA LEU P 15 -8.80 -22.86 12.11
C LEU P 15 -7.63 -23.77 11.77
N LYS P 16 -7.56 -24.92 12.40
CA LYS P 16 -6.55 -25.92 12.05
C LYS P 16 -6.86 -26.45 10.66
N GLU P 17 -5.81 -26.78 9.93
CA GLU P 17 -5.90 -27.25 8.56
C GLU P 17 -6.86 -28.44 8.39
N GLU P 18 -6.80 -29.35 9.35
CA GLU P 18 -7.65 -30.54 9.33
C GLU P 18 -9.10 -30.12 9.53
N THR P 19 -9.31 -29.08 10.31
CA THR P 19 -10.67 -28.61 10.53
C THR P 19 -11.24 -28.13 9.22
N VAL P 20 -10.42 -27.46 8.41
CA VAL P 20 -10.90 -26.93 7.15
C VAL P 20 -11.14 -28.03 6.15
N ASN P 21 -10.27 -29.04 6.13
CA ASN P 21 -10.52 -30.18 5.24
C ASN P 21 -11.79 -30.91 5.65
N ARG P 22 -12.03 -31.07 6.95
CA ARG P 22 -13.31 -31.71 7.38
C ARG P 22 -14.52 -30.81 6.98
N HIS P 23 -14.37 -29.50 7.05
CA HIS P 23 -15.42 -28.59 6.58
C HIS P 23 -15.72 -28.87 5.08
N ARG P 24 -14.70 -29.06 4.27
CA ARG P 24 -14.90 -29.39 2.85
C ARG P 24 -15.65 -30.69 2.65
N ALA P 25 -15.33 -31.68 3.46
CA ALA P 25 -16.01 -32.96 3.38
C ALA P 25 -17.48 -32.84 3.87
N ILE P 26 -17.67 -32.19 5.00
CA ILE P 26 -18.99 -32.08 5.57
C ILE P 26 -19.93 -31.30 4.65
N VAL P 27 -19.51 -30.16 4.13
CA VAL P 27 -20.37 -29.39 3.26
C VAL P 27 -20.64 -30.17 1.95
N SER P 28 -19.68 -30.97 1.50
CA SER P 28 -19.94 -31.85 0.33
C SER P 28 -21.06 -32.85 0.64
N VAL P 29 -20.99 -33.49 1.79
CA VAL P 29 -22.02 -34.46 2.17
C VAL P 29 -23.37 -33.76 2.26
N MET P 30 -23.41 -32.56 2.83
CA MET P 30 -24.67 -31.82 2.95
C MET P 30 -25.31 -31.56 1.62
N GLU P 31 -24.50 -31.14 0.64
CA GLU P 31 -24.98 -30.83 -0.68
C GLU P 31 -25.44 -32.09 -1.36
N GLU P 32 -24.76 -33.21 -1.10
CA GLU P 32 -25.19 -34.48 -1.69
C GLU P 32 -26.55 -34.91 -1.17
N LEU P 33 -26.71 -34.79 0.14
CA LEU P 33 -27.98 -35.13 0.78
C LEU P 33 -29.09 -34.28 0.21
N GLU P 34 -28.80 -33.01 0.05
CA GLU P 34 -29.77 -32.08 -0.49
C GLU P 34 -30.20 -32.48 -1.92
N ALA P 35 -29.25 -32.93 -2.73
CA ALA P 35 -29.59 -33.37 -4.09
C ALA P 35 -30.42 -34.65 -4.05
N VAL P 36 -30.09 -35.55 -3.14
CA VAL P 36 -30.86 -36.79 -3.02
C VAL P 36 -32.31 -36.42 -2.73
N ASP P 37 -32.53 -35.57 -1.74
CA ASP P 37 -33.90 -35.22 -1.38
C ASP P 37 -34.68 -34.53 -2.53
N TRP P 38 -34.05 -33.53 -3.14
CA TRP P 38 -34.69 -32.79 -4.23
C TRP P 38 -34.95 -33.72 -5.45
N TYR P 39 -33.98 -34.57 -5.79
CA TYR P 39 -34.22 -35.49 -6.91
C TYR P 39 -35.38 -36.44 -6.57
N ASP P 40 -35.44 -36.93 -5.34
CA ASP P 40 -36.48 -37.89 -5.00
C ASP P 40 -37.85 -37.24 -5.08
N GLN P 41 -37.95 -35.99 -4.63
CA GLN P 41 -39.20 -35.29 -4.77
C GLN P 41 -39.61 -35.07 -6.24
N ARG P 42 -38.65 -34.70 -7.09
CA ARG P 42 -38.92 -34.47 -8.51
C ARG P 42 -39.29 -35.78 -9.22
N VAL P 43 -38.68 -36.89 -8.82
CA VAL P 43 -39.03 -38.21 -9.36
C VAL P 43 -40.52 -38.52 -9.07
N ASP P 44 -40.98 -38.25 -7.87
CA ASP P 44 -42.39 -38.49 -7.53
C ASP P 44 -43.32 -37.60 -8.33
N ALA P 45 -42.90 -36.36 -8.54
CA ALA P 45 -43.77 -35.35 -9.10
C ALA P 45 -43.71 -35.29 -10.61
N SER P 46 -42.62 -35.80 -11.18
CA SER P 46 -42.40 -35.73 -12.61
C SER P 46 -43.47 -36.52 -13.33
N THR P 47 -43.93 -35.96 -14.43
CA THR P 47 -44.95 -36.58 -15.24
C THR P 47 -44.46 -36.95 -16.64
N ASP P 48 -43.14 -36.99 -16.78
CA ASP P 48 -42.46 -37.40 -18.02
C ASP P 48 -41.53 -38.56 -17.65
N PRO P 49 -41.81 -39.77 -18.15
CA PRO P 49 -41.04 -40.96 -17.73
C PRO P 49 -39.55 -40.94 -18.09
N GLU P 50 -39.18 -40.34 -19.22
CA GLU P 50 -37.76 -40.27 -19.59
C GLU P 50 -37.02 -39.37 -18.62
N LEU P 51 -37.62 -38.25 -18.25
CA LEU P 51 -37.00 -37.35 -17.28
C LEU P 51 -36.87 -38.08 -15.93
N THR P 52 -37.93 -38.75 -15.52
CA THR P 52 -37.97 -39.50 -14.24
C THR P 52 -36.82 -40.49 -14.14
N ALA P 53 -36.56 -41.21 -15.24
CA ALA P 53 -35.47 -42.16 -15.24
C ALA P 53 -34.13 -41.44 -15.04
N ILE P 54 -33.96 -40.27 -15.65
CA ILE P 54 -32.72 -39.52 -15.46
C ILE P 54 -32.59 -39.03 -14.00
N LEU P 55 -33.66 -38.43 -13.48
CA LEU P 55 -33.68 -37.93 -12.11
C LEU P 55 -33.37 -39.04 -11.12
N ALA P 56 -33.91 -40.24 -11.36
CA ALA P 56 -33.69 -41.36 -10.45
C ALA P 56 -32.24 -41.85 -10.50
N HIS P 57 -31.70 -41.96 -11.71
CA HIS P 57 -30.29 -42.31 -11.90
C HIS P 57 -29.37 -41.34 -11.17
N ASN P 58 -29.60 -40.05 -11.35
CA ASN P 58 -28.77 -39.03 -10.71
C ASN P 58 -28.90 -39.11 -9.18
N ARG P 59 -30.14 -39.17 -8.71
CA ARG P 59 -30.44 -39.31 -7.30
C ARG P 59 -29.60 -40.37 -6.61
N ASP P 60 -29.56 -41.55 -7.21
CA ASP P 60 -28.90 -42.67 -6.58
C ASP P 60 -27.38 -42.58 -6.67
N GLU P 61 -26.87 -41.88 -7.67
CA GLU P 61 -25.44 -41.61 -7.67
C GLU P 61 -25.01 -40.60 -6.62
N GLU P 62 -25.88 -39.64 -6.27
CA GLU P 62 -25.51 -38.72 -5.20
C GLU P 62 -25.29 -39.48 -3.91
N LYS P 63 -26.08 -40.55 -3.72
CA LYS P 63 -25.94 -41.36 -2.52
C LYS P 63 -24.55 -41.96 -2.46
N GLU P 64 -24.04 -42.33 -3.61
CA GLU P 64 -22.70 -42.88 -3.67
C GLU P 64 -21.68 -41.81 -3.36
N HIS P 65 -21.85 -40.63 -3.93
CA HIS P 65 -20.97 -39.52 -3.62
C HIS P 65 -20.93 -39.25 -2.11
N ALA P 66 -22.10 -39.30 -1.47
CA ALA P 66 -22.22 -39.05 -0.03
C ALA P 66 -21.47 -40.07 0.76
N ALA P 67 -21.64 -41.33 0.38
CA ALA P 67 -21.05 -42.42 1.12
C ALA P 67 -19.53 -42.39 1.06
N MET P 68 -19.00 -42.09 -0.12
CA MET P 68 -17.57 -41.98 -0.30
C MET P 68 -16.98 -40.89 0.58
N THR P 69 -17.65 -39.75 0.66
CA THR P 69 -17.16 -38.65 1.45
C THR P 69 -17.33 -38.97 2.93
N LEU P 70 -18.43 -39.65 3.29
CA LEU P 70 -18.65 -40.02 4.68
CA LEU P 70 -18.65 -40.03 4.68
C LEU P 70 -17.56 -40.96 5.17
N GLU P 71 -17.15 -41.89 4.31
CA GLU P 71 -16.08 -42.81 4.67
C GLU P 71 -14.78 -42.05 4.91
N TRP P 72 -14.53 -41.02 4.10
CA TRP P 72 -13.36 -40.17 4.34
C TRP P 72 -13.46 -39.54 5.71
N LEU P 73 -14.63 -39.02 6.05
CA LEU P 73 -14.81 -38.39 7.35
C LEU P 73 -14.57 -39.38 8.46
N ARG P 74 -15.12 -40.59 8.29
CA ARG P 74 -14.96 -41.63 9.30
C ARG P 74 -13.50 -41.93 9.56
N ARG P 75 -12.69 -42.00 8.51
CA ARG P 75 -11.26 -42.28 8.63
C ARG P 75 -10.48 -41.12 9.23
N ASN P 76 -11.04 -39.92 9.23
CA ASN P 76 -10.28 -38.75 9.64
C ASN P 76 -10.82 -38.03 10.87
N ASP P 77 -11.67 -38.71 11.63
CA ASP P 77 -12.30 -38.11 12.81
C ASP P 77 -12.74 -39.21 13.77
N ALA P 78 -12.15 -39.26 14.95
CA ALA P 78 -12.33 -40.40 15.87
C ALA P 78 -13.77 -40.58 16.31
N LYS P 79 -14.48 -39.48 16.54
CA LYS P 79 -15.84 -39.59 16.99
C LYS P 79 -16.82 -39.98 15.88
N TRP P 80 -16.56 -39.56 14.65
CA TRP P 80 -17.37 -40.07 13.53
C TRP P 80 -17.20 -41.57 13.47
N ALA P 81 -15.97 -42.00 13.61
CA ALA P 81 -15.65 -43.41 13.50
C ALA P 81 -16.42 -44.19 14.57
N GLU P 82 -16.41 -43.66 15.80
CA GLU P 82 -17.07 -44.32 16.93
C GLU P 82 -18.57 -44.36 16.72
N HIS P 83 -19.14 -43.22 16.41
CA HIS P 83 -20.60 -43.16 16.36
C HIS P 83 -21.14 -43.89 15.13
N LEU P 84 -20.43 -43.85 14.01
CA LEU P 84 -20.92 -44.60 12.87
C LEU P 84 -20.86 -46.12 13.15
N ARG P 85 -19.79 -46.56 13.81
CA ARG P 85 -19.65 -47.98 14.16
C ARG P 85 -20.76 -48.39 15.11
N THR P 86 -21.14 -47.52 16.04
CA THR P 86 -22.24 -47.87 16.94
C THR P 86 -23.58 -48.09 16.22
N TYR P 87 -23.93 -47.22 15.28
CA TYR P 87 -25.30 -47.24 14.78
C TYR P 87 -25.50 -47.84 13.40
N LEU P 88 -24.51 -47.80 12.50
CA LEU P 88 -24.72 -48.33 11.15
C LEU P 88 -24.73 -49.87 11.13
N PHE P 89 -25.61 -50.44 10.31
CA PHE P 89 -25.73 -51.88 10.09
C PHE P 89 -26.13 -52.63 11.36
N THR P 90 -27.09 -52.09 12.10
CA THR P 90 -27.57 -52.71 13.34
C THR P 90 -29.02 -53.15 13.17
N GLU P 91 -29.58 -53.83 14.17
CA GLU P 91 -31.04 -54.01 14.16
C GLU P 91 -31.65 -53.60 15.50
N GLY P 92 -32.95 -53.74 15.63
CA GLY P 92 -33.68 -53.23 16.77
C GLY P 92 -33.69 -51.73 16.86
N PRO P 93 -34.33 -51.17 17.90
CA PRO P 93 -34.54 -49.71 18.02
C PRO P 93 -33.22 -48.96 17.83
N ILE P 94 -33.23 -47.97 16.94
CA ILE P 94 -32.00 -47.28 16.58
C ILE P 94 -31.39 -46.47 17.74
N THR P 95 -32.22 -45.83 18.55
CA THR P 95 -31.72 -44.96 19.63
C THR P 95 -30.99 -45.68 20.75
N ALA P 96 -31.08 -47.00 20.75
CA ALA P 96 -30.43 -47.82 21.77
C ALA P 96 -29.48 -48.84 21.16
N ALA P 97 -28.83 -48.48 20.06
CA ALA P 97 -27.97 -49.42 19.35
C ALA P 97 -26.49 -49.22 19.66
N SER Q 7 -17.62 -13.88 -4.61
CA SER Q 7 -18.57 -14.80 -5.24
C SER Q 7 -18.15 -16.30 -5.07
N THR Q 8 -16.86 -16.55 -4.84
CA THR Q 8 -16.36 -17.92 -4.71
C THR Q 8 -16.39 -18.45 -3.27
N HIS Q 9 -16.41 -19.78 -3.13
CA HIS Q 9 -16.45 -20.39 -1.80
C HIS Q 9 -15.10 -20.65 -1.17
N GLU Q 10 -14.06 -20.70 -1.99
CA GLU Q 10 -12.70 -20.81 -1.47
C GLU Q 10 -11.98 -19.49 -1.78
N PRO Q 11 -10.98 -19.15 -0.96
CA PRO Q 11 -10.22 -17.93 -1.23
C PRO Q 11 -9.48 -17.94 -2.58
N LEU Q 12 -9.53 -16.81 -3.29
CA LEU Q 12 -8.93 -16.70 -4.62
C LEU Q 12 -7.45 -17.01 -4.67
N GLU Q 13 -6.71 -16.84 -3.58
CA GLU Q 13 -5.26 -17.04 -3.67
C GLU Q 13 -4.93 -18.53 -3.83
N VAL Q 14 -5.88 -19.43 -3.53
CA VAL Q 14 -5.65 -20.86 -3.73
C VAL Q 14 -6.33 -21.45 -4.99
N LEU Q 15 -7.12 -20.65 -5.71
CA LEU Q 15 -7.78 -21.17 -6.90
C LEU Q 15 -6.93 -20.92 -8.11
N LYS Q 16 -6.74 -21.94 -8.94
CA LYS Q 16 -6.09 -21.71 -10.21
C LYS Q 16 -6.94 -20.79 -11.09
N GLU Q 17 -6.23 -20.01 -11.89
CA GLU Q 17 -6.81 -19.06 -12.81
C GLU Q 17 -7.89 -19.71 -13.68
N GLU Q 18 -7.63 -20.93 -14.14
CA GLU Q 18 -8.54 -21.62 -15.03
C GLU Q 18 -9.84 -22.02 -14.29
N THR Q 19 -9.72 -22.36 -13.02
CA THR Q 19 -10.86 -22.69 -12.21
C THR Q 19 -11.76 -21.48 -12.08
N VAL Q 20 -11.14 -20.32 -11.91
CA VAL Q 20 -11.92 -19.12 -11.70
C VAL Q 20 -12.63 -18.71 -12.98
N ASN Q 21 -12.01 -18.92 -14.16
CA ASN Q 21 -12.68 -18.60 -15.41
C ASN Q 21 -13.85 -19.53 -15.68
N ARG Q 22 -13.66 -20.80 -15.37
CA ARG Q 22 -14.74 -21.76 -15.51
C ARG Q 22 -15.88 -21.42 -14.56
N HIS Q 23 -15.55 -20.94 -13.35
CA HIS Q 23 -16.56 -20.45 -12.42
C HIS Q 23 -17.43 -19.33 -13.03
N ARG Q 24 -16.79 -18.36 -13.68
CA ARG Q 24 -17.51 -17.27 -14.35
C ARG Q 24 -18.46 -17.77 -15.41
N ALA Q 25 -17.99 -18.76 -16.16
CA ALA Q 25 -18.82 -19.36 -17.21
C ALA Q 25 -19.94 -20.22 -16.60
N ILE Q 26 -19.63 -21.01 -15.58
CA ILE Q 26 -20.64 -21.87 -14.97
C ILE Q 26 -21.75 -21.00 -14.35
N VAL Q 27 -21.38 -19.94 -13.61
CA VAL Q 27 -22.41 -19.09 -13.01
C VAL Q 27 -23.20 -18.36 -14.08
N SER Q 28 -22.56 -18.00 -15.18
CA SER Q 28 -23.32 -17.38 -16.27
C SER Q 28 -24.42 -18.32 -16.77
N VAL Q 29 -24.06 -19.60 -17.02
CA VAL Q 29 -25.01 -20.60 -17.52
C VAL Q 29 -26.17 -20.85 -16.52
N MET Q 30 -25.85 -20.93 -15.23
CA MET Q 30 -26.85 -21.12 -14.19
C MET Q 30 -27.87 -19.98 -14.25
N GLU Q 31 -27.36 -18.74 -14.37
CA GLU Q 31 -28.24 -17.59 -14.41
C GLU Q 31 -29.10 -17.54 -15.68
N GLU Q 32 -28.54 -17.99 -16.81
CA GLU Q 32 -29.29 -18.05 -18.07
C GLU Q 32 -30.43 -19.06 -17.96
N LEU Q 33 -30.12 -20.23 -17.41
CA LEU Q 33 -31.09 -21.25 -17.20
C LEU Q 33 -32.25 -20.78 -16.30
N GLU Q 34 -31.91 -20.10 -15.22
CA GLU Q 34 -32.88 -19.56 -14.30
C GLU Q 34 -33.83 -18.62 -15.03
N ALA Q 35 -33.26 -17.83 -15.91
CA ALA Q 35 -33.98 -16.86 -16.69
C ALA Q 35 -34.91 -17.51 -17.68
N VAL Q 36 -34.46 -18.59 -18.32
CA VAL Q 36 -35.30 -19.32 -19.25
C VAL Q 36 -36.52 -19.85 -18.49
N ASP Q 37 -36.26 -20.42 -17.31
CA ASP Q 37 -37.33 -21.02 -16.52
C ASP Q 37 -38.33 -19.94 -16.12
N TRP Q 38 -37.80 -18.85 -15.61
CA TRP Q 38 -38.59 -17.74 -15.10
C TRP Q 38 -39.46 -17.13 -16.21
N TYR Q 39 -38.85 -16.89 -17.37
CA TYR Q 39 -39.58 -16.30 -18.46
C TYR Q 39 -40.68 -17.24 -18.93
N ASP Q 40 -40.38 -18.53 -18.99
CA ASP Q 40 -41.35 -19.46 -19.50
C ASP Q 40 -42.56 -19.50 -18.57
N GLN Q 41 -42.33 -19.48 -17.27
CA GLN Q 41 -43.43 -19.38 -16.35
C GLN Q 41 -44.19 -18.06 -16.51
N ARG Q 42 -43.50 -16.95 -16.73
CA ARG Q 42 -44.20 -15.70 -16.90
C ARG Q 42 -45.02 -15.70 -18.20
N VAL Q 43 -44.53 -16.37 -19.22
CA VAL Q 43 -45.26 -16.49 -20.49
C VAL Q 43 -46.57 -17.23 -20.31
N ASP Q 44 -46.54 -18.31 -19.54
CA ASP Q 44 -47.76 -19.09 -19.27
C ASP Q 44 -48.81 -18.29 -18.49
N ALA Q 45 -48.35 -17.46 -17.57
CA ALA Q 45 -49.21 -16.75 -16.64
C ALA Q 45 -49.68 -15.38 -17.11
N SER Q 46 -48.95 -14.77 -18.03
CA SER Q 46 -49.23 -13.41 -18.43
C SER Q 46 -50.60 -13.33 -19.09
N THR Q 47 -51.35 -12.28 -18.78
CA THR Q 47 -52.66 -12.07 -19.39
C THR Q 47 -52.68 -10.80 -20.26
N ASP Q 48 -51.50 -10.35 -20.66
CA ASP Q 48 -51.32 -9.21 -21.58
C ASP Q 48 -50.51 -9.72 -22.78
N PRO Q 49 -51.13 -9.77 -23.98
CA PRO Q 49 -50.41 -10.38 -25.12
C PRO Q 49 -49.14 -9.65 -25.56
N GLU Q 50 -49.11 -8.32 -25.46
CA GLU Q 50 -47.94 -7.55 -25.85
C GLU Q 50 -46.77 -7.87 -24.89
N LEU Q 51 -47.06 -8.02 -23.60
CA LEU Q 51 -46.01 -8.40 -22.69
C LEU Q 51 -45.50 -9.81 -22.98
N THR Q 52 -46.43 -10.73 -23.21
CA THR Q 52 -46.08 -12.11 -23.46
C THR Q 52 -45.12 -12.26 -24.63
N ALA Q 53 -45.30 -11.49 -25.70
CA ALA Q 53 -44.40 -11.58 -26.84
C ALA Q 53 -42.98 -11.14 -26.48
N ILE Q 54 -42.85 -10.12 -25.62
CA ILE Q 54 -41.53 -9.68 -25.15
C ILE Q 54 -40.90 -10.79 -24.29
N LEU Q 55 -41.67 -11.35 -23.38
CA LEU Q 55 -41.15 -12.40 -22.51
C LEU Q 55 -40.67 -13.62 -23.29
N ALA Q 56 -41.43 -14.01 -24.31
CA ALA Q 56 -41.08 -15.19 -25.08
C ALA Q 56 -39.86 -14.90 -25.94
N HIS Q 57 -39.79 -13.70 -26.51
CA HIS Q 57 -38.61 -13.27 -27.25
C HIS Q 57 -37.38 -13.34 -26.35
N ASN Q 58 -37.47 -12.76 -25.16
CA ASN Q 58 -36.31 -12.73 -24.29
C ASN Q 58 -35.91 -14.18 -23.89
N ARG Q 59 -36.90 -14.97 -23.52
CA ARG Q 59 -36.69 -16.37 -23.11
C ARG Q 59 -35.77 -17.14 -24.07
N ASP Q 60 -36.09 -17.06 -25.34
CA ASP Q 60 -35.42 -17.89 -26.31
C ASP Q 60 -34.04 -17.33 -26.57
N GLU Q 61 -33.83 -16.03 -26.38
CA GLU Q 61 -32.48 -15.49 -26.51
C GLU Q 61 -31.63 -15.91 -25.33
N GLU Q 62 -32.21 -16.14 -24.16
CA GLU Q 62 -31.39 -16.62 -23.05
C GLU Q 62 -30.83 -18.02 -23.37
N LYS Q 63 -31.58 -18.81 -24.13
CA LYS Q 63 -31.19 -20.18 -24.48
C LYS Q 63 -29.95 -20.14 -25.33
N GLU Q 64 -29.89 -19.15 -26.20
CA GLU Q 64 -28.71 -18.93 -26.99
C GLU Q 64 -27.51 -18.47 -26.14
N HIS Q 65 -27.72 -17.55 -25.20
CA HIS Q 65 -26.64 -17.14 -24.30
C HIS Q 65 -26.07 -18.35 -23.56
N ALA Q 66 -26.96 -19.26 -23.16
CA ALA Q 66 -26.56 -20.47 -22.44
C ALA Q 66 -25.77 -21.38 -23.37
N ALA Q 67 -26.25 -21.54 -24.60
CA ALA Q 67 -25.60 -22.47 -25.51
C ALA Q 67 -24.17 -22.02 -25.82
N MET Q 68 -23.97 -20.72 -26.02
CA MET Q 68 -22.65 -20.16 -26.29
C MET Q 68 -21.64 -20.40 -25.15
N THR Q 69 -22.09 -20.17 -23.93
CA THR Q 69 -21.24 -20.31 -22.76
C THR Q 69 -20.94 -21.77 -22.47
N LEU Q 70 -21.93 -22.63 -22.70
CA LEU Q 70 -21.74 -24.07 -22.60
C LEU Q 70 -20.70 -24.57 -23.61
N GLU Q 71 -20.72 -24.03 -24.82
CA GLU Q 71 -19.73 -24.43 -25.79
C GLU Q 71 -18.36 -24.01 -25.31
N TRP Q 72 -18.27 -22.85 -24.69
CA TRP Q 72 -16.97 -22.43 -24.15
C TRP Q 72 -16.51 -23.41 -23.07
N LEU Q 73 -17.42 -23.83 -22.20
CA LEU Q 73 -17.05 -24.76 -21.17
C LEU Q 73 -16.55 -26.10 -21.74
N ARG Q 74 -17.24 -26.56 -22.78
CA ARG Q 74 -16.90 -27.83 -23.45
C ARG Q 74 -15.47 -27.76 -24.02
N ARG Q 75 -15.13 -26.65 -24.64
CA ARG Q 75 -13.82 -26.48 -25.20
C ARG Q 75 -12.77 -26.34 -24.11
N ASN Q 76 -13.16 -26.06 -22.88
CA ASN Q 76 -12.15 -25.74 -21.87
C ASN Q 76 -12.15 -26.65 -20.67
N ASP Q 77 -12.79 -27.80 -20.81
CA ASP Q 77 -12.88 -28.77 -19.70
C ASP Q 77 -13.07 -30.17 -20.28
N ALA Q 78 -12.14 -31.07 -20.00
CA ALA Q 78 -12.11 -32.36 -20.67
C ALA Q 78 -13.35 -33.19 -20.39
N LYS Q 79 -13.85 -33.09 -19.16
CA LYS Q 79 -15.00 -33.88 -18.73
C LYS Q 79 -16.31 -33.32 -19.23
N TRP Q 80 -16.41 -32.01 -19.37
CA TRP Q 80 -17.54 -31.48 -20.10
C TRP Q 80 -17.48 -32.02 -21.54
N ALA Q 81 -16.29 -32.03 -22.15
CA ALA Q 81 -16.23 -32.48 -23.54
C ALA Q 81 -16.68 -33.93 -23.62
N GLU Q 82 -16.21 -34.76 -22.69
CA GLU Q 82 -16.57 -36.17 -22.70
C GLU Q 82 -18.08 -36.41 -22.57
N HIS Q 83 -18.65 -35.86 -21.51
CA HIS Q 83 -20.02 -36.18 -21.17
C HIS Q 83 -21.03 -35.51 -22.09
N LEU Q 84 -20.76 -34.28 -22.54
CA LEU Q 84 -21.63 -33.67 -23.51
C LEU Q 84 -21.59 -34.46 -24.83
N ARG Q 85 -20.41 -34.96 -25.25
CA ARG Q 85 -20.35 -35.78 -26.47
C ARG Q 85 -21.14 -37.08 -26.28
N THR Q 86 -21.05 -37.68 -25.11
CA THR Q 86 -21.81 -38.91 -24.87
C THR Q 86 -23.31 -38.71 -25.04
N TYR Q 87 -23.89 -37.58 -24.61
CA TYR Q 87 -25.35 -37.48 -24.56
C TYR Q 87 -26.06 -36.55 -25.54
N LEU Q 88 -25.45 -35.43 -25.93
CA LEU Q 88 -26.20 -34.47 -26.74
C LEU Q 88 -26.38 -34.97 -28.15
N PHE Q 89 -27.57 -34.75 -28.69
CA PHE Q 89 -27.91 -35.13 -30.06
C PHE Q 89 -27.83 -36.63 -30.28
N THR Q 90 -28.40 -37.39 -29.34
CA THR Q 90 -28.43 -38.84 -29.43
C THR Q 90 -29.88 -39.29 -29.61
N GLU Q 91 -30.07 -40.59 -29.83
CA GLU Q 91 -31.41 -41.18 -29.86
C GLU Q 91 -31.48 -42.38 -28.92
N GLY Q 92 -32.67 -42.93 -28.74
CA GLY Q 92 -32.89 -43.94 -27.72
C GLY Q 92 -32.64 -43.48 -26.29
N PRO Q 93 -32.81 -44.40 -25.34
CA PRO Q 93 -32.83 -44.12 -23.90
C PRO Q 93 -31.61 -43.32 -23.42
N ILE Q 94 -31.82 -42.23 -22.70
CA ILE Q 94 -30.70 -41.39 -22.26
C ILE Q 94 -29.85 -42.11 -21.20
N THR Q 95 -30.50 -42.84 -20.31
CA THR Q 95 -29.79 -43.59 -19.25
C THR Q 95 -29.01 -44.84 -19.72
N ALA Q 96 -29.09 -45.18 -21.01
CA ALA Q 96 -28.36 -46.33 -21.56
C ALA Q 96 -26.89 -45.99 -21.84
N SER R 7 -42.01 -24.32 -5.54
CA SER R 7 -40.74 -23.66 -5.82
C SER R 7 -40.77 -23.00 -7.22
N THR R 8 -41.97 -22.82 -7.75
CA THR R 8 -42.17 -22.10 -9.01
C THR R 8 -42.42 -20.62 -8.68
N HIS R 9 -42.19 -19.73 -9.65
CA HIS R 9 -42.35 -18.30 -9.41
C HIS R 9 -43.81 -17.92 -9.65
N GLU R 10 -44.52 -18.71 -10.44
CA GLU R 10 -45.96 -18.51 -10.68
C GLU R 10 -46.73 -19.66 -10.03
N PRO R 11 -48.00 -19.40 -9.63
CA PRO R 11 -48.83 -20.47 -9.05
C PRO R 11 -48.98 -21.63 -10.00
N LEU R 12 -48.90 -22.85 -9.46
CA LEU R 12 -48.91 -24.06 -10.28
C LEU R 12 -50.13 -24.23 -11.17
N GLU R 13 -51.28 -23.68 -10.79
CA GLU R 13 -52.50 -23.93 -11.61
C GLU R 13 -52.57 -23.16 -12.92
N VAL R 14 -51.75 -22.13 -13.10
CA VAL R 14 -51.73 -21.42 -14.38
C VAL R 14 -50.59 -21.95 -15.24
N LEU R 15 -49.78 -22.85 -14.69
CA LEU R 15 -48.67 -23.39 -15.45
C LEU R 15 -49.06 -24.64 -16.22
N LYS R 16 -48.68 -24.66 -17.49
CA LYS R 16 -48.81 -25.85 -18.31
C LYS R 16 -47.91 -26.91 -17.76
N GLU R 17 -48.39 -28.13 -17.84
CA GLU R 17 -47.68 -29.24 -17.27
C GLU R 17 -46.29 -29.40 -17.88
N GLU R 18 -46.15 -29.17 -19.18
CA GLU R 18 -44.84 -29.29 -19.79
C GLU R 18 -43.89 -28.20 -19.27
N THR R 19 -44.41 -27.03 -18.95
CA THR R 19 -43.58 -25.97 -18.40
C THR R 19 -43.02 -26.42 -17.07
N VAL R 20 -43.83 -27.10 -16.26
CA VAL R 20 -43.35 -27.51 -14.95
C VAL R 20 -42.32 -28.64 -15.08
N ASN R 21 -42.47 -29.56 -16.03
CA ASN R 21 -41.43 -30.60 -16.21
C ASN R 21 -40.10 -30.02 -16.68
N ARG R 22 -40.16 -29.03 -17.56
CA ARG R 22 -38.94 -28.34 -17.98
C ARG R 22 -38.29 -27.59 -16.80
N HIS R 23 -39.11 -26.98 -15.92
CA HIS R 23 -38.66 -26.36 -14.69
C HIS R 23 -37.95 -27.40 -13.81
N ARG R 24 -38.49 -28.62 -13.71
CA ARG R 24 -37.81 -29.66 -12.95
C ARG R 24 -36.43 -29.96 -13.50
N ALA R 25 -36.36 -30.01 -14.82
CA ALA R 25 -35.12 -30.29 -15.53
C ALA R 25 -34.09 -29.14 -15.45
N ILE R 26 -34.54 -27.92 -15.65
CA ILE R 26 -33.68 -26.77 -15.63
C ILE R 26 -33.05 -26.58 -14.24
N VAL R 27 -33.86 -26.67 -13.19
CA VAL R 27 -33.35 -26.49 -11.84
C VAL R 27 -32.40 -27.61 -11.50
N SER R 28 -32.63 -28.80 -12.05
CA SER R 28 -31.70 -29.90 -11.87
C SER R 28 -30.34 -29.56 -12.47
N VAL R 29 -30.33 -29.06 -13.71
CA VAL R 29 -29.08 -28.67 -14.36
C VAL R 29 -28.41 -27.58 -13.55
N MET R 30 -29.19 -26.61 -13.08
CA MET R 30 -28.63 -25.52 -12.27
C MET R 30 -27.91 -26.07 -11.04
N GLU R 31 -28.53 -27.05 -10.37
CA GLU R 31 -27.92 -27.62 -9.18
C GLU R 31 -26.67 -28.41 -9.51
N GLU R 32 -26.64 -29.09 -10.66
CA GLU R 32 -25.48 -29.84 -11.08
C GLU R 32 -24.33 -28.88 -11.35
N LEU R 33 -24.62 -27.77 -12.03
CA LEU R 33 -23.61 -26.77 -12.34
C LEU R 33 -23.00 -26.19 -11.07
N GLU R 34 -23.84 -25.87 -10.12
CA GLU R 34 -23.39 -25.35 -8.85
C GLU R 34 -22.47 -26.34 -8.17
N ALA R 35 -22.84 -27.61 -8.21
CA ALA R 35 -22.02 -28.64 -7.59
C ALA R 35 -20.67 -28.81 -8.27
N VAL R 36 -20.64 -28.73 -9.61
CA VAL R 36 -19.39 -28.83 -10.35
C VAL R 36 -18.45 -27.71 -9.90
N ASP R 37 -18.98 -26.50 -9.87
CA ASP R 37 -18.17 -25.36 -9.52
C ASP R 37 -17.66 -25.46 -8.08
N TRP R 38 -18.53 -25.78 -7.14
CA TRP R 38 -18.11 -25.87 -5.76
C TRP R 38 -17.07 -26.95 -5.58
N TYR R 39 -17.30 -28.10 -6.20
CA TYR R 39 -16.33 -29.19 -6.03
C TYR R 39 -14.98 -28.81 -6.63
N ASP R 40 -14.98 -28.12 -7.77
CA ASP R 40 -13.72 -27.75 -8.42
C ASP R 40 -12.94 -26.77 -7.54
N GLN R 41 -13.62 -25.84 -6.91
CA GLN R 41 -12.96 -24.96 -5.97
C GLN R 41 -12.40 -25.73 -4.79
N ARG R 42 -13.15 -26.71 -4.28
CA ARG R 42 -12.66 -27.50 -3.15
C ARG R 42 -11.47 -28.39 -3.57
N VAL R 43 -11.48 -28.90 -4.79
CA VAL R 43 -10.36 -29.69 -5.30
C VAL R 43 -9.07 -28.85 -5.28
N ASP R 44 -9.16 -27.60 -5.70
CA ASP R 44 -8.01 -26.70 -5.74
C ASP R 44 -7.50 -26.40 -4.35
N ALA R 45 -8.42 -26.26 -3.41
CA ALA R 45 -8.06 -25.77 -2.07
C ALA R 45 -7.71 -26.88 -1.09
N SER R 46 -8.15 -28.10 -1.37
CA SER R 46 -7.98 -29.20 -0.43
C SER R 46 -6.51 -29.49 -0.17
N THR R 47 -6.15 -29.73 1.08
CA THR R 47 -4.76 -30.06 1.40
C THR R 47 -4.64 -31.52 1.84
N ASP R 48 -5.64 -32.31 1.46
CA ASP R 48 -5.67 -33.76 1.70
C ASP R 48 -5.90 -34.53 0.37
N PRO R 49 -4.88 -35.28 -0.11
CA PRO R 49 -5.03 -35.96 -1.42
C PRO R 49 -6.10 -37.04 -1.49
N GLU R 50 -6.35 -37.79 -0.42
CA GLU R 50 -7.44 -38.75 -0.48
C GLU R 50 -8.78 -38.06 -0.61
N LEU R 51 -8.95 -36.93 0.09
CA LEU R 51 -10.19 -36.17 -0.04
C LEU R 51 -10.32 -35.60 -1.44
N THR R 52 -9.23 -35.02 -1.93
CA THR R 52 -9.18 -34.39 -3.26
C THR R 52 -9.62 -35.31 -4.38
N ALA R 53 -9.20 -36.56 -4.33
CA ALA R 53 -9.63 -37.57 -5.30
C ALA R 53 -11.14 -37.82 -5.26
N ILE R 54 -11.73 -37.85 -4.07
CA ILE R 54 -13.18 -38.01 -3.94
C ILE R 54 -13.92 -36.81 -4.53
N LEU R 55 -13.50 -35.61 -4.16
CA LEU R 55 -14.09 -34.39 -4.66
C LEU R 55 -14.02 -34.35 -6.18
N ALA R 56 -12.88 -34.76 -6.76
CA ALA R 56 -12.73 -34.73 -8.24
C ALA R 56 -13.56 -35.79 -8.94
N HIS R 57 -13.63 -36.97 -8.34
CA HIS R 57 -14.50 -38.01 -8.84
C HIS R 57 -15.94 -37.54 -8.86
N ASN R 58 -16.38 -36.97 -7.75
CA ASN R 58 -17.77 -36.52 -7.65
C ASN R 58 -18.04 -35.40 -8.66
N ARG R 59 -17.11 -34.45 -8.75
CA ARG R 59 -17.21 -33.31 -9.66
C ARG R 59 -17.56 -33.73 -11.08
N ASP R 60 -16.83 -34.71 -11.54
CA ASP R 60 -16.92 -35.10 -12.92
C ASP R 60 -18.17 -35.91 -13.21
N GLU R 61 -18.72 -36.60 -12.21
CA GLU R 61 -20.01 -37.26 -12.39
C GLU R 61 -21.16 -36.24 -12.41
N GLU R 62 -21.04 -35.12 -11.68
CA GLU R 62 -22.09 -34.11 -11.78
C GLU R 62 -22.18 -33.62 -13.23
N LYS R 63 -21.05 -33.54 -13.94
CA LYS R 63 -21.07 -33.04 -15.33
C LYS R 63 -21.91 -33.97 -16.22
N GLU R 64 -21.78 -35.25 -15.96
CA GLU R 64 -22.58 -36.24 -16.64
C GLU R 64 -24.08 -36.12 -16.30
N HIS R 65 -24.42 -35.91 -15.02
CA HIS R 65 -25.81 -35.66 -14.64
C HIS R 65 -26.38 -34.47 -15.37
N ALA R 66 -25.60 -33.40 -15.50
CA ALA R 66 -26.05 -32.22 -16.19
C ALA R 66 -26.24 -32.53 -17.67
N ALA R 67 -25.33 -33.31 -18.23
CA ALA R 67 -25.39 -33.63 -19.66
C ALA R 67 -26.65 -34.44 -20.05
N MET R 68 -26.99 -35.44 -19.23
CA MET R 68 -28.16 -36.28 -19.43
C MET R 68 -29.42 -35.42 -19.41
N THR R 69 -29.48 -34.52 -18.46
CA THR R 69 -30.66 -33.68 -18.32
C THR R 69 -30.73 -32.64 -19.43
N LEU R 70 -29.57 -32.14 -19.86
CA LEU R 70 -29.52 -31.18 -20.96
C LEU R 70 -30.04 -31.80 -22.24
N GLU R 71 -29.69 -33.06 -22.45
CA GLU R 71 -30.19 -33.78 -23.62
C GLU R 71 -31.71 -33.93 -23.53
N TRP R 72 -32.25 -34.20 -22.35
CA TRP R 72 -33.70 -34.27 -22.22
C TRP R 72 -34.32 -32.93 -22.61
N LEU R 73 -33.74 -31.83 -22.17
CA LEU R 73 -34.29 -30.52 -22.52
C LEU R 73 -34.23 -30.32 -24.02
N ARG R 74 -33.11 -30.71 -24.61
CA ARG R 74 -32.92 -30.55 -26.04
C ARG R 74 -34.03 -31.28 -26.78
N ARG R 75 -34.35 -32.49 -26.33
CA ARG R 75 -35.39 -33.29 -26.96
C ARG R 75 -36.79 -32.78 -26.73
N ASN R 76 -36.98 -31.92 -25.74
CA ASN R 76 -38.31 -31.50 -25.36
C ASN R 76 -38.57 -30.02 -25.52
N ASP R 77 -37.71 -29.34 -26.26
CA ASP R 77 -37.84 -27.90 -26.47
C ASP R 77 -37.15 -27.50 -27.76
N ALA R 78 -37.92 -26.99 -28.72
CA ALA R 78 -37.40 -26.71 -30.08
C ALA R 78 -36.30 -25.67 -30.08
N LYS R 79 -36.41 -24.66 -29.22
CA LYS R 79 -35.41 -23.60 -29.23
C LYS R 79 -34.09 -24.02 -28.55
N TRP R 80 -34.17 -24.85 -27.52
CA TRP R 80 -32.96 -25.44 -26.95
C TRP R 80 -32.29 -26.24 -28.05
N ALA R 81 -33.08 -27.00 -28.80
CA ALA R 81 -32.53 -27.83 -29.85
C ALA R 81 -31.83 -26.98 -30.88
N GLU R 82 -32.49 -25.91 -31.29
CA GLU R 82 -31.94 -25.04 -32.31
C GLU R 82 -30.62 -24.38 -31.87
N HIS R 83 -30.62 -23.76 -30.70
CA HIS R 83 -29.43 -23.02 -30.26
C HIS R 83 -28.26 -23.92 -29.86
N LEU R 84 -28.55 -25.07 -29.26
CA LEU R 84 -27.49 -26.03 -28.92
C LEU R 84 -26.85 -26.56 -30.22
N ARG R 85 -27.67 -26.80 -31.24
CA ARG R 85 -27.15 -27.30 -32.53
C ARG R 85 -26.22 -26.28 -33.20
N THR R 86 -26.53 -25.00 -33.06
CA THR R 86 -25.71 -23.93 -33.64
C THR R 86 -24.29 -23.85 -33.04
N TYR R 87 -24.16 -23.97 -31.72
CA TYR R 87 -22.88 -23.67 -31.06
C TYR R 87 -22.11 -24.89 -30.59
N LEU R 88 -22.80 -25.94 -30.19
CA LEU R 88 -22.11 -27.08 -29.62
C LEU R 88 -21.33 -27.88 -30.65
N PHE R 89 -20.14 -28.36 -30.25
CA PHE R 89 -19.28 -29.17 -31.09
C PHE R 89 -18.84 -28.44 -32.34
N THR R 90 -18.52 -27.17 -32.21
CA THR R 90 -18.06 -26.38 -33.33
C THR R 90 -16.61 -26.04 -33.15
N GLU R 91 -16.07 -25.39 -34.17
CA GLU R 91 -14.72 -24.87 -34.11
C GLU R 91 -14.78 -23.37 -34.44
N GLY R 92 -13.67 -22.68 -34.24
CA GLY R 92 -13.66 -21.24 -34.44
C GLY R 92 -14.59 -20.41 -33.57
N PRO R 93 -14.54 -19.07 -33.75
CA PRO R 93 -15.10 -18.08 -32.81
C PRO R 93 -16.56 -18.39 -32.41
N ILE R 94 -16.86 -18.45 -31.12
CA ILE R 94 -18.18 -18.85 -30.71
C ILE R 94 -19.21 -17.78 -31.01
N THR R 95 -18.85 -16.51 -30.85
CA THR R 95 -19.83 -15.44 -31.05
C THR R 95 -20.25 -15.32 -32.51
N ALA R 96 -19.29 -15.38 -33.42
CA ALA R 96 -19.57 -15.32 -34.86
C ALA R 96 -20.69 -16.28 -35.28
N SER S 7 -44.64 -15.50 -6.32
CA SER S 7 -43.58 -14.51 -6.16
C SER S 7 -44.10 -13.10 -5.76
N THR S 8 -45.39 -12.99 -5.44
CA THR S 8 -45.97 -11.72 -4.99
C THR S 8 -45.98 -11.66 -3.45
N HIS S 9 -45.96 -10.45 -2.90
CA HIS S 9 -45.96 -10.23 -1.46
C HIS S 9 -47.37 -10.15 -0.86
N GLU S 10 -48.36 -9.88 -1.71
CA GLU S 10 -49.76 -9.87 -1.29
C GLU S 10 -50.42 -11.05 -2.01
N PRO S 11 -51.50 -11.61 -1.45
CA PRO S 11 -52.22 -12.71 -2.11
C PRO S 11 -52.76 -12.31 -3.46
N LEU S 12 -52.65 -13.18 -4.46
CA LEU S 12 -53.09 -12.86 -5.82
C LEU S 12 -54.56 -12.49 -5.87
N GLU S 13 -55.35 -13.00 -4.93
CA GLU S 13 -56.78 -12.75 -5.03
C GLU S 13 -57.14 -11.29 -4.74
N VAL S 14 -56.25 -10.53 -4.10
CA VAL S 14 -56.56 -9.11 -3.87
C VAL S 14 -55.87 -8.19 -4.85
N LEU S 15 -55.02 -8.73 -5.72
CA LEU S 15 -54.31 -7.89 -6.67
C LEU S 15 -55.11 -7.77 -7.96
N LYS S 16 -55.19 -6.55 -8.48
CA LYS S 16 -55.72 -6.33 -9.82
C LYS S 16 -54.86 -7.01 -10.89
N GLU S 17 -55.51 -7.49 -11.94
CA GLU S 17 -54.82 -8.13 -13.06
C GLU S 17 -53.68 -7.27 -13.63
N GLU S 18 -53.90 -5.98 -13.81
CA GLU S 18 -52.87 -5.12 -14.38
C GLU S 18 -51.64 -4.99 -13.46
N THR S 19 -51.89 -4.98 -12.16
CA THR S 19 -50.84 -4.94 -11.13
C THR S 19 -49.91 -6.14 -11.22
N VAL S 20 -50.48 -7.32 -11.46
CA VAL S 20 -49.69 -8.55 -11.56
C VAL S 20 -48.89 -8.64 -12.85
N ASN S 21 -49.46 -8.15 -13.95
CA ASN S 21 -48.70 -8.09 -15.17
C ASN S 21 -47.57 -7.08 -15.05
N ARG S 22 -47.79 -5.96 -14.36
CA ARG S 22 -46.71 -5.02 -14.17
C ARG S 22 -45.60 -5.63 -13.31
N HIS S 23 -46.02 -6.43 -12.32
CA HIS S 23 -45.09 -7.18 -11.50
C HIS S 23 -44.23 -8.09 -12.38
N ARG S 24 -44.83 -8.82 -13.31
CA ARG S 24 -44.07 -9.71 -14.20
C ARG S 24 -43.03 -8.92 -14.98
N ALA S 25 -43.41 -7.74 -15.47
CA ALA S 25 -42.50 -6.91 -16.24
C ALA S 25 -41.40 -6.35 -15.36
N ILE S 26 -41.77 -5.85 -14.19
CA ILE S 26 -40.81 -5.21 -13.31
C ILE S 26 -39.73 -6.19 -12.87
N VAL S 27 -40.11 -7.39 -12.42
CA VAL S 27 -39.10 -8.35 -11.98
C VAL S 27 -38.24 -8.79 -13.19
N SER S 28 -38.83 -8.81 -14.39
CA SER S 28 -38.05 -9.08 -15.59
C SER S 28 -36.95 -8.04 -15.78
N VAL S 29 -37.29 -6.76 -15.63
CA VAL S 29 -36.33 -5.69 -15.78
C VAL S 29 -35.27 -5.83 -14.69
N MET S 30 -35.69 -6.16 -13.47
CA MET S 30 -34.75 -6.31 -12.36
C MET S 30 -33.72 -7.41 -12.65
N GLU S 31 -34.19 -8.54 -13.14
CA GLU S 31 -33.34 -9.67 -13.47
C GLU S 31 -32.41 -9.34 -14.63
N GLU S 32 -32.88 -8.57 -15.60
CA GLU S 32 -32.03 -8.16 -16.69
C GLU S 32 -30.89 -7.23 -16.23
N LEU S 33 -31.24 -6.27 -15.39
CA LEU S 33 -30.28 -5.32 -14.87
C LEU S 33 -29.24 -6.06 -14.10
N GLU S 34 -29.67 -7.00 -13.29
CA GLU S 34 -28.74 -7.83 -12.54
C GLU S 34 -27.77 -8.60 -13.45
N ALA S 35 -28.27 -9.15 -14.54
CA ALA S 35 -27.42 -9.85 -15.49
C ALA S 35 -26.41 -8.90 -16.10
N VAL S 36 -26.84 -7.67 -16.39
CA VAL S 36 -25.94 -6.69 -16.98
C VAL S 36 -24.73 -6.41 -16.09
N ASP S 37 -25.01 -6.16 -14.81
CA ASP S 37 -24.00 -5.83 -13.82
C ASP S 37 -23.04 -7.00 -13.62
N TRP S 38 -23.62 -8.19 -13.46
CA TRP S 38 -22.86 -9.41 -13.23
C TRP S 38 -21.95 -9.67 -14.44
N TYR S 39 -22.53 -9.61 -15.63
CA TYR S 39 -21.74 -9.87 -16.82
C TYR S 39 -20.63 -8.84 -16.95
N ASP S 40 -20.92 -7.57 -16.67
CA ASP S 40 -19.90 -6.55 -16.86
C ASP S 40 -18.73 -6.74 -15.88
N GLN S 41 -19.05 -7.14 -14.66
CA GLN S 41 -18.02 -7.47 -13.71
C GLN S 41 -17.19 -8.67 -14.19
N ARG S 42 -17.84 -9.67 -14.77
CA ARG S 42 -17.12 -10.85 -15.26
C ARG S 42 -16.25 -10.50 -16.45
N VAL S 43 -16.72 -9.57 -17.28
CA VAL S 43 -15.92 -9.09 -18.42
C VAL S 43 -14.61 -8.45 -17.95
N ASP S 44 -14.67 -7.61 -16.91
CA ASP S 44 -13.48 -6.96 -16.36
C ASP S 44 -12.47 -7.93 -15.74
N ALA S 45 -12.96 -8.96 -15.07
CA ALA S 45 -12.12 -9.85 -14.31
C ALA S 45 -11.60 -11.05 -15.14
N SER S 46 -12.29 -11.39 -16.21
CA SER S 46 -11.94 -12.57 -16.99
C SER S 46 -10.55 -12.46 -17.57
N THR S 47 -9.82 -13.56 -17.53
CA THR S 47 -8.48 -13.66 -18.10
C THR S 47 -8.42 -14.61 -19.29
N ASP S 48 -9.57 -14.86 -19.90
CA ASP S 48 -9.66 -15.66 -21.11
C ASP S 48 -10.38 -14.85 -22.17
N PRO S 49 -9.69 -14.40 -23.22
CA PRO S 49 -10.37 -13.50 -24.16
C PRO S 49 -11.56 -14.10 -24.90
N GLU S 50 -11.58 -15.39 -25.18
CA GLU S 50 -12.72 -15.99 -25.86
C GLU S 50 -13.98 -15.98 -24.94
N LEU S 51 -13.79 -16.22 -23.66
CA LEU S 51 -14.88 -16.17 -22.72
C LEU S 51 -15.39 -14.75 -22.64
N THR S 52 -14.46 -13.81 -22.57
CA THR S 52 -14.78 -12.38 -22.48
C THR S 52 -15.69 -11.89 -23.60
N ALA S 53 -15.43 -12.30 -24.83
CA ALA S 53 -16.27 -11.93 -25.96
C ALA S 53 -17.71 -12.43 -25.80
N ILE S 54 -17.87 -13.65 -25.27
CA ILE S 54 -19.18 -14.23 -25.04
C ILE S 54 -19.92 -13.47 -23.96
N LEU S 55 -19.23 -13.21 -22.87
CA LEU S 55 -19.81 -12.46 -21.76
C LEU S 55 -20.29 -11.06 -22.18
N ALA S 56 -19.47 -10.37 -22.98
CA ALA S 56 -19.78 -9.03 -23.40
C ALA S 56 -20.95 -9.03 -24.39
N HIS S 57 -20.97 -10.01 -25.27
CA HIS S 57 -22.08 -10.16 -26.17
C HIS S 57 -23.39 -10.38 -25.41
N ASN S 58 -23.38 -11.29 -24.44
CA ASN S 58 -24.58 -11.57 -23.69
C ASN S 58 -25.00 -10.32 -22.89
N ARG S 59 -24.04 -9.65 -22.24
CA ARG S 59 -24.26 -8.43 -21.46
C ARG S 59 -25.11 -7.43 -22.20
N ASP S 60 -24.72 -7.14 -23.44
CA ASP S 60 -25.36 -6.07 -24.21
C ASP S 60 -26.73 -6.50 -24.76
N GLU S 61 -26.94 -7.78 -24.96
CA GLU S 61 -28.30 -8.24 -25.28
C GLU S 61 -29.23 -8.13 -24.08
N GLU S 62 -28.71 -8.28 -22.86
CA GLU S 62 -29.58 -8.13 -21.68
C GLU S 62 -30.11 -6.69 -21.66
N LYS S 63 -29.28 -5.74 -22.08
CA LYS S 63 -29.67 -4.33 -22.07
C LYS S 63 -30.88 -4.11 -23.00
N GLU S 64 -30.90 -4.83 -24.12
CA GLU S 64 -32.02 -4.79 -25.05
C GLU S 64 -33.26 -5.43 -24.45
N HIS S 65 -33.09 -6.58 -23.80
CA HIS S 65 -34.20 -7.22 -23.10
C HIS S 65 -34.81 -6.25 -22.10
N ALA S 66 -33.96 -5.52 -21.39
CA ALA S 66 -34.39 -4.53 -20.41
C ALA S 66 -35.18 -3.37 -21.04
N ALA S 67 -34.66 -2.86 -22.15
CA ALA S 67 -35.26 -1.71 -22.81
C ALA S 67 -36.65 -2.04 -23.34
N MET S 68 -36.81 -3.20 -23.96
CA MET S 68 -38.09 -3.64 -24.49
C MET S 68 -39.12 -3.73 -23.38
N THR S 69 -38.73 -4.30 -22.24
CA THR S 69 -39.68 -4.49 -21.15
C THR S 69 -40.00 -3.15 -20.52
N LEU S 70 -39.01 -2.28 -20.44
CA LEU S 70 -39.22 -0.95 -19.91
C LEU S 70 -40.19 -0.15 -20.77
N GLU S 71 -40.12 -0.30 -22.10
CA GLU S 71 -41.08 0.40 -22.98
C GLU S 71 -42.49 -0.12 -22.74
N TRP S 72 -42.65 -1.44 -22.56
CA TRP S 72 -43.98 -1.98 -22.21
C TRP S 72 -44.47 -1.33 -20.89
N LEU S 73 -43.60 -1.21 -19.90
CA LEU S 73 -44.00 -0.58 -18.66
C LEU S 73 -44.39 0.84 -18.91
N ARG S 74 -43.60 1.56 -19.71
CA ARG S 74 -43.91 2.95 -19.99
C ARG S 74 -45.32 3.11 -20.60
N ARG S 75 -45.65 2.23 -21.53
CA ARG S 75 -46.95 2.27 -22.19
C ARG S 75 -48.12 1.89 -21.32
N ASN S 76 -47.86 1.23 -20.19
CA ASN S 76 -48.90 0.66 -19.39
C ASN S 76 -48.99 1.23 -17.99
N ASP S 77 -48.32 2.36 -17.80
CA ASP S 77 -48.27 2.98 -16.49
C ASP S 77 -47.98 4.44 -16.67
N ALA S 78 -48.93 5.29 -16.30
CA ALA S 78 -48.88 6.70 -16.61
C ALA S 78 -47.70 7.38 -15.92
N LYS S 79 -47.38 6.94 -14.71
CA LYS S 79 -46.29 7.60 -13.98
C LYS S 79 -44.92 7.17 -14.46
N TRP S 80 -44.80 5.93 -14.90
CA TRP S 80 -43.57 5.53 -15.61
C TRP S 80 -43.44 6.45 -16.87
N ALA S 81 -44.53 6.64 -17.59
CA ALA S 81 -44.47 7.49 -18.79
C ALA S 81 -44.07 8.92 -18.42
N GLU S 82 -44.67 9.45 -17.37
CA GLU S 82 -44.36 10.81 -16.98
C GLU S 82 -42.90 10.98 -16.58
N HIS S 83 -42.41 10.14 -15.67
CA HIS S 83 -41.05 10.32 -15.16
C HIS S 83 -39.96 9.93 -16.17
N LEU S 84 -40.17 8.88 -16.95
CA LEU S 84 -39.20 8.54 -17.97
C LEU S 84 -39.12 9.68 -19.01
N ARG S 85 -40.26 10.29 -19.32
CA ARG S 85 -40.24 11.42 -20.28
C ARG S 85 -39.45 12.63 -19.74
N THR S 86 -39.56 12.89 -18.45
CA THR S 86 -38.84 14.02 -17.88
C THR S 86 -37.30 13.86 -18.01
N TYR S 87 -36.78 12.65 -17.78
CA TYR S 87 -35.34 12.49 -17.66
C TYR S 87 -34.63 11.83 -18.83
N LEU S 88 -35.25 10.89 -19.54
CA LEU S 88 -34.50 10.18 -20.57
C LEU S 88 -34.23 11.08 -21.77
N PHE S 89 -33.04 10.92 -22.34
CA PHE S 89 -32.61 11.66 -23.53
C PHE S 89 -32.59 13.15 -23.33
N THR S 90 -32.06 13.60 -22.20
CA THR S 90 -31.92 15.04 -21.90
C THR S 90 -30.45 15.45 -21.84
N GLU S 91 -30.23 16.75 -21.69
CA GLU S 91 -28.88 17.26 -21.48
C GLU S 91 -28.88 18.06 -20.20
N GLY S 92 -27.72 18.52 -19.79
CA GLY S 92 -27.60 19.18 -18.51
C GLY S 92 -27.95 18.39 -17.27
N PRO S 93 -27.77 19.01 -16.10
CA PRO S 93 -27.87 18.31 -14.80
C PRO S 93 -29.18 17.53 -14.59
N ILE S 94 -29.05 16.26 -14.23
CA ILE S 94 -30.21 15.39 -14.05
C ILE S 94 -31.01 15.81 -12.83
N THR S 95 -30.35 16.22 -11.76
CA THR S 95 -31.06 16.69 -10.59
C THR S 95 -31.66 18.05 -10.86
N SER T 7 -20.31 -5.42 -2.28
CA SER T 7 -21.51 -5.93 -2.93
C SER T 7 -21.25 -6.35 -4.38
N THR T 8 -20.00 -6.28 -4.82
CA THR T 8 -19.65 -6.67 -6.18
C THR T 8 -19.30 -8.16 -6.12
N HIS T 9 -19.43 -8.86 -7.26
CA HIS T 9 -19.16 -10.29 -7.31
C HIS T 9 -17.67 -10.57 -7.59
N GLU T 10 -16.99 -9.60 -8.16
CA GLU T 10 -15.56 -9.71 -8.39
C GLU T 10 -14.83 -8.76 -7.44
N PRO T 11 -13.58 -9.08 -7.09
CA PRO T 11 -12.79 -8.16 -6.24
C PRO T 11 -12.64 -6.79 -6.86
N LEU T 12 -12.76 -5.73 -6.05
CA LEU T 12 -12.71 -4.38 -6.58
C LEU T 12 -11.47 -4.07 -7.35
N GLU T 13 -10.36 -4.72 -7.01
CA GLU T 13 -9.10 -4.37 -7.63
C GLU T 13 -8.98 -4.86 -9.07
N VAL T 14 -9.85 -5.76 -9.51
CA VAL T 14 -9.82 -6.18 -10.91
C VAL T 14 -10.91 -5.47 -11.72
N LEU T 15 -11.76 -4.67 -11.06
CA LEU T 15 -12.84 -3.94 -11.73
C LEU T 15 -12.40 -2.52 -12.09
N LYS T 16 -12.72 -2.11 -13.30
CA LYS T 16 -12.52 -0.73 -13.69
C LYS T 16 -13.45 0.17 -12.86
N GLU T 17 -12.99 1.37 -12.54
CA GLU T 17 -13.73 2.34 -11.76
C GLU T 17 -15.12 2.64 -12.35
N GLU T 18 -15.20 2.77 -13.66
CA GLU T 18 -16.48 3.07 -14.29
C GLU T 18 -17.45 1.88 -14.15
N THR T 19 -16.92 0.67 -14.15
CA THR T 19 -17.72 -0.53 -13.98
C THR T 19 -18.36 -0.51 -12.62
N VAL T 20 -17.61 -0.07 -11.63
CA VAL T 20 -18.13 -0.06 -10.25
C VAL T 20 -19.17 1.04 -10.05
N ASN T 21 -18.99 2.20 -10.69
CA ASN T 21 -20.01 3.24 -10.65
C ASN T 21 -21.28 2.81 -11.40
N ARG T 22 -21.12 2.12 -12.53
CA ARG T 22 -22.29 1.57 -13.22
C ARG T 22 -22.99 0.56 -12.32
N HIS T 23 -22.24 -0.25 -11.59
CA HIS T 23 -22.81 -1.17 -10.60
C HIS T 23 -23.63 -0.43 -9.56
N ARG T 24 -23.13 0.67 -9.03
CA ARG T 24 -23.90 1.43 -8.05
C ARG T 24 -25.24 1.93 -8.61
N ALA T 25 -25.20 2.36 -9.86
CA ALA T 25 -26.39 2.88 -10.52
C ALA T 25 -27.38 1.78 -10.78
N ILE T 26 -26.89 0.66 -11.30
CA ILE T 26 -27.75 -0.46 -11.67
C ILE T 26 -28.48 -1.02 -10.46
N VAL T 27 -27.75 -1.24 -9.39
CA VAL T 27 -28.34 -1.80 -8.20
C VAL T 27 -29.34 -0.80 -7.58
N SER T 28 -29.10 0.50 -7.74
CA SER T 28 -30.07 1.48 -7.29
C SER T 28 -31.38 1.35 -8.08
N VAL T 29 -31.29 1.23 -9.39
CA VAL T 29 -32.49 1.08 -10.21
C VAL T 29 -33.23 -0.21 -9.83
N MET T 30 -32.50 -1.32 -9.59
CA MET T 30 -33.09 -2.56 -9.18
C MET T 30 -33.90 -2.41 -7.90
N GLU T 31 -33.32 -1.71 -6.92
CA GLU T 31 -34.01 -1.48 -5.65
C GLU T 31 -35.23 -0.56 -5.83
N GLU T 32 -35.14 0.42 -6.73
CA GLU T 32 -36.29 1.27 -7.03
C GLU T 32 -37.39 0.43 -7.66
N LEU T 33 -37.05 -0.43 -8.62
CA LEU T 33 -38.07 -1.28 -9.27
C LEU T 33 -38.78 -2.18 -8.29
N GLU T 34 -38.01 -2.76 -7.39
CA GLU T 34 -38.55 -3.57 -6.34
C GLU T 34 -39.54 -2.80 -5.48
N ALA T 35 -39.18 -1.57 -5.13
CA ALA T 35 -40.02 -0.73 -4.27
C ALA T 35 -41.31 -0.34 -5.00
N VAL T 36 -41.21 -0.06 -6.29
CA VAL T 36 -42.42 0.25 -7.07
C VAL T 36 -43.37 -0.93 -7.01
N ASP T 37 -42.83 -2.12 -7.23
CA ASP T 37 -43.65 -3.32 -7.28
C ASP T 37 -44.31 -3.63 -5.94
N TRP T 38 -43.49 -3.59 -4.90
CA TRP T 38 -43.90 -3.85 -3.52
C TRP T 38 -44.98 -2.85 -3.10
N TYR T 39 -44.74 -1.58 -3.37
CA TYR T 39 -45.71 -0.54 -3.01
C TYR T 39 -47.03 -0.73 -3.77
N ASP T 40 -46.96 -1.12 -5.04
CA ASP T 40 -48.18 -1.23 -5.84
C ASP T 40 -49.03 -2.36 -5.32
N GLN T 41 -48.38 -3.44 -4.92
CA GLN T 41 -49.11 -4.56 -4.35
C GLN T 41 -49.77 -4.17 -3.04
N ARG T 42 -49.07 -3.41 -2.22
CA ARG T 42 -49.64 -2.95 -0.95
C ARG T 42 -50.78 -1.95 -1.20
N VAL T 43 -50.66 -1.14 -2.25
CA VAL T 43 -51.74 -0.20 -2.60
C VAL T 43 -53.01 -0.98 -2.89
N ASP T 44 -52.91 -2.06 -3.65
CA ASP T 44 -54.06 -2.90 -3.97
C ASP T 44 -54.68 -3.61 -2.75
N ALA T 45 -53.86 -4.00 -1.80
CA ALA T 45 -54.29 -4.85 -0.68
C ALA T 45 -54.76 -4.04 0.54
N SER T 46 -54.31 -2.80 0.62
CA SER T 46 -54.55 -1.99 1.79
C SER T 46 -56.04 -1.74 2.01
N THR T 47 -56.47 -1.81 3.27
CA THR T 47 -57.86 -1.54 3.61
C THR T 47 -57.99 -0.28 4.49
N ASP T 48 -56.95 0.53 4.45
CA ASP T 48 -56.92 1.82 5.13
C ASP T 48 -56.59 2.89 4.10
N PRO T 49 -57.58 3.74 3.76
CA PRO T 49 -57.37 4.72 2.68
C PRO T 49 -56.29 5.73 2.96
N GLU T 50 -56.10 6.10 4.22
CA GLU T 50 -55.03 7.04 4.56
C GLU T 50 -53.65 6.40 4.32
N LEU T 51 -53.47 5.12 4.65
CA LEU T 51 -52.21 4.46 4.37
C LEU T 51 -52.04 4.36 2.84
N THR T 52 -53.10 3.95 2.14
CA THR T 52 -53.06 3.80 0.68
C THR T 52 -52.56 5.04 -0.06
N ALA T 53 -52.97 6.23 0.38
CA ALA T 53 -52.53 7.47 -0.23
C ALA T 53 -51.03 7.68 -0.06
N ILE T 54 -50.52 7.36 1.13
CA ILE T 54 -49.08 7.41 1.36
C ILE T 54 -48.32 6.41 0.47
N LEU T 55 -48.76 5.16 0.44
CA LEU T 55 -48.11 4.13 -0.36
C LEU T 55 -48.07 4.52 -1.84
N ALA T 56 -49.18 5.08 -2.35
CA ALA T 56 -49.24 5.47 -3.77
C ALA T 56 -48.30 6.66 -4.09
N HIS T 57 -48.28 7.63 -3.20
CA HIS T 57 -47.35 8.75 -3.30
C HIS T 57 -45.89 8.30 -3.32
N ASN T 58 -45.51 7.44 -2.39
CA ASN T 58 -44.15 6.94 -2.35
C ASN T 58 -43.83 6.14 -3.61
N ARG T 59 -44.75 5.26 -3.99
CA ARG T 59 -44.62 4.44 -5.17
C ARG T 59 -44.18 5.25 -6.40
N ASP T 60 -44.85 6.35 -6.65
CA ASP T 60 -44.65 7.08 -7.89
C ASP T 60 -43.39 7.90 -7.86
N GLU T 61 -42.95 8.26 -6.67
CA GLU T 61 -41.66 8.91 -6.55
C GLU T 61 -40.53 7.92 -6.79
N GLU T 62 -40.68 6.63 -6.44
CA GLU T 62 -39.62 5.67 -6.73
C GLU T 62 -39.39 5.60 -8.25
N LYS T 63 -40.46 5.73 -9.02
CA LYS T 63 -40.34 5.71 -10.47
C LYS T 63 -39.50 6.86 -10.95
N GLU T 64 -39.64 8.00 -10.30
CA GLU T 64 -38.79 9.14 -10.62
C GLU T 64 -37.31 8.88 -10.22
N HIS T 65 -37.08 8.29 -9.05
CA HIS T 65 -35.72 7.91 -8.67
C HIS T 65 -35.09 6.96 -9.69
N ALA T 66 -35.89 6.00 -10.15
CA ALA T 66 -35.41 5.05 -11.15
C ALA T 66 -35.11 5.73 -12.50
N ALA T 67 -35.99 6.63 -12.94
CA ALA T 67 -35.78 7.27 -14.24
C ALA T 67 -34.54 8.15 -14.23
N MET T 68 -34.29 8.84 -13.11
CA MET T 68 -33.10 9.67 -12.99
C MET T 68 -31.80 8.86 -13.14
N THR T 69 -31.74 7.73 -12.45
CA THR T 69 -30.57 6.89 -12.46
C THR T 69 -30.41 6.19 -13.81
N LEU T 70 -31.52 5.80 -14.43
CA LEU T 70 -31.51 5.24 -15.78
C LEU T 70 -30.95 6.27 -16.80
N GLU T 71 -31.31 7.55 -16.67
CA GLU T 71 -30.74 8.55 -17.56
C GLU T 71 -29.23 8.63 -17.36
N TRP T 72 -28.77 8.55 -16.13
CA TRP T 72 -27.32 8.54 -15.88
C TRP T 72 -26.68 7.32 -16.58
N LEU T 73 -27.29 6.16 -16.48
CA LEU T 73 -26.74 4.98 -17.14
C LEU T 73 -26.69 5.18 -18.65
N ARG T 74 -27.73 5.77 -19.20
CA ARG T 74 -27.82 6.03 -20.62
C ARG T 74 -26.67 6.94 -21.07
N ARG T 75 -26.39 7.96 -20.28
CA ARG T 75 -25.32 8.88 -20.63
C ARG T 75 -23.95 8.30 -20.45
N ASN T 76 -23.84 7.19 -19.72
CA ASN T 76 -22.54 6.65 -19.36
C ASN T 76 -22.29 5.26 -19.86
N ASP T 77 -23.08 4.83 -20.84
CA ASP T 77 -22.94 3.48 -21.40
C ASP T 77 -23.47 3.45 -22.86
N ALA T 78 -22.61 3.19 -23.83
CA ALA T 78 -22.99 3.31 -25.24
C ALA T 78 -24.11 2.34 -25.63
N LYS T 79 -24.10 1.13 -25.09
CA LYS T 79 -25.13 0.17 -25.46
C LYS T 79 -26.47 0.40 -24.77
N TRP T 80 -26.47 0.91 -23.53
CA TRP T 80 -27.72 1.37 -22.92
C TRP T 80 -28.28 2.48 -23.81
N ALA T 81 -27.43 3.39 -24.25
CA ALA T 81 -27.89 4.52 -25.06
C ALA T 81 -28.54 4.04 -26.35
N GLU T 82 -27.86 3.13 -27.01
CA GLU T 82 -28.37 2.57 -28.26
C GLU T 82 -29.68 1.81 -28.04
N HIS T 83 -29.72 0.89 -27.09
CA HIS T 83 -30.91 0.07 -26.97
C HIS T 83 -32.08 0.87 -26.41
N LEU T 84 -31.85 1.79 -25.48
CA LEU T 84 -32.96 2.62 -24.97
C LEU T 84 -33.52 3.50 -26.10
N ARG T 85 -32.63 3.98 -26.97
CA ARG T 85 -33.05 4.79 -28.12
C ARG T 85 -33.96 3.96 -29.06
N THR T 86 -33.64 2.68 -29.28
CA THR T 86 -34.44 1.85 -30.18
C THR T 86 -35.90 1.66 -29.70
N TYR T 87 -36.10 1.47 -28.41
CA TYR T 87 -37.42 1.04 -27.92
C TYR T 87 -38.25 2.08 -27.17
N LEU T 88 -37.64 3.00 -26.45
CA LEU T 88 -38.41 3.92 -25.61
C LEU T 88 -39.14 4.98 -26.45
N PHE T 89 -40.39 5.29 -26.07
CA PHE T 89 -41.21 6.31 -26.72
C PHE T 89 -41.47 6.00 -28.20
N THR T 90 -41.83 4.76 -28.47
CA THR T 90 -42.15 4.28 -29.80
C THR T 90 -43.61 3.87 -29.87
N GLU T 91 -44.09 3.57 -31.07
CA GLU T 91 -45.43 3.03 -31.29
C GLU T 91 -45.33 1.75 -32.08
N GLY T 92 -46.43 1.05 -32.28
CA GLY T 92 -46.38 -0.29 -32.86
C GLY T 92 -45.66 -1.33 -32.02
N PRO T 93 -45.61 -2.58 -32.51
CA PRO T 93 -45.12 -3.75 -31.75
C PRO T 93 -43.71 -3.59 -31.22
N ILE T 94 -43.54 -3.76 -29.93
CA ILE T 94 -42.27 -3.51 -29.31
C ILE T 94 -41.19 -4.47 -29.83
N THR T 95 -41.54 -5.73 -30.07
CA THR T 95 -40.56 -6.69 -30.56
C THR T 95 -40.08 -6.43 -32.00
N ALA T 96 -40.73 -5.50 -32.70
CA ALA T 96 -40.36 -5.19 -34.09
C ALA T 96 -39.83 -3.76 -34.29
N ALA T 97 -39.13 -3.19 -33.30
CA ALA T 97 -38.68 -1.79 -33.40
C ALA T 97 -37.20 -1.64 -33.71
N SER U 7 21.68 -2.17 -35.76
CA SER U 7 20.52 -1.57 -36.40
C SER U 7 19.96 -2.48 -37.50
N THR U 8 19.67 -3.73 -37.18
CA THR U 8 19.10 -4.61 -38.19
C THR U 8 17.59 -4.42 -38.21
N HIS U 9 16.97 -4.62 -39.36
CA HIS U 9 15.53 -4.43 -39.52
C HIS U 9 14.73 -5.68 -39.25
N GLU U 10 15.38 -6.82 -39.39
CA GLU U 10 14.73 -8.09 -39.11
C GLU U 10 15.35 -8.67 -37.86
N PRO U 11 14.56 -9.49 -37.12
CA PRO U 11 15.10 -10.11 -35.91
C PRO U 11 16.29 -10.99 -36.23
N LEU U 12 17.30 -10.89 -35.38
CA LEU U 12 18.56 -11.58 -35.56
C LEU U 12 18.36 -13.10 -35.64
N GLU U 13 17.27 -13.59 -35.07
CA GLU U 13 17.05 -15.03 -35.03
C GLU U 13 16.68 -15.60 -36.41
N VAL U 14 16.23 -14.78 -37.36
CA VAL U 14 16.01 -15.29 -38.73
C VAL U 14 17.12 -14.87 -39.69
N LEU U 15 18.04 -14.01 -39.27
CA LEU U 15 19.10 -13.59 -40.19
C LEU U 15 20.25 -14.55 -40.12
N LYS U 16 20.77 -14.97 -41.27
CA LYS U 16 21.99 -15.77 -41.31
C LYS U 16 23.19 -14.99 -40.81
N GLU U 17 24.11 -15.71 -40.18
CA GLU U 17 25.33 -15.15 -39.65
C GLU U 17 26.08 -14.37 -40.77
N GLU U 18 26.14 -14.93 -41.96
CA GLU U 18 26.84 -14.25 -43.05
C GLU U 18 26.13 -12.97 -43.46
N THR U 19 24.80 -12.97 -43.37
CA THR U 19 24.04 -11.77 -43.72
C THR U 19 24.39 -10.63 -42.78
N VAL U 20 24.53 -10.93 -41.51
CA VAL U 20 24.81 -9.94 -40.51
C VAL U 20 26.25 -9.44 -40.66
N ASN U 21 27.20 -10.30 -41.04
CA ASN U 21 28.55 -9.80 -41.31
C ASN U 21 28.59 -8.85 -42.49
N ARG U 22 27.87 -9.18 -43.55
CA ARG U 22 27.80 -8.27 -44.69
C ARG U 22 27.11 -6.94 -44.25
N HIS U 23 26.11 -7.04 -43.39
CA HIS U 23 25.52 -5.85 -42.82
C HIS U 23 26.53 -4.97 -42.08
N ARG U 24 27.39 -5.57 -41.24
CA ARG U 24 28.43 -4.82 -40.53
C ARG U 24 29.37 -4.12 -41.51
N ALA U 25 29.72 -4.81 -42.58
CA ALA U 25 30.64 -4.25 -43.58
C ALA U 25 29.95 -3.13 -44.38
N ILE U 26 28.72 -3.38 -44.79
CA ILE U 26 27.99 -2.42 -45.60
C ILE U 26 27.74 -1.13 -44.87
N VAL U 27 27.31 -1.22 -43.62
CA VAL U 27 27.06 -0.02 -42.81
C VAL U 27 28.38 0.73 -42.55
N SER U 28 29.49 0.00 -42.43
CA SER U 28 30.81 0.63 -42.29
C SER U 28 31.14 1.46 -43.51
N VAL U 29 30.91 0.88 -44.68
CA VAL U 29 31.15 1.61 -45.93
C VAL U 29 30.24 2.86 -46.00
N MET U 30 28.96 2.71 -45.66
CA MET U 30 28.02 3.83 -45.71
C MET U 30 28.52 5.01 -44.87
N GLU U 31 28.99 4.69 -43.67
CA GLU U 31 29.53 5.66 -42.73
C GLU U 31 30.86 6.27 -43.23
N GLU U 32 31.69 5.51 -43.92
CA GLU U 32 32.91 6.09 -44.47
C GLU U 32 32.56 7.12 -45.54
N LEU U 33 31.64 6.74 -46.40
CA LEU U 33 31.19 7.61 -47.49
C LEU U 33 30.60 8.90 -46.93
N GLU U 34 29.77 8.77 -45.91
CA GLU U 34 29.20 9.92 -45.25
C GLU U 34 30.29 10.83 -44.74
N ALA U 35 31.31 10.26 -44.13
CA ALA U 35 32.41 11.04 -43.57
C ALA U 35 33.21 11.74 -44.68
N VAL U 36 33.42 11.07 -45.80
CA VAL U 36 34.13 11.66 -46.91
C VAL U 36 33.41 12.89 -47.37
N ASP U 37 32.12 12.75 -47.58
CA ASP U 37 31.31 13.84 -48.08
C ASP U 37 31.27 15.00 -47.09
N TRP U 38 31.01 14.72 -45.80
CA TRP U 38 30.90 15.82 -44.86
C TRP U 38 32.25 16.52 -44.75
N TYR U 39 33.34 15.76 -44.66
CA TYR U 39 34.67 16.38 -44.55
C TYR U 39 34.98 17.24 -45.77
N ASP U 40 34.60 16.76 -46.95
CA ASP U 40 34.88 17.51 -48.16
C ASP U 40 34.09 18.81 -48.16
N GLN U 41 32.85 18.75 -47.68
CA GLN U 41 32.08 19.96 -47.55
C GLN U 41 32.68 20.90 -46.53
N ARG U 42 33.20 20.37 -45.42
CA ARG U 42 33.79 21.23 -44.40
C ARG U 42 35.10 21.84 -44.91
N VAL U 43 35.84 21.11 -45.74
CA VAL U 43 37.07 21.60 -46.37
C VAL U 43 36.79 22.85 -47.23
N ASP U 44 35.73 22.82 -48.03
CA ASP U 44 35.37 23.98 -48.89
C ASP U 44 34.94 25.19 -48.10
N ALA U 45 34.22 24.96 -46.99
CA ALA U 45 33.56 26.05 -46.23
C ALA U 45 34.44 26.65 -45.11
N SER U 46 35.42 25.88 -44.66
CA SER U 46 36.28 26.30 -43.56
C SER U 46 37.04 27.58 -43.90
N THR U 47 37.10 28.50 -42.95
CA THR U 47 37.86 29.71 -43.16
C THR U 47 39.13 29.71 -42.28
N ASP U 48 39.53 28.54 -41.79
CA ASP U 48 40.76 28.40 -41.04
C ASP U 48 41.59 27.35 -41.76
N PRO U 49 42.63 27.78 -42.50
CA PRO U 49 43.38 26.81 -43.28
C PRO U 49 44.06 25.73 -42.47
N GLU U 50 44.44 26.00 -41.24
CA GLU U 50 45.06 24.95 -40.44
C GLU U 50 44.05 23.82 -40.14
N LEU U 51 42.81 24.18 -39.85
CA LEU U 51 41.77 23.19 -39.66
C LEU U 51 41.48 22.45 -40.96
N THR U 52 41.38 23.21 -42.05
CA THR U 52 41.13 22.65 -43.37
C THR U 52 42.08 21.50 -43.69
N ALA U 53 43.34 21.73 -43.36
CA ALA U 53 44.39 20.75 -43.60
C ALA U 53 44.16 19.46 -42.82
N ILE U 54 43.70 19.60 -41.58
CA ILE U 54 43.33 18.43 -40.79
C ILE U 54 42.11 17.69 -41.37
N LEU U 55 41.07 18.44 -41.72
CA LEU U 55 39.86 17.81 -42.24
C LEU U 55 40.18 17.04 -43.53
N ALA U 56 41.04 17.62 -44.35
CA ALA U 56 41.37 17.04 -45.64
C ALA U 56 42.18 15.74 -45.47
N HIS U 57 43.11 15.75 -44.55
CA HIS U 57 43.83 14.52 -44.19
C HIS U 57 42.84 13.42 -43.75
N ASN U 58 41.92 13.76 -42.85
CA ASN U 58 41.00 12.73 -42.33
C ASN U 58 40.15 12.20 -43.47
N ARG U 59 39.64 13.12 -44.29
CA ARG U 59 38.82 12.77 -45.45
C ARG U 59 39.41 11.66 -46.30
N ASP U 60 40.68 11.80 -46.65
CA ASP U 60 41.27 10.91 -47.63
C ASP U 60 41.57 9.55 -46.98
N GLU U 61 41.80 9.55 -45.69
CA GLU U 61 41.98 8.30 -45.00
C GLU U 61 40.65 7.54 -44.92
N GLU U 62 39.53 8.25 -44.87
CA GLU U 62 38.23 7.55 -44.85
C GLU U 62 38.03 6.77 -46.13
N LYS U 63 38.55 7.28 -47.25
CA LYS U 63 38.44 6.60 -48.54
C LYS U 63 39.17 5.26 -48.53
N GLU U 64 40.29 5.23 -47.84
CA GLU U 64 41.03 4.01 -47.66
C GLU U 64 40.22 3.00 -46.81
N HIS U 65 39.59 3.47 -45.73
CA HIS U 65 38.72 2.60 -44.92
C HIS U 65 37.61 1.98 -45.73
N ALA U 66 36.99 2.78 -46.58
CA ALA U 66 35.92 2.36 -47.45
C ALA U 66 36.41 1.33 -48.46
N ALA U 67 37.56 1.57 -49.11
CA ALA U 67 38.09 0.65 -50.13
C ALA U 67 38.44 -0.71 -49.51
N MET U 68 39.02 -0.69 -48.31
CA MET U 68 39.32 -1.90 -47.57
C MET U 68 38.07 -2.69 -47.29
N THR U 69 37.03 -2.01 -46.82
CA THR U 69 35.83 -2.74 -46.43
C THR U 69 35.13 -3.20 -47.71
N LEU U 70 35.19 -2.39 -48.75
CA LEU U 70 34.57 -2.79 -50.00
C LEU U 70 35.26 -4.05 -50.59
N GLU U 71 36.57 -4.18 -50.44
CA GLU U 71 37.26 -5.37 -50.90
C GLU U 71 36.81 -6.59 -50.12
N TRP U 72 36.56 -6.43 -48.83
CA TRP U 72 36.04 -7.55 -48.08
C TRP U 72 34.70 -8.00 -48.65
N LEU U 73 33.83 -7.05 -48.97
CA LEU U 73 32.52 -7.39 -49.51
C LEU U 73 32.67 -8.09 -50.84
N ARG U 74 33.59 -7.61 -51.65
CA ARG U 74 33.84 -8.21 -52.97
C ARG U 74 34.23 -9.67 -52.84
N ARG U 75 35.10 -9.98 -51.90
CA ARG U 75 35.54 -11.37 -51.70
C ARG U 75 34.48 -12.27 -51.10
N ASN U 76 33.44 -11.69 -50.54
CA ASN U 76 32.47 -12.46 -49.79
C ASN U 76 31.05 -12.38 -50.32
N ASP U 77 30.91 -11.93 -51.55
CA ASP U 77 29.58 -11.77 -52.15
C ASP U 77 29.74 -11.84 -53.66
N ALA U 78 29.14 -12.85 -54.27
CA ALA U 78 29.38 -13.10 -55.66
C ALA U 78 28.91 -11.96 -56.56
N LYS U 79 27.77 -11.36 -56.24
CA LYS U 79 27.23 -10.29 -57.08
C LYS U 79 27.98 -8.96 -56.90
N TRP U 80 28.48 -8.68 -55.69
CA TRP U 80 29.40 -7.55 -55.55
C TRP U 80 30.63 -7.80 -56.44
N ALA U 81 31.17 -9.03 -56.41
CA ALA U 81 32.37 -9.35 -57.20
C ALA U 81 32.12 -9.14 -58.71
N GLU U 82 30.99 -9.67 -59.15
CA GLU U 82 30.60 -9.56 -60.56
C GLU U 82 30.41 -8.11 -60.98
N HIS U 83 29.60 -7.34 -60.25
CA HIS U 83 29.30 -5.98 -60.68
C HIS U 83 30.51 -5.05 -60.50
N LEU U 84 31.30 -5.24 -59.46
CA LEU U 84 32.50 -4.43 -59.30
C LEU U 84 33.51 -4.71 -60.44
N ARG U 85 33.64 -5.97 -60.84
CA ARG U 85 34.55 -6.36 -61.91
C ARG U 85 34.11 -5.70 -63.22
N THR U 86 32.81 -5.65 -63.46
CA THR U 86 32.29 -5.08 -64.69
C THR U 86 32.64 -3.62 -64.85
N TYR U 87 32.53 -2.84 -63.77
CA TYR U 87 32.59 -1.39 -63.88
C TYR U 87 33.86 -0.72 -63.39
N LEU U 88 34.52 -1.28 -62.37
CA LEU U 88 35.66 -0.56 -61.82
C LEU U 88 36.87 -0.64 -62.75
N PHE U 89 37.59 0.47 -62.86
CA PHE U 89 38.82 0.56 -63.64
C PHE U 89 38.56 0.26 -65.11
N THR U 90 37.50 0.85 -65.66
CA THR U 90 37.13 0.67 -67.06
C THR U 90 37.36 1.97 -67.83
N GLU U 91 37.14 1.91 -69.15
CA GLU U 91 37.15 3.11 -69.97
C GLU U 91 35.87 3.19 -70.77
N GLY U 92 35.69 4.30 -71.47
CA GLY U 92 34.43 4.61 -72.14
C GLY U 92 33.24 4.74 -71.21
N PRO U 93 32.06 5.09 -71.76
CA PRO U 93 30.84 5.42 -71.00
C PRO U 93 30.47 4.34 -69.99
N ILE U 94 30.20 4.77 -68.77
CA ILE U 94 30.00 3.84 -67.68
C ILE U 94 28.72 3.03 -67.85
N THR U 95 27.64 3.64 -68.34
CA THR U 95 26.39 2.89 -68.45
C THR U 95 26.42 1.73 -69.42
N ALA U 96 27.51 1.62 -70.19
CA ALA U 96 27.68 0.54 -71.15
C ALA U 96 28.91 -0.33 -70.78
N ALA U 97 28.72 -1.65 -70.79
CA ALA U 97 29.78 -2.61 -70.44
C ALA U 97 29.30 -4.07 -70.63
N SER V 7 20.42 19.41 -49.45
CA SER V 7 20.83 18.20 -48.75
C SER V 7 22.28 18.26 -48.26
N THR V 8 22.88 19.44 -48.34
CA THR V 8 24.26 19.65 -47.93
C THR V 8 24.38 20.13 -46.47
N HIS V 9 25.53 19.90 -45.84
CA HIS V 9 25.77 20.36 -44.47
C HIS V 9 26.28 21.78 -44.42
N GLU V 10 26.90 22.19 -45.51
CA GLU V 10 27.38 23.55 -45.67
C GLU V 10 26.52 24.24 -46.74
N PRO V 11 26.37 25.58 -46.64
CA PRO V 11 25.59 26.34 -47.64
C PRO V 11 26.11 26.17 -49.05
N LEU V 12 25.23 26.04 -50.03
CA LEU V 12 25.65 25.77 -51.39
C LEU V 12 26.60 26.79 -51.98
N GLU V 13 26.48 28.04 -51.53
CA GLU V 13 27.28 29.11 -52.14
C GLU V 13 28.78 29.09 -51.79
N VAL V 14 29.19 28.33 -50.77
CA VAL V 14 30.62 28.17 -50.47
C VAL V 14 31.23 26.85 -50.98
N LEU V 15 30.40 25.99 -51.55
CA LEU V 15 30.86 24.69 -52.05
C LEU V 15 31.25 24.78 -53.53
N LYS V 16 32.39 24.21 -53.87
CA LYS V 16 32.80 24.11 -55.26
C LYS V 16 31.85 23.19 -56.00
N GLU V 17 31.64 23.50 -57.28
CA GLU V 17 30.69 22.77 -58.10
C GLU V 17 30.98 21.27 -58.09
N GLU V 18 32.24 20.88 -58.23
CA GLU V 18 32.58 19.45 -58.23
C GLU V 18 32.44 18.79 -56.87
N THR V 19 32.56 19.57 -55.81
CA THR V 19 32.26 19.04 -54.50
C THR V 19 30.79 18.64 -54.43
N VAL V 20 29.89 19.44 -54.99
CA VAL V 20 28.48 19.14 -54.91
C VAL V 20 28.13 17.97 -55.82
N ASN V 21 28.78 17.86 -56.98
CA ASN V 21 28.57 16.72 -57.86
C ASN V 21 29.11 15.44 -57.18
N ARG V 22 30.27 15.52 -56.51
CA ARG V 22 30.74 14.36 -55.77
C ARG V 22 29.77 14.00 -54.64
N HIS V 23 29.16 15.01 -54.04
CA HIS V 23 28.12 14.78 -53.04
C HIS V 23 26.93 14.00 -53.57
N ARG V 24 26.47 14.34 -54.77
CA ARG V 24 25.36 13.66 -55.41
C ARG V 24 25.69 12.22 -55.64
N ALA V 25 26.92 11.96 -56.07
CA ALA V 25 27.39 10.60 -56.32
C ALA V 25 27.59 9.82 -55.03
N ILE V 26 28.20 10.47 -54.03
CA ILE V 26 28.48 9.79 -52.78
C ILE V 26 27.16 9.39 -52.10
N VAL V 27 26.19 10.30 -52.04
CA VAL V 27 24.91 10.00 -51.40
C VAL V 27 24.13 8.92 -52.18
N SER V 28 24.28 8.88 -53.50
CA SER V 28 23.68 7.81 -54.29
C SER V 28 24.22 6.44 -53.89
N VAL V 29 25.53 6.32 -53.77
CA VAL V 29 26.17 5.07 -53.39
C VAL V 29 25.70 4.72 -52.00
N MET V 30 25.56 5.71 -51.12
CA MET V 30 25.11 5.42 -49.75
C MET V 30 23.75 4.80 -49.70
N GLU V 31 22.84 5.39 -50.47
CA GLU V 31 21.48 4.93 -50.54
C GLU V 31 21.42 3.56 -51.20
N GLU V 32 22.31 3.29 -52.16
CA GLU V 32 22.34 1.97 -52.79
C GLU V 32 22.75 0.91 -51.80
N LEU V 33 23.77 1.23 -51.00
CA LEU V 33 24.27 0.30 -50.01
C LEU V 33 23.21 -0.04 -49.01
N GLU V 34 22.52 0.97 -48.55
CA GLU V 34 21.43 0.81 -47.63
C GLU V 34 20.36 -0.09 -48.23
N ALA V 35 20.04 0.11 -49.50
CA ALA V 35 19.06 -0.71 -50.16
C ALA V 35 19.53 -2.16 -50.24
N VAL V 36 20.81 -2.38 -50.51
CA VAL V 36 21.33 -3.74 -50.55
C VAL V 36 21.16 -4.47 -49.24
N ASP V 37 21.55 -3.80 -48.17
CA ASP V 37 21.48 -4.35 -46.83
C ASP V 37 20.03 -4.66 -46.46
N TRP V 38 19.16 -3.68 -46.66
CA TRP V 38 17.74 -3.85 -46.29
C TRP V 38 17.11 -4.97 -47.09
N TYR V 39 17.34 -5.00 -48.39
CA TYR V 39 16.82 -6.10 -49.18
C TYR V 39 17.39 -7.46 -48.72
N ASP V 40 18.68 -7.53 -48.39
CA ASP V 40 19.26 -8.80 -48.06
C ASP V 40 18.64 -9.30 -46.77
N GLN V 41 18.38 -8.39 -45.84
CA GLN V 41 17.68 -8.78 -44.62
C GLN V 41 16.26 -9.26 -44.85
N ARG V 42 15.52 -8.57 -45.72
CA ARG V 42 14.16 -9.00 -46.03
C ARG V 42 14.19 -10.34 -46.78
N VAL V 43 15.22 -10.59 -47.59
CA VAL V 43 15.35 -11.86 -48.29
C VAL V 43 15.45 -13.00 -47.27
N ASP V 44 16.22 -12.79 -46.22
CA ASP V 44 16.34 -13.81 -45.19
C ASP V 44 15.02 -14.04 -44.45
N ALA V 45 14.25 -12.99 -44.21
CA ALA V 45 13.09 -13.08 -43.32
C ALA V 45 11.76 -13.38 -44.04
N SER V 46 11.70 -13.13 -45.34
CA SER V 46 10.46 -13.26 -46.09
C SER V 46 9.91 -14.68 -46.00
N THR V 47 8.62 -14.79 -45.77
CA THR V 47 7.99 -16.10 -45.65
C THR V 47 7.12 -16.40 -46.87
N ASP V 48 7.33 -15.65 -47.95
CA ASP V 48 6.73 -15.94 -49.24
C ASP V 48 7.85 -16.00 -50.33
N PRO V 49 8.11 -17.18 -50.89
CA PRO V 49 9.23 -17.27 -51.82
C PRO V 49 9.08 -16.40 -53.06
N GLU V 50 7.86 -16.12 -53.48
CA GLU V 50 7.68 -15.29 -54.66
C GLU V 50 8.15 -13.85 -54.35
N LEU V 51 7.84 -13.35 -53.15
CA LEU V 51 8.33 -12.03 -52.73
C LEU V 51 9.88 -12.05 -52.62
N THR V 52 10.38 -13.09 -51.99
CA THR V 52 11.82 -13.29 -51.84
C THR V 52 12.60 -13.23 -53.18
N ALA V 53 12.03 -13.78 -54.24
CA ALA V 53 12.70 -13.70 -55.55
C ALA V 53 12.78 -12.24 -56.03
N ILE V 54 11.71 -11.48 -55.81
CA ILE V 54 11.69 -10.08 -56.19
C ILE V 54 12.72 -9.26 -55.38
N LEU V 55 12.71 -9.47 -54.07
CA LEU V 55 13.63 -8.76 -53.19
C LEU V 55 15.10 -9.06 -53.56
N ALA V 56 15.39 -10.31 -53.90
CA ALA V 56 16.76 -10.72 -54.24
C ALA V 56 17.20 -10.12 -55.58
N HIS V 57 16.27 -10.11 -56.52
CA HIS V 57 16.51 -9.45 -57.80
C HIS V 57 16.82 -8.00 -57.66
N ASN V 58 15.97 -7.29 -56.93
CA ASN V 58 16.15 -5.87 -56.74
C ASN V 58 17.47 -5.63 -56.02
N ARG V 59 17.74 -6.41 -54.96
CA ARG V 59 19.01 -6.32 -54.21
C ARG V 59 20.25 -6.29 -55.09
N ASP V 60 20.32 -7.26 -55.99
CA ASP V 60 21.53 -7.45 -56.75
C ASP V 60 21.70 -6.37 -57.80
N GLU V 61 20.60 -5.80 -58.28
CA GLU V 61 20.68 -4.66 -59.18
C GLU V 61 21.14 -3.40 -58.44
N GLU V 62 20.83 -3.29 -57.15
CA GLU V 62 21.37 -2.15 -56.41
C GLU V 62 22.92 -2.22 -56.41
N LYS V 63 23.45 -3.43 -56.35
CA LYS V 63 24.89 -3.57 -56.35
C LYS V 63 25.45 -3.01 -57.65
N GLU V 64 24.72 -3.21 -58.73
CA GLU V 64 25.14 -2.68 -60.02
C GLU V 64 25.08 -1.16 -60.04
N HIS V 65 23.99 -0.61 -59.52
CA HIS V 65 23.87 0.83 -59.40
C HIS V 65 25.04 1.42 -58.60
N ALA V 66 25.41 0.78 -57.50
CA ALA V 66 26.50 1.25 -56.67
C ALA V 66 27.80 1.19 -57.43
N ALA V 67 28.04 0.08 -58.12
CA ALA V 67 29.28 -0.08 -58.80
C ALA V 67 29.48 0.98 -59.88
N MET V 68 28.42 1.31 -60.60
CA MET V 68 28.51 2.35 -61.63
C MET V 68 28.86 3.69 -61.03
N THR V 69 28.20 4.07 -59.94
CA THR V 69 28.46 5.38 -59.34
C THR V 69 29.84 5.38 -58.69
N LEU V 70 30.24 4.26 -58.13
CA LEU V 70 31.58 4.16 -57.58
C LEU V 70 32.66 4.38 -58.65
N GLU V 71 32.46 3.85 -59.85
CA GLU V 71 33.42 4.06 -60.92
C GLU V 71 33.45 5.54 -61.34
N TRP V 72 32.30 6.19 -61.37
CA TRP V 72 32.35 7.60 -61.66
C TRP V 72 33.24 8.30 -60.61
N LEU V 73 33.08 7.94 -59.32
CA LEU V 73 33.87 8.57 -58.27
C LEU V 73 35.32 8.30 -58.48
N ARG V 74 35.63 7.06 -58.85
CA ARG V 74 37.01 6.69 -59.08
C ARG V 74 37.66 7.55 -60.20
N ARG V 75 36.92 7.81 -61.27
CA ARG V 75 37.44 8.61 -62.38
C ARG V 75 37.53 10.11 -62.08
N ASN V 76 36.84 10.58 -61.04
CA ASN V 76 36.78 12.02 -60.79
C ASN V 76 37.40 12.47 -59.45
N ASP V 77 38.22 11.61 -58.86
CA ASP V 77 38.79 11.90 -57.55
C ASP V 77 40.08 11.11 -57.40
N ALA V 78 41.19 11.82 -57.27
CA ALA V 78 42.49 11.15 -57.32
C ALA V 78 42.65 10.16 -56.17
N LYS V 79 42.17 10.53 -55.00
CA LYS V 79 42.35 9.68 -53.85
C LYS V 79 41.40 8.49 -53.85
N TRP V 80 40.18 8.66 -54.35
CA TRP V 80 39.35 7.48 -54.54
C TRP V 80 40.07 6.51 -55.48
N ALA V 81 40.63 7.04 -56.57
CA ALA V 81 41.32 6.19 -57.54
C ALA V 81 42.49 5.46 -56.92
N GLU V 82 43.29 6.18 -56.14
CA GLU V 82 44.44 5.59 -55.52
C GLU V 82 44.07 4.45 -54.55
N HIS V 83 43.12 4.69 -53.64
CA HIS V 83 42.85 3.71 -52.59
C HIS V 83 42.08 2.49 -53.12
N LEU V 84 41.18 2.70 -54.08
CA LEU V 84 40.46 1.58 -54.69
C LEU V 84 41.43 0.68 -55.45
N ARG V 85 42.41 1.29 -56.14
CA ARG V 85 43.41 0.53 -56.86
C ARG V 85 44.28 -0.30 -55.91
N THR V 86 44.62 0.23 -54.75
CA THR V 86 45.39 -0.54 -53.78
C THR V 86 44.69 -1.82 -53.29
N TYR V 87 43.39 -1.74 -53.02
CA TYR V 87 42.71 -2.80 -52.30
C TYR V 87 41.81 -3.72 -53.14
N LEU V 88 41.19 -3.19 -54.18
CA LEU V 88 40.23 -3.97 -54.93
C LEU V 88 40.90 -5.04 -55.79
N PHE V 89 40.28 -6.20 -55.86
CA PHE V 89 40.78 -7.29 -56.70
C PHE V 89 42.18 -7.71 -56.29
N THR V 90 42.40 -7.84 -54.99
CA THR V 90 43.70 -8.26 -54.47
C THR V 90 43.60 -9.63 -53.80
N GLU V 91 44.74 -10.16 -53.38
CA GLU V 91 44.74 -11.35 -52.51
C GLU V 91 45.58 -11.11 -51.28
N GLY V 92 45.52 -12.09 -50.40
CA GLY V 92 46.12 -11.99 -49.08
C GLY V 92 45.48 -10.93 -48.21
N PRO V 93 46.00 -10.80 -46.98
CA PRO V 93 45.40 -9.97 -45.94
C PRO V 93 45.15 -8.54 -46.41
N ILE V 94 43.92 -8.05 -46.25
CA ILE V 94 43.55 -6.74 -46.72
C ILE V 94 44.27 -5.64 -45.95
N THR V 95 44.46 -5.79 -44.64
CA THR V 95 45.19 -4.78 -43.88
C THR V 95 46.70 -4.93 -44.15
N ALA V 96 47.07 -4.99 -45.42
CA ALA V 96 48.45 -5.16 -45.84
C ALA V 96 48.50 -5.17 -47.36
N SER W 7 11.50 -2.99 -38.89
CA SER W 7 10.89 -2.42 -37.68
C SER W 7 9.39 -2.21 -37.83
N THR W 8 8.63 -3.07 -37.18
CA THR W 8 7.17 -2.96 -37.18
C THR W 8 6.71 -2.09 -35.99
N HIS W 9 5.51 -1.53 -36.07
CA HIS W 9 4.99 -0.66 -35.03
C HIS W 9 4.31 -1.47 -33.92
N GLU W 10 3.90 -2.70 -34.24
CA GLU W 10 3.33 -3.62 -33.27
C GLU W 10 4.32 -4.77 -33.11
N PRO W 11 4.29 -5.44 -31.94
CA PRO W 11 5.16 -6.60 -31.66
C PRO W 11 4.92 -7.76 -32.63
N LEU W 12 5.98 -8.42 -33.07
CA LEU W 12 5.86 -9.47 -34.09
C LEU W 12 4.99 -10.64 -33.65
N GLU W 13 4.91 -10.91 -32.34
CA GLU W 13 4.18 -12.08 -31.89
C GLU W 13 2.65 -11.91 -32.00
N VAL W 14 2.16 -10.67 -32.16
CA VAL W 14 0.71 -10.48 -32.39
C VAL W 14 0.38 -10.22 -33.85
N LEU W 15 1.38 -10.08 -34.71
CA LEU W 15 1.12 -9.84 -36.14
C LEU W 15 1.06 -11.17 -36.89
N LYS W 16 0.08 -11.31 -37.76
CA LYS W 16 0.01 -12.45 -38.66
C LYS W 16 1.18 -12.44 -39.66
N GLU W 17 1.66 -13.62 -40.05
CA GLU W 17 2.77 -13.76 -41.01
C GLU W 17 2.57 -12.93 -42.28
N GLU W 18 1.35 -12.98 -42.80
CA GLU W 18 1.00 -12.29 -44.02
C GLU W 18 1.01 -10.78 -43.86
N THR W 19 0.64 -10.30 -42.68
CA THR W 19 0.68 -8.87 -42.40
C THR W 19 2.16 -8.43 -42.46
N VAL W 20 3.06 -9.27 -41.94
CA VAL W 20 4.47 -8.93 -41.91
C VAL W 20 5.08 -8.99 -43.31
N ASN W 21 4.67 -9.93 -44.16
CA ASN W 21 5.18 -9.94 -45.53
C ASN W 21 4.74 -8.75 -46.34
N ARG W 22 3.48 -8.35 -46.16
CA ARG W 22 2.97 -7.14 -46.84
C ARG W 22 3.76 -5.92 -46.33
N HIS W 23 4.11 -5.91 -45.03
CA HIS W 23 4.99 -4.85 -44.49
C HIS W 23 6.33 -4.83 -45.23
N ARG W 24 6.93 -6.01 -45.46
CA ARG W 24 8.21 -6.05 -46.20
C ARG W 24 8.05 -5.48 -47.60
N ALA W 25 6.96 -5.81 -48.27
CA ALA W 25 6.74 -5.33 -49.64
C ALA W 25 6.47 -3.84 -49.65
N ILE W 26 5.64 -3.37 -48.73
CA ILE W 26 5.25 -1.97 -48.71
C ILE W 26 6.45 -1.07 -48.46
N VAL W 27 7.25 -1.45 -47.46
CA VAL W 27 8.42 -0.65 -47.15
C VAL W 27 9.41 -0.66 -48.32
N SER W 28 9.49 -1.76 -49.05
CA SER W 28 10.29 -1.79 -50.26
C SER W 28 9.80 -0.82 -51.31
N VAL W 29 8.50 -0.81 -51.60
CA VAL W 29 7.93 0.12 -52.59
C VAL W 29 8.19 1.58 -52.13
N MET W 30 8.00 1.85 -50.84
CA MET W 30 8.25 3.20 -50.33
C MET W 30 9.66 3.65 -50.60
N GLU W 31 10.61 2.75 -50.34
CA GLU W 31 12.01 3.05 -50.55
C GLU W 31 12.37 3.24 -52.03
N GLU W 32 11.74 2.47 -52.88
CA GLU W 32 11.97 2.62 -54.31
C GLU W 32 11.46 3.99 -54.76
N LEU W 33 10.29 4.37 -54.27
CA LEU W 33 9.71 5.64 -54.62
C LEU W 33 10.61 6.78 -54.18
N GLU W 34 11.13 6.67 -52.97
CA GLU W 34 12.07 7.65 -52.44
C GLU W 34 13.31 7.76 -53.35
N ALA W 35 13.83 6.61 -53.80
CA ALA W 35 14.97 6.63 -54.67
C ALA W 35 14.67 7.30 -56.01
N VAL W 36 13.49 7.04 -56.56
CA VAL W 36 13.12 7.65 -57.83
C VAL W 36 13.12 9.17 -57.72
N ASP W 37 12.47 9.67 -56.69
CA ASP W 37 12.34 11.10 -56.47
C ASP W 37 13.70 11.75 -56.26
N TRP W 38 14.54 11.13 -55.42
CA TRP W 38 15.87 11.61 -55.10
C TRP W 38 16.76 11.64 -56.35
N TYR W 39 16.78 10.54 -57.08
CA TYR W 39 17.58 10.46 -58.28
C TYR W 39 17.08 11.50 -59.29
N ASP W 40 15.77 11.68 -59.37
CA ASP W 40 15.22 12.59 -60.38
C ASP W 40 15.65 14.03 -60.10
N GLN W 41 15.58 14.40 -58.82
CA GLN W 41 16.06 15.70 -58.42
C GLN W 41 17.55 15.84 -58.71
N ARG W 42 18.35 14.80 -58.44
CA ARG W 42 19.78 14.87 -58.70
C ARG W 42 20.05 14.96 -60.19
N VAL W 43 19.21 14.33 -61.02
CA VAL W 43 19.37 14.41 -62.47
C VAL W 43 19.24 15.88 -62.95
N ASP W 44 18.25 16.59 -62.41
CA ASP W 44 18.03 18.00 -62.72
C ASP W 44 19.18 18.93 -62.28
N ALA W 45 19.80 18.64 -61.13
CA ALA W 45 20.77 19.55 -60.52
C ALA W 45 22.20 19.27 -60.95
N SER W 46 22.44 18.06 -61.42
CA SER W 46 23.78 17.64 -61.75
C SER W 46 24.34 18.50 -62.88
N THR W 47 25.62 18.87 -62.74
CA THR W 47 26.35 19.64 -63.75
C THR W 47 27.50 18.81 -64.38
N ASP W 48 27.45 17.49 -64.22
CA ASP W 48 28.41 16.59 -64.87
C ASP W 48 27.62 15.59 -65.72
N PRO W 49 27.75 15.66 -67.05
CA PRO W 49 26.86 14.83 -67.90
C PRO W 49 27.06 13.31 -67.73
N GLU W 50 28.30 12.91 -67.46
CA GLU W 50 28.64 11.50 -67.29
C GLU W 50 27.90 10.97 -66.02
N LEU W 51 27.87 11.79 -64.97
CA LEU W 51 27.14 11.42 -63.77
C LEU W 51 25.65 11.39 -64.02
N THR W 52 25.18 12.42 -64.70
CA THR W 52 23.77 12.53 -65.01
C THR W 52 23.26 11.27 -65.73
N ALA W 53 24.06 10.70 -66.64
CA ALA W 53 23.59 9.50 -67.34
C ALA W 53 23.40 8.32 -66.37
N ILE W 54 24.34 8.13 -65.45
CA ILE W 54 24.26 7.07 -64.44
C ILE W 54 23.05 7.26 -63.54
N LEU W 55 22.85 8.48 -63.05
CA LEU W 55 21.73 8.78 -62.18
C LEU W 55 20.41 8.47 -62.85
N ALA W 56 20.30 8.77 -64.15
CA ALA W 56 19.05 8.56 -64.89
C ALA W 56 18.78 7.07 -65.15
N HIS W 57 19.84 6.35 -65.47
CA HIS W 57 19.76 4.90 -65.61
C HIS W 57 19.27 4.26 -64.31
N ASN W 58 19.88 4.65 -63.19
CA ASN W 58 19.54 4.05 -61.92
C ASN W 58 18.09 4.39 -61.59
N ARG W 59 17.75 5.65 -61.79
CA ARG W 59 16.40 6.14 -61.50
C ARG W 59 15.33 5.25 -62.10
N ASP W 60 15.50 4.95 -63.39
CA ASP W 60 14.44 4.29 -64.12
C ASP W 60 14.36 2.81 -63.76
N GLU W 61 15.49 2.23 -63.36
CA GLU W 61 15.43 0.87 -62.84
C GLU W 61 14.74 0.80 -61.48
N GLU W 62 14.81 1.86 -60.66
CA GLU W 62 14.07 1.84 -59.40
C GLU W 62 12.58 1.72 -59.66
N LYS W 63 12.10 2.33 -60.74
CA LYS W 63 10.68 2.29 -61.09
C LYS W 63 10.26 0.84 -61.41
N GLU W 64 11.12 0.11 -62.08
CA GLU W 64 10.86 -1.28 -62.30
C GLU W 64 10.85 -2.07 -61.00
N HIS W 65 11.80 -1.80 -60.10
CA HIS W 65 11.79 -2.46 -58.79
C HIS W 65 10.49 -2.24 -58.05
N ALA W 66 9.99 -1.01 -58.07
CA ALA W 66 8.72 -0.66 -57.44
C ALA W 66 7.53 -1.40 -58.11
N ALA W 67 7.52 -1.45 -59.44
CA ALA W 67 6.39 -2.08 -60.13
C ALA W 67 6.30 -3.55 -59.86
N MET W 68 7.45 -4.23 -59.81
CA MET W 68 7.48 -5.67 -59.51
C MET W 68 6.90 -5.98 -58.13
N THR W 69 7.30 -5.18 -57.15
CA THR W 69 6.91 -5.41 -55.76
C THR W 69 5.44 -5.04 -55.61
N LEU W 70 5.03 -4.02 -56.34
CA LEU W 70 3.64 -3.61 -56.34
C LEU W 70 2.72 -4.70 -56.92
N GLU W 71 3.18 -5.37 -57.97
CA GLU W 71 2.41 -6.48 -58.52
C GLU W 71 2.29 -7.61 -57.47
N TRP W 72 3.35 -7.87 -56.69
CA TRP W 72 3.24 -8.89 -55.62
C TRP W 72 2.14 -8.49 -54.63
N LEU W 73 2.10 -7.20 -54.22
CA LEU W 73 1.07 -6.76 -53.31
C LEU W 73 -0.33 -6.93 -53.88
N ARG W 74 -0.50 -6.56 -55.14
CA ARG W 74 -1.81 -6.69 -55.79
C ARG W 74 -2.33 -8.13 -55.70
N ARG W 75 -1.42 -9.07 -55.96
CA ARG W 75 -1.77 -10.48 -55.93
C ARG W 75 -2.03 -11.01 -54.54
N ASN W 76 -1.62 -10.28 -53.51
CA ASN W 76 -1.71 -10.82 -52.14
C ASN W 76 -2.57 -9.97 -51.20
N ASP W 77 -3.41 -9.12 -51.77
CA ASP W 77 -4.28 -8.26 -51.00
C ASP W 77 -5.49 -7.88 -51.86
N ALA W 78 -6.69 -8.27 -51.43
CA ALA W 78 -7.88 -8.12 -52.25
C ALA W 78 -8.17 -6.68 -52.55
N LYS W 79 -7.99 -5.82 -51.56
CA LYS W 79 -8.33 -4.43 -51.77
C LYS W 79 -7.28 -3.69 -52.62
N TRP W 80 -6.01 -4.07 -52.52
CA TRP W 80 -5.02 -3.52 -53.46
C TRP W 80 -5.48 -3.88 -54.88
N ALA W 81 -5.92 -5.12 -55.04
CA ALA W 81 -6.35 -5.59 -56.36
C ALA W 81 -7.51 -4.77 -56.87
N GLU W 82 -8.53 -4.60 -56.03
CA GLU W 82 -9.70 -3.85 -56.41
C GLU W 82 -9.36 -2.40 -56.73
N HIS W 83 -8.65 -1.70 -55.84
CA HIS W 83 -8.43 -0.28 -56.07
C HIS W 83 -7.45 0.00 -57.21
N LEU W 84 -6.40 -0.82 -57.37
CA LEU W 84 -5.51 -0.67 -58.52
C LEU W 84 -6.23 -0.98 -59.86
N ARG W 85 -7.16 -1.94 -59.80
CA ARG W 85 -7.93 -2.31 -60.99
C ARG W 85 -8.77 -1.12 -61.47
N THR W 86 -9.38 -0.42 -60.53
CA THR W 86 -10.19 0.73 -60.87
C THR W 86 -9.46 1.87 -61.57
N TYR W 87 -8.26 2.23 -61.13
CA TYR W 87 -7.61 3.48 -61.60
C TYR W 87 -6.46 3.31 -62.58
N LEU W 88 -5.71 2.22 -62.49
CA LEU W 88 -4.54 2.11 -63.35
C LEU W 88 -4.92 1.83 -64.80
N PHE W 89 -4.22 2.52 -65.72
CA PHE W 89 -4.39 2.39 -67.15
C PHE W 89 -5.76 2.80 -67.61
N THR W 90 -6.21 3.93 -67.11
CA THR W 90 -7.48 4.50 -67.50
C THR W 90 -7.27 5.79 -68.29
N GLU W 91 -8.37 6.31 -68.81
CA GLU W 91 -8.36 7.58 -69.51
C GLU W 91 -9.43 8.45 -68.83
N GLY W 92 -9.50 9.73 -69.16
CA GLY W 92 -10.41 10.62 -68.44
C GLY W 92 -10.15 10.80 -66.94
N PRO W 93 -10.97 11.64 -66.27
CA PRO W 93 -10.76 12.14 -64.90
C PRO W 93 -10.53 11.10 -63.80
N ILE W 94 -9.41 11.22 -63.10
CA ILE W 94 -9.02 10.23 -62.11
C ILE W 94 -9.91 10.25 -60.88
N THR W 95 -10.33 11.42 -60.44
CA THR W 95 -11.13 11.47 -59.22
C THR W 95 -12.48 10.79 -59.39
N ALA W 96 -13.37 11.38 -60.16
CA ALA W 96 -14.68 10.78 -60.42
C ALA W 96 -14.87 10.54 -61.91
N SER X 7 10.81 20.38 -48.82
CA SER X 7 10.98 18.96 -48.52
C SER X 7 11.76 18.25 -49.64
N THR X 8 12.33 19.05 -50.54
CA THR X 8 13.13 18.54 -51.66
C THR X 8 14.60 18.49 -51.26
N HIS X 9 15.37 17.65 -51.94
CA HIS X 9 16.78 17.48 -51.60
C HIS X 9 17.71 18.45 -52.34
N GLU X 10 17.22 18.99 -53.47
CA GLU X 10 17.93 20.00 -54.25
C GLU X 10 17.16 21.32 -54.19
N PRO X 11 17.85 22.47 -54.36
CA PRO X 11 17.17 23.78 -54.36
C PRO X 11 16.09 23.89 -55.42
N LEU X 12 14.95 24.48 -55.07
CA LEU X 12 13.80 24.55 -55.98
C LEU X 12 14.10 25.24 -57.31
N GLU X 13 15.05 26.17 -57.35
CA GLU X 13 15.26 26.90 -58.59
C GLU X 13 16.00 26.08 -59.66
N VAL X 14 16.65 24.97 -59.30
CA VAL X 14 17.30 24.15 -60.32
C VAL X 14 16.41 22.98 -60.72
N LEU X 15 15.29 22.79 -60.02
CA LEU X 15 14.38 21.71 -60.37
C LEU X 15 13.31 22.17 -61.35
N LYS X 16 13.11 21.37 -62.39
CA LYS X 16 12.03 21.58 -63.34
C LYS X 16 10.68 21.43 -62.65
N GLU X 17 9.70 22.21 -63.09
CA GLU X 17 8.38 22.19 -62.48
C GLU X 17 7.74 20.80 -62.40
N GLU X 18 7.91 20.02 -63.47
CA GLU X 18 7.31 18.70 -63.59
C GLU X 18 7.98 17.76 -62.57
N THR X 19 9.27 17.94 -62.36
CA THR X 19 10.02 17.16 -61.37
C THR X 19 9.43 17.45 -60.00
N VAL X 20 9.08 18.69 -59.72
CA VAL X 20 8.55 19.02 -58.39
C VAL X 20 7.14 18.50 -58.20
N ASN X 21 6.32 18.53 -59.24
CA ASN X 21 4.96 17.99 -59.14
C ASN X 21 4.98 16.48 -58.94
N ARG X 22 5.90 15.81 -59.65
CA ARG X 22 6.07 14.37 -59.47
C ARG X 22 6.57 14.10 -58.04
N HIS X 23 7.42 14.97 -57.53
CA HIS X 23 7.84 14.86 -56.14
C HIS X 23 6.62 14.87 -55.21
N ARG X 24 5.67 15.78 -55.44
CA ARG X 24 4.44 15.85 -54.61
C ARG X 24 3.60 14.60 -54.65
N ALA X 25 3.50 14.01 -55.85
CA ALA X 25 2.75 12.78 -56.03
C ALA X 25 3.47 11.62 -55.36
N ILE X 26 4.78 11.55 -55.58
CA ILE X 26 5.57 10.43 -55.06
C ILE X 26 5.52 10.37 -53.52
N VAL X 27 5.73 11.49 -52.83
CA VAL X 27 5.69 11.47 -51.37
C VAL X 27 4.30 11.22 -50.84
N SER X 28 3.28 11.64 -51.58
CA SER X 28 1.90 11.31 -51.23
C SER X 28 1.67 9.80 -51.22
N VAL X 29 2.14 9.12 -52.28
CA VAL X 29 2.03 7.66 -52.35
C VAL X 29 2.81 7.02 -51.20
N MET X 30 4.03 7.49 -50.95
CA MET X 30 4.84 6.94 -49.85
C MET X 30 4.07 7.03 -48.57
N GLU X 31 3.48 8.19 -48.33
CA GLU X 31 2.74 8.39 -47.09
C GLU X 31 1.48 7.52 -47.01
N GLU X 32 0.82 7.32 -48.14
CA GLU X 32 -0.34 6.41 -48.17
C GLU X 32 0.05 4.97 -47.85
N LEU X 33 1.16 4.54 -48.45
CA LEU X 33 1.71 3.19 -48.22
C LEU X 33 2.05 2.96 -46.78
N GLU X 34 2.69 3.95 -46.17
CA GLU X 34 3.01 3.87 -44.75
C GLU X 34 1.73 3.74 -43.92
N ALA X 35 0.72 4.52 -44.26
CA ALA X 35 -0.57 4.47 -43.56
C ALA X 35 -1.25 3.11 -43.71
N VAL X 36 -1.19 2.52 -44.90
CA VAL X 36 -1.74 1.18 -45.08
C VAL X 36 -1.07 0.19 -44.16
N ASP X 37 0.25 0.24 -44.14
CA ASP X 37 1.05 -0.69 -43.34
C ASP X 37 0.76 -0.51 -41.84
N TRP X 38 0.76 0.73 -41.36
CA TRP X 38 0.50 1.02 -39.94
C TRP X 38 -0.88 0.53 -39.49
N TYR X 39 -1.92 0.86 -40.28
CA TYR X 39 -3.29 0.48 -39.94
C TYR X 39 -3.44 -1.02 -39.93
N ASP X 40 -2.80 -1.69 -40.87
CA ASP X 40 -2.92 -3.14 -40.93
C ASP X 40 -2.32 -3.80 -39.72
N GLN X 41 -1.19 -3.29 -39.26
CA GLN X 41 -0.59 -3.82 -38.05
C GLN X 41 -1.48 -3.56 -36.84
N ARG X 42 -2.08 -2.38 -36.80
CA ARG X 42 -2.94 -2.02 -35.69
C ARG X 42 -4.19 -2.88 -35.68
N VAL X 43 -4.70 -3.21 -36.87
CA VAL X 43 -5.86 -4.09 -36.98
C VAL X 43 -5.57 -5.45 -36.35
N ASP X 44 -4.37 -5.98 -36.60
CA ASP X 44 -4.00 -7.27 -36.04
C ASP X 44 -3.84 -7.23 -34.53
N ALA X 45 -3.34 -6.13 -34.00
CA ALA X 45 -2.93 -6.10 -32.60
C ALA X 45 -4.07 -5.69 -31.68
N SER X 46 -5.05 -5.00 -32.26
CA SER X 46 -6.18 -4.44 -31.51
C SER X 46 -6.98 -5.50 -30.80
N THR X 47 -7.35 -5.24 -29.54
CA THR X 47 -8.19 -6.16 -28.79
C THR X 47 -9.58 -5.57 -28.52
N ASP X 48 -9.93 -4.53 -29.28
CA ASP X 48 -11.25 -3.90 -29.23
C ASP X 48 -11.92 -3.92 -30.60
N PRO X 49 -13.02 -4.68 -30.74
CA PRO X 49 -13.65 -4.85 -32.05
C PRO X 49 -14.18 -3.59 -32.72
N GLU X 50 -14.70 -2.62 -31.96
CA GLU X 50 -15.17 -1.38 -32.60
C GLU X 50 -14.03 -0.58 -33.20
N LEU X 51 -12.89 -0.56 -32.53
CA LEU X 51 -11.74 0.16 -33.08
C LEU X 51 -11.24 -0.57 -34.31
N THR X 52 -11.12 -1.88 -34.21
CA THR X 52 -10.59 -2.68 -35.34
C THR X 52 -11.37 -2.41 -36.61
N ALA X 53 -12.69 -2.30 -36.49
CA ALA X 53 -13.53 -2.00 -37.65
C ALA X 53 -13.22 -0.63 -38.26
N ILE X 54 -12.95 0.36 -37.42
CA ILE X 54 -12.59 1.69 -37.92
C ILE X 54 -11.21 1.66 -38.61
N LEU X 55 -10.24 1.01 -37.96
CA LEU X 55 -8.90 0.90 -38.49
C LEU X 55 -8.89 0.21 -39.87
N ALA X 56 -9.66 -0.86 -40.01
CA ALA X 56 -9.73 -1.61 -41.25
C ALA X 56 -10.38 -0.79 -42.33
N HIS X 57 -11.44 -0.08 -41.98
CA HIS X 57 -12.06 0.83 -42.94
C HIS X 57 -11.08 1.88 -43.42
N ASN X 58 -10.34 2.47 -42.49
CA ASN X 58 -9.41 3.52 -42.90
C ASN X 58 -8.31 2.91 -43.77
N ARG X 59 -7.81 1.74 -43.37
CA ARG X 59 -6.77 1.04 -44.14
C ARG X 59 -7.09 0.93 -45.61
N ASP X 60 -8.28 0.46 -45.91
CA ASP X 60 -8.56 0.13 -47.31
C ASP X 60 -8.82 1.41 -48.10
N GLU X 61 -9.22 2.51 -47.45
CA GLU X 61 -9.33 3.79 -48.20
C GLU X 61 -7.98 4.41 -48.58
N GLU X 62 -6.95 4.19 -47.76
CA GLU X 62 -5.62 4.69 -48.13
C GLU X 62 -5.12 4.02 -49.44
N LYS X 63 -5.46 2.75 -49.61
CA LYS X 63 -5.08 1.98 -50.81
C LYS X 63 -5.66 2.64 -52.05
N GLU X 64 -6.89 3.14 -51.93
CA GLU X 64 -7.52 3.91 -53.01
C GLU X 64 -6.85 5.26 -53.24
N HIS X 65 -6.53 5.98 -52.16
CA HIS X 65 -5.73 7.23 -52.27
C HIS X 65 -4.40 6.99 -53.00
N ALA X 66 -3.75 5.88 -52.66
CA ALA X 66 -2.51 5.49 -53.30
C ALA X 66 -2.70 5.16 -54.78
N ALA X 67 -3.74 4.39 -55.10
CA ALA X 67 -3.99 4.01 -56.51
C ALA X 67 -4.29 5.23 -57.39
N MET X 68 -5.06 6.17 -56.85
CA MET X 68 -5.37 7.41 -57.58
C MET X 68 -4.13 8.19 -57.92
N THR X 69 -3.25 8.34 -56.94
CA THR X 69 -2.07 9.15 -57.15
C THR X 69 -1.09 8.41 -58.04
N LEU X 70 -1.04 7.08 -57.89
CA LEU X 70 -0.19 6.29 -58.78
C LEU X 70 -0.64 6.37 -60.27
N GLU X 71 -1.94 6.41 -60.53
CA GLU X 71 -2.37 6.60 -61.91
C GLU X 71 -1.94 7.97 -62.43
N TRP X 72 -1.99 9.02 -61.62
CA TRP X 72 -1.50 10.33 -62.08
C TRP X 72 -0.04 10.22 -62.48
N LEU X 73 0.76 9.54 -61.65
CA LEU X 73 2.18 9.37 -61.98
C LEU X 73 2.38 8.63 -63.28
N ARG X 74 1.58 7.59 -63.45
CA ARG X 74 1.67 6.78 -64.66
C ARG X 74 1.41 7.62 -65.90
N ARG X 75 0.39 8.47 -65.84
CA ARG X 75 0.04 9.34 -66.98
C ARG X 75 1.05 10.44 -67.21
N ASN X 76 1.92 10.71 -66.23
CA ASN X 76 2.84 11.85 -66.34
C ASN X 76 4.31 11.47 -66.34
N ASP X 77 4.58 10.19 -66.53
CA ASP X 77 5.96 9.75 -66.56
C ASP X 77 6.01 8.49 -67.38
N ALA X 78 6.69 8.59 -68.51
CA ALA X 78 6.67 7.53 -69.48
C ALA X 78 7.28 6.25 -68.90
N LYS X 79 8.35 6.36 -68.11
CA LYS X 79 9.01 5.17 -67.62
C LYS X 79 8.21 4.48 -66.54
N TRP X 80 7.48 5.24 -65.74
CA TRP X 80 6.52 4.65 -64.80
C TRP X 80 5.47 3.84 -65.55
N ALA X 81 4.95 4.42 -66.62
CA ALA X 81 3.92 3.77 -67.42
C ALA X 81 4.46 2.48 -68.00
N GLU X 82 5.67 2.54 -68.54
CA GLU X 82 6.26 1.37 -69.18
C GLU X 82 6.38 0.22 -68.15
N HIS X 83 6.98 0.52 -66.99
CA HIS X 83 7.29 -0.54 -66.03
C HIS X 83 6.06 -1.04 -65.35
N LEU X 84 5.13 -0.15 -65.09
CA LEU X 84 3.90 -0.60 -64.49
C LEU X 84 3.17 -1.50 -65.48
N ARG X 85 3.25 -1.19 -66.76
CA ARG X 85 2.50 -1.99 -67.73
C ARG X 85 3.11 -3.40 -67.83
N THR X 86 4.42 -3.49 -67.74
CA THR X 86 5.08 -4.78 -67.78
C THR X 86 4.63 -5.74 -66.66
N TYR X 87 4.47 -5.24 -65.45
CA TYR X 87 4.24 -6.11 -64.29
C TYR X 87 2.82 -6.16 -63.71
N LEU X 88 2.09 -5.05 -63.75
CA LEU X 88 0.77 -5.04 -63.11
C LEU X 88 -0.27 -5.86 -63.89
N PHE X 89 -1.09 -6.58 -63.15
CA PHE X 89 -2.17 -7.38 -63.72
C PHE X 89 -1.65 -8.47 -64.68
N THR X 90 -0.55 -9.11 -64.31
CA THR X 90 0.01 -10.19 -65.09
C THR X 90 -0.16 -11.48 -64.32
N GLU X 91 0.17 -12.60 -64.94
CA GLU X 91 0.26 -13.86 -64.23
C GLU X 91 1.60 -14.54 -64.56
N GLY X 92 1.82 -15.68 -63.94
CA GLY X 92 3.13 -16.30 -63.97
C GLY X 92 4.18 -15.46 -63.26
N PRO X 93 5.42 -15.98 -63.18
CA PRO X 93 6.49 -15.45 -62.32
C PRO X 93 6.82 -13.99 -62.52
N ILE X 94 6.81 -13.19 -61.45
CA ILE X 94 7.03 -11.76 -61.55
C ILE X 94 8.49 -11.58 -61.99
N THR X 95 9.39 -12.42 -61.51
CA THR X 95 10.77 -12.38 -61.98
C THR X 95 10.92 -12.88 -63.42
N SER Y 7 5.95 0.91 -30.80
CA SER Y 7 5.75 2.35 -30.84
C SER Y 7 5.20 2.89 -29.52
N THR Y 8 5.18 2.07 -28.47
CA THR Y 8 4.79 2.52 -27.13
C THR Y 8 6.05 2.96 -26.36
N HIS Y 9 5.91 3.89 -25.41
CA HIS Y 9 7.07 4.35 -24.64
C HIS Y 9 7.36 3.56 -23.40
N GLU Y 10 6.35 2.89 -22.88
CA GLU Y 10 6.56 2.04 -21.73
C GLU Y 10 6.41 0.61 -22.19
N PRO Y 11 7.06 -0.33 -21.50
CA PRO Y 11 6.90 -1.73 -21.87
C PRO Y 11 5.43 -2.19 -21.81
N LEU Y 12 4.99 -2.96 -22.80
CA LEU Y 12 3.59 -3.38 -22.89
C LEU Y 12 3.05 -4.18 -21.71
N GLU Y 13 3.91 -4.88 -20.98
CA GLU Y 13 3.43 -5.74 -19.90
C GLU Y 13 2.96 -4.96 -18.65
N VAL Y 14 3.32 -3.69 -18.52
CA VAL Y 14 2.85 -2.87 -17.39
C VAL Y 14 1.69 -1.95 -17.79
N LEU Y 15 1.38 -1.92 -19.08
CA LEU Y 15 0.30 -1.08 -19.60
C LEU Y 15 -1.01 -1.85 -19.60
N LYS Y 16 -2.09 -1.20 -19.14
CA LYS Y 16 -3.42 -1.77 -19.24
C LYS Y 16 -3.83 -1.88 -20.69
N GLU Y 17 -4.58 -2.94 -20.99
CA GLU Y 17 -5.03 -3.26 -22.34
C GLU Y 17 -5.76 -2.11 -23.02
N GLU Y 18 -6.64 -1.42 -22.31
CA GLU Y 18 -7.35 -0.28 -22.90
C GLU Y 18 -6.42 0.91 -23.15
N THR Y 19 -5.35 1.06 -22.36
CA THR Y 19 -4.39 2.10 -22.64
C THR Y 19 -3.74 1.88 -24.01
N VAL Y 20 -3.40 0.62 -24.32
CA VAL Y 20 -2.73 0.33 -25.59
C VAL Y 20 -3.71 0.53 -26.75
N ASN Y 21 -4.98 0.22 -26.54
CA ASN Y 21 -5.99 0.47 -27.58
C ASN Y 21 -6.19 1.96 -27.83
N ARG Y 22 -6.23 2.76 -26.76
CA ARG Y 22 -6.32 4.20 -26.96
C ARG Y 22 -5.06 4.74 -27.66
N HIS Y 23 -3.89 4.17 -27.34
CA HIS Y 23 -2.63 4.53 -28.03
C HIS Y 23 -2.78 4.29 -29.54
N ARG Y 24 -3.34 3.15 -29.92
CA ARG Y 24 -3.59 2.86 -31.33
C ARG Y 24 -4.49 3.88 -31.98
N ALA Y 25 -5.52 4.29 -31.26
CA ALA Y 25 -6.43 5.28 -31.77
C ALA Y 25 -5.78 6.64 -31.87
N ILE Y 26 -5.08 7.03 -30.82
CA ILE Y 26 -4.50 8.37 -30.77
C ILE Y 26 -3.45 8.57 -31.89
N VAL Y 27 -2.56 7.60 -32.09
CA VAL Y 27 -1.53 7.78 -33.13
C VAL Y 27 -2.19 7.80 -34.52
N SER Y 28 -3.31 7.10 -34.68
CA SER Y 28 -4.07 7.18 -35.94
C SER Y 28 -4.56 8.60 -36.20
N VAL Y 29 -5.14 9.25 -35.19
CA VAL Y 29 -5.60 10.61 -35.39
C VAL Y 29 -4.42 11.54 -35.75
N MET Y 30 -3.30 11.37 -35.05
CA MET Y 30 -2.09 12.16 -35.31
C MET Y 30 -1.63 12.02 -36.75
N GLU Y 31 -1.56 10.78 -37.21
CA GLU Y 31 -1.11 10.54 -38.59
C GLU Y 31 -2.13 11.10 -39.59
N GLU Y 32 -3.41 11.00 -39.27
CA GLU Y 32 -4.44 11.62 -40.13
C GLU Y 32 -4.29 13.15 -40.13
N LEU Y 33 -4.10 13.74 -38.96
CA LEU Y 33 -3.89 15.19 -38.87
C LEU Y 33 -2.71 15.62 -39.68
N GLU Y 34 -1.62 14.87 -39.58
CA GLU Y 34 -0.42 15.13 -40.38
C GLU Y 34 -0.70 15.06 -41.87
N ALA Y 35 -1.44 14.04 -42.29
CA ALA Y 35 -1.77 13.94 -43.71
C ALA Y 35 -2.65 15.14 -44.21
N VAL Y 36 -3.63 15.55 -43.43
CA VAL Y 36 -4.45 16.70 -43.83
C VAL Y 36 -3.57 17.90 -44.07
N ASP Y 37 -2.69 18.19 -43.11
CA ASP Y 37 -1.78 19.33 -43.21
C ASP Y 37 -0.87 19.23 -44.42
N TRP Y 38 -0.23 18.08 -44.62
CA TRP Y 38 0.66 17.94 -45.76
C TRP Y 38 -0.12 18.04 -47.06
N TYR Y 39 -1.26 17.35 -47.15
CA TYR Y 39 -2.06 17.43 -48.38
C TYR Y 39 -2.52 18.86 -48.63
N ASP Y 40 -2.92 19.58 -47.58
CA ASP Y 40 -3.41 20.96 -47.75
C ASP Y 40 -2.30 21.87 -48.28
N GLN Y 41 -1.06 21.67 -47.82
CA GLN Y 41 0.08 22.39 -48.37
C GLN Y 41 0.40 22.02 -49.82
N ARG Y 42 0.33 20.73 -50.16
CA ARG Y 42 0.62 20.36 -51.54
C ARG Y 42 -0.48 20.90 -52.47
N VAL Y 43 -1.73 20.93 -52.01
CA VAL Y 43 -2.81 21.47 -52.81
C VAL Y 43 -2.52 22.91 -53.19
N ASP Y 44 -2.02 23.72 -52.24
CA ASP Y 44 -1.68 25.14 -52.48
C ASP Y 44 -0.49 25.32 -53.43
N ALA Y 45 0.50 24.44 -53.35
CA ALA Y 45 1.75 24.60 -54.12
C ALA Y 45 1.72 23.92 -55.49
N SER Y 46 0.82 22.95 -55.64
CA SER Y 46 0.75 22.18 -56.88
C SER Y 46 0.42 23.05 -58.07
N THR Y 47 1.11 22.80 -59.19
CA THR Y 47 0.86 23.54 -60.43
C THR Y 47 0.31 22.64 -61.55
N ASP Y 48 -0.25 21.49 -61.17
CA ASP Y 48 -0.90 20.59 -62.11
C ASP Y 48 -2.31 20.35 -61.55
N PRO Y 49 -3.36 20.83 -62.25
CA PRO Y 49 -4.72 20.75 -61.69
C PRO Y 49 -5.28 19.35 -61.44
N GLU Y 50 -4.94 18.39 -62.28
CA GLU Y 50 -5.45 17.04 -62.08
C GLU Y 50 -4.83 16.46 -60.81
N LEU Y 51 -3.55 16.74 -60.57
CA LEU Y 51 -2.91 16.27 -59.33
C LEU Y 51 -3.60 16.96 -58.15
N THR Y 52 -3.82 18.27 -58.28
CA THR Y 52 -4.46 19.02 -57.19
C THR Y 52 -5.81 18.41 -56.79
N ALA Y 53 -6.61 17.98 -57.75
CA ALA Y 53 -7.93 17.40 -57.41
C ALA Y 53 -7.80 16.11 -56.61
N ILE Y 54 -6.80 15.31 -56.95
CA ILE Y 54 -6.54 14.08 -56.22
C ILE Y 54 -6.13 14.42 -54.78
N LEU Y 55 -5.21 15.38 -54.64
CA LEU Y 55 -4.71 15.81 -53.31
C LEU Y 55 -5.84 16.31 -52.41
N ALA Y 56 -6.77 17.10 -52.96
CA ALA Y 56 -7.88 17.64 -52.17
C ALA Y 56 -8.86 16.59 -51.74
N HIS Y 57 -9.16 15.67 -52.66
CA HIS Y 57 -10.01 14.53 -52.37
C HIS Y 57 -9.42 13.69 -51.22
N ASN Y 58 -8.13 13.38 -51.30
CA ASN Y 58 -7.52 12.57 -50.26
C ASN Y 58 -7.54 13.34 -48.93
N ARG Y 59 -7.16 14.61 -48.97
CA ARG Y 59 -7.18 15.44 -47.77
C ARG Y 59 -8.47 15.33 -46.99
N ASP Y 60 -9.60 15.50 -47.69
CA ASP Y 60 -10.88 15.60 -47.00
C ASP Y 60 -11.35 14.26 -46.47
N GLU Y 61 -10.91 13.17 -47.09
CA GLU Y 61 -11.19 11.86 -46.52
C GLU Y 61 -10.37 11.58 -45.25
N GLU Y 62 -9.14 12.13 -45.15
CA GLU Y 62 -8.35 11.93 -43.91
C GLU Y 62 -9.10 12.54 -42.71
N LYS Y 63 -9.80 13.66 -42.96
CA LYS Y 63 -10.58 14.32 -41.90
C LYS Y 63 -11.67 13.40 -41.34
N GLU Y 64 -12.29 12.65 -42.25
CA GLU Y 64 -13.27 11.66 -41.85
C GLU Y 64 -12.65 10.50 -41.06
N HIS Y 65 -11.49 10.02 -41.52
CA HIS Y 65 -10.75 8.98 -40.79
C HIS Y 65 -10.47 9.45 -39.35
N ALA Y 66 -10.05 10.71 -39.20
CA ALA Y 66 -9.81 11.29 -37.88
C ALA Y 66 -11.08 11.35 -37.03
N ALA Y 67 -12.17 11.81 -37.63
CA ALA Y 67 -13.44 12.00 -36.88
C ALA Y 67 -13.98 10.69 -36.31
N MET Y 68 -13.92 9.64 -37.12
CA MET Y 68 -14.37 8.33 -36.70
C MET Y 68 -13.56 7.84 -35.54
N THR Y 69 -12.24 8.01 -35.63
CA THR Y 69 -11.36 7.53 -34.57
C THR Y 69 -11.54 8.41 -33.34
N LEU Y 70 -11.76 9.69 -33.56
CA LEU Y 70 -12.04 10.60 -32.42
C LEU Y 70 -13.30 10.17 -31.63
N GLU Y 71 -14.38 9.78 -32.33
CA GLU Y 71 -15.59 9.31 -31.64
C GLU Y 71 -15.30 8.06 -30.86
N TRP Y 72 -14.49 7.18 -31.40
CA TRP Y 72 -14.13 6.01 -30.62
C TRP Y 72 -13.46 6.45 -29.30
N LEU Y 73 -12.56 7.43 -29.37
CA LEU Y 73 -11.88 7.93 -28.17
C LEU Y 73 -12.90 8.53 -27.21
N ARG Y 74 -13.85 9.29 -27.75
CA ARG Y 74 -14.90 9.87 -26.94
C ARG Y 74 -15.66 8.80 -26.14
N ARG Y 75 -16.00 7.70 -26.80
CA ARG Y 75 -16.74 6.64 -26.14
C ARG Y 75 -15.95 5.81 -25.19
N ASN Y 76 -14.63 5.87 -25.26
CA ASN Y 76 -13.79 4.98 -24.45
C ASN Y 76 -12.90 5.75 -23.49
N ASP Y 77 -13.20 7.03 -23.28
CA ASP Y 77 -12.43 7.84 -22.33
C ASP Y 77 -13.30 8.98 -21.77
N ALA Y 78 -13.53 8.93 -20.47
CA ALA Y 78 -14.51 9.82 -19.84
C ALA Y 78 -14.13 11.29 -20.00
N LYS Y 79 -12.82 11.58 -19.88
CA LYS Y 79 -12.35 12.95 -19.92
C LYS Y 79 -12.30 13.48 -21.33
N TRP Y 80 -12.03 12.60 -22.30
CA TRP Y 80 -12.20 13.01 -23.70
C TRP Y 80 -13.64 13.40 -23.98
N ALA Y 81 -14.58 12.58 -23.48
CA ALA Y 81 -16.02 12.87 -23.65
C ALA Y 81 -16.37 14.21 -22.99
N GLU Y 82 -15.92 14.40 -21.74
CA GLU Y 82 -16.21 15.65 -21.01
C GLU Y 82 -15.66 16.87 -21.74
N HIS Y 83 -14.38 16.85 -22.14
CA HIS Y 83 -13.80 18.04 -22.75
C HIS Y 83 -14.29 18.30 -24.16
N LEU Y 84 -14.51 17.24 -24.93
CA LEU Y 84 -15.04 17.44 -26.28
C LEU Y 84 -16.46 18.02 -26.19
N ARG Y 85 -17.22 17.54 -25.22
CA ARG Y 85 -18.59 17.98 -25.03
C ARG Y 85 -18.62 19.48 -24.74
N THR Y 86 -17.65 19.95 -23.94
CA THR Y 86 -17.55 21.38 -23.57
C THR Y 86 -17.25 22.33 -24.71
N TYR Y 87 -16.36 21.97 -25.62
CA TYR Y 87 -15.89 22.93 -26.62
C TYR Y 87 -16.46 22.68 -27.99
N LEU Y 88 -16.75 21.43 -28.33
CA LEU Y 88 -17.19 21.17 -29.70
C LEU Y 88 -18.64 21.64 -29.93
N PHE Y 89 -18.86 22.29 -31.08
CA PHE Y 89 -20.17 22.78 -31.51
C PHE Y 89 -20.76 23.83 -30.59
N THR Y 90 -19.89 24.77 -30.23
CA THR Y 90 -20.26 25.93 -29.42
C THR Y 90 -20.04 27.17 -30.27
N GLU Y 91 -20.42 28.34 -29.76
CA GLU Y 91 -20.05 29.59 -30.39
C GLU Y 91 -19.56 30.61 -29.38
N GLY Y 92 -19.11 31.75 -29.88
CA GLY Y 92 -18.37 32.74 -29.10
C GLY Y 92 -17.02 32.22 -28.60
N PRO Y 93 -16.26 33.07 -27.90
CA PRO Y 93 -14.85 32.81 -27.54
C PRO Y 93 -14.60 31.45 -26.87
N ILE Y 94 -13.67 30.71 -27.46
CA ILE Y 94 -13.37 29.33 -27.07
C ILE Y 94 -12.73 29.35 -25.68
N THR Y 95 -11.92 30.38 -25.43
CA THR Y 95 -11.32 30.58 -24.11
C THR Y 95 -12.34 31.03 -23.06
N SER Z 7 8.66 24.99 -40.38
CA SER Z 7 8.23 23.60 -40.25
C SER Z 7 7.23 23.17 -41.33
N THR Z 8 7.07 23.99 -42.37
CA THR Z 8 6.18 23.63 -43.47
C THR Z 8 6.95 22.92 -44.57
N HIS Z 9 6.27 22.10 -45.35
CA HIS Z 9 6.91 21.33 -46.42
C HIS Z 9 6.99 22.07 -47.73
N GLU Z 10 6.14 23.08 -47.90
CA GLU Z 10 6.23 23.90 -49.08
C GLU Z 10 6.71 25.28 -48.65
N PRO Z 11 7.37 26.02 -49.56
CA PRO Z 11 7.84 27.38 -49.27
C PRO Z 11 6.67 28.26 -48.84
N LEU Z 12 6.90 29.16 -47.89
CA LEU Z 12 5.81 29.93 -47.31
C LEU Z 12 4.98 30.82 -48.24
N GLU Z 13 5.58 31.37 -49.30
CA GLU Z 13 4.84 32.31 -50.16
C GLU Z 13 3.89 31.62 -51.15
N VAL Z 14 3.97 30.29 -51.29
CA VAL Z 14 3.00 29.57 -52.14
C VAL Z 14 1.86 29.03 -51.28
N LEU Z 15 1.97 29.20 -49.96
CA LEU Z 15 0.90 28.80 -49.05
C LEU Z 15 -0.03 29.98 -48.76
N LYS Z 16 -1.33 29.72 -48.78
CA LYS Z 16 -2.30 30.71 -48.34
C LYS Z 16 -2.17 30.92 -46.84
N GLU Z 17 -2.43 32.15 -46.39
CA GLU Z 17 -2.39 32.51 -44.99
C GLU Z 17 -3.22 31.59 -44.12
N GLU Z 18 -4.41 31.26 -44.60
CA GLU Z 18 -5.34 30.42 -43.86
C GLU Z 18 -4.81 28.98 -43.75
N THR Z 19 -4.06 28.53 -44.76
CA THR Z 19 -3.46 27.19 -44.73
C THR Z 19 -2.43 27.10 -43.61
N VAL Z 20 -1.63 28.15 -43.47
CA VAL Z 20 -0.59 28.18 -42.46
C VAL Z 20 -1.17 28.29 -41.05
N ASN Z 21 -2.24 29.05 -40.90
CA ASN Z 21 -2.88 29.12 -39.59
C ASN Z 21 -3.46 27.77 -39.22
N ARG Z 22 -4.02 27.06 -40.20
CA ARG Z 22 -4.53 25.72 -39.94
C ARG Z 22 -3.37 24.77 -39.58
N HIS Z 23 -2.22 24.94 -40.24
CA HIS Z 23 -1.03 24.18 -39.94
C HIS Z 23 -0.61 24.40 -38.47
N ARG Z 24 -0.63 25.64 -38.01
CA ARG Z 24 -0.31 25.96 -36.62
C ARG Z 24 -1.26 25.23 -35.67
N ALA Z 25 -2.53 25.19 -36.05
CA ALA Z 25 -3.52 24.50 -35.26
C ALA Z 25 -3.42 22.98 -35.28
N ILE Z 26 -3.20 22.43 -36.46
CA ILE Z 26 -3.17 20.98 -36.60
C ILE Z 26 -1.99 20.38 -35.83
N VAL Z 27 -0.80 20.96 -36.00
CA VAL Z 27 0.40 20.45 -35.32
C VAL Z 27 0.25 20.64 -33.81
N SER Z 28 -0.47 21.68 -33.38
CA SER Z 28 -0.80 21.84 -31.96
C SER Z 28 -1.65 20.67 -31.48
N VAL Z 29 -2.68 20.30 -32.25
CA VAL Z 29 -3.54 19.18 -31.85
C VAL Z 29 -2.72 17.90 -31.79
N MET Z 30 -1.85 17.69 -32.79
CA MET Z 30 -0.97 16.51 -32.87
C MET Z 30 -0.08 16.37 -31.62
N GLU Z 31 0.51 17.49 -31.22
CA GLU Z 31 1.35 17.53 -30.04
C GLU Z 31 0.52 17.28 -28.79
N GLU Z 32 -0.71 17.79 -28.77
CA GLU Z 32 -1.55 17.52 -27.62
C GLU Z 32 -1.88 16.06 -27.50
N LEU Z 33 -2.22 15.43 -28.63
CA LEU Z 33 -2.57 14.01 -28.65
C LEU Z 33 -1.41 13.13 -28.17
N GLU Z 34 -0.23 13.44 -28.68
CA GLU Z 34 0.98 12.77 -28.27
C GLU Z 34 1.19 12.91 -26.76
N ALA Z 35 0.98 14.11 -26.22
CA ALA Z 35 1.17 14.30 -24.80
C ALA Z 35 0.19 13.46 -24.00
N VAL Z 36 -1.06 13.39 -24.47
CA VAL Z 36 -2.10 12.56 -23.84
C VAL Z 36 -1.69 11.10 -23.79
N ASP Z 37 -1.25 10.59 -24.92
CA ASP Z 37 -0.83 9.19 -24.99
C ASP Z 37 0.38 8.90 -24.08
N TRP Z 38 1.40 9.73 -24.14
CA TRP Z 38 2.61 9.52 -23.34
C TRP Z 38 2.31 9.61 -21.86
N TYR Z 39 1.54 10.60 -21.46
CA TYR Z 39 1.19 10.73 -20.05
C TYR Z 39 0.41 9.51 -19.57
N ASP Z 40 -0.49 9.00 -20.40
CA ASP Z 40 -1.34 7.87 -19.99
C ASP Z 40 -0.53 6.62 -19.82
N GLN Z 41 0.42 6.43 -20.71
CA GLN Z 41 1.34 5.32 -20.56
C GLN Z 41 2.17 5.47 -19.28
N ARG Z 42 2.60 6.69 -19.00
CA ARG Z 42 3.42 6.93 -17.82
C ARG Z 42 2.58 6.74 -16.56
N VAL Z 43 1.31 7.08 -16.64
CA VAL Z 43 0.40 6.86 -15.51
C VAL Z 43 0.30 5.36 -15.17
N ASP Z 44 0.21 4.52 -16.20
CA ASP Z 44 0.13 3.07 -15.97
C ASP Z 44 1.42 2.52 -15.40
N ALA Z 45 2.55 3.07 -15.84
CA ALA Z 45 3.85 2.50 -15.52
C ALA Z 45 4.43 3.04 -14.23
N SER Z 46 4.01 4.23 -13.82
CA SER Z 46 4.60 4.90 -12.67
C SER Z 46 4.44 4.10 -11.38
N THR Z 47 5.48 4.09 -10.56
CA THR Z 47 5.41 3.43 -9.25
C THR Z 47 5.50 4.45 -8.10
N ASP Z 48 5.24 5.72 -8.40
CA ASP Z 48 5.15 6.74 -7.37
C ASP Z 48 3.78 7.44 -7.42
N PRO Z 49 2.94 7.21 -6.40
CA PRO Z 49 1.58 7.76 -6.49
C PRO Z 49 1.53 9.28 -6.52
N GLU Z 50 2.49 9.96 -5.89
CA GLU Z 50 2.52 11.41 -5.97
C GLU Z 50 2.82 11.87 -7.40
N LEU Z 51 3.73 11.17 -8.08
CA LEU Z 51 4.01 11.47 -9.50
C LEU Z 51 2.79 11.12 -10.39
N THR Z 52 2.21 9.95 -10.16
CA THR Z 52 1.05 9.49 -10.94
C THR Z 52 -0.09 10.50 -10.95
N ALA Z 53 -0.33 11.10 -9.79
CA ALA Z 53 -1.37 12.11 -9.66
C ALA Z 53 -1.09 13.32 -10.52
N ILE Z 54 0.17 13.76 -10.57
CA ILE Z 54 0.55 14.89 -11.44
C ILE Z 54 0.38 14.54 -12.92
N LEU Z 55 0.92 13.38 -13.30
CA LEU Z 55 0.86 12.90 -14.68
C LEU Z 55 -0.63 12.79 -15.13
N ALA Z 56 -1.51 12.30 -14.24
CA ALA Z 56 -2.92 12.19 -14.59
C ALA Z 56 -3.55 13.56 -14.70
N HIS Z 57 -3.24 14.45 -13.77
CA HIS Z 57 -3.71 15.82 -13.86
C HIS Z 57 -3.28 16.46 -15.17
N ASN Z 58 -2.01 16.34 -15.55
CA ASN Z 58 -1.57 17.00 -16.78
C ASN Z 58 -2.25 16.38 -18.01
N ARG Z 59 -2.29 15.06 -18.05
CA ARG Z 59 -2.94 14.31 -19.13
C ARG Z 59 -4.31 14.84 -19.49
N ASP Z 60 -5.15 15.00 -18.47
CA ASP Z 60 -6.55 15.32 -18.74
C ASP Z 60 -6.64 16.78 -19.16
N GLU Z 61 -5.70 17.63 -18.75
CA GLU Z 61 -5.71 19.01 -19.28
C GLU Z 61 -5.26 19.10 -20.74
N GLU Z 62 -4.39 18.19 -21.19
CA GLU Z 62 -3.99 18.21 -22.61
C GLU Z 62 -5.22 17.94 -23.49
N LYS Z 63 -6.15 17.11 -22.97
CA LYS Z 63 -7.37 16.78 -23.71
C LYS Z 63 -8.21 18.02 -23.96
N GLU Z 64 -8.25 18.86 -22.94
CA GLU Z 64 -8.92 20.14 -23.06
C GLU Z 64 -8.23 21.03 -24.08
N HIS Z 65 -6.91 21.12 -24.03
CA HIS Z 65 -6.16 21.90 -25.03
C HIS Z 65 -6.44 21.46 -26.46
N ALA Z 66 -6.48 20.14 -26.65
CA ALA Z 66 -6.76 19.57 -27.96
C ALA Z 66 -8.17 19.95 -28.38
N ALA Z 67 -9.12 19.80 -27.47
CA ALA Z 67 -10.53 20.04 -27.78
C ALA Z 67 -10.73 21.49 -28.15
N MET Z 68 -10.09 22.39 -27.41
CA MET Z 68 -10.19 23.80 -27.70
C MET Z 68 -9.68 24.11 -29.09
N THR Z 69 -8.54 23.53 -29.43
CA THR Z 69 -7.95 23.84 -30.72
C THR Z 69 -8.73 23.14 -31.84
N LEU Z 70 -9.25 21.95 -31.54
CA LEU Z 70 -10.09 21.19 -32.48
C LEU Z 70 -11.40 21.93 -32.78
N GLU Z 71 -12.01 22.54 -31.76
CA GLU Z 71 -13.20 23.37 -31.97
C GLU Z 71 -12.86 24.55 -32.88
N TRP Z 72 -11.69 25.15 -32.72
CA TRP Z 72 -11.27 26.22 -33.65
C TRP Z 72 -11.15 25.75 -35.09
N LEU Z 73 -10.61 24.55 -35.28
CA LEU Z 73 -10.48 24.00 -36.62
C LEU Z 73 -11.85 23.83 -37.25
N ARG Z 74 -12.80 23.33 -36.45
CA ARG Z 74 -14.16 23.12 -36.87
C ARG Z 74 -14.75 24.43 -37.38
N ARG Z 75 -14.46 25.53 -36.67
CA ARG Z 75 -14.96 26.84 -37.05
C ARG Z 75 -14.29 27.44 -38.28
N ASN Z 76 -13.13 26.93 -38.68
CA ASN Z 76 -12.42 27.54 -39.81
C ASN Z 76 -12.18 26.59 -40.97
N ASP Z 77 -12.88 25.45 -40.95
CA ASP Z 77 -12.79 24.47 -42.03
C ASP Z 77 -14.07 23.61 -42.05
N ALA Z 78 -14.85 23.74 -43.11
CA ALA Z 78 -16.16 23.09 -43.15
C ALA Z 78 -16.13 21.59 -43.16
N LYS Z 79 -15.12 21.01 -43.81
CA LYS Z 79 -15.06 19.56 -43.94
C LYS Z 79 -14.77 18.97 -42.57
N TRP Z 80 -13.97 19.66 -41.78
CA TRP Z 80 -13.78 19.29 -40.38
C TRP Z 80 -15.13 19.35 -39.66
N ALA Z 81 -15.87 20.44 -39.88
CA ALA Z 81 -17.19 20.62 -39.24
C ALA Z 81 -18.15 19.52 -39.70
N GLU Z 82 -18.15 19.28 -41.01
CA GLU Z 82 -18.99 18.24 -41.57
C GLU Z 82 -18.69 16.87 -40.98
N HIS Z 83 -17.42 16.45 -41.02
CA HIS Z 83 -17.09 15.09 -40.62
C HIS Z 83 -17.15 14.92 -39.11
N LEU Z 84 -16.78 15.95 -38.36
CA LEU Z 84 -16.90 15.85 -36.90
C LEU Z 84 -18.36 15.72 -36.49
N ARG Z 85 -19.22 16.46 -37.20
CA ARG Z 85 -20.67 16.43 -36.97
C ARG Z 85 -21.27 15.05 -37.20
N THR Z 86 -20.79 14.38 -38.26
CA THR Z 86 -21.27 13.06 -38.61
C THR Z 86 -21.03 12.06 -37.48
N TYR Z 87 -19.85 12.12 -36.88
CA TYR Z 87 -19.44 11.03 -35.98
C TYR Z 87 -19.44 11.39 -34.50
N LEU Z 88 -19.19 12.64 -34.16
CA LEU Z 88 -19.07 12.94 -32.74
C LEU Z 88 -20.44 12.93 -32.07
N PHE Z 89 -20.49 12.34 -30.89
CA PHE Z 89 -21.70 12.34 -30.09
C PHE Z 89 -22.84 11.56 -30.78
N THR Z 90 -22.51 10.39 -31.31
CA THR Z 90 -23.43 9.54 -32.05
C THR Z 90 -23.72 8.29 -31.25
N GLU Z 91 -24.62 7.48 -31.78
CA GLU Z 91 -24.91 6.17 -31.21
C GLU Z 91 -24.84 5.09 -32.27
N GLY Z 92 -24.96 3.84 -31.83
CA GLY Z 92 -24.76 2.68 -32.67
C GLY Z 92 -23.38 2.66 -33.28
N PRO Z 93 -23.09 1.61 -34.08
CA PRO Z 93 -21.76 1.37 -34.67
C PRO Z 93 -21.22 2.60 -35.41
N ILE Z 94 -19.96 2.95 -35.15
CA ILE Z 94 -19.36 4.18 -35.65
C ILE Z 94 -19.19 4.21 -37.17
N THR Z 95 -18.85 3.06 -37.74
CA THR Z 95 -18.72 2.93 -39.18
C THR Z 95 -20.07 3.02 -39.90
N SER AA 7 16.58 26.40 -35.96
CA SER AA 7 15.94 25.49 -35.01
C SER AA 7 14.59 26.01 -34.47
N THR AA 8 14.13 27.12 -35.03
CA THR AA 8 12.83 27.68 -34.68
C THR AA 8 11.84 27.11 -35.67
N HIS AA 9 10.57 27.04 -35.28
CA HIS AA 9 9.56 26.50 -36.19
C HIS AA 9 8.93 27.56 -37.05
N GLU AA 10 9.02 28.80 -36.63
CA GLU AA 10 8.53 29.92 -37.42
C GLU AA 10 9.70 30.71 -37.93
N PRO AA 11 9.51 31.41 -39.06
CA PRO AA 11 10.56 32.27 -39.61
C PRO AA 11 11.05 33.30 -38.59
N LEU AA 12 12.35 33.55 -38.51
CA LEU AA 12 12.85 34.46 -37.49
C LEU AA 12 12.26 35.86 -37.58
N GLU AA 13 11.92 36.33 -38.79
CA GLU AA 13 11.48 37.71 -38.96
C GLU AA 13 10.06 37.95 -38.45
N VAL AA 14 9.30 36.90 -38.15
CA VAL AA 14 7.98 37.08 -37.52
C VAL AA 14 8.04 36.84 -35.99
N LEU AA 15 9.22 36.44 -35.48
CA LEU AA 15 9.40 36.20 -34.05
C LEU AA 15 9.99 37.43 -33.35
N LYS AA 16 9.44 37.81 -32.22
CA LYS AA 16 10.05 38.86 -31.40
C LYS AA 16 11.39 38.38 -30.87
N GLU AA 17 12.34 39.29 -30.74
CA GLU AA 17 13.68 38.97 -30.26
C GLU AA 17 13.61 38.25 -28.92
N GLU AA 18 12.71 38.68 -28.04
CA GLU AA 18 12.60 38.08 -26.70
C GLU AA 18 12.12 36.63 -26.76
N THR AA 19 11.26 36.35 -27.74
CA THR AA 19 10.78 34.99 -27.96
C THR AA 19 11.95 34.10 -28.36
N VAL AA 20 12.84 34.61 -29.17
CA VAL AA 20 13.94 33.82 -29.62
C VAL AA 20 14.92 33.62 -28.45
N ASN AA 21 15.07 34.61 -27.57
CA ASN AA 21 15.93 34.42 -26.42
C ASN AA 21 15.34 33.38 -25.48
N ARG AA 22 14.01 33.38 -25.31
CA ARG AA 22 13.38 32.37 -24.46
C ARG AA 22 13.51 30.95 -25.10
N HIS AA 23 13.43 30.86 -26.41
CA HIS AA 23 13.68 29.61 -27.10
C HIS AA 23 15.11 29.12 -26.80
N ARG AA 24 16.10 30.01 -26.84
CA ARG AA 24 17.47 29.58 -26.55
C ARG AA 24 17.63 28.99 -25.15
N ALA AA 25 16.94 29.60 -24.17
CA ALA AA 25 16.99 29.19 -22.77
C ALA AA 25 16.22 27.88 -22.58
N ILE AA 26 15.06 27.80 -23.19
CA ILE AA 26 14.19 26.64 -23.05
C ILE AA 26 14.88 25.40 -23.63
N VAL AA 27 15.47 25.53 -24.83
CA VAL AA 27 16.15 24.39 -25.46
C VAL AA 27 17.39 24.00 -24.65
N SER AA 28 18.05 24.98 -24.04
CA SER AA 28 19.11 24.66 -23.11
C SER AA 28 18.62 23.84 -21.91
N VAL AA 29 17.51 24.26 -21.28
CA VAL AA 29 17.04 23.50 -20.13
C VAL AA 29 16.67 22.09 -20.58
N MET AA 30 16.02 21.96 -21.75
CA MET AA 30 15.65 20.63 -22.27
C MET AA 30 16.85 19.71 -22.42
N GLU AA 31 17.94 20.26 -22.98
CA GLU AA 31 19.14 19.50 -23.18
C GLU AA 31 19.77 19.13 -21.84
N GLU AA 32 19.71 20.01 -20.86
CA GLU AA 32 20.29 19.68 -19.56
C GLU AA 32 19.50 18.53 -18.92
N LEU AA 33 18.16 18.61 -18.98
CA LEU AA 33 17.29 17.58 -18.44
C LEU AA 33 17.59 16.24 -19.07
N GLU AA 34 17.73 16.24 -20.39
CA GLU AA 34 18.11 15.04 -21.11
C GLU AA 34 19.45 14.49 -20.63
N ALA AA 35 20.45 15.36 -20.43
CA ALA AA 35 21.76 14.92 -19.92
C ALA AA 35 21.65 14.36 -18.50
N VAL AA 36 20.83 14.98 -17.63
CA VAL AA 36 20.62 14.48 -16.28
C VAL AA 36 20.09 13.05 -16.33
N ASP AA 37 19.05 12.84 -17.13
CA ASP AA 37 18.41 11.52 -17.25
C ASP AA 37 19.38 10.46 -17.81
N TRP AA 38 20.09 10.82 -18.86
CA TRP AA 38 21.04 9.94 -19.59
C TRP AA 38 22.16 9.52 -18.65
N TYR AA 39 22.72 10.51 -17.96
CA TYR AA 39 23.81 10.21 -17.05
C TYR AA 39 23.36 9.31 -15.93
N ASP AA 40 22.14 9.53 -15.42
CA ASP AA 40 21.68 8.74 -14.28
C ASP AA 40 21.49 7.29 -14.67
N GLN AA 41 20.95 7.08 -15.86
CA GLN AA 41 20.86 5.73 -16.39
C GLN AA 41 22.23 5.08 -16.57
N ARG AA 42 23.22 5.83 -17.07
CA ARG AA 42 24.56 5.26 -17.25
C ARG AA 42 25.17 4.97 -15.87
N VAL AA 43 24.87 5.81 -14.88
CA VAL AA 43 25.38 5.59 -13.53
C VAL AA 43 24.90 4.25 -12.96
N ASP AA 44 23.61 3.96 -13.15
CA ASP AA 44 23.02 2.70 -12.69
C ASP AA 44 23.58 1.46 -13.41
N ALA AA 45 23.87 1.61 -14.70
CA ALA AA 45 24.28 0.49 -15.55
C ALA AA 45 25.82 0.28 -15.61
N SER AA 46 26.58 1.32 -15.30
CA SER AA 46 28.03 1.26 -15.42
C SER AA 46 28.62 0.19 -14.51
N THR AA 47 29.60 -0.56 -14.99
CA THR AA 47 30.26 -1.55 -14.15
C THR AA 47 31.73 -1.17 -13.91
N ASP AA 48 32.05 0.11 -14.10
CA ASP AA 48 33.38 0.63 -13.83
C ASP AA 48 33.22 1.79 -12.85
N PRO AA 49 33.66 1.59 -11.58
CA PRO AA 49 33.41 2.62 -10.57
C PRO AA 49 34.11 3.94 -10.81
N GLU AA 50 35.27 3.94 -11.46
CA GLU AA 50 35.95 5.19 -11.80
C GLU AA 50 35.12 5.99 -12.81
N LEU AA 51 34.50 5.30 -13.78
CA LEU AA 51 33.63 5.95 -14.74
C LEU AA 51 32.39 6.46 -14.03
N THR AA 52 31.82 5.64 -13.18
CA THR AA 52 30.60 5.99 -12.46
C THR AA 52 30.73 7.28 -11.69
N ALA AA 53 31.89 7.46 -11.07
CA ALA AA 53 32.13 8.69 -10.32
C ALA AA 53 32.12 9.90 -11.24
N ILE AA 54 32.71 9.76 -12.42
CA ILE AA 54 32.73 10.83 -13.42
C ILE AA 54 31.29 11.12 -13.89
N LEU AA 55 30.57 10.07 -14.25
CA LEU AA 55 29.19 10.22 -14.70
C LEU AA 55 28.28 10.91 -13.69
N ALA AA 56 28.42 10.54 -12.41
CA ALA AA 56 27.62 11.08 -11.33
C ALA AA 56 27.98 12.53 -11.06
N HIS AA 57 29.27 12.83 -11.09
CA HIS AA 57 29.75 14.20 -10.98
C HIS AA 57 29.14 15.09 -12.06
N ASN AA 58 29.21 14.64 -13.32
CA ASN AA 58 28.73 15.44 -14.46
C ASN AA 58 27.23 15.62 -14.36
N ARG AA 59 26.54 14.55 -14.02
CA ARG AA 59 25.08 14.57 -13.82
C ARG AA 59 24.59 15.72 -12.94
N ASP AA 60 25.22 15.89 -11.79
CA ASP AA 60 24.74 16.84 -10.81
C ASP AA 60 25.10 18.27 -11.24
N GLU AA 61 26.16 18.41 -12.02
CA GLU AA 61 26.44 19.73 -12.55
C GLU AA 61 25.42 20.12 -13.63
N GLU AA 62 24.88 19.17 -14.39
CA GLU AA 62 23.82 19.49 -15.37
C GLU AA 62 22.58 20.05 -14.64
N LYS AA 63 22.31 19.56 -13.44
CA LYS AA 63 21.18 20.07 -12.66
C LYS AA 63 21.38 21.55 -12.34
N GLU AA 64 22.59 21.91 -12.01
CA GLU AA 64 22.91 23.30 -11.73
C GLU AA 64 22.81 24.13 -13.01
N HIS AA 65 23.30 23.62 -14.14
CA HIS AA 65 23.14 24.38 -15.40
C HIS AA 65 21.66 24.64 -15.68
N ALA AA 66 20.83 23.63 -15.45
CA ALA AA 66 19.40 23.73 -15.67
C ALA AA 66 18.81 24.76 -14.75
N ALA AA 67 19.24 24.75 -13.50
CA ALA AA 67 18.64 25.66 -12.50
C ALA AA 67 18.94 27.12 -12.82
N MET AA 68 20.16 27.39 -13.26
CA MET AA 68 20.55 28.75 -13.61
C MET AA 68 19.70 29.27 -14.77
N THR AA 69 19.50 28.42 -15.77
CA THR AA 69 18.78 28.88 -16.95
C THR AA 69 17.31 29.08 -16.65
N LEU AA 70 16.77 28.20 -15.81
CA LEU AA 70 15.39 28.31 -15.39
C LEU AA 70 15.14 29.60 -14.63
N GLU AA 71 16.10 30.01 -13.80
CA GLU AA 71 15.94 31.27 -13.09
C GLU AA 71 15.93 32.40 -14.12
N TRP AA 72 16.76 32.33 -15.16
CA TRP AA 72 16.70 33.37 -16.16
C TRP AA 72 15.30 33.42 -16.76
N LEU AA 73 14.70 32.26 -17.04
CA LEU AA 73 13.32 32.23 -17.58
C LEU AA 73 12.29 32.85 -16.63
N ARG AA 74 12.42 32.51 -15.35
CA ARG AA 74 11.57 33.08 -14.33
C ARG AA 74 11.62 34.62 -14.34
N ARG AA 75 12.82 35.19 -14.44
CA ARG AA 75 12.99 36.62 -14.44
C ARG AA 75 12.53 37.31 -15.71
N ASN AA 76 12.31 36.56 -16.77
CA ASN AA 76 11.99 37.16 -18.06
C ASN AA 76 10.67 36.71 -18.66
N ASP AA 77 9.83 36.13 -17.82
CA ASP AA 77 8.52 35.63 -18.25
C ASP AA 77 7.58 35.61 -17.03
N ALA AA 78 6.54 36.43 -17.08
CA ALA AA 78 5.67 36.67 -15.92
C ALA AA 78 4.96 35.40 -15.50
N LYS AA 79 4.57 34.59 -16.47
CA LYS AA 79 3.84 33.37 -16.16
C LYS AA 79 4.73 32.25 -15.64
N TRP AA 80 5.96 32.17 -16.14
CA TRP AA 80 6.90 31.25 -15.52
C TRP AA 80 7.06 31.64 -14.05
N ALA AA 81 7.20 32.94 -13.80
CA ALA AA 81 7.38 33.40 -12.41
C ALA AA 81 6.18 33.01 -11.56
N GLU AA 82 4.98 33.23 -12.09
CA GLU AA 82 3.75 32.93 -11.35
C GLU AA 82 3.64 31.44 -11.03
N HIS AA 83 3.78 30.59 -12.06
CA HIS AA 83 3.62 29.17 -11.84
C HIS AA 83 4.76 28.53 -11.06
N LEU AA 84 6.00 28.96 -11.26
CA LEU AA 84 7.06 28.41 -10.43
C LEU AA 84 6.84 28.84 -8.96
N ARG AA 85 6.37 30.06 -8.73
CA ARG AA 85 6.16 30.51 -7.36
C ARG AA 85 5.08 29.68 -6.69
N THR AA 86 4.04 29.33 -7.44
CA THR AA 86 2.98 28.50 -6.88
C THR AA 86 3.45 27.11 -6.40
N TYR AA 87 4.30 26.43 -7.17
CA TYR AA 87 4.59 25.03 -6.86
C TYR AA 87 5.94 24.72 -6.23
N LEU AA 88 6.99 25.46 -6.57
CA LEU AA 88 8.33 25.11 -6.08
C LEU AA 88 8.49 25.45 -4.59
N PHE AA 89 9.15 24.55 -3.88
CA PHE AA 89 9.44 24.73 -2.47
C PHE AA 89 8.13 24.82 -1.67
N THR AA 90 7.22 23.90 -1.95
CA THR AA 90 5.96 23.79 -1.20
C THR AA 90 5.94 22.48 -0.44
N GLU AA 91 4.93 22.29 0.40
CA GLU AA 91 4.69 20.99 1.03
C GLU AA 91 3.26 20.53 0.75
N GLY AA 92 2.93 19.30 1.17
CA GLY AA 92 1.65 18.72 0.80
C GLY AA 92 1.40 18.53 -0.69
N PRO AA 93 0.22 17.99 -1.04
CA PRO AA 93 -0.11 17.50 -2.39
C PRO AA 93 0.13 18.52 -3.48
N ILE AA 94 0.94 18.14 -4.46
CA ILE AA 94 1.38 19.09 -5.45
C ILE AA 94 0.22 19.59 -6.32
N THR AA 95 -0.72 18.70 -6.61
CA THR AA 95 -1.86 19.09 -7.42
C THR AA 95 -2.75 20.14 -6.73
N ALA AA 96 -2.88 20.04 -5.41
CA ALA AA 96 -3.72 20.93 -4.63
C ALA AA 96 -3.21 22.39 -4.48
N ALA AA 97 -1.88 22.58 -4.48
CA ALA AA 97 -1.27 23.90 -4.32
C ALA AA 97 -1.85 24.98 -5.24
N THR BA 8 14.04 4.48 -22.53
CA THR BA 8 15.26 4.49 -21.72
C THR BA 8 16.48 4.08 -22.56
N HIS BA 9 17.66 4.57 -22.17
CA HIS BA 9 18.92 4.34 -22.87
C HIS BA 9 19.62 3.08 -22.39
N GLU BA 10 19.29 2.68 -21.17
CA GLU BA 10 19.79 1.44 -20.62
C GLU BA 10 18.67 0.43 -20.42
N PRO BA 11 19.01 -0.87 -20.38
CA PRO BA 11 17.99 -1.89 -20.14
C PRO BA 11 17.24 -1.67 -18.80
N LEU BA 12 15.92 -1.83 -18.77
CA LEU BA 12 15.16 -1.60 -17.55
C LEU BA 12 15.60 -2.49 -16.40
N GLU BA 13 16.12 -3.66 -16.71
CA GLU BA 13 16.46 -4.60 -15.65
C GLU BA 13 17.69 -4.21 -14.82
N VAL BA 14 18.50 -3.25 -15.27
CA VAL BA 14 19.62 -2.75 -14.46
C VAL BA 14 19.35 -1.37 -13.84
N LEU BA 15 18.21 -0.77 -14.16
CA LEU BA 15 17.90 0.54 -13.60
C LEU BA 15 17.11 0.39 -12.30
N LYS BA 16 17.52 1.17 -11.30
CA LYS BA 16 16.77 1.27 -10.04
C LYS BA 16 15.41 1.91 -10.31
N GLU BA 17 14.43 1.49 -9.53
CA GLU BA 17 13.05 1.93 -9.68
C GLU BA 17 12.90 3.45 -9.65
N GLU BA 18 13.59 4.11 -8.71
CA GLU BA 18 13.44 5.55 -8.60
C GLU BA 18 14.11 6.24 -9.80
N THR BA 19 15.18 5.63 -10.34
CA THR BA 19 15.80 6.17 -11.53
C THR BA 19 14.78 6.20 -12.65
N VAL BA 20 13.95 5.16 -12.74
CA VAL BA 20 12.96 5.13 -13.82
C VAL BA 20 11.82 6.11 -13.55
N ASN BA 21 11.43 6.27 -12.30
CA ASN BA 21 10.40 7.28 -12.03
C ASN BA 21 10.91 8.69 -12.32
N ARG BA 22 12.16 8.97 -11.99
CA ARG BA 22 12.70 10.28 -12.30
C ARG BA 22 12.76 10.50 -13.82
N HIS BA 23 13.04 9.42 -14.56
CA HIS BA 23 13.00 9.45 -16.02
C HIS BA 23 11.63 9.87 -16.52
N ARG BA 24 10.57 9.29 -15.96
CA ARG BA 24 9.20 9.66 -16.38
C ARG BA 24 8.93 11.13 -16.15
N ALA BA 25 9.37 11.64 -15.00
CA ALA BA 25 9.19 13.03 -14.67
C ALA BA 25 10.07 13.93 -15.54
N ILE BA 26 11.34 13.53 -15.74
CA ILE BA 26 12.26 14.37 -16.51
C ILE BA 26 11.75 14.50 -17.93
N VAL BA 27 11.31 13.40 -18.54
CA VAL BA 27 10.82 13.45 -19.91
C VAL BA 27 9.52 14.25 -20.00
N SER BA 28 8.71 14.17 -18.97
CA SER BA 28 7.53 15.01 -18.92
C SER BA 28 7.90 16.50 -18.92
N VAL BA 29 8.86 16.91 -18.09
CA VAL BA 29 9.20 18.34 -18.08
C VAL BA 29 9.76 18.75 -19.44
N MET BA 30 10.59 17.91 -20.07
CA MET BA 30 11.16 18.22 -21.40
C MET BA 30 10.07 18.48 -22.42
N GLU BA 31 9.07 17.61 -22.46
CA GLU BA 31 7.96 17.77 -23.42
C GLU BA 31 7.13 19.02 -23.08
N GLU BA 32 6.97 19.33 -21.80
CA GLU BA 32 6.25 20.55 -21.44
C GLU BA 32 7.02 21.80 -21.94
N LEU BA 33 8.32 21.82 -21.72
CA LEU BA 33 9.16 22.94 -22.14
C LEU BA 33 9.12 23.13 -23.66
N GLU BA 34 9.18 22.03 -24.38
CA GLU BA 34 9.06 22.06 -25.82
C GLU BA 34 7.73 22.68 -26.25
N ALA BA 35 6.67 22.29 -25.55
CA ALA BA 35 5.35 22.79 -25.87
C ALA BA 35 5.27 24.29 -25.65
N VAL BA 36 5.84 24.78 -24.54
CA VAL BA 36 5.84 26.22 -24.26
C VAL BA 36 6.52 26.96 -25.37
N ASP BA 37 7.69 26.49 -25.74
CA ASP BA 37 8.46 27.14 -26.78
C ASP BA 37 7.68 27.14 -28.11
N TRP BA 38 7.15 26.00 -28.51
CA TRP BA 38 6.47 25.92 -29.80
C TRP BA 38 5.22 26.78 -29.81
N TYR BA 39 4.44 26.71 -28.75
CA TYR BA 39 3.23 27.53 -28.68
C TYR BA 39 3.63 29.04 -28.72
N ASP BA 40 4.70 29.41 -28.03
CA ASP BA 40 5.06 30.82 -27.97
C ASP BA 40 5.44 31.30 -29.35
N GLN BA 41 6.15 30.48 -30.08
CA GLN BA 41 6.49 30.85 -31.43
C GLN BA 41 5.24 30.98 -32.33
N ARG BA 42 4.28 30.07 -32.16
CA ARG BA 42 3.06 30.10 -32.94
C ARG BA 42 2.23 31.33 -32.56
N VAL BA 43 2.25 31.70 -31.28
CA VAL BA 43 1.58 32.92 -30.83
C VAL BA 43 2.13 34.13 -31.58
N ASP BA 44 3.44 34.24 -31.71
CA ASP BA 44 4.03 35.37 -32.42
C ASP BA 44 3.69 35.40 -33.90
N ALA BA 45 3.58 34.23 -34.52
CA ALA BA 45 3.43 34.15 -35.97
C ALA BA 45 1.96 34.11 -36.44
N SER BA 46 1.06 33.71 -35.55
CA SER BA 46 -0.33 33.51 -35.92
C SER BA 46 -0.92 34.80 -36.42
N THR BA 47 -1.73 34.71 -37.47
CA THR BA 47 -2.42 35.89 -38.03
C THR BA 47 -3.93 35.79 -37.84
N ASP BA 48 -4.35 34.93 -36.91
CA ASP BA 48 -5.75 34.76 -36.54
C ASP BA 48 -5.94 34.89 -35.02
N PRO BA 49 -6.65 35.96 -34.56
CA PRO BA 49 -6.76 36.27 -33.12
C PRO BA 49 -7.45 35.25 -32.22
N GLU BA 50 -8.47 34.55 -32.69
CA GLU BA 50 -9.07 33.52 -31.82
C GLU BA 50 -8.09 32.39 -31.61
N LEU BA 51 -7.33 32.09 -32.66
CA LEU BA 51 -6.33 31.04 -32.54
C LEU BA 51 -5.28 31.48 -31.56
N THR BA 52 -4.78 32.70 -31.74
CA THR BA 52 -3.72 33.23 -30.88
C THR BA 52 -4.11 33.16 -29.42
N ALA BA 53 -5.36 33.49 -29.11
CA ALA BA 53 -5.83 33.41 -27.74
C ALA BA 53 -5.80 31.99 -27.19
N ILE BA 54 -6.14 31.01 -28.02
CA ILE BA 54 -6.11 29.61 -27.63
C ILE BA 54 -4.66 29.16 -27.36
N LEU BA 55 -3.78 29.49 -28.30
CA LEU BA 55 -2.39 29.10 -28.23
C LEU BA 55 -1.76 29.66 -26.97
N ALA BA 56 -2.09 30.92 -26.67
CA ALA BA 56 -1.53 31.62 -25.52
C ALA BA 56 -2.01 30.99 -24.25
N HIS BA 57 -3.29 30.64 -24.21
CA HIS BA 57 -3.88 29.96 -23.07
C HIS BA 57 -3.19 28.63 -22.79
N ASN BA 58 -2.99 27.86 -23.85
CA ASN BA 58 -2.38 26.55 -23.75
C ASN BA 58 -0.93 26.70 -23.27
N ARG BA 59 -0.22 27.61 -23.89
CA ARG BA 59 1.16 27.87 -23.54
C ARG BA 59 1.32 28.02 -22.04
N ASP BA 60 0.48 28.84 -21.42
CA ASP BA 60 0.70 29.21 -20.02
C ASP BA 60 0.34 28.09 -19.09
N GLU BA 61 -0.60 27.24 -19.49
CA GLU BA 61 -0.87 26.04 -18.71
C GLU BA 61 0.27 24.99 -18.85
N GLU BA 62 1.00 24.96 -19.96
CA GLU BA 62 2.12 24.01 -20.00
C GLU BA 62 3.15 24.41 -18.93
N LYS BA 63 3.32 25.72 -18.72
CA LYS BA 63 4.28 26.19 -17.71
C LYS BA 63 3.90 25.67 -16.33
N GLU BA 64 2.61 25.63 -16.08
CA GLU BA 64 2.09 25.07 -14.83
C GLU BA 64 2.34 23.57 -14.74
N HIS BA 65 2.11 22.85 -15.84
CA HIS BA 65 2.45 21.42 -15.89
C HIS BA 65 3.95 21.17 -15.62
N ALA BA 66 4.80 22.01 -16.22
CA ALA BA 66 6.24 21.92 -16.01
C ALA BA 66 6.59 22.18 -14.55
N ALA BA 67 6.01 23.23 -13.97
CA ALA BA 67 6.32 23.63 -12.59
C ALA BA 67 5.92 22.54 -11.60
N MET BA 68 4.77 21.91 -11.82
CA MET BA 68 4.30 20.81 -10.95
C MET BA 68 5.25 19.62 -10.97
N THR BA 69 5.69 19.25 -12.16
CA THR BA 69 6.53 18.07 -12.28
C THR BA 69 7.92 18.38 -11.74
N LEU BA 70 8.38 19.60 -11.97
CA LEU BA 70 9.67 20.05 -11.46
C LEU BA 70 9.68 20.03 -9.92
N GLU BA 71 8.57 20.39 -9.30
CA GLU BA 71 8.49 20.31 -7.83
C GLU BA 71 8.58 18.86 -7.39
N TRP BA 72 8.00 17.95 -8.16
CA TRP BA 72 8.17 16.54 -7.80
C TRP BA 72 9.65 16.14 -7.85
N LEU BA 73 10.38 16.57 -8.88
CA LEU BA 73 11.80 16.24 -8.99
C LEU BA 73 12.53 16.82 -7.82
N ARG BA 74 12.21 18.06 -7.49
CA ARG BA 74 12.85 18.72 -6.36
C ARG BA 74 12.67 17.92 -5.07
N ARG BA 75 11.45 17.44 -4.84
CA ARG BA 75 11.19 16.65 -3.62
C ARG BA 75 11.81 15.26 -3.64
N ASN BA 76 12.20 14.77 -4.81
CA ASN BA 76 12.68 13.37 -4.89
C ASN BA 76 14.14 13.23 -5.31
N ASP BA 77 14.88 14.33 -5.26
CA ASP BA 77 16.29 14.31 -5.65
C ASP BA 77 17.01 15.45 -4.96
N ALA BA 78 17.93 15.11 -4.07
CA ALA BA 78 18.57 16.13 -3.22
C ALA BA 78 19.36 17.18 -4.03
N LYS BA 79 20.00 16.74 -5.11
CA LYS BA 79 20.81 17.69 -5.90
C LYS BA 79 19.93 18.60 -6.71
N TRP BA 80 18.79 18.12 -7.19
CA TRP BA 80 17.82 19.06 -7.77
C TRP BA 80 17.38 20.10 -6.73
N ALA BA 81 17.09 19.64 -5.52
CA ALA BA 81 16.64 20.50 -4.44
C ALA BA 81 17.75 21.52 -4.14
N GLU BA 82 18.98 21.06 -4.04
CA GLU BA 82 20.10 21.94 -3.72
C GLU BA 82 20.27 23.03 -4.77
N HIS BA 83 20.33 22.64 -6.04
CA HIS BA 83 20.64 23.61 -7.08
C HIS BA 83 19.48 24.52 -7.43
N LEU BA 84 18.24 24.01 -7.42
CA LEU BA 84 17.12 24.88 -7.68
C LEU BA 84 17.01 25.92 -6.57
N ARG BA 85 17.34 25.51 -5.36
CA ARG BA 85 17.26 26.45 -4.26
C ARG BA 85 18.31 27.54 -4.40
N THR BA 86 19.49 27.21 -4.91
CA THR BA 86 20.52 28.21 -5.06
C THR BA 86 20.09 29.36 -5.97
N TYR BA 87 19.41 29.05 -7.07
CA TYR BA 87 19.16 30.07 -8.08
C TYR BA 87 17.72 30.62 -8.15
N LEU BA 88 16.71 29.82 -7.82
CA LEU BA 88 15.34 30.26 -8.08
C LEU BA 88 14.91 31.36 -7.10
N PHE BA 89 14.23 32.37 -7.61
CA PHE BA 89 13.71 33.49 -6.83
C PHE BA 89 14.85 34.27 -6.18
N THR BA 90 15.88 34.57 -6.95
CA THR BA 90 16.96 35.35 -6.42
C THR BA 90 16.97 36.69 -7.15
N GLU BA 91 17.79 37.59 -6.64
CA GLU BA 91 18.13 38.79 -7.36
C GLU BA 91 19.63 38.76 -7.38
N GLY BA 92 20.25 39.72 -8.03
CA GLY BA 92 21.68 39.66 -8.26
C GLY BA 92 22.12 38.55 -9.17
N PRO BA 93 23.42 38.51 -9.43
CA PRO BA 93 24.01 37.69 -10.49
C PRO BA 93 23.63 36.22 -10.48
N ILE BA 94 23.13 35.70 -11.60
CA ILE BA 94 22.80 34.28 -11.64
C ILE BA 94 24.12 33.51 -11.63
N THR BA 95 25.12 34.05 -12.29
CA THR BA 95 26.39 33.37 -12.34
C THR BA 95 26.97 33.21 -10.93
N SER CA 7 21.08 1.42 -26.13
CA SER CA 7 21.73 2.40 -26.99
C SER CA 7 22.89 1.80 -27.83
N THR CA 8 23.06 0.49 -27.80
CA THR CA 8 24.11 -0.16 -28.58
C THR CA 8 23.55 -0.64 -29.93
N HIS CA 9 24.40 -0.75 -30.95
CA HIS CA 9 23.96 -1.24 -32.26
C HIS CA 9 24.05 -2.74 -32.36
N GLU CA 10 24.86 -3.35 -31.50
CA GLU CA 10 24.95 -4.80 -31.41
C GLU CA 10 24.28 -5.21 -30.09
N PRO CA 11 23.75 -6.44 -30.03
CA PRO CA 11 23.15 -6.93 -28.78
C PRO CA 11 24.15 -6.97 -27.64
N LEU CA 12 23.72 -6.57 -26.45
CA LEU CA 12 24.60 -6.54 -25.29
C LEU CA 12 25.22 -7.90 -25.03
N GLU CA 13 24.54 -8.96 -25.47
CA GLU CA 13 24.95 -10.30 -25.13
C GLU CA 13 26.23 -10.73 -25.88
N VAL CA 14 26.57 -10.07 -26.99
CA VAL CA 14 27.83 -10.37 -27.67
C VAL CA 14 28.90 -9.33 -27.40
N LEU CA 15 28.56 -8.28 -26.66
CA LEU CA 15 29.55 -7.25 -26.34
C LEU CA 15 30.26 -7.53 -25.04
N LYS CA 16 31.59 -7.38 -25.06
CA LYS CA 16 32.33 -7.41 -23.81
C LYS CA 16 31.95 -6.25 -22.90
N GLU CA 17 31.97 -6.52 -21.61
CA GLU CA 17 31.69 -5.55 -20.58
C GLU CA 17 32.52 -4.27 -20.76
N GLU CA 18 33.79 -4.42 -21.10
CA GLU CA 18 34.65 -3.27 -21.26
C GLU CA 18 34.22 -2.43 -22.48
N THR CA 19 33.80 -3.12 -23.52
CA THR CA 19 33.32 -2.44 -24.71
C THR CA 19 32.09 -1.58 -24.39
N VAL CA 20 31.19 -2.09 -23.55
CA VAL CA 20 29.98 -1.35 -23.21
C VAL CA 20 30.28 -0.17 -22.32
N ASN CA 21 31.24 -0.31 -21.41
CA ASN CA 21 31.61 0.81 -20.56
C ASN CA 21 32.25 1.91 -21.41
N ARG CA 22 33.09 1.53 -22.37
CA ARG CA 22 33.69 2.51 -23.28
C ARG CA 22 32.60 3.17 -24.13
N HIS CA 23 31.58 2.43 -24.52
CA HIS CA 23 30.42 2.99 -25.21
C HIS CA 23 29.75 4.08 -24.36
N ARG CA 24 29.55 3.83 -23.06
CA ARG CA 24 28.96 4.83 -22.16
C ARG CA 24 29.75 6.13 -22.06
N ALA CA 25 31.06 5.97 -22.02
CA ALA CA 25 31.97 7.11 -21.95
C ALA CA 25 32.00 7.85 -23.28
N ILE CA 26 32.07 7.11 -24.38
CA ILE CA 26 32.18 7.75 -25.70
C ILE CA 26 30.89 8.56 -25.95
N VAL CA 27 29.70 7.98 -25.68
CA VAL CA 27 28.46 8.72 -25.96
C VAL CA 27 28.37 9.91 -25.03
N SER CA 28 28.91 9.79 -23.83
CA SER CA 28 29.01 10.93 -22.93
C SER CA 28 29.87 12.07 -23.53
N VAL CA 29 31.04 11.75 -24.08
CA VAL CA 29 31.90 12.75 -24.65
C VAL CA 29 31.15 13.39 -25.83
N MET CA 30 30.50 12.57 -26.64
CA MET CA 30 29.77 13.08 -27.81
C MET CA 30 28.69 14.10 -27.41
N GLU CA 31 27.93 13.77 -26.39
CA GLU CA 31 26.86 14.66 -25.89
C GLU CA 31 27.39 15.95 -25.32
N GLU CA 32 28.54 15.88 -24.65
CA GLU CA 32 29.22 17.05 -24.14
C GLU CA 32 29.72 17.94 -25.27
N LEU CA 33 30.33 17.35 -26.29
CA LEU CA 33 30.83 18.12 -27.41
C LEU CA 33 29.69 18.83 -28.08
N GLU CA 34 28.58 18.12 -28.22
CA GLU CA 34 27.37 18.67 -28.79
C GLU CA 34 26.86 19.88 -27.96
N ALA CA 35 26.86 19.76 -26.64
CA ALA CA 35 26.42 20.86 -25.79
C ALA CA 35 27.35 22.06 -25.94
N VAL CA 36 28.66 21.81 -26.03
CA VAL CA 36 29.63 22.88 -26.22
C VAL CA 36 29.31 23.65 -27.48
N ASP CA 37 29.09 22.94 -28.57
CA ASP CA 37 28.81 23.56 -29.85
C ASP CA 37 27.52 24.36 -29.82
N TRP CA 38 26.43 23.75 -29.34
CA TRP CA 38 25.15 24.43 -29.33
C TRP CA 38 25.20 25.67 -28.42
N TYR CA 39 25.81 25.51 -27.27
CA TYR CA 39 25.94 26.64 -26.37
C TYR CA 39 26.75 27.77 -27.00
N ASP CA 40 27.81 27.45 -27.72
CA ASP CA 40 28.63 28.52 -28.27
C ASP CA 40 27.87 29.27 -29.34
N GLN CA 41 27.11 28.56 -30.14
CA GLN CA 41 26.26 29.22 -31.13
C GLN CA 41 25.20 30.10 -30.47
N ARG CA 42 24.59 29.63 -29.38
CA ARG CA 42 23.62 30.43 -28.66
C ARG CA 42 24.27 31.65 -28.03
N VAL CA 43 25.51 31.52 -27.57
CA VAL CA 43 26.24 32.65 -27.02
C VAL CA 43 26.43 33.75 -28.07
N ASP CA 44 26.80 33.36 -29.29
CA ASP CA 44 26.97 34.33 -30.38
C ASP CA 44 25.66 34.98 -30.79
N ALA CA 45 24.56 34.22 -30.77
CA ALA CA 45 23.28 34.70 -31.30
C ALA CA 45 22.42 35.41 -30.27
N SER CA 46 22.65 35.13 -28.99
CA SER CA 46 21.85 35.72 -27.92
C SER CA 46 21.94 37.26 -27.92
N THR CA 47 20.81 37.92 -27.68
CA THR CA 47 20.73 39.36 -27.56
C THR CA 47 20.37 39.77 -26.14
N ASP CA 48 20.51 38.83 -25.20
CA ASP CA 48 20.32 39.11 -23.78
C ASP CA 48 21.62 38.76 -23.04
N PRO CA 49 22.38 39.78 -22.64
CA PRO CA 49 23.70 39.51 -22.03
C PRO CA 49 23.68 38.71 -20.73
N GLU CA 50 22.61 38.81 -19.94
CA GLU CA 50 22.53 38.00 -18.72
C GLU CA 50 22.37 36.52 -19.10
N LEU CA 51 21.60 36.24 -20.14
CA LEU CA 51 21.45 34.85 -20.60
C LEU CA 51 22.78 34.36 -21.15
N THR CA 52 23.40 35.22 -21.96
CA THR CA 52 24.68 34.93 -22.57
C THR CA 52 25.77 34.53 -21.57
N ALA CA 53 25.83 35.20 -20.43
CA ALA CA 53 26.80 34.81 -19.41
C ALA CA 53 26.48 33.42 -18.87
N ILE CA 54 25.20 33.11 -18.73
CA ILE CA 54 24.78 31.78 -18.25
C ILE CA 54 25.16 30.69 -19.26
N LEU CA 55 24.81 30.92 -20.51
CA LEU CA 55 25.16 29.99 -21.58
C LEU CA 55 26.65 29.73 -21.66
N ALA CA 56 27.45 30.80 -21.52
CA ALA CA 56 28.90 30.67 -21.61
C ALA CA 56 29.47 29.96 -20.41
N HIS CA 57 28.92 30.22 -19.22
CA HIS CA 57 29.31 29.48 -18.03
C HIS CA 57 29.07 27.98 -18.24
N ASN CA 58 27.88 27.62 -18.72
CA ASN CA 58 27.54 26.22 -18.93
C ASN CA 58 28.45 25.58 -19.98
N ARG CA 59 28.64 26.29 -21.10
CA ARG CA 59 29.50 25.86 -22.20
C ARG CA 59 30.85 25.38 -21.69
N ASP CA 60 31.48 26.22 -20.87
CA ASP CA 60 32.86 25.96 -20.50
C ASP CA 60 32.89 24.83 -19.48
N GLU CA 61 31.81 24.62 -18.73
CA GLU CA 61 31.79 23.46 -17.84
C GLU CA 61 31.61 22.18 -18.61
N GLU CA 62 30.92 22.21 -19.78
CA GLU CA 62 30.80 20.99 -20.56
C GLU CA 62 32.18 20.51 -21.03
N LYS CA 63 33.08 21.46 -21.31
CA LYS CA 63 34.42 21.14 -21.78
C LYS CA 63 35.18 20.36 -20.74
N GLU CA 64 34.96 20.74 -19.49
CA GLU CA 64 35.52 20.03 -18.33
C GLU CA 64 34.90 18.64 -18.20
N HIS CA 65 33.58 18.53 -18.38
CA HIS CA 65 32.94 17.21 -18.38
C HIS CA 65 33.53 16.28 -19.43
N ALA CA 66 33.74 16.83 -20.62
CA ALA CA 66 34.32 16.08 -21.72
C ALA CA 66 35.75 15.66 -21.41
N ALA CA 67 36.56 16.58 -20.90
CA ALA CA 67 37.98 16.30 -20.66
C ALA CA 67 38.18 15.20 -19.61
N MET CA 68 37.35 15.24 -18.58
CA MET CA 68 37.35 14.20 -17.55
C MET CA 68 37.00 12.83 -18.14
N THR CA 69 35.97 12.77 -18.99
CA THR CA 69 35.55 11.48 -19.52
C THR CA 69 36.55 10.96 -20.51
N LEU CA 70 37.14 11.88 -21.27
CA LEU CA 70 38.18 11.57 -22.22
C LEU CA 70 39.43 11.01 -21.54
N GLU CA 71 39.77 11.54 -20.37
CA GLU CA 71 40.90 10.99 -19.62
C GLU CA 71 40.58 9.57 -19.17
N TRP CA 72 39.35 9.31 -18.75
CA TRP CA 72 38.98 7.93 -18.45
C TRP CA 72 39.17 7.02 -19.66
N LEU CA 73 38.76 7.48 -20.84
CA LEU CA 73 38.96 6.67 -22.03
C LEU CA 73 40.43 6.42 -22.32
N ARG CA 74 41.24 7.47 -22.14
CA ARG CA 74 42.65 7.38 -22.32
C ARG CA 74 43.23 6.27 -21.42
N ARG CA 75 42.80 6.21 -20.16
CA ARG CA 75 43.30 5.21 -19.22
C ARG CA 75 42.82 3.80 -19.43
N ASN CA 76 41.77 3.64 -20.23
CA ASN CA 76 41.13 2.33 -20.43
C ASN CA 76 41.14 1.82 -21.86
N ASP CA 77 41.98 2.40 -22.68
CA ASP CA 77 42.06 2.04 -24.09
C ASP CA 77 43.42 2.40 -24.59
N ALA CA 78 44.19 1.38 -24.97
CA ALA CA 78 45.60 1.58 -25.29
C ALA CA 78 45.79 2.47 -26.52
N LYS CA 79 44.91 2.34 -27.50
CA LYS CA 79 45.06 3.16 -28.71
C LYS CA 79 44.62 4.62 -28.49
N TRP CA 80 43.64 4.86 -27.61
CA TRP CA 80 43.37 6.24 -27.23
C TRP CA 80 44.60 6.86 -26.57
N ALA CA 81 45.22 6.09 -25.68
CA ALA CA 81 46.39 6.56 -24.98
C ALA CA 81 47.48 6.88 -26.00
N GLU CA 82 47.70 5.99 -26.97
CA GLU CA 82 48.74 6.23 -27.96
C GLU CA 82 48.50 7.48 -28.81
N HIS CA 83 47.31 7.59 -29.37
CA HIS CA 83 47.04 8.65 -30.31
C HIS CA 83 46.84 10.02 -29.61
N LEU CA 84 46.27 10.03 -28.40
CA LEU CA 84 46.19 11.30 -27.69
C LEU CA 84 47.59 11.77 -27.33
N ARG CA 85 48.48 10.86 -26.97
CA ARG CA 85 49.89 11.27 -26.67
C ARG CA 85 50.63 11.83 -27.90
N THR CA 86 50.43 11.20 -29.06
CA THR CA 86 51.08 11.67 -30.28
C THR CA 86 50.62 13.07 -30.64
N TYR CA 87 49.33 13.37 -30.50
CA TYR CA 87 48.80 14.60 -31.08
C TYR CA 87 48.48 15.71 -30.09
N LEU CA 88 48.17 15.40 -28.82
CA LEU CA 88 47.82 16.50 -27.92
C LEU CA 88 49.09 17.23 -27.51
N PHE CA 89 49.03 18.55 -27.38
CA PHE CA 89 50.16 19.33 -26.88
C PHE CA 89 51.45 19.23 -27.74
N THR CA 90 51.33 19.40 -29.06
CA THR CA 90 52.50 19.34 -29.96
C THR CA 90 53.41 20.60 -30.00
N SER DA 7 24.26 23.17 -41.05
CA SER DA 7 24.50 22.24 -39.94
C SER DA 7 24.40 22.95 -38.58
N THR DA 8 24.34 24.27 -38.60
CA THR DA 8 24.28 25.06 -37.38
C THR DA 8 22.86 25.32 -36.91
N HIS DA 9 22.70 25.58 -35.62
CA HIS DA 9 21.39 25.84 -35.02
C HIS DA 9 20.97 27.31 -35.09
N GLU DA 10 21.93 28.19 -35.25
CA GLU DA 10 21.66 29.61 -35.40
C GLU DA 10 22.06 30.01 -36.80
N PRO DA 11 21.45 31.08 -37.34
CA PRO DA 11 21.83 31.58 -38.67
C PRO DA 11 23.31 31.93 -38.75
N LEU DA 12 23.94 31.63 -39.88
CA LEU DA 12 25.38 31.87 -40.03
C LEU DA 12 25.80 33.33 -39.87
N GLU DA 13 24.93 34.26 -40.26
CA GLU DA 13 25.32 35.67 -40.25
C GLU DA 13 25.33 36.29 -38.86
N VAL DA 14 24.77 35.61 -37.87
CA VAL DA 14 24.88 36.09 -36.51
C VAL DA 14 26.02 35.34 -35.80
N LEU DA 15 26.64 34.37 -36.49
CA LEU DA 15 27.75 33.63 -35.91
C LEU DA 15 29.08 34.21 -36.34
N LYS DA 16 29.99 34.34 -35.39
CA LYS DA 16 31.35 34.70 -35.67
C LYS DA 16 32.04 33.59 -36.48
N GLU DA 17 32.95 34.02 -37.35
CA GLU DA 17 33.71 33.10 -38.17
C GLU DA 17 34.34 31.99 -37.33
N GLU DA 18 34.93 32.35 -36.22
CA GLU DA 18 35.63 31.42 -35.39
C GLU DA 18 34.70 30.41 -34.73
N THR DA 19 33.50 30.85 -34.40
CA THR DA 19 32.53 29.98 -33.80
C THR DA 19 32.15 28.86 -34.78
N VAL DA 20 32.02 29.22 -36.04
CA VAL DA 20 31.60 28.29 -37.07
C VAL DA 20 32.73 27.30 -37.38
N ASN DA 21 33.96 27.76 -37.35
CA ASN DA 21 35.07 26.85 -37.54
C ASN DA 21 35.18 25.87 -36.38
N ARG DA 22 34.97 26.35 -35.16
CA ARG DA 22 34.98 25.45 -34.01
C ARG DA 22 33.84 24.44 -34.12
N HIS DA 23 32.70 24.87 -34.66
CA HIS DA 23 31.59 23.96 -34.94
C HIS DA 23 32.02 22.86 -35.88
N ARG DA 24 32.75 23.22 -36.93
CA ARG DA 24 33.23 22.22 -37.89
C ARG DA 24 34.14 21.20 -37.24
N ALA DA 25 35.02 21.66 -36.36
CA ALA DA 25 35.94 20.74 -35.68
C ALA DA 25 35.19 19.89 -34.69
N ILE DA 26 34.28 20.49 -33.94
CA ILE DA 26 33.59 19.75 -32.89
C ILE DA 26 32.73 18.62 -33.45
N VAL DA 27 31.98 18.90 -34.52
CA VAL DA 27 31.13 17.89 -35.12
C VAL DA 27 32.00 16.82 -35.78
N SER DA 28 33.17 17.17 -36.28
CA SER DA 28 34.10 16.16 -36.80
C SER DA 28 34.52 15.21 -35.68
N VAL DA 29 34.91 15.74 -34.51
CA VAL DA 29 35.30 14.89 -33.38
C VAL DA 29 34.11 14.02 -32.96
N MET DA 30 32.91 14.60 -32.94
CA MET DA 30 31.73 13.81 -32.58
C MET DA 30 31.58 12.63 -33.50
N GLU DA 31 31.76 12.89 -34.79
CA GLU DA 31 31.61 11.86 -35.79
C GLU DA 31 32.71 10.79 -35.71
N GLU DA 32 33.94 11.19 -35.33
CA GLU DA 32 35.00 10.20 -35.15
C GLU DA 32 34.69 9.32 -33.95
N LEU DA 33 34.23 9.93 -32.87
CA LEU DA 33 33.87 9.20 -31.65
C LEU DA 33 32.79 8.20 -31.91
N GLU DA 34 31.76 8.61 -32.65
CA GLU DA 34 30.71 7.71 -33.03
C GLU DA 34 31.30 6.54 -33.85
N ALA DA 35 32.19 6.82 -34.78
CA ALA DA 35 32.77 5.75 -35.58
C ALA DA 35 33.58 4.79 -34.71
N VAL DA 36 34.33 5.31 -33.74
CA VAL DA 36 35.11 4.45 -32.84
C VAL DA 36 34.20 3.47 -32.11
N ASP DA 37 33.14 3.99 -31.52
CA ASP DA 37 32.20 3.17 -30.77
C ASP DA 37 31.53 2.13 -31.69
N TRP DA 38 31.06 2.56 -32.85
CA TRP DA 38 30.37 1.61 -33.73
C TRP DA 38 31.31 0.51 -34.21
N TYR DA 39 32.51 0.88 -34.63
CA TYR DA 39 33.46 -0.12 -35.07
C TYR DA 39 33.77 -1.09 -33.93
N ASP DA 40 33.92 -0.58 -32.72
CA ASP DA 40 34.33 -1.45 -31.62
C ASP DA 40 33.26 -2.47 -31.32
N GLN DA 41 32.02 -2.03 -31.39
CA GLN DA 41 30.92 -2.94 -31.20
C GLN DA 41 30.89 -4.00 -32.27
N ARG DA 42 31.13 -3.60 -33.51
CA ARG DA 42 31.16 -4.54 -34.63
C ARG DA 42 32.36 -5.50 -34.49
N VAL DA 43 33.48 -5.02 -33.94
CA VAL DA 43 34.66 -5.88 -33.72
C VAL DA 43 34.33 -7.04 -32.79
N ASP DA 44 33.62 -6.74 -31.72
CA ASP DA 44 33.20 -7.76 -30.74
C ASP DA 44 32.21 -8.75 -31.31
N ALA DA 45 31.33 -8.29 -32.19
CA ALA DA 45 30.22 -9.12 -32.68
C ALA DA 45 30.56 -9.91 -33.96
N SER DA 46 31.55 -9.44 -34.71
CA SER DA 46 31.87 -10.04 -35.98
C SER DA 46 32.27 -11.49 -35.82
N THR DA 47 31.82 -12.33 -36.74
CA THR DA 47 32.21 -13.74 -36.74
C THR DA 47 33.08 -14.08 -37.95
N ASP DA 48 33.64 -13.06 -38.61
CA ASP DA 48 34.59 -13.25 -39.71
C ASP DA 48 35.91 -12.55 -39.37
N PRO DA 49 37.01 -13.32 -39.12
CA PRO DA 49 38.27 -12.70 -38.66
C PRO DA 49 38.91 -11.70 -39.62
N GLU DA 50 38.75 -11.90 -40.93
CA GLU DA 50 39.30 -10.96 -41.90
C GLU DA 50 38.53 -9.61 -41.82
N LEU DA 51 37.22 -9.69 -41.64
CA LEU DA 51 36.44 -8.47 -41.48
C LEU DA 51 36.85 -7.77 -40.19
N THR DA 52 36.96 -8.56 -39.13
CA THR DA 52 37.34 -8.07 -37.83
C THR DA 52 38.65 -7.28 -37.85
N ALA DA 53 39.64 -7.75 -38.60
CA ALA DA 53 40.93 -7.07 -38.67
C ALA DA 53 40.76 -5.69 -39.32
N ILE DA 54 39.94 -5.64 -40.35
CA ILE DA 54 39.66 -4.39 -41.03
C ILE DA 54 38.92 -3.40 -40.13
N LEU DA 55 37.87 -3.88 -39.46
CA LEU DA 55 37.10 -3.04 -38.54
C LEU DA 55 37.98 -2.49 -37.44
N ALA DA 56 38.90 -3.31 -36.92
CA ALA DA 56 39.79 -2.89 -35.85
C ALA DA 56 40.83 -1.88 -36.35
N HIS DA 57 41.37 -2.10 -37.54
CA HIS DA 57 42.26 -1.13 -38.15
C HIS DA 57 41.57 0.24 -38.35
N ASN DA 58 40.38 0.24 -38.91
CA ASN DA 58 39.68 1.50 -39.15
C ASN DA 58 39.39 2.20 -37.81
N ARG DA 59 38.89 1.44 -36.84
CA ARG DA 59 38.55 1.95 -35.50
C ARG DA 59 39.70 2.79 -34.91
N ASP DA 60 40.89 2.23 -34.92
CA ASP DA 60 41.98 2.86 -34.23
C ASP DA 60 42.50 4.09 -34.99
N GLU DA 61 42.33 4.11 -36.31
CA GLU DA 61 42.64 5.30 -37.08
C GLU DA 61 41.63 6.43 -36.84
N GLU DA 62 40.38 6.11 -36.51
CA GLU DA 62 39.43 7.17 -36.18
C GLU DA 62 39.90 7.92 -34.91
N LYS DA 63 40.51 7.21 -33.95
CA LYS DA 63 41.05 7.85 -32.72
C LYS DA 63 42.15 8.86 -33.06
N GLU DA 64 42.92 8.53 -34.06
CA GLU DA 64 43.95 9.42 -34.57
C GLU DA 64 43.31 10.68 -35.19
N HIS DA 65 42.27 10.48 -35.99
CA HIS DA 65 41.54 11.62 -36.58
C HIS DA 65 40.95 12.53 -35.51
N ALA DA 66 40.37 11.91 -34.49
CA ALA DA 66 39.78 12.62 -33.38
C ALA DA 66 40.83 13.41 -32.61
N ALA DA 67 41.94 12.75 -32.32
CA ALA DA 67 42.98 13.39 -31.53
C ALA DA 67 43.58 14.58 -32.27
N MET DA 68 43.80 14.44 -33.58
CA MET DA 68 44.31 15.54 -34.41
C MET DA 68 43.40 16.73 -34.39
N THR DA 69 42.10 16.50 -34.47
CA THR DA 69 41.16 17.60 -34.49
C THR DA 69 41.00 18.24 -33.13
N LEU DA 70 41.05 17.42 -32.10
CA LEU DA 70 41.02 17.90 -30.73
C LEU DA 70 42.22 18.83 -30.42
N GLU DA 71 43.41 18.54 -30.97
CA GLU DA 71 44.56 19.44 -30.76
C GLU DA 71 44.30 20.80 -31.37
N TRP DA 72 43.67 20.83 -32.55
CA TRP DA 72 43.25 22.10 -33.13
C TRP DA 72 42.28 22.86 -32.21
N LEU DA 73 41.29 22.18 -31.62
CA LEU DA 73 40.36 22.88 -30.71
C LEU DA 73 41.08 23.42 -29.50
N ARG DA 74 42.01 22.63 -28.99
CA ARG DA 74 42.80 23.01 -27.82
C ARG DA 74 43.57 24.31 -28.06
N ARG DA 75 44.19 24.42 -29.22
CA ARG DA 75 44.93 25.61 -29.63
C ARG DA 75 44.09 26.84 -29.97
N ASN DA 76 42.81 26.66 -30.18
CA ASN DA 76 41.94 27.75 -30.64
C ASN DA 76 40.80 28.03 -29.67
N ASP DA 77 40.94 27.57 -28.43
CA ASP DA 77 39.89 27.77 -27.44
C ASP DA 77 40.54 27.70 -26.06
N ALA DA 78 40.51 28.81 -25.34
CA ALA DA 78 41.27 28.93 -24.10
C ALA DA 78 40.76 27.94 -23.07
N LYS DA 79 39.46 27.72 -23.06
CA LYS DA 79 38.87 26.83 -22.06
C LYS DA 79 39.07 25.36 -22.40
N TRP DA 80 39.07 25.00 -23.69
CA TRP DA 80 39.49 23.65 -24.06
C TRP DA 80 40.92 23.44 -23.58
N ALA DA 81 41.81 24.43 -23.80
CA ALA DA 81 43.20 24.28 -23.38
C ALA DA 81 43.31 24.11 -21.87
N GLU DA 82 42.61 24.94 -21.11
CA GLU DA 82 42.67 24.87 -19.64
C GLU DA 82 42.18 23.49 -19.14
N HIS DA 83 41.00 23.03 -19.56
CA HIS DA 83 40.49 21.76 -18.99
C HIS DA 83 41.22 20.54 -19.51
N LEU DA 84 41.65 20.53 -20.78
CA LEU DA 84 42.38 19.36 -21.28
C LEU DA 84 43.70 19.24 -20.53
N ARG DA 85 44.32 20.38 -20.27
CA ARG DA 85 45.56 20.41 -19.50
C ARG DA 85 45.32 19.89 -18.07
N THR DA 86 44.18 20.24 -17.47
CA THR DA 86 43.92 19.75 -16.11
C THR DA 86 43.80 18.23 -16.02
N TYR DA 87 43.12 17.60 -16.97
CA TYR DA 87 42.76 16.19 -16.77
C TYR DA 87 43.53 15.17 -17.58
N LEU DA 88 43.99 15.52 -18.77
CA LEU DA 88 44.66 14.51 -19.60
C LEU DA 88 46.04 14.17 -19.07
N PHE DA 89 46.40 12.91 -19.17
CA PHE DA 89 47.73 12.44 -18.79
C PHE DA 89 48.01 12.62 -17.32
N THR DA 90 47.02 12.31 -16.51
CA THR DA 90 47.13 12.42 -15.05
C THR DA 90 47.13 11.02 -14.41
N GLU DA 91 47.35 10.99 -13.09
CA GLU DA 91 47.20 9.76 -12.30
C GLU DA 91 46.26 10.05 -11.15
N GLY DA 92 45.91 9.00 -10.43
CA GLY DA 92 44.90 9.11 -9.38
C GLY DA 92 43.53 9.55 -9.81
N PRO DA 93 42.60 9.67 -8.85
CA PRO DA 93 41.19 9.92 -9.16
C PRO DA 93 40.92 11.12 -10.08
N ILE DA 94 40.19 10.86 -11.16
CA ILE DA 94 39.99 11.85 -12.20
C ILE DA 94 39.16 13.02 -11.70
N THR DA 95 38.18 12.75 -10.85
CA THR DA 95 37.38 13.84 -10.31
C THR DA 95 38.16 14.78 -9.35
N ALA DA 96 39.38 14.42 -9.00
CA ALA DA 96 40.17 15.23 -8.05
C ALA DA 96 41.45 15.84 -8.65
N ALA DA 97 41.42 16.20 -9.94
CA ALA DA 97 42.54 16.88 -10.59
C ALA DA 97 42.20 18.36 -10.82
#